data_7TM9
#
_entry.id   7TM9
#
_cell.length_a   71.950
_cell.length_b   240.600
_cell.length_c   101.479
_cell.angle_alpha   90.000
_cell.angle_beta   105.130
_cell.angle_gamma   90.000
#
_symmetry.space_group_name_H-M   'P 1 21 1'
#
loop_
_entity.id
_entity.type
_entity.pdbx_description
1 polymer 'Bacterial alkaline phosphatase'
2 non-polymer 'ZINC ION'
3 non-polymer 'MAGNESIUM ION'
4 water water
#
_entity_poly.entity_id   1
_entity_poly.type   'polypeptide(L)'
_entity_poly.pdbx_seq_one_letter_code
;MAHHHHHHSPVIHAETTAAPVLENRAAQGDITTPGGARRLTGDQTEALRASLINKPAKNVILLIGDGMGDSEITAARNYA
EGAGGFFKGIDALPLTGQYTHYSLDKKTGKPDYVTD(SEP)AASATAWTTGVKTYNGALGVDIHENAHQTILELAKAAGL
ATGNVSTAELQDATPAALVAHVTSRKCYGPTVTSEKCPSNALEKGGKGSITEQLLNARPDVTLGGGAKTFAETATAGEWQ
GKTLREQAQARGYQIVTDAASLAAATEASQDKPLLGLFADGNMPVRWEGPKASYHGNIDKPPVTCTPNPKRDASVPTLAQ
MTEKAIDLLSRNEKGFFLQVEGASIDKQDHAANPCGQIGETVDLDEAVQKALEFARKDGNTLVIVTADHAHASQIIPADS
KAPGLTQALNTHDGAVMVMSYGNSEEESMEHTGTQLRIAAYGPHAANVVGLTDQTDLFTTMKAALSLK
;
_entity_poly.pdbx_strand_id   A,B,C,D,E,F,G,H
#
# COMPACT_ATOMS: atom_id res chain seq x y z
N ASN A 24 0.08 -33.83 -47.96
CA ASN A 24 1.27 -34.11 -47.17
C ASN A 24 1.65 -32.84 -46.40
N ARG A 25 1.89 -32.97 -45.10
CA ARG A 25 2.19 -31.83 -44.25
C ARG A 25 3.53 -31.97 -43.53
N ALA A 26 4.47 -32.71 -44.15
CA ALA A 26 5.85 -32.72 -43.67
C ALA A 26 6.61 -31.50 -44.19
N ALA A 27 7.69 -31.15 -43.51
CA ALA A 27 8.52 -30.05 -43.99
C ALA A 27 8.92 -30.31 -45.44
N GLN A 28 8.78 -29.29 -46.29
CA GLN A 28 8.93 -29.50 -47.71
C GLN A 28 10.38 -29.66 -48.15
N GLY A 29 11.36 -29.20 -47.37
CA GLY A 29 12.77 -29.30 -47.76
C GLY A 29 13.78 -29.32 -46.66
N ASP A 30 14.89 -28.62 -46.90
CA ASP A 30 16.02 -28.53 -45.98
C ASP A 30 15.62 -27.49 -44.95
N ILE A 31 15.44 -27.92 -43.70
CA ILE A 31 14.86 -27.02 -42.70
C ILE A 31 15.77 -25.86 -42.32
N THR A 32 17.04 -25.85 -42.77
CA THR A 32 17.93 -24.75 -42.42
C THR A 32 17.88 -23.63 -43.43
N THR A 33 17.18 -23.81 -44.52
CA THR A 33 17.10 -22.85 -45.60
C THR A 33 15.74 -22.16 -45.59
N PRO A 34 15.64 -20.98 -46.18
CA PRO A 34 14.34 -20.31 -46.27
C PRO A 34 13.29 -21.20 -46.91
N GLY A 35 12.12 -21.26 -46.29
CA GLY A 35 11.01 -22.03 -46.80
C GLY A 35 11.11 -23.52 -46.58
N GLY A 36 12.27 -24.02 -46.15
CA GLY A 36 12.51 -25.46 -46.14
C GLY A 36 11.74 -26.23 -45.09
N ALA A 37 11.28 -25.59 -44.01
CA ALA A 37 10.45 -26.25 -43.00
C ALA A 37 8.96 -26.04 -43.20
N ARG A 38 8.56 -25.29 -44.23
CA ARG A 38 7.14 -25.11 -44.50
C ARG A 38 6.46 -26.45 -44.72
N ARG A 39 5.24 -26.59 -44.20
CA ARG A 39 4.38 -27.74 -44.43
C ARG A 39 3.40 -27.53 -45.58
N LEU A 40 3.25 -26.31 -46.06
CA LEU A 40 2.33 -25.97 -47.13
C LEU A 40 3.08 -25.69 -48.43
N THR A 41 2.54 -26.19 -49.53
CA THR A 41 3.11 -25.99 -50.85
C THR A 41 2.42 -24.89 -51.64
N GLY A 42 1.33 -24.33 -51.12
CA GLY A 42 0.58 -23.29 -51.81
C GLY A 42 -0.63 -22.91 -51.01
N ASP A 43 -1.40 -21.97 -51.57
CA ASP A 43 -2.63 -21.52 -50.92
C ASP A 43 -3.64 -22.65 -50.76
N GLN A 44 -4.25 -22.73 -49.58
CA GLN A 44 -5.16 -23.88 -49.30
C GLN A 44 -6.64 -23.49 -49.40
N THR A 45 -6.94 -22.24 -49.76
CA THR A 45 -8.34 -21.80 -49.69
C THR A 45 -9.24 -22.69 -50.53
N GLU A 46 -8.84 -22.93 -51.78
CA GLU A 46 -9.72 -23.70 -52.65
C GLU A 46 -9.79 -25.15 -52.21
N ALA A 47 -8.68 -25.71 -51.73
CA ALA A 47 -8.66 -27.09 -51.27
C ALA A 47 -9.56 -27.28 -50.05
N LEU A 48 -9.56 -26.31 -49.14
CA LEU A 48 -10.42 -26.44 -47.96
C LEU A 48 -11.87 -26.31 -48.34
N ARG A 49 -12.19 -25.40 -49.27
CA ARG A 49 -13.57 -25.24 -49.68
C ARG A 49 -14.14 -26.55 -50.22
N ALA A 50 -13.32 -27.28 -50.99
CA ALA A 50 -13.73 -28.58 -51.47
C ALA A 50 -13.89 -29.59 -50.34
N SER A 51 -13.13 -29.42 -49.25
CA SER A 51 -13.22 -30.30 -48.09
C SER A 51 -14.46 -30.03 -47.26
N LEU A 52 -15.14 -28.92 -47.49
CA LEU A 52 -16.37 -28.58 -46.80
C LEU A 52 -17.51 -29.27 -47.53
N ILE A 53 -17.98 -30.36 -46.93
CA ILE A 53 -19.07 -31.19 -47.53
C ILE A 53 -20.28 -31.08 -46.61
N ASN A 54 -21.44 -30.85 -47.20
CA ASN A 54 -22.65 -30.57 -46.46
C ASN A 54 -23.59 -31.76 -46.39
N LYS A 55 -23.51 -32.67 -47.37
CA LYS A 55 -24.40 -33.82 -47.39
C LYS A 55 -24.29 -34.58 -46.08
N PRO A 56 -25.25 -35.44 -45.77
CA PRO A 56 -25.16 -36.24 -44.55
C PRO A 56 -24.10 -37.32 -44.70
N ALA A 57 -23.66 -37.87 -43.55
CA ALA A 57 -22.73 -38.98 -43.57
C ALA A 57 -23.49 -40.30 -43.50
N LYS A 58 -23.03 -41.27 -44.28
CA LYS A 58 -23.55 -42.61 -44.12
C LYS A 58 -22.94 -43.31 -42.92
N ASN A 59 -21.65 -43.07 -42.70
CA ASN A 59 -20.87 -43.71 -41.65
C ASN A 59 -20.08 -42.67 -40.85
N VAL A 60 -19.81 -43.02 -39.61
CA VAL A 60 -19.02 -42.22 -38.69
C VAL A 60 -17.98 -43.11 -38.05
N ILE A 61 -16.72 -42.73 -38.13
CA ILE A 61 -15.67 -43.37 -37.36
C ILE A 61 -15.07 -42.31 -36.41
N LEU A 62 -15.19 -42.55 -35.12
CA LEU A 62 -14.58 -41.70 -34.09
C LEU A 62 -13.38 -42.44 -33.53
N LEU A 63 -12.20 -41.83 -33.61
CA LEU A 63 -11.01 -42.38 -32.98
C LEU A 63 -10.55 -41.51 -31.81
N ILE A 64 -10.41 -42.14 -30.64
CA ILE A 64 -10.09 -41.47 -29.41
C ILE A 64 -8.71 -41.90 -28.95
N GLY A 65 -7.82 -40.94 -28.76
CA GLY A 65 -6.56 -41.18 -28.08
C GLY A 65 -6.71 -40.82 -26.60
N ASP A 66 -6.77 -41.81 -25.72
CA ASP A 66 -7.00 -41.45 -24.33
C ASP A 66 -5.83 -40.64 -23.80
N GLY A 67 -6.10 -39.41 -23.37
CA GLY A 67 -5.04 -38.57 -22.87
C GLY A 67 -4.20 -37.90 -23.93
N MET A 68 -4.58 -38.01 -25.21
CA MET A 68 -3.69 -37.57 -26.27
C MET A 68 -3.97 -36.10 -26.61
N GLY A 69 -3.45 -35.22 -25.76
CA GLY A 69 -3.49 -33.79 -26.01
C GLY A 69 -2.47 -33.39 -27.03
N ASP A 70 -2.46 -32.09 -27.34
CA ASP A 70 -1.49 -31.60 -28.32
C ASP A 70 -0.05 -31.93 -27.92
N SER A 71 0.26 -31.92 -26.61
CA SER A 71 1.64 -32.24 -26.21
C SER A 71 1.99 -33.69 -26.53
N GLU A 72 1.04 -34.61 -26.30
CA GLU A 72 1.28 -36.02 -26.61
C GLU A 72 1.47 -36.20 -28.11
N ILE A 73 0.66 -35.51 -28.92
CA ILE A 73 0.81 -35.62 -30.36
C ILE A 73 2.20 -35.16 -30.78
N THR A 74 2.63 -34.01 -30.25
CA THR A 74 3.90 -33.44 -30.66
C THR A 74 5.07 -34.32 -30.26
N ALA A 75 5.04 -34.88 -29.05
CA ALA A 75 6.18 -35.64 -28.56
C ALA A 75 6.36 -36.90 -29.39
N ALA A 76 5.24 -37.55 -29.72
CA ALA A 76 5.26 -38.76 -30.53
C ALA A 76 5.73 -38.47 -31.95
N ARG A 77 5.29 -37.34 -32.51
CA ARG A 77 5.73 -36.96 -33.84
C ARG A 77 7.22 -36.68 -33.85
N ASN A 78 7.68 -35.89 -32.88
CA ASN A 78 9.10 -35.62 -32.77
C ASN A 78 9.89 -36.92 -32.71
N TYR A 79 9.45 -37.85 -31.88
CA TYR A 79 10.20 -39.07 -31.67
C TYR A 79 10.20 -39.99 -32.89
N ALA A 80 9.02 -40.30 -33.43
CA ALA A 80 8.90 -41.32 -34.45
C ALA A 80 8.94 -40.79 -35.88
N GLU A 81 8.54 -39.54 -36.12
CA GLU A 81 8.54 -38.96 -37.46
C GLU A 81 9.54 -37.82 -37.65
N GLY A 82 10.10 -37.27 -36.57
CA GLY A 82 10.89 -36.06 -36.68
C GLY A 82 10.05 -34.81 -36.53
N ALA A 83 10.70 -33.73 -36.10
CA ALA A 83 9.97 -32.49 -35.80
C ALA A 83 9.25 -31.98 -37.05
N GLY A 84 9.90 -32.08 -38.21
CA GLY A 84 9.30 -31.72 -39.48
C GLY A 84 8.60 -32.85 -40.20
N GLY A 85 8.44 -34.00 -39.56
CA GLY A 85 7.64 -35.10 -40.06
C GLY A 85 6.14 -34.85 -39.96
N PHE A 86 5.38 -35.91 -40.25
CA PHE A 86 3.95 -35.81 -40.48
C PHE A 86 3.34 -37.17 -40.17
N PHE A 87 2.39 -37.23 -39.23
CA PHE A 87 1.63 -38.45 -38.99
C PHE A 87 0.64 -38.67 -40.13
N LYS A 88 0.81 -39.76 -40.87
CA LYS A 88 -0.01 -39.93 -42.06
C LYS A 88 -1.47 -40.17 -41.71
N GLY A 89 -1.78 -40.55 -40.47
CA GLY A 89 -3.15 -40.52 -40.03
C GLY A 89 -3.51 -39.29 -39.20
N ILE A 90 -2.87 -39.15 -38.04
CA ILE A 90 -3.32 -38.15 -37.07
C ILE A 90 -3.23 -36.75 -37.66
N ASP A 91 -2.16 -36.46 -38.39
CA ASP A 91 -1.94 -35.11 -38.89
C ASP A 91 -2.62 -34.88 -40.23
N ALA A 92 -3.32 -35.88 -40.77
CA ALA A 92 -3.81 -35.78 -42.14
C ALA A 92 -5.23 -35.27 -42.24
N LEU A 93 -5.91 -35.13 -41.14
CA LEU A 93 -7.29 -34.68 -41.20
C LEU A 93 -7.33 -33.17 -41.36
N PRO A 94 -8.02 -32.65 -42.38
CA PRO A 94 -7.82 -31.25 -42.76
C PRO A 94 -8.58 -30.22 -41.96
N LEU A 95 -9.67 -30.60 -41.27
CA LEU A 95 -10.49 -29.62 -40.55
C LEU A 95 -10.21 -29.77 -39.06
N THR A 96 -9.70 -28.70 -38.46
CA THR A 96 -9.13 -28.77 -37.14
C THR A 96 -9.73 -27.72 -36.23
N GLY A 97 -9.87 -28.08 -34.96
CA GLY A 97 -10.26 -27.13 -33.94
C GLY A 97 -9.69 -27.48 -32.57
N GLN A 98 -10.18 -26.78 -31.56
CA GLN A 98 -9.86 -27.02 -30.16
C GLN A 98 -11.18 -27.14 -29.40
N TYR A 99 -11.27 -28.11 -28.50
CA TYR A 99 -12.48 -28.28 -27.72
C TYR A 99 -12.20 -28.46 -26.25
N THR A 100 -13.20 -28.09 -25.46
CA THR A 100 -13.15 -28.10 -24.01
C THR A 100 -13.83 -29.35 -23.45
N HIS A 101 -13.27 -29.90 -22.36
CA HIS A 101 -13.75 -31.17 -21.83
C HIS A 101 -13.99 -31.14 -20.34
N TYR A 102 -14.15 -29.96 -19.75
CA TYR A 102 -14.42 -29.91 -18.31
C TYR A 102 -15.68 -30.71 -17.96
N SER A 103 -15.67 -31.27 -16.78
CA SER A 103 -16.76 -32.03 -16.20
C SER A 103 -17.44 -31.14 -15.18
N LEU A 104 -18.33 -31.72 -14.39
CA LEU A 104 -19.08 -31.02 -13.37
C LEU A 104 -18.81 -31.61 -12.00
N ASP A 105 -18.89 -30.76 -10.98
CA ASP A 105 -18.92 -31.27 -9.62
C ASP A 105 -20.31 -31.88 -9.34
N LYS A 106 -20.32 -33.09 -8.82
CA LYS A 106 -21.59 -33.79 -8.62
C LYS A 106 -22.53 -33.03 -7.69
N LYS A 107 -21.98 -32.44 -6.63
CA LYS A 107 -22.84 -31.79 -5.65
C LYS A 107 -23.36 -30.45 -6.15
N THR A 108 -22.44 -29.60 -6.64
CA THR A 108 -22.81 -28.23 -6.99
C THR A 108 -23.24 -28.06 -8.44
N GLY A 109 -22.87 -28.97 -9.33
CA GLY A 109 -23.11 -28.74 -10.74
C GLY A 109 -22.21 -27.72 -11.40
N LYS A 110 -21.23 -27.14 -10.70
CA LYS A 110 -20.33 -26.18 -11.30
C LYS A 110 -19.28 -26.91 -12.13
N PRO A 111 -18.59 -26.23 -13.04
CA PRO A 111 -17.47 -26.87 -13.74
C PRO A 111 -16.43 -27.46 -12.78
N ASP A 112 -15.91 -28.63 -13.16
CA ASP A 112 -14.71 -29.25 -12.62
C ASP A 112 -13.68 -29.19 -13.76
N TYR A 113 -12.59 -28.45 -13.54
CA TYR A 113 -11.76 -28.06 -14.68
C TYR A 113 -10.87 -29.19 -15.21
N VAL A 114 -10.76 -30.32 -14.51
CA VAL A 114 -9.98 -31.48 -14.95
C VAL A 114 -10.85 -32.73 -14.83
N THR A 115 -11.39 -33.16 -15.95
CA THR A 115 -12.26 -34.32 -16.05
C THR A 115 -11.48 -35.63 -15.88
N ASP A 116 -12.24 -36.71 -15.71
CA ASP A 116 -11.70 -38.08 -15.79
C ASP A 116 -12.24 -38.69 -17.09
N ALA A 118 -14.38 -41.10 -17.61
CA ALA A 118 -15.78 -41.51 -17.59
C ALA A 118 -16.67 -40.33 -17.90
N ALA A 119 -16.47 -39.21 -17.20
CA ALA A 119 -17.29 -38.04 -17.46
C ALA A 119 -17.10 -37.53 -18.87
N SER A 120 -15.86 -37.54 -19.36
CA SER A 120 -15.56 -37.03 -20.68
C SER A 120 -16.22 -37.90 -21.78
N ALA A 121 -16.11 -39.23 -21.66
CA ALA A 121 -16.77 -40.14 -22.58
C ALA A 121 -18.29 -40.00 -22.55
N THR A 122 -18.87 -39.85 -21.36
CA THR A 122 -20.29 -39.57 -21.25
C THR A 122 -20.67 -38.32 -22.06
N ALA A 123 -19.81 -37.32 -22.02
CA ALA A 123 -20.08 -36.05 -22.70
C ALA A 123 -20.23 -36.22 -24.22
N TRP A 124 -19.27 -36.90 -24.87
CA TRP A 124 -19.40 -37.06 -26.32
C TRP A 124 -20.30 -38.22 -26.72
N THR A 125 -20.62 -39.17 -25.84
CA THR A 125 -21.52 -40.24 -26.23
C THR A 125 -23.00 -39.92 -25.96
N THR A 126 -23.31 -38.97 -25.05
CA THR A 126 -24.67 -38.60 -24.71
C THR A 126 -25.01 -37.12 -24.91
N GLY A 127 -24.03 -36.23 -25.06
CA GLY A 127 -24.32 -34.82 -25.18
C GLY A 127 -24.62 -34.12 -23.86
N VAL A 128 -24.48 -34.80 -22.71
CA VAL A 128 -24.65 -34.16 -21.41
C VAL A 128 -23.36 -34.22 -20.59
N LYS A 129 -23.04 -33.11 -19.93
CA LYS A 129 -21.98 -33.09 -18.91
C LYS A 129 -22.39 -33.87 -17.66
N THR A 130 -21.39 -34.39 -16.95
CA THR A 130 -21.67 -35.14 -15.74
C THR A 130 -20.44 -35.07 -14.81
N TYR A 131 -20.49 -35.86 -13.73
CA TYR A 131 -19.45 -35.79 -12.72
C TYR A 131 -18.38 -36.83 -13.01
N ASN A 132 -17.20 -36.59 -12.46
CA ASN A 132 -16.08 -37.48 -12.66
C ASN A 132 -16.39 -38.86 -12.08
N GLY A 133 -16.25 -39.91 -12.91
CA GLY A 133 -16.61 -41.26 -12.52
C GLY A 133 -17.93 -41.75 -13.04
N ALA A 134 -18.83 -40.86 -13.44
CA ALA A 134 -20.11 -41.27 -13.99
C ALA A 134 -19.97 -41.81 -15.40
N LEU A 135 -20.82 -42.80 -15.73
CA LEU A 135 -20.92 -43.37 -17.08
C LEU A 135 -22.37 -43.38 -17.53
N GLY A 136 -22.68 -42.62 -18.60
CA GLY A 136 -23.97 -42.67 -19.23
C GLY A 136 -25.12 -42.16 -18.39
N VAL A 137 -24.80 -41.42 -17.30
CA VAL A 137 -25.78 -40.75 -16.47
C VAL A 137 -25.30 -39.34 -16.18
N ASP A 138 -26.26 -38.48 -15.79
CA ASP A 138 -26.00 -37.09 -15.44
C ASP A 138 -25.73 -36.95 -13.94
N ILE A 139 -25.64 -35.70 -13.47
CA ILE A 139 -25.33 -35.45 -12.07
C ILE A 139 -26.48 -35.85 -11.14
N HIS A 140 -27.71 -36.01 -11.66
CA HIS A 140 -28.84 -36.56 -10.90
C HIS A 140 -28.86 -38.09 -10.94
N GLU A 141 -27.86 -38.71 -11.58
CA GLU A 141 -27.74 -40.16 -11.74
C GLU A 141 -28.74 -40.74 -12.72
N ASN A 142 -29.37 -39.92 -13.55
CA ASN A 142 -30.33 -40.41 -14.51
C ASN A 142 -29.64 -40.66 -15.84
N ALA A 143 -30.09 -41.69 -16.52
CA ALA A 143 -29.48 -42.18 -17.74
C ALA A 143 -29.90 -41.38 -18.95
N HIS A 144 -28.98 -41.28 -19.91
CA HIS A 144 -29.22 -40.66 -21.19
C HIS A 144 -28.75 -41.62 -22.26
N GLN A 145 -29.44 -41.62 -23.40
CA GLN A 145 -29.09 -42.53 -24.49
C GLN A 145 -27.78 -42.12 -25.16
N THR A 146 -27.05 -43.13 -25.65
CA THR A 146 -25.74 -42.92 -26.26
C THR A 146 -25.86 -42.94 -27.77
N ILE A 147 -24.82 -42.40 -28.40
CA ILE A 147 -24.76 -42.38 -29.84
C ILE A 147 -24.79 -43.80 -30.41
N LEU A 148 -24.27 -44.79 -29.67
CA LEU A 148 -24.28 -46.16 -30.23
C LEU A 148 -25.66 -46.76 -30.11
N GLU A 149 -26.34 -46.55 -28.98
CA GLU A 149 -27.72 -47.02 -28.81
C GLU A 149 -28.66 -46.38 -29.83
N LEU A 150 -28.47 -45.08 -30.10
CA LEU A 150 -29.32 -44.40 -31.07
C LEU A 150 -29.04 -44.89 -32.48
N ALA A 151 -27.77 -45.10 -32.79
CA ALA A 151 -27.40 -45.63 -34.10
C ALA A 151 -28.08 -46.97 -34.33
N LYS A 152 -27.93 -47.89 -33.38
CA LYS A 152 -28.50 -49.22 -33.50
C LYS A 152 -30.01 -49.16 -33.62
N ALA A 153 -30.65 -48.30 -32.85
CA ALA A 153 -32.10 -48.19 -32.93
C ALA A 153 -32.53 -47.69 -34.30
N ALA A 154 -31.72 -46.85 -34.95
CA ALA A 154 -32.06 -46.37 -36.28
C ALA A 154 -31.73 -47.36 -37.39
N GLY A 155 -31.05 -48.48 -37.07
CA GLY A 155 -30.77 -49.51 -38.05
C GLY A 155 -29.34 -49.60 -38.50
N LEU A 156 -28.47 -48.74 -37.96
CA LEU A 156 -27.07 -48.73 -38.33
C LEU A 156 -26.32 -49.87 -37.65
N ALA A 157 -25.29 -50.38 -38.34
CA ALA A 157 -24.38 -51.30 -37.68
C ALA A 157 -23.50 -50.53 -36.68
N THR A 158 -23.06 -51.22 -35.63
CA THR A 158 -22.34 -50.54 -34.57
C THR A 158 -21.13 -51.35 -34.11
N GLY A 159 -20.10 -50.60 -33.75
CA GLY A 159 -18.84 -51.17 -33.32
C GLY A 159 -18.13 -50.36 -32.24
N ASN A 160 -17.41 -51.09 -31.41
CA ASN A 160 -16.78 -50.56 -30.22
C ASN A 160 -15.44 -51.27 -30.07
N VAL A 161 -14.35 -50.57 -30.32
CA VAL A 161 -13.02 -51.16 -30.35
C VAL A 161 -12.09 -50.38 -29.41
N SER A 162 -11.30 -51.13 -28.64
CA SER A 162 -10.40 -50.52 -27.67
C SER A 162 -9.26 -51.49 -27.38
N THR A 163 -8.09 -50.93 -27.04
CA THR A 163 -6.98 -51.69 -26.49
C THR A 163 -7.06 -51.81 -24.98
N ALA A 164 -8.03 -51.14 -24.35
CA ALA A 164 -8.26 -51.31 -22.93
C ALA A 164 -9.18 -52.50 -22.69
N GLU A 165 -9.36 -52.80 -21.41
CA GLU A 165 -10.49 -53.62 -20.98
C GLU A 165 -11.77 -53.03 -21.54
N LEU A 166 -12.63 -53.85 -22.07
CA LEU A 166 -13.90 -53.34 -22.62
C LEU A 166 -14.78 -52.74 -21.55
N GLN A 167 -14.50 -53.03 -20.27
CA GLN A 167 -15.22 -52.41 -19.16
C GLN A 167 -14.66 -51.04 -18.78
N ASP A 168 -13.49 -50.66 -19.28
CA ASP A 168 -12.92 -49.35 -18.97
C ASP A 168 -13.78 -48.20 -19.48
N ALA A 169 -13.58 -47.01 -18.91
CA ALA A 169 -14.56 -45.94 -19.08
C ALA A 169 -14.84 -45.60 -20.55
N THR A 170 -13.81 -45.53 -21.40
CA THR A 170 -14.02 -45.05 -22.76
C THR A 170 -14.93 -45.96 -23.60
N PRO A 171 -14.68 -47.27 -23.74
CA PRO A 171 -15.64 -48.10 -24.46
C PRO A 171 -16.94 -48.33 -23.71
N ALA A 172 -16.87 -48.40 -22.38
CA ALA A 172 -18.06 -48.69 -21.58
C ALA A 172 -19.14 -47.64 -21.78
N ALA A 173 -18.74 -46.38 -21.99
CA ALA A 173 -19.71 -45.28 -22.01
C ALA A 173 -20.71 -45.43 -23.14
N LEU A 174 -20.30 -46.13 -24.20
CA LEU A 174 -21.20 -46.35 -25.32
C LEU A 174 -22.34 -47.31 -24.99
N VAL A 175 -22.19 -48.15 -23.95
CA VAL A 175 -23.11 -49.26 -23.76
C VAL A 175 -23.63 -49.40 -22.33
N ALA A 176 -23.15 -48.61 -21.39
CA ALA A 176 -23.50 -48.80 -19.98
C ALA A 176 -23.87 -47.50 -19.31
N HIS A 177 -24.74 -47.61 -18.31
CA HIS A 177 -25.22 -46.47 -17.52
C HIS A 177 -25.12 -46.87 -16.06
N VAL A 178 -24.10 -46.34 -15.35
CA VAL A 178 -23.79 -46.75 -13.98
C VAL A 178 -23.25 -45.54 -13.23
N THR A 179 -23.56 -45.48 -11.95
CA THR A 179 -23.18 -44.33 -11.14
C THR A 179 -21.71 -44.29 -10.82
N SER A 180 -20.96 -45.37 -11.11
CA SER A 180 -19.52 -45.37 -10.92
C SER A 180 -18.86 -46.27 -11.97
N ARG A 181 -17.79 -45.74 -12.58
CA ARG A 181 -17.02 -46.51 -13.55
C ARG A 181 -16.39 -47.76 -12.95
N LYS A 182 -16.28 -47.86 -11.63
CA LYS A 182 -15.67 -49.07 -11.09
C LYS A 182 -16.52 -50.34 -11.28
N CYS A 183 -17.81 -50.19 -11.59
CA CYS A 183 -18.79 -51.28 -11.56
C CYS A 183 -18.67 -52.19 -12.78
N TYR A 184 -17.53 -52.89 -12.87
CA TYR A 184 -17.21 -53.69 -14.05
C TYR A 184 -18.11 -54.91 -14.18
N GLY A 185 -18.25 -55.65 -13.09
CA GLY A 185 -19.02 -56.86 -13.10
C GLY A 185 -19.95 -56.87 -11.91
N PRO A 186 -20.67 -57.97 -11.77
CA PRO A 186 -21.70 -58.03 -10.72
C PRO A 186 -21.15 -57.81 -9.32
N THR A 187 -19.96 -58.34 -9.06
CA THR A 187 -19.44 -58.33 -7.70
C THR A 187 -19.30 -56.90 -7.20
N VAL A 188 -18.63 -56.05 -7.97
CA VAL A 188 -18.38 -54.69 -7.54
C VAL A 188 -19.65 -53.85 -7.67
N THR A 189 -20.50 -54.12 -8.67
CA THR A 189 -21.73 -53.36 -8.83
C THR A 189 -22.59 -53.46 -7.58
N SER A 190 -22.75 -54.68 -7.05
CA SER A 190 -23.58 -54.85 -5.86
C SER A 190 -23.13 -53.97 -4.71
N GLU A 191 -21.80 -53.75 -4.56
CA GLU A 191 -21.23 -52.95 -3.47
C GLU A 191 -21.13 -51.45 -3.78
N LYS A 192 -20.69 -51.07 -4.97
CA LYS A 192 -20.44 -49.67 -5.25
C LYS A 192 -21.56 -48.97 -6.01
N CYS A 193 -22.40 -49.72 -6.75
CA CYS A 193 -23.51 -49.17 -7.54
C CYS A 193 -24.80 -49.93 -7.25
N PRO A 194 -25.25 -49.96 -6.00
CA PRO A 194 -26.37 -50.85 -5.67
C PRO A 194 -27.64 -50.55 -6.44
N SER A 195 -27.86 -49.30 -6.86
CA SER A 195 -29.05 -48.99 -7.64
C SER A 195 -28.96 -49.50 -9.07
N ASN A 196 -27.75 -49.82 -9.55
CA ASN A 196 -27.59 -50.43 -10.87
C ASN A 196 -27.54 -51.96 -10.85
N ALA A 197 -27.27 -52.56 -9.68
CA ALA A 197 -27.11 -54.00 -9.58
C ALA A 197 -28.35 -54.74 -10.06
N LEU A 198 -28.13 -55.80 -10.84
CA LEU A 198 -29.25 -56.51 -11.44
C LEU A 198 -30.21 -57.01 -10.36
N GLU A 199 -29.68 -57.59 -9.29
CA GLU A 199 -30.50 -58.20 -8.25
C GLU A 199 -31.29 -57.19 -7.44
N LYS A 200 -31.00 -55.89 -7.56
CA LYS A 200 -31.80 -54.87 -6.91
C LYS A 200 -32.68 -54.10 -7.90
N GLY A 201 -32.86 -54.63 -9.10
CA GLY A 201 -33.73 -54.00 -10.06
C GLY A 201 -33.07 -52.99 -10.96
N GLY A 202 -31.74 -52.90 -10.94
CA GLY A 202 -31.04 -52.08 -11.90
C GLY A 202 -30.76 -52.81 -13.22
N LYS A 203 -30.14 -52.08 -14.15
CA LYS A 203 -29.89 -52.66 -15.45
C LYS A 203 -28.64 -53.50 -15.50
N GLY A 204 -27.80 -53.45 -14.48
CA GLY A 204 -26.72 -54.39 -14.29
C GLY A 204 -25.36 -53.72 -14.32
N SER A 205 -24.33 -54.54 -14.16
CA SER A 205 -22.97 -54.08 -14.24
C SER A 205 -22.66 -53.65 -15.67
N ILE A 206 -21.48 -53.04 -15.85
CA ILE A 206 -21.04 -52.62 -17.17
C ILE A 206 -21.03 -53.82 -18.12
N THR A 207 -20.46 -54.94 -17.71
CA THR A 207 -20.40 -56.08 -18.62
C THR A 207 -21.80 -56.61 -18.97
N GLU A 208 -22.68 -56.70 -17.98
CA GLU A 208 -24.07 -57.10 -18.28
C GLU A 208 -24.76 -56.11 -19.21
N GLN A 209 -24.54 -54.80 -19.02
CA GLN A 209 -25.15 -53.83 -19.93
C GLN A 209 -24.54 -53.94 -21.34
N LEU A 210 -23.22 -54.15 -21.44
CA LEU A 210 -22.65 -54.41 -22.76
C LEU A 210 -23.39 -55.53 -23.48
N LEU A 211 -23.57 -56.67 -22.83
CA LEU A 211 -24.21 -57.80 -23.52
C LEU A 211 -25.65 -57.47 -23.91
N ASN A 212 -26.36 -56.70 -23.08
CA ASN A 212 -27.69 -56.26 -23.49
C ASN A 212 -27.61 -55.30 -24.67
N ALA A 213 -26.58 -54.42 -24.69
CA ALA A 213 -26.45 -53.40 -25.73
C ALA A 213 -26.22 -54.04 -27.10
N ARG A 214 -25.42 -55.12 -27.15
CA ARG A 214 -25.20 -55.93 -28.35
C ARG A 214 -24.78 -55.11 -29.57
N PRO A 215 -23.60 -54.48 -29.55
CA PRO A 215 -23.01 -53.98 -30.79
C PRO A 215 -22.81 -55.13 -31.77
N ASP A 216 -22.75 -54.81 -33.06
CA ASP A 216 -22.41 -55.85 -34.03
C ASP A 216 -20.97 -56.32 -33.83
N VAL A 217 -20.08 -55.41 -33.43
CA VAL A 217 -18.66 -55.67 -33.32
C VAL A 217 -18.13 -54.99 -32.06
N THR A 218 -17.63 -55.78 -31.11
CA THR A 218 -16.97 -55.29 -29.89
C THR A 218 -15.63 -56.01 -29.78
N LEU A 219 -14.53 -55.28 -29.79
CA LEU A 219 -13.21 -55.91 -29.75
C LEU A 219 -12.35 -55.23 -28.72
N GLY A 220 -11.74 -56.00 -27.83
CA GLY A 220 -10.77 -55.41 -26.92
C GLY A 220 -10.32 -56.39 -25.85
N GLY A 221 -9.87 -55.82 -24.73
CA GLY A 221 -9.44 -56.61 -23.59
C GLY A 221 -10.57 -56.81 -22.61
N GLY A 222 -10.19 -57.26 -21.42
CA GLY A 222 -11.11 -57.35 -20.31
C GLY A 222 -11.81 -58.67 -20.18
N ALA A 223 -11.17 -59.76 -20.63
CA ALA A 223 -11.74 -61.10 -20.45
C ALA A 223 -11.92 -61.45 -18.99
N LYS A 224 -11.12 -60.88 -18.08
CA LYS A 224 -11.20 -61.27 -16.69
C LYS A 224 -12.62 -61.15 -16.15
N THR A 225 -13.27 -59.99 -16.33
CA THR A 225 -14.61 -59.81 -15.76
C THR A 225 -15.63 -60.80 -16.35
N PHE A 226 -15.37 -61.36 -17.54
CA PHE A 226 -16.36 -62.26 -18.11
C PHE A 226 -16.39 -63.60 -17.36
N ALA A 227 -15.47 -63.82 -16.42
CA ALA A 227 -15.47 -65.02 -15.58
C ALA A 227 -16.37 -64.87 -14.35
N GLU A 228 -16.86 -63.67 -14.05
CA GLU A 228 -17.80 -63.48 -12.95
C GLU A 228 -19.16 -64.05 -13.34
N THR A 229 -19.99 -64.35 -12.31
CA THR A 229 -21.29 -64.97 -12.54
C THR A 229 -22.41 -64.02 -12.16
N ALA A 230 -23.44 -64.02 -13.00
CA ALA A 230 -24.60 -63.17 -12.76
C ALA A 230 -25.37 -63.62 -11.54
N THR A 231 -25.85 -62.64 -10.77
CA THR A 231 -26.53 -62.87 -9.50
C THR A 231 -28.02 -63.02 -9.66
N ALA A 232 -28.56 -62.60 -10.79
CA ALA A 232 -30.00 -62.67 -11.04
C ALA A 232 -30.20 -62.67 -12.56
N GLY A 233 -31.46 -62.73 -12.98
CA GLY A 233 -31.79 -62.64 -14.40
C GLY A 233 -31.91 -63.99 -15.07
N GLU A 234 -32.16 -63.93 -16.38
CA GLU A 234 -32.28 -65.15 -17.18
C GLU A 234 -31.01 -66.00 -17.16
N TRP A 235 -29.84 -65.39 -16.90
CA TRP A 235 -28.56 -66.11 -16.92
C TRP A 235 -27.94 -66.18 -15.54
N GLN A 236 -28.80 -66.17 -14.54
CA GLN A 236 -28.32 -66.32 -13.15
C GLN A 236 -27.53 -67.61 -13.02
N GLY A 237 -26.41 -67.57 -12.31
CA GLY A 237 -25.56 -68.71 -12.08
C GLY A 237 -24.55 -69.00 -13.16
N LYS A 238 -24.70 -68.41 -14.34
CA LYS A 238 -23.73 -68.58 -15.43
C LYS A 238 -22.69 -67.48 -15.39
N THR A 239 -21.51 -67.77 -15.93
CA THR A 239 -20.55 -66.69 -16.12
C THR A 239 -21.04 -65.79 -17.24
N LEU A 240 -20.56 -64.54 -17.24
CA LEU A 240 -20.87 -63.63 -18.34
C LEU A 240 -20.34 -64.16 -19.67
N ARG A 241 -19.20 -64.86 -19.65
CA ARG A 241 -18.76 -65.51 -20.89
C ARG A 241 -19.76 -66.56 -21.35
N GLU A 242 -20.31 -67.33 -20.39
CA GLU A 242 -21.33 -68.33 -20.71
C GLU A 242 -22.59 -67.66 -21.23
N GLN A 243 -22.99 -66.55 -20.58
CA GLN A 243 -24.13 -65.78 -21.04
C GLN A 243 -23.93 -65.33 -22.48
N ALA A 244 -22.76 -64.77 -22.78
CA ALA A 244 -22.52 -64.27 -24.12
C ALA A 244 -22.62 -65.38 -25.16
N GLN A 245 -22.07 -66.55 -24.86
CA GLN A 245 -22.24 -67.67 -25.78
C GLN A 245 -23.71 -68.02 -25.93
N ALA A 246 -24.43 -68.10 -24.81
CA ALA A 246 -25.85 -68.44 -24.84
C ALA A 246 -26.68 -67.44 -25.65
N ARG A 247 -26.23 -66.20 -25.79
CA ARG A 247 -27.01 -65.20 -26.48
C ARG A 247 -26.59 -65.02 -27.94
N GLY A 248 -25.71 -65.87 -28.45
CA GLY A 248 -25.37 -65.85 -29.85
C GLY A 248 -24.10 -65.09 -30.23
N TYR A 249 -23.39 -64.53 -29.25
CA TYR A 249 -22.12 -63.87 -29.56
C TYR A 249 -21.11 -64.87 -30.09
N GLN A 250 -20.39 -64.45 -31.12
CA GLN A 250 -19.25 -65.18 -31.68
C GLN A 250 -17.98 -64.64 -31.04
N ILE A 251 -17.40 -65.40 -30.11
CA ILE A 251 -16.27 -64.94 -29.32
C ILE A 251 -14.97 -65.32 -30.02
N VAL A 252 -14.05 -64.38 -30.17
CA VAL A 252 -12.72 -64.64 -30.72
C VAL A 252 -11.68 -64.12 -29.75
N THR A 253 -10.50 -64.74 -29.78
CA THR A 253 -9.50 -64.46 -28.76
C THR A 253 -8.09 -64.22 -29.27
N ASP A 254 -7.85 -64.17 -30.58
CA ASP A 254 -6.52 -63.84 -31.11
C ASP A 254 -6.65 -63.36 -32.55
N ALA A 255 -5.50 -63.03 -33.18
CA ALA A 255 -5.52 -62.40 -34.49
C ALA A 255 -6.06 -63.35 -35.55
N ALA A 256 -5.68 -64.63 -35.44
CA ALA A 256 -6.13 -65.60 -36.41
C ALA A 256 -7.65 -65.76 -36.36
N SER A 257 -8.20 -65.98 -35.16
CA SER A 257 -9.66 -66.13 -35.11
C SER A 257 -10.36 -64.83 -35.51
N LEU A 258 -9.76 -63.68 -35.16
CA LEU A 258 -10.35 -62.44 -35.61
C LEU A 258 -10.38 -62.36 -37.13
N ALA A 259 -9.23 -62.62 -37.78
CA ALA A 259 -9.18 -62.50 -39.24
C ALA A 259 -10.05 -63.55 -39.93
N ALA A 260 -10.34 -64.68 -39.27
CA ALA A 260 -11.19 -65.72 -39.84
C ALA A 260 -12.68 -65.36 -39.85
N ALA A 261 -13.12 -64.43 -38.99
CA ALA A 261 -14.53 -64.08 -38.96
C ALA A 261 -14.95 -63.45 -40.30
N THR A 262 -16.10 -63.87 -40.82
CA THR A 262 -16.55 -63.37 -42.11
C THR A 262 -17.71 -62.40 -42.00
N GLU A 263 -18.46 -62.43 -40.91
CA GLU A 263 -19.53 -61.46 -40.77
C GLU A 263 -19.83 -61.21 -39.30
N ALA A 264 -20.48 -60.08 -39.07
CA ALA A 264 -20.95 -59.65 -37.76
C ALA A 264 -22.30 -59.01 -37.97
N SER A 265 -23.27 -59.40 -37.16
CA SER A 265 -24.63 -58.93 -37.33
C SER A 265 -25.30 -59.03 -35.98
N GLN A 266 -26.56 -58.57 -35.93
CA GLN A 266 -27.35 -58.72 -34.71
C GLN A 266 -27.70 -60.18 -34.44
N ASP A 267 -27.74 -61.04 -35.48
CA ASP A 267 -27.89 -62.46 -35.25
C ASP A 267 -26.59 -63.11 -34.78
N LYS A 268 -25.46 -62.64 -35.27
CA LYS A 268 -24.15 -63.16 -34.88
C LYS A 268 -23.20 -61.99 -34.57
N PRO A 269 -23.40 -61.31 -33.42
CA PRO A 269 -22.45 -60.26 -33.01
C PRO A 269 -21.08 -60.84 -32.66
N LEU A 270 -20.05 -60.09 -33.01
CA LEU A 270 -18.66 -60.52 -32.81
C LEU A 270 -18.12 -59.91 -31.52
N LEU A 271 -17.54 -60.74 -30.67
CA LEU A 271 -16.98 -60.31 -29.40
C LEU A 271 -15.53 -60.79 -29.31
N GLY A 272 -14.60 -59.83 -29.35
CA GLY A 272 -13.19 -60.13 -29.29
C GLY A 272 -12.70 -59.82 -27.90
N LEU A 273 -12.19 -60.84 -27.22
CA LEU A 273 -11.58 -60.74 -25.92
C LEU A 273 -10.12 -61.21 -26.03
N PHE A 274 -9.18 -60.25 -26.13
CA PHE A 274 -7.82 -60.59 -26.55
C PHE A 274 -6.82 -60.59 -25.40
N ALA A 275 -7.23 -60.23 -24.19
CA ALA A 275 -6.36 -60.10 -23.04
C ALA A 275 -7.23 -60.19 -21.78
N ASP A 276 -6.61 -60.58 -20.67
CA ASP A 276 -7.32 -60.63 -19.38
C ASP A 276 -7.77 -59.25 -18.93
N GLY A 277 -6.83 -58.30 -18.88
CA GLY A 277 -7.13 -56.90 -18.68
C GLY A 277 -6.83 -56.10 -19.94
N ASN A 278 -6.00 -55.06 -19.83
CA ASN A 278 -5.65 -54.28 -21.00
C ASN A 278 -4.82 -55.10 -21.99
N MET A 279 -5.02 -54.82 -23.27
CA MET A 279 -4.15 -55.39 -24.29
C MET A 279 -2.71 -54.91 -24.06
N PRO A 280 -1.69 -55.75 -24.29
CA PRO A 280 -0.29 -55.34 -24.04
C PRO A 280 0.13 -54.15 -24.88
N VAL A 281 0.88 -53.21 -24.29
CA VAL A 281 1.35 -52.08 -25.10
C VAL A 281 2.41 -52.51 -26.12
N ARG A 282 2.59 -51.66 -27.14
CA ARG A 282 3.49 -51.97 -28.25
C ARG A 282 4.95 -51.77 -27.90
N TRP A 283 5.27 -50.75 -27.09
CA TRP A 283 6.65 -50.36 -26.83
C TRP A 283 6.95 -50.35 -25.35
N GLU A 284 8.22 -50.57 -25.01
CA GLU A 284 8.69 -50.48 -23.64
C GLU A 284 9.87 -49.52 -23.55
N GLY A 285 10.03 -48.99 -22.35
CA GLY A 285 11.17 -48.20 -21.98
C GLY A 285 11.18 -47.99 -20.48
N PRO A 286 12.30 -47.53 -19.93
CA PRO A 286 12.35 -47.24 -18.48
C PRO A 286 11.46 -46.07 -18.09
N LYS A 287 11.01 -46.10 -16.84
CA LYS A 287 10.22 -45.02 -16.31
C LYS A 287 11.05 -43.74 -16.25
N ALA A 288 10.38 -42.61 -16.42
CA ALA A 288 11.08 -41.34 -16.20
C ALA A 288 11.48 -41.23 -14.73
N SER A 289 12.53 -40.47 -14.46
CA SER A 289 13.07 -40.44 -13.11
C SER A 289 13.58 -39.05 -12.76
N TYR A 290 13.82 -38.85 -11.47
CA TYR A 290 14.26 -37.55 -11.00
C TYR A 290 15.61 -37.17 -11.58
N HIS A 291 15.64 -36.03 -12.27
CA HIS A 291 16.81 -35.59 -13.01
C HIS A 291 17.22 -36.64 -14.05
N GLY A 292 16.25 -37.41 -14.52
CA GLY A 292 16.56 -38.51 -15.43
C GLY A 292 17.27 -38.08 -16.70
N ASN A 293 17.03 -36.85 -17.14
CA ASN A 293 17.63 -36.31 -18.36
C ASN A 293 19.07 -35.88 -18.14
N ILE A 294 19.48 -35.75 -16.89
CA ILE A 294 20.85 -35.36 -16.53
C ILE A 294 21.67 -36.57 -16.15
N ASP A 295 21.12 -37.40 -15.28
CA ASP A 295 21.85 -38.47 -14.64
C ASP A 295 21.79 -39.80 -15.36
N LYS A 296 20.94 -39.91 -16.39
CA LYS A 296 20.89 -41.17 -17.18
C LYS A 296 20.99 -40.85 -18.67
N PRO A 297 21.48 -41.80 -19.51
CA PRO A 297 21.65 -41.52 -20.91
C PRO A 297 20.31 -41.46 -21.62
N PRO A 298 20.27 -40.89 -22.83
CA PRO A 298 19.02 -40.87 -23.60
C PRO A 298 18.57 -42.28 -23.95
N VAL A 299 17.27 -42.43 -24.15
CA VAL A 299 16.61 -43.70 -24.20
C VAL A 299 16.18 -43.97 -25.62
N THR A 300 16.27 -45.22 -26.06
CA THR A 300 15.65 -45.66 -27.31
C THR A 300 14.53 -46.65 -26.97
N CYS A 301 13.32 -46.35 -27.42
CA CYS A 301 12.19 -47.23 -27.15
C CYS A 301 12.38 -48.53 -27.89
N THR A 302 11.96 -49.63 -27.26
CA THR A 302 12.03 -50.95 -27.88
C THR A 302 10.66 -51.58 -27.85
N PRO A 303 10.39 -52.50 -28.77
CA PRO A 303 9.09 -53.17 -28.77
C PRO A 303 8.92 -54.02 -27.53
N ASN A 304 7.67 -54.20 -27.15
CA ASN A 304 7.37 -54.91 -25.94
C ASN A 304 7.67 -56.39 -26.15
N PRO A 305 8.63 -56.97 -25.43
CA PRO A 305 8.93 -58.39 -25.65
C PRO A 305 7.84 -59.33 -25.14
N LYS A 306 7.00 -58.86 -24.23
CA LYS A 306 5.92 -59.67 -23.69
C LYS A 306 4.70 -59.72 -24.60
N ARG A 307 4.73 -59.01 -25.72
CA ARG A 307 3.57 -58.90 -26.58
C ARG A 307 3.67 -59.96 -27.68
N ASP A 308 2.86 -60.99 -27.58
CA ASP A 308 2.93 -62.09 -28.52
C ASP A 308 2.35 -61.65 -29.85
N ALA A 309 2.81 -62.28 -30.94
CA ALA A 309 2.35 -61.91 -32.28
C ALA A 309 0.89 -62.31 -32.52
N SER A 310 0.33 -63.19 -31.69
CA SER A 310 -1.04 -63.65 -31.88
C SER A 310 -2.07 -62.61 -31.44
N VAL A 311 -1.63 -61.57 -30.71
CA VAL A 311 -2.47 -60.46 -30.27
C VAL A 311 -2.67 -59.48 -31.43
N PRO A 312 -3.91 -59.25 -31.88
CA PRO A 312 -4.10 -58.29 -32.97
C PRO A 312 -3.73 -56.88 -32.56
N THR A 313 -3.25 -56.09 -33.52
CA THR A 313 -2.99 -54.70 -33.23
C THR A 313 -4.27 -53.88 -33.35
N LEU A 314 -4.18 -52.65 -32.86
CA LEU A 314 -5.29 -51.70 -33.02
C LEU A 314 -5.62 -51.51 -34.49
N ALA A 315 -4.62 -51.41 -35.35
CA ALA A 315 -4.90 -51.24 -36.77
C ALA A 315 -5.62 -52.45 -37.35
N GLN A 316 -5.23 -53.65 -36.92
CA GLN A 316 -5.88 -54.84 -37.46
C GLN A 316 -7.31 -54.96 -36.95
N MET A 317 -7.54 -54.65 -35.67
CA MET A 317 -8.93 -54.62 -35.19
C MET A 317 -9.73 -53.55 -35.91
N THR A 318 -9.15 -52.36 -36.13
CA THR A 318 -9.87 -51.31 -36.82
C THR A 318 -10.30 -51.73 -38.22
N GLU A 319 -9.36 -52.24 -39.02
CA GLU A 319 -9.65 -52.62 -40.39
C GLU A 319 -10.69 -53.72 -40.47
N LYS A 320 -10.64 -54.68 -39.55
CA LYS A 320 -11.59 -55.78 -39.58
C LYS A 320 -12.98 -55.29 -39.16
N ALA A 321 -13.04 -54.41 -38.17
CA ALA A 321 -14.31 -53.82 -37.79
C ALA A 321 -14.96 -53.10 -38.97
N ILE A 322 -14.19 -52.26 -39.69
CA ILE A 322 -14.71 -51.52 -40.83
C ILE A 322 -15.16 -52.50 -41.91
N ASP A 323 -14.34 -53.51 -42.18
CA ASP A 323 -14.70 -54.52 -43.18
C ASP A 323 -16.06 -55.10 -42.86
N LEU A 324 -16.25 -55.50 -41.61
CA LEU A 324 -17.48 -56.19 -41.24
C LEU A 324 -18.64 -55.20 -41.08
N LEU A 325 -18.38 -54.00 -40.57
CA LEU A 325 -19.49 -53.08 -40.39
C LEU A 325 -19.94 -52.47 -41.71
N SER A 326 -19.02 -52.32 -42.67
CA SER A 326 -19.40 -51.73 -43.94
C SER A 326 -20.31 -52.63 -44.77
N ARG A 327 -20.51 -53.90 -44.41
CA ARG A 327 -21.45 -54.72 -45.17
C ARG A 327 -22.89 -54.22 -45.02
N ASN A 328 -23.21 -53.55 -43.92
CA ASN A 328 -24.56 -53.04 -43.70
C ASN A 328 -24.83 -51.85 -44.61
N GLU A 329 -25.82 -52.00 -45.50
CA GLU A 329 -26.13 -50.98 -46.49
C GLU A 329 -26.62 -49.67 -45.88
N LYS A 330 -27.12 -49.69 -44.65
CA LYS A 330 -27.69 -48.47 -44.10
C LYS A 330 -26.63 -47.54 -43.54
N GLY A 331 -25.44 -48.06 -43.27
CA GLY A 331 -24.36 -47.34 -42.64
C GLY A 331 -23.98 -47.93 -41.30
N PHE A 332 -22.90 -47.37 -40.73
CA PHE A 332 -22.45 -47.82 -39.43
C PHE A 332 -21.85 -46.68 -38.60
N PHE A 333 -21.80 -46.92 -37.30
CA PHE A 333 -21.08 -46.09 -36.35
C PHE A 333 -20.00 -46.93 -35.71
N LEU A 334 -18.76 -46.40 -35.64
CA LEU A 334 -17.65 -47.12 -35.04
C LEU A 334 -16.82 -46.16 -34.17
N GLN A 335 -16.56 -46.57 -32.93
CA GLN A 335 -15.62 -45.89 -32.05
C GLN A 335 -14.37 -46.75 -31.87
N VAL A 336 -13.19 -46.14 -32.00
CA VAL A 336 -11.92 -46.84 -31.76
C VAL A 336 -11.13 -46.04 -30.73
N GLU A 337 -10.64 -46.72 -29.70
CA GLU A 337 -9.80 -46.07 -28.71
C GLU A 337 -8.39 -46.64 -28.69
N GLY A 338 -7.40 -45.77 -28.84
CA GLY A 338 -6.04 -46.09 -28.36
C GLY A 338 -5.94 -45.76 -26.88
N ALA A 339 -6.07 -46.77 -26.03
CA ALA A 339 -6.42 -46.52 -24.63
C ALA A 339 -5.20 -46.30 -23.75
N SER A 340 -4.06 -46.86 -24.11
CA SER A 340 -2.94 -46.90 -23.18
C SER A 340 -1.97 -45.73 -23.33
N ILE A 341 -2.27 -44.77 -24.21
CA ILE A 341 -1.54 -43.50 -24.21
C ILE A 341 -1.63 -42.88 -22.82
N ASP A 342 -2.87 -42.72 -22.35
CA ASP A 342 -3.15 -42.20 -21.01
C ASP A 342 -2.50 -43.04 -19.91
N LYS A 343 -2.70 -44.36 -19.98
CA LYS A 343 -2.18 -45.26 -18.93
C LYS A 343 -0.66 -45.11 -18.79
N GLN A 344 0.05 -45.03 -19.90
CA GLN A 344 1.50 -44.93 -19.84
C GLN A 344 1.93 -43.51 -19.46
N ASP A 345 1.15 -42.51 -19.88
CA ASP A 345 1.31 -41.14 -19.36
C ASP A 345 1.23 -41.13 -17.84
N HIS A 346 0.23 -41.81 -17.27
CA HIS A 346 0.09 -41.86 -15.82
C HIS A 346 1.37 -42.37 -15.18
N ALA A 347 1.93 -43.44 -15.75
CA ALA A 347 3.10 -44.14 -15.26
C ALA A 347 4.39 -43.42 -15.63
N ALA A 348 4.30 -42.22 -16.19
CA ALA A 348 5.47 -41.45 -16.57
C ALA A 348 6.41 -42.32 -17.40
N ASN A 349 5.84 -42.99 -18.42
CA ASN A 349 6.62 -43.85 -19.30
C ASN A 349 6.53 -43.32 -20.72
N PRO A 350 7.48 -42.46 -21.12
CA PRO A 350 7.41 -41.91 -22.49
C PRO A 350 7.36 -42.96 -23.59
N CYS A 351 8.11 -44.06 -23.47
CA CYS A 351 8.14 -45.03 -24.57
C CYS A 351 6.81 -45.74 -24.73
N GLY A 352 6.21 -46.16 -23.62
CA GLY A 352 4.88 -46.75 -23.69
C GLY A 352 3.88 -45.77 -24.24
N GLN A 353 3.97 -44.52 -23.77
CA GLN A 353 3.04 -43.49 -24.22
C GLN A 353 3.16 -43.20 -25.71
N ILE A 354 4.40 -43.04 -26.20
CA ILE A 354 4.61 -42.74 -27.61
C ILE A 354 4.21 -43.93 -28.48
N GLY A 355 4.58 -45.13 -28.06
CA GLY A 355 4.18 -46.32 -28.81
C GLY A 355 2.69 -46.37 -29.02
N GLU A 356 1.89 -46.08 -27.99
CA GLU A 356 0.46 -46.19 -28.22
C GLU A 356 -0.07 -45.04 -29.06
N THR A 357 0.66 -43.92 -29.16
CA THR A 357 0.25 -42.86 -30.09
C THR A 357 0.55 -43.29 -31.53
N VAL A 358 1.74 -43.83 -31.76
CA VAL A 358 2.09 -44.42 -33.07
C VAL A 358 1.08 -45.49 -33.44
N ASP A 359 0.72 -46.33 -32.48
CA ASP A 359 -0.30 -47.34 -32.69
C ASP A 359 -1.62 -46.72 -33.15
N LEU A 360 -2.07 -45.68 -32.46
CA LEU A 360 -3.32 -45.02 -32.85
C LEU A 360 -3.23 -44.46 -34.27
N ASP A 361 -2.07 -43.89 -34.63
CA ASP A 361 -1.89 -43.33 -35.96
C ASP A 361 -2.09 -44.37 -37.04
N GLU A 362 -1.65 -45.60 -36.81
CA GLU A 362 -1.87 -46.66 -37.80
C GLU A 362 -3.36 -46.95 -37.96
N ALA A 363 -4.10 -46.94 -36.86
CA ALA A 363 -5.55 -47.18 -36.98
C ALA A 363 -6.27 -46.03 -37.68
N VAL A 364 -5.83 -44.79 -37.44
CA VAL A 364 -6.42 -43.65 -38.15
C VAL A 364 -6.18 -43.79 -39.63
N GLN A 365 -5.02 -44.30 -40.02
CA GLN A 365 -4.75 -44.53 -41.45
C GLN A 365 -5.76 -45.48 -42.04
N LYS A 366 -6.10 -46.54 -41.32
CA LYS A 366 -7.08 -47.48 -41.83
C LYS A 366 -8.43 -46.82 -42.03
N ALA A 367 -8.84 -46.00 -41.06
CA ALA A 367 -10.12 -45.31 -41.16
C ALA A 367 -10.12 -44.32 -42.32
N LEU A 368 -9.03 -43.51 -42.46
CA LEU A 368 -8.98 -42.52 -43.53
C LEU A 368 -8.92 -43.16 -44.92
N GLU A 369 -8.20 -44.27 -45.06
CA GLU A 369 -8.14 -44.95 -46.35
C GLU A 369 -9.52 -45.45 -46.76
N PHE A 370 -10.28 -46.03 -45.82
CA PHE A 370 -11.65 -46.38 -46.11
C PHE A 370 -12.46 -45.13 -46.46
N ALA A 371 -12.33 -44.07 -45.65
CA ALA A 371 -13.19 -42.90 -45.81
C ALA A 371 -12.97 -42.21 -47.14
N ARG A 372 -11.72 -42.16 -47.60
CA ARG A 372 -11.43 -41.48 -48.86
C ARG A 372 -12.02 -42.23 -50.05
N LYS A 373 -12.09 -43.56 -50.01
CA LYS A 373 -12.69 -44.27 -51.14
C LYS A 373 -14.19 -44.36 -51.02
N ASP A 374 -14.69 -44.39 -49.80
CA ASP A 374 -16.13 -44.45 -49.59
C ASP A 374 -16.79 -43.14 -49.98
N GLY A 375 -16.22 -42.01 -49.55
CA GLY A 375 -16.77 -40.70 -49.85
C GLY A 375 -17.90 -40.24 -48.95
N ASN A 376 -18.46 -41.10 -48.10
CA ASN A 376 -19.64 -40.75 -47.29
C ASN A 376 -19.41 -41.00 -45.80
N THR A 377 -18.14 -40.95 -45.38
CA THR A 377 -17.72 -41.33 -44.04
C THR A 377 -17.12 -40.09 -43.37
N LEU A 378 -17.65 -39.72 -42.21
CA LEU A 378 -17.03 -38.73 -41.33
C LEU A 378 -16.06 -39.47 -40.41
N VAL A 379 -14.83 -39.02 -40.40
CA VAL A 379 -13.78 -39.54 -39.50
C VAL A 379 -13.41 -38.40 -38.57
N ILE A 380 -13.36 -38.68 -37.27
CA ILE A 380 -12.91 -37.73 -36.25
C ILE A 380 -11.82 -38.35 -35.39
N VAL A 381 -10.82 -37.53 -35.04
CA VAL A 381 -9.69 -37.92 -34.19
C VAL A 381 -9.49 -36.85 -33.11
N THR A 382 -9.56 -37.26 -31.85
CA THR A 382 -9.39 -36.33 -30.73
C THR A 382 -9.01 -37.12 -29.48
N ALA A 383 -9.09 -36.48 -28.32
CA ALA A 383 -8.82 -37.10 -27.04
C ALA A 383 -9.96 -36.82 -26.08
N ASP A 384 -10.03 -37.62 -25.01
CA ASP A 384 -11.02 -37.35 -23.97
C ASP A 384 -10.61 -36.20 -23.04
N HIS A 385 -9.31 -36.02 -22.83
CA HIS A 385 -8.79 -34.94 -22.01
C HIS A 385 -7.28 -34.91 -22.23
N ALA A 386 -6.63 -33.91 -21.66
CA ALA A 386 -5.19 -33.79 -21.80
C ALA A 386 -4.48 -34.41 -20.61
N HIS A 387 -3.17 -34.46 -20.72
CA HIS A 387 -2.41 -35.21 -19.76
C HIS A 387 -1.18 -34.41 -19.35
N ALA A 388 -0.26 -35.11 -18.69
CA ALA A 388 0.77 -34.48 -17.89
C ALA A 388 2.03 -34.19 -18.70
N SER A 389 2.37 -35.02 -19.66
CA SER A 389 3.72 -34.99 -20.24
C SER A 389 3.98 -33.66 -20.93
N GLN A 390 5.19 -33.14 -20.75
CA GLN A 390 5.62 -31.91 -21.41
C GLN A 390 6.97 -32.12 -22.08
N ILE A 391 7.21 -31.40 -23.16
CA ILE A 391 8.49 -31.37 -23.85
C ILE A 391 9.21 -30.12 -23.37
N ILE A 392 10.35 -30.31 -22.76
CA ILE A 392 11.08 -29.21 -22.17
C ILE A 392 12.54 -29.26 -22.61
N PRO A 393 13.31 -28.20 -22.36
CA PRO A 393 14.69 -28.15 -22.87
C PRO A 393 15.57 -29.28 -22.37
N ALA A 394 16.48 -29.69 -23.24
CA ALA A 394 17.34 -30.83 -22.95
C ALA A 394 18.09 -30.71 -21.64
N ASP A 395 18.49 -29.49 -21.26
CA ASP A 395 19.30 -29.28 -20.06
C ASP A 395 18.48 -28.86 -18.84
N SER A 396 17.16 -29.07 -18.88
CA SER A 396 16.30 -28.71 -17.77
C SER A 396 16.63 -29.51 -16.51
N LYS A 397 16.53 -28.84 -15.36
CA LYS A 397 16.57 -29.48 -14.04
C LYS A 397 15.19 -29.25 -13.45
N ALA A 398 14.39 -30.29 -13.46
CA ALA A 398 12.97 -30.26 -13.14
C ALA A 398 12.71 -30.96 -11.83
N PRO A 399 11.61 -30.64 -11.15
CA PRO A 399 11.35 -31.28 -9.85
C PRO A 399 10.67 -32.63 -9.95
N GLY A 400 10.07 -32.95 -11.08
CA GLY A 400 9.32 -34.20 -11.20
C GLY A 400 10.16 -35.32 -11.77
N LEU A 401 9.55 -36.08 -12.69
CA LEU A 401 10.24 -37.17 -13.39
C LEU A 401 10.50 -36.77 -14.83
N THR A 402 11.73 -37.00 -15.30
CA THR A 402 12.12 -36.67 -16.66
C THR A 402 12.88 -37.79 -17.33
N GLN A 403 13.03 -37.64 -18.64
CA GLN A 403 13.75 -38.63 -19.43
C GLN A 403 14.19 -38.01 -20.74
N ALA A 404 15.39 -38.38 -21.18
CA ALA A 404 15.92 -37.96 -22.46
C ALA A 404 15.74 -39.09 -23.47
N LEU A 405 15.32 -38.73 -24.68
CA LEU A 405 15.03 -39.67 -25.75
C LEU A 405 15.79 -39.31 -27.01
N ASN A 406 16.33 -40.34 -27.65
CA ASN A 406 16.87 -40.21 -29.01
C ASN A 406 15.73 -40.23 -30.02
N THR A 407 15.59 -39.20 -30.86
CA THR A 407 14.46 -39.13 -31.78
C THR A 407 14.84 -39.56 -33.20
N HIS A 408 13.82 -39.62 -34.07
CA HIS A 408 14.04 -39.85 -35.50
C HIS A 408 15.00 -38.83 -36.10
N ASP A 409 15.05 -37.59 -35.57
CA ASP A 409 15.93 -36.56 -36.09
C ASP A 409 17.40 -36.75 -35.71
N GLY A 410 17.73 -37.65 -34.79
CA GLY A 410 19.07 -37.70 -34.27
C GLY A 410 19.35 -36.59 -33.27
N ALA A 411 18.31 -36.09 -32.62
CA ALA A 411 18.44 -35.06 -31.61
C ALA A 411 17.81 -35.60 -30.33
N VAL A 412 18.13 -34.98 -29.22
CA VAL A 412 17.62 -35.42 -27.94
C VAL A 412 16.40 -34.58 -27.58
N MET A 413 15.30 -35.26 -27.28
CA MET A 413 14.10 -34.69 -26.67
C MET A 413 14.07 -35.00 -25.19
N VAL A 414 13.59 -34.05 -24.39
CA VAL A 414 13.29 -34.35 -22.99
C VAL A 414 11.80 -34.22 -22.73
N MET A 415 11.23 -35.24 -22.08
CA MET A 415 9.87 -35.25 -21.60
C MET A 415 9.84 -35.28 -20.07
N SER A 416 8.81 -34.66 -19.54
CA SER A 416 8.72 -34.31 -18.13
C SER A 416 7.31 -34.54 -17.61
N TYR A 417 7.24 -35.15 -16.42
CA TYR A 417 6.00 -35.42 -15.70
C TYR A 417 6.10 -34.72 -14.36
N GLY A 418 5.52 -33.53 -14.27
CA GLY A 418 5.76 -32.63 -13.15
C GLY A 418 4.54 -32.26 -12.34
N ASN A 419 3.44 -32.99 -12.47
CA ASN A 419 2.22 -32.56 -11.82
C ASN A 419 1.72 -33.49 -10.72
N SER A 420 2.50 -34.50 -10.33
CA SER A 420 2.09 -35.36 -9.22
C SER A 420 3.27 -36.03 -8.52
N GLU A 421 3.23 -35.99 -7.18
CA GLU A 421 4.15 -36.78 -6.36
C GLU A 421 3.60 -38.16 -6.05
N GLU A 422 2.32 -38.40 -6.35
CA GLU A 422 1.68 -39.69 -6.10
C GLU A 422 2.18 -40.72 -7.11
N GLU A 423 1.63 -41.94 -7.03
CA GLU A 423 2.10 -43.01 -7.91
C GLU A 423 1.68 -42.77 -9.36
N SER A 424 0.66 -41.95 -9.59
CA SER A 424 0.10 -41.71 -10.92
C SER A 424 0.08 -40.22 -11.21
N MET A 425 0.48 -39.85 -12.43
CA MET A 425 0.45 -38.48 -12.91
C MET A 425 -1.01 -38.04 -13.18
N GLU A 426 -1.24 -36.72 -13.15
CA GLU A 426 -2.59 -36.19 -13.22
C GLU A 426 -2.93 -35.78 -14.65
N HIS A 427 -4.21 -35.97 -15.01
CA HIS A 427 -4.77 -35.32 -16.18
C HIS A 427 -4.56 -33.83 -16.09
N THR A 428 -4.73 -33.15 -17.21
CA THR A 428 -4.72 -31.71 -17.22
C THR A 428 -5.89 -31.19 -18.00
N GLY A 429 -6.25 -29.95 -17.70
CA GLY A 429 -7.46 -29.33 -18.18
C GLY A 429 -7.37 -28.55 -19.46
N THR A 430 -6.21 -28.47 -20.11
CA THR A 430 -6.12 -27.65 -21.31
C THR A 430 -7.06 -28.14 -22.40
N GLN A 431 -7.73 -27.21 -23.09
CA GLN A 431 -8.35 -27.57 -24.36
C GLN A 431 -7.33 -28.24 -25.28
N LEU A 432 -7.83 -29.03 -26.24
CA LEU A 432 -6.96 -29.82 -27.09
C LEU A 432 -7.61 -30.11 -28.45
N ARG A 433 -6.77 -30.62 -29.34
CA ARG A 433 -7.13 -30.75 -30.75
C ARG A 433 -8.27 -31.75 -30.99
N ILE A 434 -9.17 -31.34 -31.87
CA ILE A 434 -10.13 -32.21 -32.52
C ILE A 434 -10.01 -31.93 -34.01
N ALA A 435 -9.95 -32.99 -34.81
CA ALA A 435 -9.76 -32.92 -36.24
C ALA A 435 -10.69 -33.91 -36.91
N ALA A 436 -11.06 -33.61 -38.14
CA ALA A 436 -12.10 -34.37 -38.83
C ALA A 436 -11.94 -34.31 -40.35
N TYR A 437 -12.56 -35.29 -40.99
CA TYR A 437 -12.54 -35.44 -42.45
C TYR A 437 -13.91 -35.94 -42.90
N GLY A 438 -14.42 -35.38 -43.98
CA GLY A 438 -15.62 -35.90 -44.59
C GLY A 438 -16.85 -35.09 -44.25
N PRO A 439 -18.02 -35.63 -44.59
CA PRO A 439 -19.27 -34.89 -44.37
C PRO A 439 -19.44 -34.44 -42.92
N HIS A 440 -19.80 -33.16 -42.74
CA HIS A 440 -20.09 -32.52 -41.46
C HIS A 440 -18.83 -32.22 -40.64
N ALA A 441 -17.65 -32.45 -41.23
CA ALA A 441 -16.41 -32.20 -40.53
C ALA A 441 -16.22 -30.74 -40.16
N ALA A 442 -16.90 -29.81 -40.83
CA ALA A 442 -16.71 -28.41 -40.50
C ALA A 442 -17.14 -28.10 -39.08
N ASN A 443 -18.00 -28.94 -38.51
CA ASN A 443 -18.52 -28.67 -37.17
C ASN A 443 -17.47 -28.88 -36.07
N VAL A 444 -16.22 -29.23 -36.39
CA VAL A 444 -15.16 -29.31 -35.39
C VAL A 444 -14.20 -28.12 -35.43
N VAL A 445 -14.39 -27.20 -36.37
CA VAL A 445 -13.49 -26.06 -36.53
C VAL A 445 -13.86 -24.98 -35.52
N GLY A 446 -12.85 -24.22 -35.10
CA GLY A 446 -13.06 -23.20 -34.08
C GLY A 446 -13.09 -23.81 -32.69
N LEU A 447 -13.63 -23.05 -31.74
CA LEU A 447 -13.75 -23.50 -30.36
C LEU A 447 -15.08 -24.24 -30.22
N THR A 448 -15.04 -25.51 -29.80
CA THR A 448 -16.25 -26.24 -29.51
C THR A 448 -16.14 -26.89 -28.14
N ASP A 449 -17.21 -27.56 -27.74
CA ASP A 449 -17.23 -28.30 -26.50
C ASP A 449 -17.34 -29.78 -26.81
N GLN A 450 -16.83 -30.61 -25.90
CA GLN A 450 -16.92 -32.05 -26.08
C GLN A 450 -18.37 -32.50 -26.31
N THR A 451 -19.35 -31.83 -25.68
CA THR A 451 -20.74 -32.20 -25.90
C THR A 451 -21.22 -31.80 -27.28
N ASP A 452 -20.56 -30.83 -27.93
CA ASP A 452 -20.87 -30.56 -29.33
C ASP A 452 -20.56 -31.77 -30.20
N LEU A 453 -19.53 -32.55 -29.84
CA LEU A 453 -19.17 -33.70 -30.65
C LEU A 453 -20.34 -34.70 -30.76
N PHE A 454 -21.09 -34.88 -29.66
CA PHE A 454 -22.28 -35.76 -29.71
C PHE A 454 -23.24 -35.28 -30.79
N THR A 455 -23.58 -33.99 -30.73
CA THR A 455 -24.55 -33.39 -31.63
C THR A 455 -24.08 -33.47 -33.06
N THR A 456 -22.79 -33.27 -33.28
CA THR A 456 -22.19 -33.32 -34.61
C THR A 456 -22.33 -34.72 -35.20
N MET A 457 -22.06 -35.72 -34.40
CA MET A 457 -22.14 -37.10 -34.82
C MET A 457 -23.59 -37.47 -35.09
N LYS A 458 -24.47 -37.02 -34.19
CA LYS A 458 -25.90 -37.28 -34.32
C LYS A 458 -26.47 -36.63 -35.59
N ALA A 459 -26.14 -35.35 -35.81
CA ALA A 459 -26.62 -34.66 -37.01
C ALA A 459 -26.02 -35.26 -38.28
N ALA A 460 -24.74 -35.63 -38.23
CA ALA A 460 -24.08 -36.22 -39.40
C ALA A 460 -24.82 -37.46 -39.90
N LEU A 461 -25.31 -38.29 -38.97
CA LEU A 461 -26.02 -39.53 -39.23
C LEU A 461 -27.53 -39.33 -39.34
N SER A 462 -28.00 -38.10 -39.34
CA SER A 462 -29.41 -37.78 -39.48
C SER A 462 -30.27 -38.44 -38.40
N LEU A 463 -29.68 -38.66 -37.23
CA LEU A 463 -30.39 -39.30 -36.11
C LEU A 463 -31.27 -38.26 -35.42
N LYS A 464 -32.43 -38.71 -34.94
CA LYS A 464 -33.44 -37.77 -34.42
C LYS A 464 -33.22 -37.40 -32.95
N ASN B 24 -21.10 -16.30 -31.45
CA ASN B 24 -20.91 -16.61 -30.02
C ASN B 24 -20.55 -18.10 -29.86
N ARG B 25 -19.55 -18.38 -29.02
CA ARG B 25 -19.15 -19.75 -28.73
C ARG B 25 -19.16 -20.01 -27.22
N ALA B 26 -19.97 -19.27 -26.47
CA ALA B 26 -20.26 -19.62 -25.09
C ALA B 26 -21.16 -20.86 -25.03
N ALA B 27 -21.12 -21.54 -23.88
CA ALA B 27 -22.11 -22.58 -23.59
C ALA B 27 -23.51 -22.00 -23.73
N GLN B 28 -24.40 -22.72 -24.45
CA GLN B 28 -25.66 -22.12 -24.87
C GLN B 28 -26.75 -22.16 -23.79
N GLY B 29 -26.69 -23.09 -22.85
CA GLY B 29 -27.72 -23.20 -21.85
C GLY B 29 -27.26 -23.57 -20.44
N ASP B 30 -28.02 -24.47 -19.83
CA ASP B 30 -27.77 -25.01 -18.50
C ASP B 30 -26.83 -26.22 -18.66
N ILE B 31 -25.58 -26.06 -18.24
CA ILE B 31 -24.56 -27.08 -18.49
C ILE B 31 -24.82 -28.37 -17.74
N THR B 32 -25.80 -28.39 -16.83
CA THR B 32 -26.19 -29.65 -16.20
C THR B 32 -27.17 -30.46 -17.04
N THR B 33 -27.71 -29.89 -18.09
CA THR B 33 -28.70 -30.57 -18.91
C THR B 33 -28.17 -30.92 -20.28
N PRO B 34 -28.80 -31.87 -20.95
CA PRO B 34 -28.31 -32.26 -22.29
C PRO B 34 -28.31 -31.08 -23.24
N GLY B 35 -27.18 -30.88 -23.89
CA GLY B 35 -27.01 -29.78 -24.82
C GLY B 35 -26.62 -28.46 -24.19
N GLY B 36 -26.69 -28.35 -22.87
CA GLY B 36 -26.60 -27.04 -22.28
C GLY B 36 -25.23 -26.44 -22.39
N ALA B 37 -24.19 -27.28 -22.55
CA ALA B 37 -22.82 -26.82 -22.63
C ALA B 37 -22.30 -26.72 -24.06
N ARG B 38 -23.12 -27.03 -25.06
CA ARG B 38 -22.76 -26.79 -26.44
C ARG B 38 -22.43 -25.33 -26.69
N ARG B 39 -21.36 -25.12 -27.45
CA ARG B 39 -21.00 -23.82 -28.00
C ARG B 39 -21.61 -23.59 -29.38
N LEU B 40 -22.10 -24.64 -30.04
CA LEU B 40 -22.65 -24.50 -31.39
C LEU B 40 -24.18 -24.44 -31.35
N THR B 41 -24.72 -23.55 -32.16
CA THR B 41 -26.17 -23.37 -32.33
C THR B 41 -26.73 -24.21 -33.47
N GLY B 42 -25.86 -24.80 -34.29
CA GLY B 42 -26.31 -25.56 -35.43
C GLY B 42 -25.14 -25.83 -36.38
N ASP B 43 -25.47 -26.34 -37.56
CA ASP B 43 -24.44 -26.70 -38.52
C ASP B 43 -23.62 -25.49 -38.94
N GLN B 44 -22.31 -25.70 -39.12
CA GLN B 44 -21.39 -24.59 -39.43
C GLN B 44 -20.85 -24.60 -40.87
N THR B 45 -21.20 -25.61 -41.66
CA THR B 45 -20.58 -25.74 -42.97
C THR B 45 -20.75 -24.48 -43.82
N GLU B 46 -21.97 -23.97 -43.91
CA GLU B 46 -22.18 -22.83 -44.81
C GLU B 46 -21.48 -21.58 -44.28
N ALA B 47 -21.53 -21.36 -42.96
CA ALA B 47 -20.85 -20.21 -42.38
C ALA B 47 -19.35 -20.30 -42.58
N LEU B 48 -18.79 -21.50 -42.43
CA LEU B 48 -17.37 -21.66 -42.67
C LEU B 48 -17.05 -21.49 -44.14
N ARG B 49 -17.93 -21.96 -45.02
CA ARG B 49 -17.75 -21.74 -46.44
C ARG B 49 -17.63 -20.26 -46.75
N ALA B 50 -18.52 -19.46 -46.17
CA ALA B 50 -18.49 -18.02 -46.37
C ALA B 50 -17.27 -17.40 -45.73
N SER B 51 -16.73 -18.00 -44.68
CA SER B 51 -15.51 -17.50 -44.06
C SER B 51 -14.28 -17.72 -44.91
N LEU B 52 -14.39 -18.48 -46.01
CA LEU B 52 -13.25 -18.80 -46.87
C LEU B 52 -13.20 -17.77 -47.99
N ILE B 53 -12.22 -16.87 -47.91
CA ILE B 53 -12.03 -15.77 -48.86
C ILE B 53 -10.62 -15.89 -49.44
N ASN B 54 -10.53 -15.97 -50.77
CA ASN B 54 -9.28 -16.19 -51.48
C ASN B 54 -8.64 -14.89 -51.95
N LYS B 55 -9.42 -13.81 -52.00
CA LYS B 55 -8.95 -12.53 -52.48
C LYS B 55 -7.75 -12.07 -51.65
N PRO B 56 -6.92 -11.19 -52.21
CA PRO B 56 -5.79 -10.66 -51.45
C PRO B 56 -6.26 -9.87 -50.23
N ALA B 57 -5.37 -9.77 -49.24
CA ALA B 57 -5.65 -8.91 -48.09
C ALA B 57 -5.06 -7.52 -48.34
N LYS B 58 -5.79 -6.49 -47.93
CA LYS B 58 -5.23 -5.15 -47.95
C LYS B 58 -4.36 -4.89 -46.72
N ASN B 59 -4.78 -5.40 -45.55
CA ASN B 59 -4.08 -5.21 -44.28
C ASN B 59 -3.94 -6.55 -43.57
N VAL B 60 -2.85 -6.70 -42.81
CA VAL B 60 -2.64 -7.89 -41.96
C VAL B 60 -2.35 -7.39 -40.55
N ILE B 61 -3.07 -7.93 -39.57
CA ILE B 61 -2.84 -7.69 -38.16
C ILE B 61 -2.50 -9.02 -37.53
N LEU B 62 -1.26 -9.16 -37.04
CA LEU B 62 -0.79 -10.34 -36.32
C LEU B 62 -0.69 -10.03 -34.83
N LEU B 63 -1.44 -10.76 -34.02
CA LEU B 63 -1.39 -10.62 -32.57
C LEU B 63 -0.74 -11.88 -31.98
N ILE B 64 0.34 -11.67 -31.23
CA ILE B 64 1.12 -12.72 -30.60
C ILE B 64 0.96 -12.60 -29.09
N GLY B 65 0.54 -13.69 -28.47
CA GLY B 65 0.62 -13.85 -27.03
C GLY B 65 1.90 -14.60 -26.70
N ASP B 66 2.88 -13.92 -26.12
CA ASP B 66 4.12 -14.62 -25.85
C ASP B 66 3.87 -15.72 -24.82
N GLY B 67 4.21 -16.95 -25.16
CA GLY B 67 3.94 -18.09 -24.30
C GLY B 67 2.51 -18.58 -24.26
N MET B 68 1.64 -18.05 -25.11
CA MET B 68 0.20 -18.34 -25.00
C MET B 68 -0.15 -19.64 -25.74
N GLY B 69 0.23 -20.75 -25.13
CA GLY B 69 -0.24 -22.02 -25.61
C GLY B 69 -1.71 -22.24 -25.26
N ASP B 70 -2.20 -23.42 -25.66
CA ASP B 70 -3.60 -23.74 -25.42
C ASP B 70 -3.89 -23.81 -23.94
N SER B 71 -2.92 -24.25 -23.13
CA SER B 71 -3.17 -24.28 -21.69
C SER B 71 -3.36 -22.89 -21.13
N GLU B 72 -2.56 -21.93 -21.59
CA GLU B 72 -2.65 -20.56 -21.11
C GLU B 72 -4.01 -19.95 -21.47
N ILE B 73 -4.46 -20.16 -22.71
CA ILE B 73 -5.79 -19.70 -23.13
C ILE B 73 -6.86 -20.30 -22.23
N THR B 74 -6.75 -21.62 -21.99
CA THR B 74 -7.79 -22.34 -21.27
C THR B 74 -7.85 -21.89 -19.82
N ALA B 75 -6.68 -21.70 -19.21
CA ALA B 75 -6.65 -21.23 -17.82
C ALA B 75 -7.25 -19.84 -17.72
N ALA B 76 -6.84 -18.93 -18.61
CA ALA B 76 -7.36 -17.56 -18.59
C ALA B 76 -8.86 -17.51 -18.87
N ARG B 77 -9.36 -18.36 -19.79
CA ARG B 77 -10.81 -18.38 -20.01
C ARG B 77 -11.53 -18.85 -18.75
N ASN B 78 -11.04 -19.94 -18.15
CA ASN B 78 -11.70 -20.51 -16.98
C ASN B 78 -11.79 -19.46 -15.88
N TYR B 79 -10.68 -18.75 -15.63
CA TYR B 79 -10.62 -17.76 -14.56
C TYR B 79 -11.52 -16.57 -14.86
N ALA B 80 -11.42 -16.02 -16.07
CA ALA B 80 -12.03 -14.72 -16.31
C ALA B 80 -13.40 -14.81 -16.96
N GLU B 81 -13.66 -15.86 -17.73
CA GLU B 81 -14.93 -15.98 -18.43
C GLU B 81 -15.74 -17.19 -17.96
N GLY B 82 -15.17 -18.07 -17.16
CA GLY B 82 -15.74 -19.34 -16.80
C GLY B 82 -15.48 -20.40 -17.86
N ALA B 83 -15.55 -21.67 -17.44
CA ALA B 83 -15.20 -22.79 -18.30
C ALA B 83 -15.99 -22.75 -19.60
N GLY B 84 -17.29 -22.50 -19.49
CA GLY B 84 -18.20 -22.40 -20.62
C GLY B 84 -18.34 -21.01 -21.19
N GLY B 85 -17.49 -20.08 -20.75
CA GLY B 85 -17.43 -18.74 -21.29
C GLY B 85 -16.69 -18.74 -22.62
N PHE B 86 -16.41 -17.52 -23.09
CA PHE B 86 -15.98 -17.25 -24.46
C PHE B 86 -15.18 -15.96 -24.43
N PHE B 87 -13.95 -16.00 -24.97
CA PHE B 87 -13.16 -14.80 -25.19
C PHE B 87 -13.66 -14.09 -26.44
N LYS B 88 -14.25 -12.91 -26.27
CA LYS B 88 -14.82 -12.12 -27.40
C LYS B 88 -13.78 -11.84 -28.49
N GLY B 89 -12.50 -11.77 -28.13
CA GLY B 89 -11.49 -11.71 -29.15
C GLY B 89 -10.81 -13.04 -29.48
N ILE B 90 -10.12 -13.60 -28.48
CA ILE B 90 -9.21 -14.71 -28.73
C ILE B 90 -9.97 -15.91 -29.31
N ASP B 91 -11.19 -16.17 -28.80
CA ASP B 91 -11.96 -17.35 -29.20
C ASP B 91 -12.88 -17.11 -30.41
N ALA B 92 -12.93 -15.91 -30.99
CA ALA B 92 -13.93 -15.62 -32.02
C ALA B 92 -13.39 -15.69 -33.44
N LEU B 93 -12.14 -16.03 -33.62
CA LEU B 93 -11.60 -16.22 -34.97
C LEU B 93 -12.02 -17.59 -35.49
N PRO B 94 -12.64 -17.66 -36.66
CA PRO B 94 -13.32 -18.91 -37.06
C PRO B 94 -12.42 -19.99 -37.66
N LEU B 95 -11.28 -19.65 -38.24
CA LEU B 95 -10.41 -20.63 -38.90
C LEU B 95 -9.21 -20.94 -38.00
N THR B 96 -9.08 -22.21 -37.61
CA THR B 96 -8.17 -22.64 -36.57
C THR B 96 -7.34 -23.82 -37.02
N GLY B 97 -6.09 -23.85 -36.56
CA GLY B 97 -5.24 -25.00 -36.69
C GLY B 97 -4.21 -25.09 -35.57
N GLN B 98 -3.23 -25.97 -35.77
CA GLN B 98 -2.11 -26.18 -34.86
C GLN B 98 -0.81 -26.04 -35.65
N TYR B 99 0.18 -25.32 -35.09
CA TYR B 99 1.48 -25.25 -35.77
C TYR B 99 2.64 -25.54 -34.84
N THR B 100 3.76 -25.86 -35.47
CA THR B 100 4.98 -26.31 -34.81
C THR B 100 5.98 -25.16 -34.80
N HIS B 101 6.77 -25.07 -33.73
CA HIS B 101 7.69 -23.94 -33.55
C HIS B 101 9.10 -24.36 -33.13
N TYR B 102 9.49 -25.61 -33.38
CA TYR B 102 10.86 -26.02 -33.06
C TYR B 102 11.88 -25.14 -33.78
N SER B 103 12.99 -24.90 -33.12
CA SER B 103 14.15 -24.18 -33.61
C SER B 103 15.22 -25.18 -34.07
N LEU B 104 16.45 -24.69 -34.26
CA LEU B 104 17.59 -25.51 -34.71
C LEU B 104 18.79 -25.36 -33.80
N ASP B 105 19.58 -26.43 -33.69
CA ASP B 105 20.89 -26.34 -33.08
C ASP B 105 21.82 -25.59 -34.04
N LYS B 106 22.49 -24.55 -33.54
CA LYS B 106 23.26 -23.68 -34.41
C LYS B 106 24.40 -24.43 -35.08
N LYS B 107 25.09 -25.27 -34.34
CA LYS B 107 26.30 -25.92 -34.89
C LYS B 107 25.94 -26.97 -35.93
N THR B 108 24.90 -27.74 -35.67
CA THR B 108 24.64 -28.89 -36.51
C THR B 108 23.43 -28.75 -37.41
N GLY B 109 22.53 -27.80 -37.12
CA GLY B 109 21.35 -27.68 -37.94
C GLY B 109 20.24 -28.65 -37.62
N LYS B 110 20.44 -29.59 -36.68
CA LYS B 110 19.36 -30.50 -36.29
C LYS B 110 18.30 -29.76 -35.47
N PRO B 111 17.07 -30.30 -35.39
CA PRO B 111 16.04 -29.63 -34.58
C PRO B 111 16.38 -29.54 -33.11
N ASP B 112 15.98 -28.42 -32.50
CA ASP B 112 15.92 -28.19 -31.05
C ASP B 112 14.44 -28.08 -30.72
N TYR B 113 13.92 -29.00 -29.91
CA TYR B 113 12.48 -29.17 -29.79
C TYR B 113 11.79 -28.08 -28.96
N VAL B 114 12.54 -27.25 -28.28
CA VAL B 114 11.98 -26.18 -27.45
C VAL B 114 12.68 -24.87 -27.83
N THR B 115 11.99 -24.02 -28.59
CA THR B 115 12.54 -22.78 -29.08
C THR B 115 12.56 -21.71 -27.96
N ASP B 116 13.32 -20.65 -28.20
CA ASP B 116 13.12 -19.42 -27.42
C ASP B 116 12.33 -18.40 -28.26
N ALA B 118 13.35 -15.53 -29.65
CA ALA B 118 14.06 -14.95 -30.80
C ALA B 118 13.97 -15.87 -32.04
N ALA B 119 14.21 -17.17 -31.87
CA ALA B 119 14.19 -18.05 -33.04
C ALA B 119 12.79 -18.23 -33.59
N SER B 120 11.78 -18.23 -32.72
CA SER B 120 10.40 -18.38 -33.19
C SER B 120 9.93 -17.12 -33.91
N ALA B 121 10.24 -15.94 -33.36
CA ALA B 121 9.88 -14.70 -34.05
C ALA B 121 10.57 -14.63 -35.41
N THR B 122 11.85 -15.00 -35.45
CA THR B 122 12.55 -15.02 -36.72
C THR B 122 11.80 -15.90 -37.72
N ALA B 123 11.25 -17.01 -37.24
CA ALA B 123 10.61 -17.97 -38.15
C ALA B 123 9.44 -17.33 -38.85
N TRP B 124 8.56 -16.66 -38.10
CA TRP B 124 7.40 -16.08 -38.76
C TRP B 124 7.68 -14.73 -39.38
N THR B 125 8.76 -14.04 -39.00
CA THR B 125 9.04 -12.76 -39.65
C THR B 125 9.87 -12.89 -40.91
N THR B 126 10.64 -13.99 -41.08
CA THR B 126 11.50 -14.20 -42.26
C THR B 126 11.20 -15.49 -43.02
N GLY B 127 10.54 -16.48 -42.40
CA GLY B 127 10.35 -17.77 -43.02
C GLY B 127 11.53 -18.71 -42.95
N VAL B 128 12.51 -18.43 -42.12
N VAL B 128 12.50 -18.39 -42.11
CA VAL B 128 13.65 -19.31 -41.93
CA VAL B 128 13.66 -19.31 -41.93
C VAL B 128 13.73 -19.73 -40.46
C VAL B 128 13.83 -19.72 -40.48
N LYS B 129 13.96 -21.02 -40.23
CA LYS B 129 14.29 -21.52 -38.91
C LYS B 129 15.68 -21.06 -38.53
N THR B 130 15.95 -20.95 -37.23
CA THR B 130 17.27 -20.55 -36.79
C THR B 130 17.52 -21.02 -35.37
N TYR B 131 18.65 -20.58 -34.77
CA TYR B 131 19.06 -21.08 -33.46
C TYR B 131 18.51 -20.20 -32.34
N ASN B 132 18.39 -20.79 -31.15
CA ASN B 132 17.86 -20.04 -30.01
C ASN B 132 18.71 -18.79 -29.72
N GLY B 133 18.04 -17.65 -29.68
CA GLY B 133 18.67 -16.37 -29.46
C GLY B 133 18.96 -15.56 -30.71
N ALA B 134 18.87 -16.16 -31.88
CA ALA B 134 19.16 -15.44 -33.11
C ALA B 134 17.98 -14.54 -33.44
N LEU B 135 18.25 -13.35 -33.99
CA LEU B 135 17.19 -12.45 -34.44
C LEU B 135 17.44 -12.09 -35.90
N GLY B 136 16.53 -12.47 -36.78
CA GLY B 136 16.63 -12.05 -38.16
C GLY B 136 17.81 -12.64 -38.93
N VAL B 137 18.48 -13.65 -38.40
CA VAL B 137 19.54 -14.36 -39.11
C VAL B 137 19.32 -15.86 -39.00
N ASP B 138 19.92 -16.61 -39.94
CA ASP B 138 19.84 -18.06 -40.01
C ASP B 138 21.03 -18.68 -39.25
N ILE B 139 21.17 -20.00 -39.28
CA ILE B 139 22.23 -20.60 -38.45
C ILE B 139 23.62 -20.24 -38.96
N HIS B 140 23.73 -19.75 -40.20
CA HIS B 140 24.99 -19.25 -40.72
C HIS B 140 25.20 -17.77 -40.44
N GLU B 141 24.30 -17.16 -39.67
CA GLU B 141 24.40 -15.76 -39.28
C GLU B 141 24.15 -14.84 -40.46
N ASN B 142 23.39 -15.33 -41.45
CA ASN B 142 23.08 -14.56 -42.63
C ASN B 142 21.71 -13.91 -42.43
N ALA B 143 21.64 -12.63 -42.69
CA ALA B 143 20.42 -11.87 -42.49
C ALA B 143 19.38 -12.21 -43.55
N HIS B 144 18.11 -12.19 -43.15
CA HIS B 144 17.02 -12.42 -44.09
C HIS B 144 15.98 -11.33 -43.89
N GLN B 145 15.39 -10.87 -44.99
CA GLN B 145 14.41 -9.80 -44.93
C GLN B 145 13.17 -10.24 -44.16
N THR B 146 12.61 -9.32 -43.41
CA THR B 146 11.44 -9.52 -42.59
C THR B 146 10.19 -9.04 -43.33
N ILE B 147 9.05 -9.49 -42.81
CA ILE B 147 7.76 -9.12 -43.39
C ILE B 147 7.53 -7.61 -43.31
N LEU B 148 7.99 -6.97 -42.23
CA LEU B 148 7.87 -5.52 -42.08
C LEU B 148 8.69 -4.79 -43.14
N GLU B 149 9.93 -5.23 -43.33
CA GLU B 149 10.80 -4.62 -44.34
C GLU B 149 10.22 -4.77 -45.74
N LEU B 150 9.66 -5.96 -46.06
CA LEU B 150 9.00 -6.20 -47.36
C LEU B 150 7.75 -5.33 -47.53
N ALA B 151 6.91 -5.24 -46.50
CA ALA B 151 5.72 -4.41 -46.64
C ALA B 151 6.10 -2.96 -46.85
N LYS B 152 7.09 -2.47 -46.10
CA LYS B 152 7.53 -1.10 -46.26
C LYS B 152 8.12 -0.86 -47.64
N ALA B 153 8.90 -1.82 -48.14
CA ALA B 153 9.47 -1.69 -49.47
C ALA B 153 8.38 -1.59 -50.55
N ALA B 154 7.22 -2.19 -50.32
CA ALA B 154 6.09 -2.08 -51.24
C ALA B 154 5.22 -0.86 -50.97
N GLY B 155 5.58 -0.01 -50.01
CA GLY B 155 4.79 1.18 -49.78
C GLY B 155 3.64 1.02 -48.81
N LEU B 156 3.51 -0.14 -48.16
CA LEU B 156 2.56 -0.31 -47.08
C LEU B 156 3.04 0.40 -45.81
N ALA B 157 2.08 0.81 -45.02
CA ALA B 157 2.38 1.33 -43.70
C ALA B 157 2.66 0.17 -42.75
N THR B 158 3.53 0.41 -41.75
CA THR B 158 3.98 -0.65 -40.86
C THR B 158 3.90 -0.22 -39.40
N GLY B 159 3.54 -1.19 -38.55
CA GLY B 159 3.40 -0.97 -37.13
C GLY B 159 3.89 -2.13 -36.28
N ASN B 160 4.50 -1.78 -35.16
CA ASN B 160 5.17 -2.72 -34.25
C ASN B 160 4.82 -2.26 -32.83
N VAL B 161 3.90 -3.00 -32.19
CA VAL B 161 3.39 -2.67 -30.86
C VAL B 161 3.67 -3.83 -29.91
N SER B 162 4.15 -3.51 -28.70
CA SER B 162 4.35 -4.53 -27.70
C SER B 162 4.25 -3.92 -26.31
N THR B 163 3.92 -4.77 -25.34
CA THR B 163 4.02 -4.40 -23.95
C THR B 163 5.39 -4.67 -23.37
N ALA B 164 6.27 -5.36 -24.10
CA ALA B 164 7.65 -5.54 -23.66
C ALA B 164 8.51 -4.32 -24.03
N GLU B 165 9.75 -4.32 -23.54
CA GLU B 165 10.75 -3.42 -24.10
C GLU B 165 10.84 -3.68 -25.63
N LEU B 166 10.91 -2.58 -26.42
CA LEU B 166 10.92 -2.69 -27.88
C LEU B 166 12.12 -3.44 -28.42
N GLN B 167 13.17 -3.57 -27.61
CA GLN B 167 14.35 -4.34 -27.98
C GLN B 167 14.20 -5.82 -27.71
N ASP B 168 13.17 -6.24 -26.99
CA ASP B 168 12.97 -7.66 -26.71
C ASP B 168 12.70 -8.43 -28.00
N ALA B 169 12.96 -9.74 -27.96
CA ALA B 169 13.00 -10.56 -29.18
C ALA B 169 11.78 -10.36 -30.06
N THR B 170 10.58 -10.40 -29.50
CA THR B 170 9.39 -10.51 -30.34
C THR B 170 9.21 -9.30 -31.25
N PRO B 171 9.25 -8.05 -30.76
CA PRO B 171 9.20 -6.89 -31.67
C PRO B 171 10.51 -6.65 -32.40
N ALA B 172 11.63 -7.01 -31.79
CA ALA B 172 12.93 -6.75 -32.40
C ALA B 172 13.11 -7.54 -33.68
N ALA B 173 12.52 -8.73 -33.75
CA ALA B 173 12.75 -9.59 -34.90
C ALA B 173 12.28 -8.95 -36.18
N LEU B 174 11.26 -8.07 -36.11
CA LEU B 174 10.75 -7.44 -37.33
C LEU B 174 11.73 -6.44 -37.94
N VAL B 175 12.73 -5.97 -37.19
CA VAL B 175 13.49 -4.80 -37.61
C VAL B 175 15.00 -4.97 -37.41
N ALA B 176 15.41 -6.01 -36.70
CA ALA B 176 16.81 -6.16 -36.35
C ALA B 176 17.35 -7.51 -36.77
N HIS B 177 18.62 -7.53 -37.16
CA HIS B 177 19.33 -8.73 -37.60
C HIS B 177 20.65 -8.77 -36.82
N VAL B 178 20.68 -9.59 -35.76
CA VAL B 178 21.84 -9.67 -34.88
C VAL B 178 22.02 -11.11 -34.44
N THR B 179 23.26 -11.44 -34.05
CA THR B 179 23.56 -12.82 -33.71
C THR B 179 23.15 -13.21 -32.31
N SER B 180 22.80 -12.25 -31.46
CA SER B 180 22.30 -12.53 -30.12
C SER B 180 21.27 -11.47 -29.72
N ARG B 181 20.12 -11.95 -29.22
CA ARG B 181 19.04 -11.07 -28.79
C ARG B 181 19.43 -10.16 -27.62
N LYS B 182 20.54 -10.44 -26.95
CA LYS B 182 21.03 -9.57 -25.89
C LYS B 182 21.53 -8.21 -26.39
N CYS B 183 21.74 -8.04 -27.70
CA CYS B 183 22.44 -6.86 -28.24
C CYS B 183 21.47 -5.67 -28.42
N TYR B 184 20.94 -5.24 -27.27
CA TYR B 184 19.91 -4.20 -27.21
C TYR B 184 20.46 -2.86 -27.71
N GLY B 185 21.61 -2.45 -27.18
CA GLY B 185 22.23 -1.19 -27.51
C GLY B 185 23.69 -1.32 -27.85
N PRO B 186 24.34 -0.21 -28.19
CA PRO B 186 25.75 -0.28 -28.65
C PRO B 186 26.66 -1.01 -27.71
N THR B 187 26.41 -0.89 -26.40
CA THR B 187 27.41 -1.33 -25.43
C THR B 187 27.49 -2.84 -25.38
N VAL B 188 26.35 -3.51 -25.29
CA VAL B 188 26.38 -4.96 -25.29
C VAL B 188 26.70 -5.48 -26.69
N THR B 189 26.18 -4.82 -27.74
CA THR B 189 26.44 -5.29 -29.10
C THR B 189 27.94 -5.35 -29.37
N SER B 190 28.69 -4.36 -28.89
CA SER B 190 30.13 -4.35 -29.14
C SER B 190 30.78 -5.57 -28.54
N GLU B 191 30.29 -6.01 -27.39
CA GLU B 191 30.87 -7.13 -26.66
C GLU B 191 30.37 -8.48 -27.19
N LYS B 192 29.06 -8.63 -27.43
CA LYS B 192 28.46 -9.94 -27.74
C LYS B 192 28.15 -10.19 -29.20
N CYS B 193 28.00 -9.16 -30.02
CA CYS B 193 27.71 -9.31 -31.44
C CYS B 193 28.69 -8.47 -32.25
N PRO B 194 29.99 -8.71 -32.08
CA PRO B 194 30.98 -7.75 -32.62
C PRO B 194 30.90 -7.55 -34.12
N SER B 195 30.42 -8.55 -34.87
CA SER B 195 30.24 -8.35 -36.29
C SER B 195 29.03 -7.51 -36.61
N ASN B 196 28.11 -7.31 -35.66
CA ASN B 196 26.97 -6.45 -35.89
C ASN B 196 27.20 -5.04 -35.37
N ALA B 197 28.24 -4.85 -34.56
CA ALA B 197 28.53 -3.56 -33.96
C ALA B 197 28.75 -2.49 -35.03
N LEU B 198 28.22 -1.28 -34.78
CA LEU B 198 28.38 -0.21 -35.76
C LEU B 198 29.84 0.18 -35.94
N GLU B 199 30.63 0.19 -34.87
CA GLU B 199 32.05 0.53 -35.01
C GLU B 199 32.87 -0.60 -35.65
N LYS B 200 32.24 -1.70 -36.03
CA LYS B 200 32.88 -2.78 -36.79
C LYS B 200 32.24 -2.95 -38.16
N GLY B 201 31.44 -1.98 -38.59
CA GLY B 201 30.83 -2.02 -39.90
C GLY B 201 29.52 -2.76 -39.99
N GLY B 202 29.02 -3.28 -38.88
CA GLY B 202 27.76 -3.98 -38.89
C GLY B 202 26.60 -3.03 -39.02
N LYS B 203 25.40 -3.59 -38.95
CA LYS B 203 24.18 -2.79 -39.04
C LYS B 203 23.84 -2.08 -37.74
N GLY B 204 24.43 -2.49 -36.64
CA GLY B 204 24.19 -1.85 -35.36
C GLY B 204 23.47 -2.76 -34.39
N SER B 205 23.31 -2.22 -33.18
CA SER B 205 22.48 -2.81 -32.14
C SER B 205 21.03 -2.93 -32.62
N ILE B 206 20.24 -3.64 -31.82
CA ILE B 206 18.81 -3.76 -32.11
C ILE B 206 18.18 -2.38 -32.20
N THR B 207 18.50 -1.51 -31.24
CA THR B 207 17.85 -0.19 -31.25
C THR B 207 18.32 0.64 -32.44
N GLU B 208 19.61 0.65 -32.74
CA GLU B 208 20.03 1.34 -33.97
C GLU B 208 19.31 0.80 -35.20
N GLN B 209 19.11 -0.53 -35.28
CA GLN B 209 18.47 -1.10 -36.47
C GLN B 209 16.97 -0.80 -36.50
N LEU B 210 16.33 -0.71 -35.33
CA LEU B 210 14.95 -0.24 -35.30
C LEU B 210 14.85 1.14 -35.92
N LEU B 211 15.74 2.04 -35.54
CA LEU B 211 15.60 3.43 -35.98
C LEU B 211 15.86 3.57 -37.47
N ASN B 212 16.71 2.69 -38.03
CA ASN B 212 16.88 2.60 -39.47
C ASN B 212 15.66 2.01 -40.14
N ALA B 213 15.04 0.99 -39.54
CA ALA B 213 13.89 0.33 -40.17
C ALA B 213 12.73 1.31 -40.33
N ARG B 214 12.55 2.18 -39.34
CA ARG B 214 11.58 3.26 -39.37
C ARG B 214 10.19 2.76 -39.70
N PRO B 215 9.58 1.97 -38.82
CA PRO B 215 8.14 1.72 -38.95
C PRO B 215 7.36 3.01 -38.81
N ASP B 216 6.17 3.06 -39.40
CA ASP B 216 5.34 4.24 -39.22
C ASP B 216 4.95 4.40 -37.76
N VAL B 217 4.69 3.30 -37.05
CA VAL B 217 4.19 3.31 -35.68
C VAL B 217 4.97 2.27 -34.89
N THR B 218 5.65 2.71 -33.83
CA THR B 218 6.36 1.82 -32.93
C THR B 218 5.98 2.19 -31.51
N LEU B 219 5.33 1.26 -30.79
CA LEU B 219 4.81 1.53 -29.44
C LEU B 219 5.19 0.42 -28.48
N GLY B 220 5.79 0.79 -27.35
CA GLY B 220 6.01 -0.17 -26.28
C GLY B 220 6.90 0.41 -25.19
N GLY B 221 7.62 -0.48 -24.51
CA GLY B 221 8.54 -0.10 -23.48
C GLY B 221 9.96 -0.02 -24.01
N GLY B 222 10.92 -0.01 -23.08
CA GLY B 222 12.33 -0.07 -23.45
C GLY B 222 12.96 1.27 -23.71
N ALA B 223 12.56 2.28 -22.92
CA ALA B 223 13.22 3.58 -22.99
C ALA B 223 14.65 3.48 -22.50
N LYS B 224 14.96 2.49 -21.68
CA LYS B 224 16.27 2.45 -21.01
C LYS B 224 17.41 2.56 -22.01
N THR B 225 17.36 1.74 -23.06
CA THR B 225 18.43 1.67 -24.03
C THR B 225 18.55 2.95 -24.86
N PHE B 226 17.53 3.76 -24.94
CA PHE B 226 17.62 4.98 -25.74
C PHE B 226 18.50 6.07 -25.14
N ALA B 227 18.95 5.89 -23.90
CA ALA B 227 19.93 6.80 -23.31
C ALA B 227 21.37 6.39 -23.60
N GLU B 228 21.61 5.25 -24.23
CA GLU B 228 22.97 4.92 -24.64
C GLU B 228 23.33 5.79 -25.83
N THR B 229 24.64 5.94 -26.05
CA THR B 229 25.14 6.79 -27.11
C THR B 229 25.79 5.95 -28.21
N ALA B 230 25.56 6.36 -29.45
CA ALA B 230 26.14 5.63 -30.58
C ALA B 230 27.66 5.81 -30.58
N THR B 231 28.34 4.77 -31.04
CA THR B 231 29.80 4.72 -31.02
C THR B 231 30.42 5.10 -32.34
N ALA B 232 29.63 5.23 -33.40
CA ALA B 232 30.12 5.60 -34.72
C ALA B 232 28.92 6.16 -35.49
N GLY B 233 29.13 6.43 -36.78
CA GLY B 233 28.05 6.89 -37.64
C GLY B 233 27.73 8.35 -37.47
N GLU B 234 26.73 8.78 -38.25
CA GLU B 234 26.34 10.18 -38.30
C GLU B 234 25.89 10.72 -36.96
N TRP B 235 25.41 9.86 -36.04
CA TRP B 235 24.90 10.31 -34.74
C TRP B 235 25.76 9.83 -33.58
N GLN B 236 27.04 9.55 -33.88
CA GLN B 236 28.01 9.20 -32.84
C GLN B 236 28.05 10.28 -31.76
N GLY B 237 28.14 9.85 -30.51
CA GLY B 237 28.06 10.74 -29.38
C GLY B 237 26.66 11.07 -28.91
N LYS B 238 25.67 11.04 -29.80
CA LYS B 238 24.31 11.37 -29.39
C LYS B 238 23.69 10.15 -28.71
N THR B 239 22.74 10.39 -27.81
CA THR B 239 21.94 9.28 -27.30
C THR B 239 21.05 8.77 -28.42
N LEU B 240 20.59 7.52 -28.29
CA LEU B 240 19.72 6.97 -29.32
C LEU B 240 18.39 7.72 -29.36
N ARG B 241 17.95 8.24 -28.21
CA ARG B 241 16.79 9.11 -28.21
C ARG B 241 17.07 10.37 -29.04
N GLU B 242 18.22 11.00 -28.83
CA GLU B 242 18.57 12.18 -29.61
C GLU B 242 18.61 11.86 -31.10
N GLN B 243 19.15 10.68 -31.44
CA GLN B 243 19.16 10.25 -32.83
C GLN B 243 17.74 10.15 -33.37
N ALA B 244 16.84 9.51 -32.61
CA ALA B 244 15.47 9.37 -33.08
C ALA B 244 14.82 10.75 -33.26
N GLN B 245 15.03 11.65 -32.30
CA GLN B 245 14.50 13.01 -32.43
C GLN B 245 15.04 13.68 -33.67
N ALA B 246 16.35 13.57 -33.90
CA ALA B 246 16.96 14.26 -35.03
C ALA B 246 16.49 13.69 -36.37
N ARG B 247 16.09 12.42 -36.40
CA ARG B 247 15.69 11.76 -37.64
C ARG B 247 14.21 11.87 -37.91
N GLY B 248 13.48 12.67 -37.11
CA GLY B 248 12.11 13.04 -37.39
C GLY B 248 11.04 12.23 -36.70
N TYR B 249 11.40 11.36 -35.77
CA TYR B 249 10.43 10.62 -35.00
C TYR B 249 9.69 11.57 -34.06
N GLN B 250 8.38 11.41 -33.98
CA GLN B 250 7.60 12.04 -32.92
CA GLN B 250 7.58 12.03 -32.92
C GLN B 250 7.53 11.04 -31.76
N ILE B 251 7.93 11.49 -30.58
CA ILE B 251 8.02 10.62 -29.42
C ILE B 251 6.91 10.96 -28.44
N VAL B 252 6.18 9.92 -28.02
CA VAL B 252 5.16 10.03 -26.99
C VAL B 252 5.52 9.09 -25.85
N THR B 253 5.05 9.42 -24.67
CA THR B 253 5.55 8.79 -23.45
C THR B 253 4.47 8.42 -22.46
N ASP B 254 3.21 8.73 -22.72
CA ASP B 254 2.14 8.33 -21.83
C ASP B 254 0.84 8.26 -22.65
N ALA B 255 -0.26 7.98 -21.94
CA ALA B 255 -1.53 7.64 -22.62
C ALA B 255 -2.16 8.86 -23.25
N ALA B 256 -2.07 9.99 -22.55
CA ALA B 256 -2.63 11.23 -23.05
C ALA B 256 -1.89 11.69 -24.31
N SER B 257 -0.57 11.63 -24.29
CA SER B 257 0.16 12.07 -25.47
C SER B 257 -0.04 11.10 -26.62
N LEU B 258 -0.14 9.79 -26.32
CA LEU B 258 -0.50 8.85 -27.38
C LEU B 258 -1.86 9.19 -27.97
N ALA B 259 -2.85 9.39 -27.10
CA ALA B 259 -4.19 9.70 -27.59
C ALA B 259 -4.19 10.96 -28.46
N ALA B 260 -3.32 11.93 -28.16
CA ALA B 260 -3.26 13.20 -28.89
C ALA B 260 -2.59 13.09 -30.25
N ALA B 261 -1.90 12.01 -30.55
CA ALA B 261 -1.31 11.84 -31.88
C ALA B 261 -2.41 11.70 -32.94
N THR B 262 -2.25 12.40 -34.06
CA THR B 262 -3.24 12.33 -35.12
C THR B 262 -2.73 11.80 -36.45
N GLU B 263 -1.42 11.67 -36.63
CA GLU B 263 -0.88 11.12 -37.87
C GLU B 263 0.38 10.35 -37.55
N ALA B 264 0.72 9.40 -38.43
CA ALA B 264 1.99 8.69 -38.41
C ALA B 264 2.35 8.37 -39.86
N SER B 265 3.57 8.72 -40.24
CA SER B 265 4.00 8.54 -41.62
C SER B 265 5.51 8.36 -41.67
N GLN B 266 6.02 8.08 -42.86
CA GLN B 266 7.47 8.01 -43.03
C GLN B 266 8.11 9.38 -42.81
N ASP B 267 7.37 10.45 -43.06
CA ASP B 267 7.87 11.79 -42.78
C ASP B 267 7.93 12.05 -41.28
N LYS B 268 6.91 11.59 -40.54
CA LYS B 268 6.84 11.80 -39.10
C LYS B 268 6.39 10.49 -38.43
N PRO B 269 7.32 9.56 -38.26
CA PRO B 269 6.98 8.29 -37.62
C PRO B 269 6.78 8.44 -36.12
N LEU B 270 5.84 7.66 -35.62
CA LEU B 270 5.43 7.72 -34.22
C LEU B 270 6.22 6.70 -33.43
N LEU B 271 6.85 7.15 -32.34
CA LEU B 271 7.62 6.30 -31.44
C LEU B 271 7.08 6.51 -30.03
N GLY B 272 6.56 5.44 -29.43
CA GLY B 272 5.99 5.50 -28.09
C GLY B 272 6.87 4.74 -27.13
N LEU B 273 7.43 5.44 -26.13
CA LEU B 273 8.34 4.85 -25.14
C LEU B 273 7.71 5.05 -23.75
N PHE B 274 6.99 4.03 -23.28
CA PHE B 274 6.06 4.20 -22.16
C PHE B 274 6.61 3.69 -20.83
N ALA B 275 7.78 3.11 -20.83
CA ALA B 275 8.41 2.61 -19.62
C ALA B 275 9.88 2.40 -19.95
N ASP B 276 10.70 2.39 -18.91
CA ASP B 276 12.13 2.13 -19.07
C ASP B 276 12.38 0.67 -19.48
N GLY B 277 11.73 -0.26 -18.81
CA GLY B 277 11.80 -1.67 -19.20
C GLY B 277 10.50 -2.12 -19.83
N ASN B 278 10.02 -3.28 -19.42
CA ASN B 278 8.71 -3.75 -19.86
C ASN B 278 7.62 -2.90 -19.21
N MET B 279 6.48 -2.76 -19.90
CA MET B 279 5.43 -2.02 -19.19
C MET B 279 4.67 -2.87 -18.17
N PRO B 280 4.22 -2.23 -17.08
CA PRO B 280 3.75 -3.00 -15.92
C PRO B 280 2.54 -3.86 -16.25
N VAL B 281 2.52 -5.05 -15.67
CA VAL B 281 1.43 -5.94 -16.00
C VAL B 281 0.18 -5.46 -15.27
N ARG B 282 -0.97 -5.92 -15.70
CA ARG B 282 -2.25 -5.45 -15.14
C ARG B 282 -2.56 -6.02 -13.76
N TRP B 283 -2.26 -7.29 -13.52
CA TRP B 283 -2.74 -7.93 -12.32
C TRP B 283 -1.58 -8.46 -11.48
N GLU B 284 -1.91 -8.72 -10.24
CA GLU B 284 -0.97 -9.14 -9.23
C GLU B 284 -1.58 -10.30 -8.44
N GLY B 285 -0.71 -11.19 -7.98
CA GLY B 285 -1.08 -12.20 -7.01
C GLY B 285 0.17 -12.83 -6.43
N PRO B 286 0.00 -13.65 -5.40
CA PRO B 286 1.14 -14.39 -4.86
C PRO B 286 1.73 -15.28 -5.94
N LYS B 287 3.04 -15.48 -5.87
CA LYS B 287 3.70 -16.51 -6.66
C LYS B 287 3.14 -17.86 -6.23
N ALA B 288 3.05 -18.79 -7.18
CA ALA B 288 2.72 -20.16 -6.83
C ALA B 288 3.81 -20.72 -5.93
N SER B 289 3.46 -21.72 -5.13
CA SER B 289 4.37 -22.22 -4.11
C SER B 289 4.22 -23.73 -3.97
N TYR B 290 5.17 -24.35 -3.29
CA TYR B 290 5.12 -25.78 -3.12
C TYR B 290 3.90 -26.16 -2.27
N HIS B 291 3.05 -27.06 -2.80
CA HIS B 291 1.76 -27.44 -2.20
C HIS B 291 0.87 -26.23 -1.93
N GLY B 292 1.02 -25.20 -2.76
CA GLY B 292 0.23 -24.00 -2.60
C GLY B 292 -1.27 -24.21 -2.71
N ASN B 293 -1.71 -25.16 -3.57
CA ASN B 293 -3.13 -25.47 -3.68
C ASN B 293 -3.69 -26.12 -2.42
N ILE B 294 -2.81 -26.64 -1.56
CA ILE B 294 -3.19 -27.32 -0.33
C ILE B 294 -3.03 -26.43 0.90
N ASP B 295 -1.86 -25.85 1.09
CA ASP B 295 -1.60 -25.20 2.37
C ASP B 295 -1.84 -23.71 2.31
N LYS B 296 -2.47 -23.20 1.25
CA LYS B 296 -2.82 -21.80 1.16
C LYS B 296 -4.23 -21.66 0.57
N PRO B 297 -4.97 -20.65 0.97
CA PRO B 297 -6.32 -20.54 0.50
C PRO B 297 -6.34 -20.13 -0.96
N PRO B 298 -7.48 -20.28 -1.63
CA PRO B 298 -7.58 -19.88 -3.03
C PRO B 298 -7.38 -18.38 -3.18
N VAL B 299 -6.93 -17.99 -4.37
CA VAL B 299 -6.47 -16.63 -4.67
C VAL B 299 -7.50 -15.92 -5.51
N THR B 300 -7.73 -14.62 -5.22
CA THR B 300 -8.37 -13.70 -6.15
C THR B 300 -7.35 -12.68 -6.67
N CYS B 301 -7.22 -12.59 -7.98
CA CYS B 301 -6.24 -11.66 -8.55
C CYS B 301 -6.66 -10.23 -8.26
N THR B 302 -5.68 -9.37 -8.02
CA THR B 302 -5.89 -7.97 -7.74
C THR B 302 -5.06 -7.09 -8.67
N PRO B 303 -5.34 -5.78 -8.70
CA PRO B 303 -4.57 -4.89 -9.59
C PRO B 303 -3.12 -4.75 -9.16
N ASN B 304 -2.25 -4.66 -10.16
CA ASN B 304 -0.85 -4.37 -9.91
C ASN B 304 -0.76 -2.94 -9.40
N PRO B 305 -0.25 -2.71 -8.19
CA PRO B 305 -0.07 -1.31 -7.72
C PRO B 305 0.96 -0.52 -8.52
N LYS B 306 1.91 -1.18 -9.20
CA LYS B 306 2.80 -0.45 -10.09
C LYS B 306 2.08 0.02 -11.35
N ARG B 307 0.85 -0.43 -11.59
CA ARG B 307 0.15 -0.13 -12.83
C ARG B 307 -0.55 1.21 -12.67
N ASP B 308 -0.24 2.15 -13.56
CA ASP B 308 -0.76 3.51 -13.55
C ASP B 308 -1.65 3.74 -14.76
N ALA B 309 -2.69 4.58 -14.62
CA ALA B 309 -3.50 4.91 -15.77
C ALA B 309 -2.83 5.89 -16.74
N SER B 310 -1.71 6.51 -16.34
CA SER B 310 -0.92 7.29 -17.29
C SER B 310 -0.25 6.41 -18.37
N VAL B 311 -0.15 5.11 -18.13
CA VAL B 311 0.49 4.18 -19.05
C VAL B 311 -0.58 3.60 -19.97
N PRO B 312 -0.45 3.68 -21.28
CA PRO B 312 -1.52 3.16 -22.15
C PRO B 312 -1.63 1.64 -22.03
N THR B 313 -2.85 1.16 -22.16
CA THR B 313 -3.07 -0.29 -22.26
C THR B 313 -2.75 -0.80 -23.68
N LEU B 314 -2.62 -2.10 -23.76
CA LEU B 314 -2.38 -2.74 -25.05
C LEU B 314 -3.52 -2.46 -26.02
N ALA B 315 -4.75 -2.42 -25.51
CA ALA B 315 -5.89 -2.09 -26.37
C ALA B 315 -5.82 -0.66 -26.86
N GLN B 316 -5.43 0.29 -25.99
CA GLN B 316 -5.29 1.67 -26.46
CA GLN B 316 -5.30 1.66 -26.49
C GLN B 316 -4.26 1.73 -27.59
N MET B 317 -3.07 1.14 -27.36
CA MET B 317 -2.08 1.27 -28.43
C MET B 317 -2.46 0.51 -29.69
N THR B 318 -3.26 -0.55 -29.59
CA THR B 318 -3.68 -1.28 -30.78
C THR B 318 -4.70 -0.47 -31.58
N GLU B 319 -5.66 0.13 -30.89
CA GLU B 319 -6.68 0.90 -31.61
C GLU B 319 -6.06 2.12 -32.25
N LYS B 320 -5.11 2.77 -31.55
CA LYS B 320 -4.48 3.97 -32.11
C LYS B 320 -3.58 3.60 -33.28
N ALA B 321 -2.83 2.50 -33.15
CA ALA B 321 -2.02 2.02 -34.28
C ALA B 321 -2.87 1.75 -35.52
N ILE B 322 -3.96 1.01 -35.35
CA ILE B 322 -4.85 0.72 -36.47
C ILE B 322 -5.38 2.01 -37.08
N ASP B 323 -5.80 2.95 -36.23
CA ASP B 323 -6.31 4.23 -36.72
C ASP B 323 -5.28 4.92 -37.62
N LEU B 324 -4.06 5.07 -37.11
CA LEU B 324 -3.05 5.83 -37.85
C LEU B 324 -2.54 5.07 -39.08
N LEU B 325 -2.43 3.75 -38.99
CA LEU B 325 -1.92 2.98 -40.12
C LEU B 325 -2.94 2.88 -41.24
N SER B 326 -4.23 2.89 -40.89
CA SER B 326 -5.28 2.69 -41.90
C SER B 326 -5.51 3.91 -42.78
N ARG B 327 -4.87 5.04 -42.48
CA ARG B 327 -4.94 6.19 -43.38
C ARG B 327 -4.10 5.97 -44.64
N ASN B 328 -3.15 5.04 -44.62
CA ASN B 328 -2.35 4.74 -45.79
C ASN B 328 -3.21 4.00 -46.83
N GLU B 329 -3.28 4.55 -48.04
CA GLU B 329 -4.20 4.02 -49.04
C GLU B 329 -3.80 2.64 -49.56
N LYS B 330 -2.51 2.26 -49.45
CA LYS B 330 -2.07 0.95 -49.94
C LYS B 330 -2.28 -0.17 -48.94
N GLY B 331 -2.57 0.12 -47.67
CA GLY B 331 -2.78 -0.90 -46.65
C GLY B 331 -1.65 -0.92 -45.65
N PHE B 332 -1.75 -1.83 -44.69
CA PHE B 332 -0.77 -1.83 -43.60
C PHE B 332 -0.53 -3.24 -43.07
N PHE B 333 0.65 -3.42 -42.49
CA PHE B 333 1.01 -4.57 -41.67
C PHE B 333 1.24 -4.09 -40.24
N LEU B 334 0.60 -4.75 -39.27
CA LEU B 334 0.78 -4.44 -37.85
C LEU B 334 1.00 -5.72 -37.05
N GLN B 335 2.03 -5.71 -36.21
CA GLN B 335 2.24 -6.78 -35.25
C GLN B 335 2.00 -6.21 -33.86
N VAL B 336 1.27 -6.97 -33.05
CA VAL B 336 0.89 -6.60 -31.70
C VAL B 336 1.31 -7.76 -30.81
N GLU B 337 2.08 -7.49 -29.75
CA GLU B 337 2.50 -8.54 -28.83
C GLU B 337 1.95 -8.25 -27.43
N GLY B 338 1.19 -9.20 -26.88
CA GLY B 338 0.97 -9.29 -25.44
C GLY B 338 2.13 -10.07 -24.85
N ALA B 339 3.11 -9.34 -24.35
CA ALA B 339 4.43 -9.91 -24.13
C ALA B 339 4.62 -10.57 -22.78
N SER B 340 3.85 -10.21 -21.76
CA SER B 340 4.20 -10.64 -20.41
C SER B 340 3.37 -11.84 -19.95
N ILE B 341 2.57 -12.42 -20.86
CA ILE B 341 2.00 -13.72 -20.56
C ILE B 341 3.14 -14.68 -20.27
N ASP B 342 4.13 -14.65 -21.16
CA ASP B 342 5.27 -15.54 -21.06
C ASP B 342 6.11 -15.24 -19.82
N LYS B 343 6.37 -13.96 -19.57
CA LYS B 343 7.27 -13.56 -18.49
C LYS B 343 6.65 -13.86 -17.13
N GLN B 344 5.33 -13.75 -17.01
CA GLN B 344 4.66 -14.14 -15.76
C GLN B 344 4.58 -15.67 -15.63
N ASP B 345 4.39 -16.38 -16.75
CA ASP B 345 4.48 -17.84 -16.73
C ASP B 345 5.86 -18.29 -16.26
N HIS B 346 6.91 -17.59 -16.72
CA HIS B 346 8.25 -17.89 -16.24
C HIS B 346 8.37 -17.75 -14.72
N ALA B 347 7.68 -16.77 -14.15
CA ALA B 347 7.77 -16.45 -12.73
C ALA B 347 6.72 -17.16 -11.92
N ALA B 348 6.05 -18.16 -12.52
CA ALA B 348 5.04 -18.97 -11.83
C ALA B 348 4.02 -18.10 -11.08
N ASN B 349 3.52 -17.08 -11.77
CA ASN B 349 2.49 -16.16 -11.25
C ASN B 349 1.20 -16.29 -12.05
N PRO B 350 0.25 -17.12 -11.63
CA PRO B 350 -0.98 -17.27 -12.44
C PRO B 350 -1.73 -15.95 -12.66
N CYS B 351 -1.81 -15.08 -11.64
CA CYS B 351 -2.57 -13.83 -11.79
C CYS B 351 -1.89 -12.88 -12.78
N GLY B 352 -0.57 -12.79 -12.71
CA GLY B 352 0.11 -11.98 -13.69
C GLY B 352 -0.10 -12.53 -15.09
N GLN B 353 0.01 -13.85 -15.24
CA GLN B 353 -0.10 -14.50 -16.53
C GLN B 353 -1.52 -14.38 -17.07
N ILE B 354 -2.53 -14.65 -16.25
CA ILE B 354 -3.90 -14.58 -16.72
C ILE B 354 -4.25 -13.14 -17.09
N GLY B 355 -3.84 -12.18 -16.27
CA GLY B 355 -4.17 -10.80 -16.57
C GLY B 355 -3.65 -10.35 -17.91
N GLU B 356 -2.42 -10.75 -18.26
CA GLU B 356 -1.89 -10.38 -19.56
C GLU B 356 -2.58 -11.11 -20.72
N THR B 357 -3.21 -12.24 -20.44
CA THR B 357 -4.01 -12.91 -21.46
C THR B 357 -5.37 -12.21 -21.65
N VAL B 358 -6.01 -11.80 -20.57
CA VAL B 358 -7.17 -10.92 -20.66
C VAL B 358 -6.82 -9.67 -21.44
N ASP B 359 -5.64 -9.10 -21.16
CA ASP B 359 -5.17 -7.90 -21.85
C ASP B 359 -5.01 -8.13 -23.35
N LEU B 360 -4.44 -9.26 -23.76
CA LEU B 360 -4.36 -9.54 -25.19
C LEU B 360 -5.74 -9.68 -25.81
N ASP B 361 -6.68 -10.27 -25.08
CA ASP B 361 -8.03 -10.44 -25.62
C ASP B 361 -8.65 -9.09 -25.96
N GLU B 362 -8.45 -8.08 -25.10
CA GLU B 362 -8.99 -6.76 -25.40
C GLU B 362 -8.37 -6.17 -26.66
N ALA B 363 -7.08 -6.41 -26.89
CA ALA B 363 -6.46 -5.99 -28.13
C ALA B 363 -6.99 -6.77 -29.34
N VAL B 364 -7.22 -8.07 -29.19
CA VAL B 364 -7.77 -8.84 -30.31
C VAL B 364 -9.14 -8.29 -30.68
N GLN B 365 -9.91 -7.93 -29.67
CA GLN B 365 -11.26 -7.35 -29.91
C GLN B 365 -11.13 -6.10 -30.79
N LYS B 366 -10.14 -5.27 -30.52
CA LYS B 366 -9.94 -4.06 -31.29
C LYS B 366 -9.62 -4.38 -32.74
N ALA B 367 -8.79 -5.39 -32.97
CA ALA B 367 -8.39 -5.79 -34.32
C ALA B 367 -9.56 -6.40 -35.06
N LEU B 368 -10.32 -7.26 -34.39
CA LEU B 368 -11.49 -7.87 -35.03
C LEU B 368 -12.57 -6.83 -35.31
N GLU B 369 -12.80 -5.88 -34.40
CA GLU B 369 -13.81 -4.87 -34.66
C GLU B 369 -13.45 -4.09 -35.92
N PHE B 370 -12.20 -3.72 -36.05
CA PHE B 370 -11.77 -3.03 -37.26
C PHE B 370 -11.91 -3.93 -38.48
N ALA B 371 -11.50 -5.20 -38.36
CA ALA B 371 -11.43 -6.08 -39.51
C ALA B 371 -12.82 -6.46 -40.04
N ARG B 372 -13.80 -6.59 -39.15
CA ARG B 372 -15.15 -6.91 -39.61
C ARG B 372 -15.76 -5.77 -40.41
N LYS B 373 -15.62 -4.52 -39.96
CA LYS B 373 -16.20 -3.43 -40.73
C LYS B 373 -15.39 -3.14 -41.98
N ASP B 374 -14.07 -3.36 -41.95
CA ASP B 374 -13.25 -3.06 -43.11
C ASP B 374 -13.50 -4.05 -44.24
N GLY B 375 -13.48 -5.35 -43.93
CA GLY B 375 -13.74 -6.39 -44.89
C GLY B 375 -12.53 -6.84 -45.68
N ASN B 376 -11.36 -6.24 -45.48
CA ASN B 376 -10.19 -6.55 -46.30
C ASN B 376 -8.94 -6.72 -45.43
N THR B 377 -9.12 -7.31 -44.25
CA THR B 377 -8.06 -7.42 -43.26
C THR B 377 -7.98 -8.85 -42.76
N LEU B 378 -6.78 -9.43 -42.84
CA LEU B 378 -6.48 -10.73 -42.25
C LEU B 378 -5.98 -10.49 -40.82
N VAL B 379 -6.67 -11.11 -39.86
CA VAL B 379 -6.29 -11.08 -38.45
C VAL B 379 -5.91 -12.49 -38.07
N ILE B 380 -4.74 -12.62 -37.41
CA ILE B 380 -4.14 -13.87 -36.97
C ILE B 380 -3.76 -13.75 -35.50
N VAL B 381 -4.10 -14.77 -34.70
CA VAL B 381 -3.83 -14.76 -33.27
C VAL B 381 -3.13 -16.06 -32.93
N THR B 382 -1.92 -15.98 -32.36
CA THR B 382 -1.21 -17.19 -32.04
C THR B 382 -0.16 -16.89 -30.97
N ALA B 383 0.77 -17.80 -30.77
CA ALA B 383 1.87 -17.64 -29.82
C ALA B 383 3.16 -18.04 -30.49
N ASP B 384 4.28 -17.55 -29.92
CA ASP B 384 5.59 -17.96 -30.40
C ASP B 384 5.97 -19.36 -29.96
N HIS B 385 5.46 -19.82 -28.83
CA HIS B 385 5.80 -21.13 -28.29
C HIS B 385 4.92 -21.31 -27.08
N ALA B 386 4.91 -22.56 -26.58
CA ALA B 386 4.11 -22.93 -25.43
C ALA B 386 4.92 -22.72 -24.17
N HIS B 387 4.28 -22.87 -23.01
CA HIS B 387 4.93 -22.52 -21.76
C HIS B 387 4.63 -23.58 -20.69
N ALA B 388 4.90 -23.24 -19.43
CA ALA B 388 4.96 -24.25 -18.38
C ALA B 388 3.58 -24.58 -17.78
N SER B 389 2.72 -23.59 -17.66
CA SER B 389 1.58 -23.71 -16.77
C SER B 389 0.63 -24.84 -17.18
N GLN B 390 0.11 -25.57 -16.17
CA GLN B 390 -0.85 -26.66 -16.38
C GLN B 390 -2.04 -26.51 -15.42
N ILE B 391 -3.23 -26.83 -15.93
CA ILE B 391 -4.44 -26.94 -15.14
C ILE B 391 -4.55 -28.38 -14.61
N ILE B 392 -4.52 -28.55 -13.29
CA ILE B 392 -4.52 -29.88 -12.67
C ILE B 392 -5.59 -29.96 -11.60
N PRO B 393 -5.93 -31.16 -11.17
CA PRO B 393 -7.03 -31.28 -10.19
C PRO B 393 -6.77 -30.53 -8.89
N ALA B 394 -7.86 -30.04 -8.29
CA ALA B 394 -7.76 -29.16 -7.13
C ALA B 394 -7.08 -29.83 -5.95
N ASP B 395 -7.17 -31.15 -5.83
CA ASP B 395 -6.55 -31.86 -4.71
C ASP B 395 -5.16 -32.43 -5.05
N SER B 396 -4.54 -32.01 -6.15
CA SER B 396 -3.26 -32.58 -6.55
C SER B 396 -2.19 -32.29 -5.51
N LYS B 397 -1.25 -33.22 -5.34
CA LYS B 397 -0.01 -32.98 -4.59
C LYS B 397 1.14 -33.09 -5.60
N ALA B 398 1.67 -31.94 -6.04
CA ALA B 398 2.61 -31.82 -7.15
C ALA B 398 4.00 -31.46 -6.66
N PRO B 399 5.04 -31.79 -7.43
CA PRO B 399 6.41 -31.52 -6.98
C PRO B 399 6.90 -30.11 -7.21
N GLY B 400 6.19 -29.33 -8.03
CA GLY B 400 6.58 -27.95 -8.42
C GLY B 400 5.86 -26.89 -7.62
N LEU B 401 5.52 -25.78 -8.27
CA LEU B 401 4.79 -24.69 -7.65
C LEU B 401 3.34 -24.74 -8.10
N THR B 402 2.42 -24.59 -7.15
CA THR B 402 0.99 -24.61 -7.48
C THR B 402 0.26 -23.52 -6.74
N GLN B 403 -0.98 -23.29 -7.16
CA GLN B 403 -1.78 -22.23 -6.60
C GLN B 403 -3.25 -22.50 -6.92
N ALA B 404 -4.12 -22.25 -5.95
CA ALA B 404 -5.55 -22.35 -6.16
C ALA B 404 -6.11 -20.96 -6.42
N LEU B 405 -7.05 -20.88 -7.38
CA LEU B 405 -7.64 -19.63 -7.81
C LEU B 405 -9.16 -19.70 -7.76
N ASN B 406 -9.80 -18.61 -7.32
CA ASN B 406 -11.26 -18.50 -7.35
C ASN B 406 -11.65 -18.01 -8.74
N THR B 407 -12.49 -18.75 -9.45
CA THR B 407 -12.81 -18.38 -10.82
C THR B 407 -14.15 -17.66 -10.97
N HIS B 408 -14.39 -17.21 -12.18
CA HIS B 408 -15.66 -16.59 -12.51
C HIS B 408 -16.86 -17.52 -12.33
N ASP B 409 -16.67 -18.84 -12.41
CA ASP B 409 -17.70 -19.84 -12.18
C ASP B 409 -18.07 -20.03 -10.72
N GLY B 410 -17.31 -19.45 -9.79
CA GLY B 410 -17.51 -19.79 -8.40
C GLY B 410 -16.91 -21.12 -7.99
N ALA B 411 -15.96 -21.64 -8.76
CA ALA B 411 -15.25 -22.87 -8.44
C ALA B 411 -13.74 -22.60 -8.29
N VAL B 412 -13.00 -23.62 -7.86
CA VAL B 412 -11.56 -23.49 -7.64
C VAL B 412 -10.83 -24.12 -8.81
N MET B 413 -9.83 -23.42 -9.36
CA MET B 413 -8.94 -24.01 -10.36
C MET B 413 -7.52 -23.96 -9.82
N VAL B 414 -6.76 -25.02 -10.06
CA VAL B 414 -5.38 -25.12 -9.62
C VAL B 414 -4.46 -25.09 -10.84
N MET B 415 -3.45 -24.25 -10.77
CA MET B 415 -2.46 -24.15 -11.83
C MET B 415 -1.12 -24.59 -11.26
N SER B 416 -0.32 -25.23 -12.12
CA SER B 416 0.89 -25.90 -11.72
C SER B 416 2.03 -25.57 -12.67
N TYR B 417 3.21 -25.38 -12.07
CA TYR B 417 4.45 -25.01 -12.76
C TYR B 417 5.42 -26.08 -12.29
N GLY B 418 5.65 -27.07 -13.13
CA GLY B 418 6.35 -28.27 -12.69
C GLY B 418 7.57 -28.64 -13.50
N ASN B 419 8.15 -27.74 -14.30
CA ASN B 419 9.25 -28.15 -15.18
C ASN B 419 10.59 -27.46 -14.91
N SER B 420 10.74 -26.78 -13.76
CA SER B 420 12.04 -26.26 -13.40
C SER B 420 12.18 -26.14 -11.89
N GLU B 421 13.35 -26.50 -11.39
CA GLU B 421 13.73 -26.21 -10.03
C GLU B 421 14.46 -24.88 -9.90
N GLU B 422 14.83 -24.25 -11.02
CA GLU B 422 15.51 -22.97 -10.95
C GLU B 422 14.50 -21.82 -10.85
N GLU B 423 14.99 -20.59 -10.90
CA GLU B 423 14.12 -19.43 -10.71
C GLU B 423 13.08 -19.30 -11.81
N SER B 424 13.42 -19.69 -13.04
CA SER B 424 12.55 -19.45 -14.19
C SER B 424 12.01 -20.77 -14.70
N MET B 425 10.68 -20.84 -14.84
CA MET B 425 10.03 -21.96 -15.51
C MET B 425 10.41 -22.05 -16.99
N GLU B 426 10.32 -23.25 -17.57
CA GLU B 426 10.78 -23.47 -18.95
C GLU B 426 9.65 -23.31 -19.96
N HIS B 427 10.01 -22.89 -21.18
CA HIS B 427 9.13 -23.06 -22.34
C HIS B 427 8.82 -24.55 -22.52
N THR B 428 7.76 -24.85 -23.28
CA THR B 428 7.52 -26.23 -23.69
C THR B 428 7.38 -26.31 -25.21
N GLY B 429 7.57 -27.52 -25.74
CA GLY B 429 7.69 -27.82 -27.16
C GLY B 429 6.40 -28.17 -27.86
N THR B 430 5.27 -28.21 -27.16
CA THR B 430 4.03 -28.68 -27.77
C THR B 430 3.57 -27.75 -28.87
N GLN B 431 3.00 -28.34 -29.93
CA GLN B 431 2.34 -27.54 -30.94
C GLN B 431 1.19 -26.77 -30.31
N LEU B 432 0.75 -25.69 -30.96
CA LEU B 432 -0.26 -24.84 -30.34
C LEU B 432 -1.18 -24.16 -31.36
N ARG B 433 -2.27 -23.60 -30.83
CA ARG B 433 -3.31 -23.02 -31.65
C ARG B 433 -2.82 -21.80 -32.44
N ILE B 434 -3.16 -21.78 -33.73
CA ILE B 434 -3.14 -20.57 -34.53
C ILE B 434 -4.54 -20.37 -35.10
N ALA B 435 -5.05 -19.13 -35.06
CA ALA B 435 -6.42 -18.84 -35.46
C ALA B 435 -6.46 -17.60 -36.34
N ALA B 436 -7.44 -17.52 -37.24
CA ALA B 436 -7.45 -16.39 -38.17
C ALA B 436 -8.85 -16.09 -38.67
N TYR B 437 -8.98 -14.88 -39.23
CA TYR B 437 -10.20 -14.27 -39.72
C TYR B 437 -9.80 -13.44 -40.94
N GLY B 438 -10.57 -13.54 -42.02
CA GLY B 438 -10.39 -12.65 -43.15
C GLY B 438 -9.75 -13.34 -44.37
N PRO B 439 -9.35 -12.55 -45.37
CA PRO B 439 -8.73 -13.14 -46.58
C PRO B 439 -7.47 -13.92 -46.24
N HIS B 440 -7.35 -15.11 -46.86
CA HIS B 440 -6.19 -16.00 -46.75
C HIS B 440 -6.09 -16.70 -45.40
N ALA B 441 -7.11 -16.57 -44.55
CA ALA B 441 -7.11 -17.20 -43.24
C ALA B 441 -7.15 -18.72 -43.32
N ALA B 442 -7.59 -19.29 -44.45
CA ALA B 442 -7.64 -20.73 -44.60
C ALA B 442 -6.27 -21.38 -44.44
N ASN B 443 -5.21 -20.63 -44.63
CA ASN B 443 -3.87 -21.16 -44.61
C ASN B 443 -3.30 -21.43 -43.21
N VAL B 444 -4.07 -21.19 -42.15
CA VAL B 444 -3.66 -21.61 -40.82
C VAL B 444 -4.38 -22.89 -40.38
N VAL B 445 -5.29 -23.43 -41.19
CA VAL B 445 -6.05 -24.60 -40.77
C VAL B 445 -5.20 -25.84 -40.98
N GLY B 446 -5.46 -26.86 -40.16
CA GLY B 446 -4.68 -28.08 -40.14
C GLY B 446 -3.34 -27.92 -39.44
N LEU B 447 -2.41 -28.85 -39.72
CA LEU B 447 -1.04 -28.75 -39.18
C LEU B 447 -0.21 -27.88 -40.12
N THR B 448 0.37 -26.79 -39.58
CA THR B 448 1.28 -25.94 -40.33
C THR B 448 2.53 -25.75 -39.51
N ASP B 449 3.49 -25.03 -40.08
CA ASP B 449 4.69 -24.66 -39.37
C ASP B 449 4.74 -23.14 -39.21
N GLN B 450 5.50 -22.72 -38.20
CA GLN B 450 5.65 -21.30 -37.89
C GLN B 450 6.22 -20.53 -39.09
N THR B 451 7.12 -21.17 -39.87
CA THR B 451 7.64 -20.54 -41.09
C THR B 451 6.58 -20.45 -42.20
N ASP B 452 5.54 -21.30 -42.17
CA ASP B 452 4.43 -21.07 -43.09
C ASP B 452 3.77 -19.72 -42.83
N LEU B 453 3.74 -19.27 -41.58
CA LEU B 453 3.01 -18.04 -41.28
C LEU B 453 3.59 -16.87 -42.05
N PHE B 454 4.92 -16.81 -42.15
CA PHE B 454 5.56 -15.78 -42.97
C PHE B 454 5.04 -15.81 -44.39
N THR B 455 5.06 -16.97 -45.01
CA THR B 455 4.64 -17.07 -46.39
C THR B 455 3.17 -16.75 -46.52
N THR B 456 2.38 -17.11 -45.52
CA THR B 456 0.96 -16.78 -45.54
C THR B 456 0.76 -15.26 -45.55
N MET B 457 1.49 -14.52 -44.71
CA MET B 457 1.27 -13.07 -44.75
C MET B 457 1.90 -12.44 -45.97
N LYS B 458 2.99 -13.00 -46.49
CA LYS B 458 3.57 -12.45 -47.71
C LYS B 458 2.59 -12.58 -48.86
N ALA B 459 1.96 -13.75 -48.99
CA ALA B 459 1.03 -13.97 -50.09
C ALA B 459 -0.25 -13.17 -49.91
N ALA B 460 -0.76 -13.05 -48.69
CA ALA B 460 -2.00 -12.32 -48.48
C ALA B 460 -1.89 -10.85 -48.90
N LEU B 461 -0.75 -10.21 -48.59
CA LEU B 461 -0.46 -8.83 -48.96
C LEU B 461 0.10 -8.67 -50.37
N SER B 462 0.18 -9.76 -51.16
CA SER B 462 0.63 -9.73 -52.57
C SER B 462 2.06 -9.22 -52.71
N LEU B 463 2.92 -9.59 -51.78
CA LEU B 463 4.29 -9.10 -51.76
C LEU B 463 5.21 -10.04 -52.53
N LYS B 464 6.06 -9.48 -53.38
CA LYS B 464 6.95 -10.28 -54.22
C LYS B 464 8.22 -10.67 -53.48
N ASN C 24 -28.50 -3.08 -25.09
CA ASN C 24 -27.32 -3.14 -24.23
C ASN C 24 -26.99 -1.78 -23.61
N ARG C 25 -27.21 -1.69 -22.29
CA ARG C 25 -27.04 -0.45 -21.53
C ARG C 25 -25.79 -0.49 -20.65
N ALA C 26 -24.76 -1.21 -21.09
CA ALA C 26 -23.43 -1.19 -20.54
C ALA C 26 -22.66 0.03 -21.05
N ALA C 27 -21.64 0.42 -20.31
CA ALA C 27 -20.75 1.48 -20.77
C ALA C 27 -20.13 1.11 -22.13
N GLN C 28 -20.20 2.06 -23.08
CA GLN C 28 -19.91 1.72 -24.48
C GLN C 28 -18.41 1.61 -24.81
N GLY C 29 -17.52 2.18 -24.03
CA GLY C 29 -16.12 2.28 -24.40
C GLY C 29 -15.18 2.35 -23.23
N ASP C 30 -14.19 3.23 -23.35
CA ASP C 30 -13.14 3.43 -22.35
C ASP C 30 -13.61 4.47 -21.35
N ILE C 31 -13.92 4.04 -20.12
CA ILE C 31 -14.56 4.96 -19.19
C ILE C 31 -13.66 6.11 -18.74
N THR C 32 -12.39 6.13 -19.10
CA THR C 32 -11.55 7.24 -18.77
C THR C 32 -11.60 8.34 -19.82
N THR C 33 -12.21 8.07 -20.94
CA THR C 33 -12.31 9.03 -22.04
C THR C 33 -13.72 9.61 -22.22
N PRO C 34 -13.85 10.78 -22.86
CA PRO C 34 -15.18 11.37 -23.06
C PRO C 34 -16.09 10.43 -23.76
N GLY C 35 -17.27 10.24 -23.16
CA GLY C 35 -18.31 9.43 -23.74
C GLY C 35 -18.17 7.95 -23.49
N GLY C 36 -17.03 7.50 -22.98
CA GLY C 36 -16.80 6.07 -22.92
C GLY C 36 -17.57 5.36 -21.84
N ALA C 37 -18.13 6.11 -20.90
CA ALA C 37 -18.99 5.53 -19.89
C ALA C 37 -20.47 5.68 -20.21
N ARG C 38 -20.83 6.31 -21.35
CA ARG C 38 -22.23 6.42 -21.74
C ARG C 38 -22.85 5.05 -21.93
N ARG C 39 -24.10 4.91 -21.50
CA ARG C 39 -24.87 3.69 -21.70
C ARG C 39 -25.81 3.75 -22.92
N LEU C 40 -26.03 4.95 -23.46
CA LEU C 40 -26.88 5.17 -24.62
C LEU C 40 -26.03 5.31 -25.88
N THR C 41 -26.49 4.70 -26.96
CA THR C 41 -25.86 4.85 -28.27
C THR C 41 -26.45 5.97 -29.11
N GLY C 42 -27.51 6.62 -28.65
CA GLY C 42 -28.18 7.62 -29.43
C GLY C 42 -29.52 7.95 -28.82
N ASP C 43 -30.25 8.81 -29.52
CA ASP C 43 -31.56 9.25 -29.06
C ASP C 43 -32.49 8.07 -28.88
N GLN C 44 -33.25 8.09 -27.79
CA GLN C 44 -34.12 6.98 -27.41
C GLN C 44 -35.60 7.23 -27.70
N THR C 45 -35.96 8.42 -28.19
CA THR C 45 -37.38 8.76 -28.26
C THR C 45 -38.14 7.76 -29.12
N GLU C 46 -37.61 7.42 -30.28
CA GLU C 46 -38.34 6.55 -31.24
C GLU C 46 -38.47 5.15 -30.63
N ALA C 47 -37.39 4.64 -30.06
CA ALA C 47 -37.44 3.34 -29.41
C ALA C 47 -38.48 3.29 -28.29
N LEU C 48 -38.50 4.33 -27.44
CA LEU C 48 -39.46 4.34 -26.35
C LEU C 48 -40.88 4.38 -26.87
N ARG C 49 -41.13 5.22 -27.88
CA ARG C 49 -42.47 5.28 -28.53
C ARG C 49 -42.89 3.86 -28.97
N ALA C 50 -41.97 3.12 -29.61
CA ALA C 50 -42.28 1.73 -29.98
C ALA C 50 -42.58 0.85 -28.77
N SER C 51 -41.99 1.16 -27.61
CA SER C 51 -42.21 0.37 -26.41
C SER C 51 -43.53 0.65 -25.74
N LEU C 52 -44.22 1.75 -26.11
CA LEU C 52 -45.53 2.07 -25.55
C LEU C 52 -46.60 1.34 -26.35
N ILE C 53 -47.10 0.26 -25.71
CA ILE C 53 -48.17 -0.59 -26.28
C ILE C 53 -49.43 -0.50 -25.40
N ASN C 54 -50.59 -0.29 -26.01
CA ASN C 54 -51.82 -0.05 -25.29
C ASN C 54 -52.79 -1.23 -25.30
N LYS C 55 -52.56 -2.22 -26.17
CA LYS C 55 -53.46 -3.36 -26.29
C LYS C 55 -53.49 -4.16 -24.98
N PRO C 56 -54.55 -4.96 -24.76
CA PRO C 56 -54.56 -5.81 -23.57
C PRO C 56 -53.43 -6.82 -23.57
N ALA C 57 -52.94 -7.13 -22.39
CA ALA C 57 -51.99 -8.22 -22.23
C ALA C 57 -52.74 -9.54 -22.15
N LYS C 58 -52.18 -10.57 -22.76
CA LYS C 58 -52.66 -11.92 -22.50
C LYS C 58 -52.13 -12.48 -21.17
N ASN C 59 -50.84 -12.25 -20.88
CA ASN C 59 -50.17 -12.79 -19.71
C ASN C 59 -49.48 -11.69 -18.93
N VAL C 60 -49.29 -11.92 -17.63
CA VAL C 60 -48.52 -11.05 -16.75
C VAL C 60 -47.53 -11.89 -15.94
N ILE C 61 -46.26 -11.48 -15.90
CA ILE C 61 -45.23 -12.05 -15.03
C ILE C 61 -44.68 -10.94 -14.13
N LEU C 62 -44.97 -11.05 -12.85
CA LEU C 62 -44.42 -10.13 -11.86
C LEU C 62 -43.24 -10.78 -11.15
N LEU C 63 -42.09 -10.15 -11.19
CA LEU C 63 -40.92 -10.63 -10.47
C LEU C 63 -40.59 -9.68 -9.33
N ILE C 64 -40.52 -10.23 -8.13
CA ILE C 64 -40.24 -9.48 -6.92
C ILE C 64 -38.88 -9.88 -6.37
N GLY C 65 -38.01 -8.91 -6.19
CA GLY C 65 -36.85 -9.09 -5.31
C GLY C 65 -37.15 -8.56 -3.92
N ASP C 66 -37.35 -9.44 -2.95
CA ASP C 66 -37.56 -9.01 -1.58
C ASP C 66 -36.41 -8.15 -1.08
N GLY C 67 -36.74 -6.91 -0.69
CA GLY C 67 -35.77 -5.96 -0.20
C GLY C 67 -34.89 -5.36 -1.27
N MET C 68 -35.23 -5.55 -2.54
CA MET C 68 -34.29 -5.24 -3.62
C MET C 68 -34.49 -3.79 -4.03
N GLY C 69 -34.00 -2.87 -3.21
CA GLY C 69 -34.06 -1.46 -3.55
C GLY C 69 -33.00 -1.08 -4.55
N ASP C 70 -33.02 0.19 -4.97
CA ASP C 70 -32.02 0.64 -5.94
C ASP C 70 -30.61 0.39 -5.45
N SER C 71 -30.40 0.45 -4.13
CA SER C 71 -29.07 0.25 -3.59
C SER C 71 -28.64 -1.20 -3.70
N GLU C 72 -29.57 -2.12 -3.49
CA GLU C 72 -29.27 -3.54 -3.65
C GLU C 72 -28.92 -3.86 -5.10
N ILE C 73 -29.73 -3.34 -6.04
CA ILE C 73 -29.47 -3.48 -7.48
C ILE C 73 -28.05 -2.98 -7.81
N THR C 74 -27.71 -1.79 -7.32
CA THR C 74 -26.43 -1.18 -7.71
C THR C 74 -25.27 -1.99 -7.17
N ALA C 75 -25.30 -2.33 -5.87
CA ALA C 75 -24.17 -3.08 -5.30
C ALA C 75 -23.99 -4.42 -6.00
N ALA C 76 -25.09 -5.09 -6.36
CA ALA C 76 -24.99 -6.37 -7.04
C ALA C 76 -24.43 -6.20 -8.44
N ARG C 77 -24.83 -5.12 -9.11
CA ARG C 77 -24.28 -4.81 -10.42
C ARG C 77 -22.80 -4.50 -10.30
N ASN C 78 -22.43 -3.69 -9.31
CA ASN C 78 -21.02 -3.36 -9.15
C ASN C 78 -20.21 -4.63 -8.93
N TYR C 79 -20.70 -5.51 -8.07
CA TYR C 79 -19.91 -6.68 -7.70
C TYR C 79 -19.80 -7.66 -8.87
N ALA C 80 -20.93 -8.01 -9.49
CA ALA C 80 -20.93 -9.11 -10.44
C ALA C 80 -20.70 -8.68 -11.88
N GLU C 81 -21.12 -7.47 -12.24
CA GLU C 81 -21.01 -7.03 -13.62
C GLU C 81 -20.07 -5.85 -13.81
N GLY C 82 -19.65 -5.20 -12.73
CA GLY C 82 -18.88 -3.96 -12.85
C GLY C 82 -19.79 -2.75 -12.88
N ALA C 83 -19.24 -1.65 -12.37
CA ALA C 83 -19.97 -0.38 -12.30
C ALA C 83 -20.66 -0.02 -13.61
N GLY C 84 -19.94 -0.14 -14.71
CA GLY C 84 -20.46 0.13 -16.04
C GLY C 84 -20.96 -1.13 -16.73
N GLY C 85 -21.24 -2.17 -15.96
CA GLY C 85 -21.88 -3.35 -16.46
C GLY C 85 -23.39 -3.17 -16.54
N PHE C 86 -24.05 -4.28 -16.88
CA PHE C 86 -25.47 -4.28 -17.22
C PHE C 86 -26.04 -5.65 -16.84
N PHE C 87 -27.06 -5.68 -15.97
CA PHE C 87 -27.83 -6.90 -15.75
C PHE C 87 -28.71 -7.16 -16.98
N LYS C 88 -28.52 -8.29 -17.65
CA LYS C 88 -29.27 -8.55 -18.87
C LYS C 88 -30.77 -8.77 -18.65
N GLY C 89 -31.19 -9.18 -17.46
CA GLY C 89 -32.61 -9.11 -17.12
C GLY C 89 -33.01 -7.83 -16.41
N ILE C 90 -32.51 -7.65 -15.18
CA ILE C 90 -33.02 -6.61 -14.27
C ILE C 90 -32.95 -5.24 -14.91
N ASP C 91 -31.85 -4.96 -15.63
CA ASP C 91 -31.60 -3.63 -16.18
C ASP C 91 -32.16 -3.46 -17.59
N ALA C 92 -32.80 -4.48 -18.15
CA ALA C 92 -33.15 -4.44 -19.56
C ALA C 92 -34.59 -4.03 -19.82
N LEU C 93 -35.41 -3.79 -18.79
CA LEU C 93 -36.80 -3.37 -18.99
C LEU C 93 -36.85 -1.88 -19.30
N PRO C 94 -37.45 -1.47 -20.42
CA PRO C 94 -37.26 -0.09 -20.87
C PRO C 94 -38.11 0.96 -20.18
N LEU C 95 -39.19 0.60 -19.48
CA LEU C 95 -40.07 1.59 -18.85
C LEU C 95 -39.91 1.50 -17.34
N THR C 96 -39.52 2.61 -16.72
CA THR C 96 -39.07 2.65 -15.34
C THR C 96 -39.72 3.81 -14.59
N GLY C 97 -39.96 3.59 -13.31
CA GLY C 97 -40.38 4.64 -12.39
C GLY C 97 -39.97 4.33 -10.96
N GLN C 98 -40.53 5.09 -10.02
CA GLN C 98 -40.34 4.86 -8.60
C GLN C 98 -41.71 4.76 -7.92
N TYR C 99 -41.85 3.81 -6.98
CA TYR C 99 -43.12 3.70 -6.27
C TYR C 99 -42.94 3.65 -4.76
N THR C 100 -44.02 4.04 -4.08
CA THR C 100 -44.07 4.13 -2.63
C THR C 100 -44.78 2.91 -2.02
N HIS C 101 -44.27 2.46 -0.86
CA HIS C 101 -44.74 1.22 -0.25
C HIS C 101 -45.03 1.33 1.25
N TYR C 102 -45.25 2.55 1.78
CA TYR C 102 -45.68 2.68 3.18
C TYR C 102 -46.90 1.82 3.49
N SER C 103 -46.95 1.28 4.71
CA SER C 103 -48.11 0.58 5.26
C SER C 103 -48.92 1.56 6.15
N LEU C 104 -49.83 1.02 6.98
CA LEU C 104 -50.71 1.75 7.88
C LEU C 104 -50.64 1.25 9.31
N ASP C 105 -50.84 2.17 10.26
CA ASP C 105 -51.05 1.76 11.65
C ASP C 105 -52.39 1.06 11.80
N LYS C 106 -52.40 -0.08 12.50
CA LYS C 106 -53.63 -0.88 12.50
C LYS C 106 -54.77 -0.15 13.22
N LYS C 107 -54.46 0.50 14.33
CA LYS C 107 -55.49 1.08 15.19
C LYS C 107 -56.12 2.31 14.55
N THR C 108 -55.30 3.21 14.00
CA THR C 108 -55.81 4.50 13.53
C THR C 108 -55.81 4.68 12.03
N GLY C 109 -55.14 3.83 11.28
CA GLY C 109 -55.18 3.96 9.83
C GLY C 109 -54.23 4.99 9.26
N LYS C 110 -53.42 5.63 10.10
CA LYS C 110 -52.39 6.56 9.63
C LYS C 110 -51.19 5.84 9.03
N PRO C 111 -50.43 6.51 8.15
CA PRO C 111 -49.28 5.85 7.51
C PRO C 111 -48.26 5.35 8.50
N ASP C 112 -47.66 4.23 8.13
CA ASP C 112 -46.45 3.68 8.73
C ASP C 112 -45.38 3.66 7.66
N TYR C 113 -44.33 4.44 7.86
CA TYR C 113 -43.42 4.78 6.75
C TYR C 113 -42.50 3.62 6.38
N VAL C 114 -42.41 2.59 7.21
CA VAL C 114 -41.61 1.43 6.85
C VAL C 114 -42.46 0.16 6.95
N THR C 115 -42.80 -0.40 5.79
CA THR C 115 -43.65 -1.57 5.71
C THR C 115 -42.87 -2.85 6.02
N ASP C 116 -43.61 -3.92 6.25
CA ASP C 116 -43.01 -5.25 6.25
C ASP C 116 -43.44 -5.97 4.96
N ALA C 118 -45.47 -8.48 4.47
CA ALA C 118 -46.89 -8.87 4.37
C ALA C 118 -47.79 -7.72 3.96
N ALA C 119 -47.65 -6.55 4.61
CA ALA C 119 -48.50 -5.43 4.23
C ALA C 119 -48.23 -5.01 2.79
N SER C 120 -46.96 -5.06 2.37
CA SER C 120 -46.56 -4.63 1.03
C SER C 120 -47.09 -5.58 -0.02
N ALA C 121 -46.93 -6.88 0.21
CA ALA C 121 -47.51 -7.88 -0.67
C ALA C 121 -49.03 -7.74 -0.76
N THR C 122 -49.71 -7.53 0.37
CA THR C 122 -51.14 -7.27 0.33
C THR C 122 -51.46 -6.11 -0.60
N ALA C 123 -50.65 -5.03 -0.54
CA ALA C 123 -50.91 -3.84 -1.36
C ALA C 123 -50.92 -4.17 -2.86
N TRP C 124 -49.91 -4.88 -3.37
CA TRP C 124 -49.92 -5.14 -4.82
C TRP C 124 -50.78 -6.35 -5.19
N THR C 125 -51.07 -7.24 -4.26
CA THR C 125 -51.93 -8.36 -4.60
C THR C 125 -53.42 -8.06 -4.42
N THR C 126 -53.79 -7.08 -3.56
CA THR C 126 -55.19 -6.71 -3.36
C THR C 126 -55.53 -5.28 -3.71
N GLY C 127 -54.56 -4.38 -3.81
CA GLY C 127 -54.88 -3.01 -4.04
C GLY C 127 -55.27 -2.22 -2.80
N VAL C 128 -55.19 -2.81 -1.60
CA VAL C 128 -55.51 -2.16 -0.33
C VAL C 128 -54.27 -2.06 0.56
N LYS C 129 -54.02 -0.88 1.12
CA LYS C 129 -53.02 -0.75 2.18
C LYS C 129 -53.46 -1.50 3.44
N THR C 130 -52.50 -1.98 4.21
CA THR C 130 -52.85 -2.64 5.46
C THR C 130 -51.72 -2.46 6.46
N TYR C 131 -51.83 -3.16 7.59
CA TYR C 131 -50.90 -3.04 8.70
C TYR C 131 -49.78 -4.07 8.61
N ASN C 132 -48.64 -3.75 9.18
CA ASN C 132 -47.51 -4.65 9.14
C ASN C 132 -47.86 -6.01 9.74
N GLY C 133 -47.57 -7.07 8.97
CA GLY C 133 -47.90 -8.42 9.34
C GLY C 133 -49.24 -8.94 8.86
N ALA C 134 -50.10 -8.09 8.30
CA ALA C 134 -51.37 -8.55 7.75
C ALA C 134 -51.15 -9.20 6.41
N LEU C 135 -51.92 -10.27 6.14
CA LEU C 135 -51.94 -10.93 4.82
C LEU C 135 -53.34 -10.92 4.24
N GLY C 136 -53.51 -10.22 3.13
CA GLY C 136 -54.74 -10.26 2.35
C GLY C 136 -55.97 -9.73 3.06
N VAL C 137 -55.79 -8.94 4.12
CA VAL C 137 -56.89 -8.31 4.85
C VAL C 137 -56.52 -6.85 5.11
N ASP C 138 -57.54 -5.99 5.26
CA ASP C 138 -57.34 -4.55 5.50
C ASP C 138 -57.15 -4.32 7.01
N ILE C 139 -57.11 -3.05 7.44
CA ILE C 139 -56.90 -2.76 8.86
C ILE C 139 -58.09 -3.18 9.72
N HIS C 140 -59.26 -3.41 9.10
CA HIS C 140 -60.44 -3.92 9.79
C HIS C 140 -60.50 -5.43 9.83
N GLU C 141 -59.47 -6.12 9.30
CA GLU C 141 -59.38 -7.57 9.25
C GLU C 141 -60.36 -8.17 8.24
N ASN C 142 -60.88 -7.38 7.34
CA ASN C 142 -61.69 -7.91 6.25
C ASN C 142 -60.79 -8.34 5.09
N ALA C 143 -61.07 -9.51 4.56
CA ALA C 143 -60.36 -10.02 3.40
C ALA C 143 -60.77 -9.31 2.11
N HIS C 144 -59.81 -9.24 1.21
CA HIS C 144 -59.96 -8.65 -0.10
C HIS C 144 -59.35 -9.62 -1.10
N GLN C 145 -59.98 -9.71 -2.25
CA GLN C 145 -59.56 -10.69 -3.24
C GLN C 145 -58.22 -10.29 -3.83
N THR C 146 -57.43 -11.29 -4.24
CA THR C 146 -56.09 -11.11 -4.78
C THR C 146 -56.08 -11.20 -6.31
N ILE C 147 -55.01 -10.68 -6.92
CA ILE C 147 -54.88 -10.75 -8.37
C ILE C 147 -54.86 -12.19 -8.85
N LEU C 148 -54.30 -13.09 -8.05
CA LEU C 148 -54.29 -14.49 -8.46
C LEU C 148 -55.68 -15.10 -8.40
N GLU C 149 -56.39 -14.92 -7.29
CA GLU C 149 -57.80 -15.32 -7.20
C GLU C 149 -58.63 -14.79 -8.36
N LEU C 150 -58.51 -13.50 -8.66
CA LEU C 150 -59.26 -12.90 -9.77
C LEU C 150 -58.86 -13.49 -11.13
N ALA C 151 -57.57 -13.68 -11.35
CA ALA C 151 -57.12 -14.24 -12.62
C ALA C 151 -57.69 -15.64 -12.84
N LYS C 152 -57.60 -16.49 -11.82
CA LYS C 152 -58.20 -17.83 -11.92
C LYS C 152 -59.71 -17.75 -12.14
N ALA C 153 -60.42 -16.96 -11.35
CA ALA C 153 -61.88 -16.88 -11.51
C ALA C 153 -62.26 -16.52 -12.93
N ALA C 154 -61.47 -15.67 -13.57
CA ALA C 154 -61.71 -15.28 -14.96
C ALA C 154 -61.26 -16.31 -15.99
N GLY C 155 -60.65 -17.41 -15.61
CA GLY C 155 -60.23 -18.41 -16.57
C GLY C 155 -58.76 -18.45 -16.93
N LEU C 156 -57.90 -17.61 -16.33
CA LEU C 156 -56.47 -17.63 -16.59
C LEU C 156 -55.77 -18.70 -15.76
N ALA C 157 -54.71 -19.25 -16.33
CA ALA C 157 -53.80 -20.10 -15.55
C ALA C 157 -53.01 -19.24 -14.57
N THR C 158 -52.68 -19.81 -13.43
CA THR C 158 -52.03 -19.05 -12.37
C THR C 158 -50.81 -19.78 -11.84
N GLY C 159 -49.77 -19.01 -11.52
CA GLY C 159 -48.53 -19.53 -10.98
C GLY C 159 -47.96 -18.67 -9.87
N ASN C 160 -47.39 -19.35 -8.87
CA ASN C 160 -46.81 -18.72 -7.69
C ASN C 160 -45.49 -19.42 -7.38
N VAL C 161 -44.37 -18.72 -7.59
CA VAL C 161 -43.02 -19.28 -7.46
C VAL C 161 -42.19 -18.44 -6.47
N SER C 162 -41.47 -19.10 -5.57
CA SER C 162 -40.60 -18.36 -4.65
C SER C 162 -39.43 -19.25 -4.20
N THR C 163 -38.30 -18.62 -3.87
CA THR C 163 -37.25 -19.35 -3.16
C THR C 163 -37.47 -19.38 -1.65
N ALA C 164 -38.48 -18.68 -1.14
CA ALA C 164 -38.82 -18.77 0.27
C ALA C 164 -39.73 -19.97 0.56
N GLU C 165 -40.02 -20.15 1.84
CA GLU C 165 -41.15 -20.96 2.23
C GLU C 165 -42.40 -20.44 1.54
N LEU C 166 -43.19 -21.36 0.96
CA LEU C 166 -44.44 -20.94 0.34
C LEU C 166 -45.41 -20.27 1.28
N GLN C 167 -45.27 -20.48 2.58
CA GLN C 167 -46.07 -19.81 3.59
C GLN C 167 -45.56 -18.41 3.94
N ASP C 168 -44.37 -18.02 3.48
CA ASP C 168 -43.83 -16.70 3.78
C ASP C 168 -44.68 -15.64 3.11
N ALA C 169 -44.53 -14.41 3.60
CA ALA C 169 -45.53 -13.38 3.29
C ALA C 169 -45.68 -13.15 1.78
N THR C 170 -44.57 -13.09 1.04
CA THR C 170 -44.66 -12.68 -0.37
C THR C 170 -45.49 -13.63 -1.22
N PRO C 171 -45.24 -14.96 -1.24
CA PRO C 171 -46.13 -15.84 -2.00
C PRO C 171 -47.45 -16.07 -1.30
N ALA C 172 -47.47 -16.07 0.03
CA ALA C 172 -48.71 -16.37 0.73
C ALA C 172 -49.78 -15.32 0.47
N ALA C 173 -49.37 -14.05 0.29
CA ALA C 173 -50.38 -13.00 0.08
C ALA C 173 -51.25 -13.28 -1.15
N LEU C 174 -50.74 -14.01 -2.15
CA LEU C 174 -51.58 -14.32 -3.31
C LEU C 174 -52.74 -15.27 -2.99
N VAL C 175 -52.65 -16.04 -1.92
CA VAL C 175 -53.53 -17.19 -1.75
C VAL C 175 -54.19 -17.25 -0.38
N ALA C 176 -53.77 -16.41 0.55
CA ALA C 176 -54.22 -16.52 1.93
C ALA C 176 -54.64 -15.17 2.49
N HIS C 177 -55.60 -15.22 3.43
CA HIS C 177 -56.17 -14.05 4.10
C HIS C 177 -56.19 -14.33 5.59
N VAL C 178 -55.23 -13.78 6.33
CA VAL C 178 -55.07 -14.02 7.75
C VAL C 178 -54.64 -12.74 8.44
N THR C 179 -54.94 -12.66 9.72
CA THR C 179 -54.65 -11.45 10.46
C THR C 179 -53.19 -11.34 10.86
N SER C 180 -52.44 -12.46 10.81
CA SER C 180 -51.00 -12.46 11.02
C SER C 180 -50.30 -13.40 10.05
N ARG C 181 -49.19 -12.90 9.50
CA ARG C 181 -48.33 -13.67 8.61
C ARG C 181 -47.65 -14.85 9.29
N LYS C 182 -47.73 -14.97 10.61
CA LYS C 182 -47.14 -16.12 11.28
C LYS C 182 -47.98 -17.39 11.22
N CYS C 183 -49.22 -17.31 10.74
CA CYS C 183 -50.18 -18.44 10.81
C CYS C 183 -49.97 -19.42 9.64
N TYR C 184 -48.80 -20.08 9.65
CA TYR C 184 -48.39 -20.94 8.54
C TYR C 184 -49.30 -22.14 8.39
N GLY C 185 -49.57 -22.83 9.49
CA GLY C 185 -50.35 -24.03 9.53
C GLY C 185 -51.35 -24.04 10.68
N PRO C 186 -52.09 -25.14 10.83
CA PRO C 186 -53.11 -25.23 11.88
C PRO C 186 -52.64 -24.85 13.28
N THR C 187 -51.45 -25.29 13.68
CA THR C 187 -51.08 -25.17 15.09
C THR C 187 -50.90 -23.71 15.49
N VAL C 188 -50.11 -22.96 14.72
CA VAL C 188 -49.93 -21.56 15.06
C VAL C 188 -51.22 -20.78 14.81
N THR C 189 -52.00 -21.16 13.78
CA THR C 189 -53.20 -20.40 13.45
C THR C 189 -54.19 -20.42 14.61
N SER C 190 -54.39 -21.59 15.22
CA SER C 190 -55.28 -21.70 16.37
C SER C 190 -54.84 -20.80 17.52
N GLU C 191 -53.51 -20.60 17.69
CA GLU C 191 -52.99 -19.78 18.78
C GLU C 191 -52.99 -18.29 18.43
N LYS C 192 -52.53 -17.90 17.23
CA LYS C 192 -52.33 -16.47 16.95
C LYS C 192 -53.39 -15.85 16.03
N CYS C 193 -54.13 -16.63 15.25
CA CYS C 193 -55.18 -16.11 14.36
C CYS C 193 -56.46 -16.89 14.60
N PRO C 194 -56.99 -16.85 15.84
CA PRO C 194 -58.13 -17.72 16.16
C PRO C 194 -59.31 -17.51 15.23
N SER C 195 -59.55 -16.31 14.71
CA SER C 195 -60.72 -16.12 13.84
C SER C 195 -60.54 -16.72 12.44
N ASN C 196 -59.32 -17.03 12.05
CA ASN C 196 -59.06 -17.71 10.79
C ASN C 196 -58.98 -19.22 10.93
N ALA C 197 -58.95 -19.74 12.15
CA ALA C 197 -58.70 -21.16 12.33
C ALA C 197 -59.90 -21.98 11.85
N LEU C 198 -59.59 -23.09 11.16
CA LEU C 198 -60.65 -23.86 10.52
C LEU C 198 -61.63 -24.39 11.56
N GLU C 199 -61.12 -24.93 12.67
CA GLU C 199 -61.99 -25.48 13.70
C GLU C 199 -62.82 -24.41 14.40
N LYS C 200 -62.51 -23.14 14.19
CA LYS C 200 -63.34 -22.08 14.76
C LYS C 200 -64.16 -21.37 13.70
N GLY C 201 -64.28 -21.97 12.52
CA GLY C 201 -65.10 -21.42 11.46
C GLY C 201 -64.39 -20.58 10.43
N GLY C 202 -63.08 -20.35 10.59
CA GLY C 202 -62.33 -19.50 9.68
C GLY C 202 -61.94 -20.20 8.38
N LYS C 203 -61.24 -19.44 7.53
CA LYS C 203 -60.83 -19.97 6.23
C LYS C 203 -59.64 -20.91 6.35
N GLY C 204 -58.89 -20.83 7.44
CA GLY C 204 -57.81 -21.75 7.72
C GLY C 204 -56.45 -21.07 7.75
N SER C 205 -55.43 -21.88 8.05
CA SER C 205 -54.08 -21.42 7.98
C SER C 205 -53.71 -20.98 6.57
N ILE C 206 -52.53 -20.36 6.47
CA ILE C 206 -51.98 -19.99 5.17
C ILE C 206 -51.93 -21.22 4.26
N THR C 207 -51.41 -22.34 4.77
CA THR C 207 -51.22 -23.50 3.90
C THR C 207 -52.56 -24.11 3.48
N GLU C 208 -53.55 -24.16 4.38
CA GLU C 208 -54.86 -24.66 3.98
C GLU C 208 -55.51 -23.77 2.91
N GLN C 209 -55.35 -22.46 3.04
CA GLN C 209 -55.91 -21.56 2.05
C GLN C 209 -55.21 -21.73 0.70
N LEU C 210 -53.90 -21.96 0.74
N LEU C 210 -53.89 -21.93 0.74
CA LEU C 210 -53.16 -22.22 -0.50
CA LEU C 210 -53.15 -22.24 -0.48
C LEU C 210 -53.76 -23.41 -1.24
C LEU C 210 -53.80 -23.40 -1.23
N LEU C 211 -54.03 -24.51 -0.53
CA LEU C 211 -54.58 -25.69 -1.18
C LEU C 211 -55.99 -25.43 -1.74
N ASN C 212 -56.79 -24.61 -1.04
CA ASN C 212 -58.08 -24.20 -1.56
C ASN C 212 -57.92 -23.31 -2.79
N ALA C 213 -56.92 -22.41 -2.76
CA ALA C 213 -56.71 -21.47 -3.86
C ALA C 213 -56.39 -22.20 -5.15
N ARG C 214 -55.58 -23.25 -5.07
CA ARG C 214 -55.29 -24.18 -6.16
C ARG C 214 -54.74 -23.47 -7.40
N PRO C 215 -53.60 -22.79 -7.31
CA PRO C 215 -52.94 -22.32 -8.52
C PRO C 215 -52.55 -23.50 -9.40
N ASP C 216 -52.44 -23.25 -10.70
CA ASP C 216 -51.96 -24.28 -11.61
C ASP C 216 -50.55 -24.71 -11.26
N VAL C 217 -49.72 -23.76 -10.84
CA VAL C 217 -48.32 -24.06 -10.52
C VAL C 217 -47.94 -23.31 -9.25
N THR C 218 -47.46 -24.05 -8.24
CA THR C 218 -46.93 -23.48 -7.02
C THR C 218 -45.58 -24.13 -6.76
N LEU C 219 -44.53 -23.34 -6.72
CA LEU C 219 -43.16 -23.89 -6.59
C LEU C 219 -42.38 -23.14 -5.53
N GLY C 220 -41.80 -23.87 -4.59
CA GLY C 220 -40.97 -23.18 -3.62
C GLY C 220 -40.56 -24.09 -2.49
N GLY C 221 -40.21 -23.45 -1.37
CA GLY C 221 -39.85 -24.16 -0.17
C GLY C 221 -41.05 -24.29 0.76
N GLY C 222 -40.76 -24.68 1.99
CA GLY C 222 -41.77 -24.77 3.00
C GLY C 222 -42.48 -26.11 3.13
N ALA C 223 -41.76 -27.22 2.94
CA ALA C 223 -42.37 -28.53 3.11
C ALA C 223 -42.72 -28.81 4.56
N LYS C 224 -41.99 -28.21 5.49
CA LYS C 224 -42.24 -28.46 6.92
C LYS C 224 -43.72 -28.33 7.28
N THR C 225 -44.35 -27.21 6.88
CA THR C 225 -45.73 -27.00 7.30
C THR C 225 -46.68 -28.00 6.65
N PHE C 226 -46.33 -28.55 5.47
CA PHE C 226 -47.18 -29.55 4.86
C PHE C 226 -47.21 -30.84 5.66
N ALA C 227 -46.30 -31.00 6.65
CA ALA C 227 -46.34 -32.17 7.52
C ALA C 227 -47.31 -32.02 8.70
N GLU C 228 -47.88 -30.83 8.90
CA GLU C 228 -48.91 -30.65 9.93
C GLU C 228 -50.20 -31.34 9.51
N THR C 229 -51.01 -31.70 10.51
CA THR C 229 -52.32 -32.32 10.33
C THR C 229 -53.44 -31.30 10.49
N ALA C 230 -54.47 -31.40 9.64
CA ALA C 230 -55.63 -30.52 9.76
C ALA C 230 -56.47 -30.97 10.95
N THR C 231 -56.99 -29.99 11.68
CA THR C 231 -57.77 -30.23 12.89
C THR C 231 -59.26 -30.27 12.62
N ALA C 232 -59.67 -29.98 11.39
CA ALA C 232 -61.08 -29.97 11.04
C ALA C 232 -61.18 -30.14 9.52
N GLY C 233 -62.39 -29.98 9.01
CA GLY C 233 -62.62 -30.02 7.59
C GLY C 233 -62.73 -31.44 7.05
N GLU C 234 -62.93 -31.51 5.74
CA GLU C 234 -63.04 -32.80 5.05
C GLU C 234 -61.77 -33.65 5.15
N TRP C 235 -60.63 -33.04 5.47
CA TRP C 235 -59.37 -33.76 5.56
C TRP C 235 -58.77 -33.70 6.96
N GLN C 236 -59.66 -33.58 7.96
CA GLN C 236 -59.22 -33.64 9.34
C GLN C 236 -58.47 -34.94 9.57
N GLY C 237 -57.34 -34.85 10.28
CA GLY C 237 -56.53 -36.02 10.59
C GLY C 237 -55.53 -36.45 9.53
N LYS C 238 -55.53 -35.84 8.35
CA LYS C 238 -54.49 -36.06 7.35
C LYS C 238 -53.49 -34.91 7.42
N THR C 239 -52.25 -35.20 7.02
CA THR C 239 -51.30 -34.13 6.83
C THR C 239 -51.75 -33.29 5.65
N LEU C 240 -51.32 -32.03 5.62
CA LEU C 240 -51.65 -31.19 4.49
C LEU C 240 -50.99 -31.71 3.21
N ARG C 241 -49.89 -32.45 3.31
CA ARG C 241 -49.35 -33.10 2.12
C ARG C 241 -50.27 -34.19 1.60
N GLU C 242 -50.79 -35.03 2.51
CA GLU C 242 -51.79 -36.04 2.15
C GLU C 242 -53.07 -35.40 1.63
N GLN C 243 -53.46 -34.28 2.21
CA GLN C 243 -54.60 -33.56 1.65
C GLN C 243 -54.31 -33.16 0.21
N ALA C 244 -53.12 -32.59 -0.04
CA ALA C 244 -52.79 -32.18 -1.40
C ALA C 244 -52.81 -33.37 -2.36
N GLN C 245 -52.23 -34.49 -1.97
CA GLN C 245 -52.31 -35.69 -2.80
C GLN C 245 -53.75 -36.10 -3.06
N ALA C 246 -54.60 -36.02 -2.03
CA ALA C 246 -55.98 -36.47 -2.16
C ALA C 246 -56.79 -35.56 -3.10
N ARG C 247 -56.44 -34.28 -3.17
CA ARG C 247 -57.16 -33.31 -3.97
C ARG C 247 -56.60 -33.16 -5.38
N GLY C 248 -55.70 -34.04 -5.78
CA GLY C 248 -55.25 -34.10 -7.16
C GLY C 248 -53.92 -33.41 -7.47
N TYR C 249 -53.24 -32.83 -6.49
CA TYR C 249 -51.98 -32.16 -6.78
C TYR C 249 -50.91 -33.17 -7.21
N GLN C 250 -50.11 -32.78 -8.22
CA GLN C 250 -48.87 -33.46 -8.57
C GLN C 250 -47.74 -32.84 -7.75
N ILE C 251 -47.16 -33.62 -6.85
CA ILE C 251 -46.10 -33.11 -5.98
C ILE C 251 -44.74 -33.54 -6.54
N VAL C 252 -43.82 -32.59 -6.64
CA VAL C 252 -42.43 -32.80 -7.02
C VAL C 252 -41.52 -32.19 -5.97
N THR C 253 -40.30 -32.73 -5.85
CA THR C 253 -39.45 -32.39 -4.72
C THR C 253 -38.00 -32.12 -5.08
N ASP C 254 -37.63 -32.10 -6.35
CA ASP C 254 -36.25 -31.76 -6.71
C ASP C 254 -36.17 -31.42 -8.18
N ALA C 255 -34.95 -31.07 -8.60
CA ALA C 255 -34.73 -30.52 -9.93
C ALA C 255 -35.14 -31.51 -11.02
N ALA C 256 -34.77 -32.78 -10.86
CA ALA C 256 -35.13 -33.80 -11.84
C ALA C 256 -36.63 -34.02 -11.93
N SER C 257 -37.30 -34.16 -10.79
CA SER C 257 -38.75 -34.34 -10.84
C SER C 257 -39.44 -33.11 -11.41
N LEU C 258 -38.97 -31.91 -11.05
CA LEU C 258 -39.56 -30.70 -11.62
C LEU C 258 -39.39 -30.67 -13.13
N ALA C 259 -38.20 -31.03 -13.61
CA ALA C 259 -37.94 -30.98 -15.04
C ALA C 259 -38.77 -32.01 -15.78
N ALA C 260 -39.07 -33.15 -15.13
CA ALA C 260 -39.88 -34.18 -15.77
C ALA C 260 -41.35 -33.78 -15.91
N ALA C 261 -41.80 -32.78 -15.17
CA ALA C 261 -43.21 -32.38 -15.27
C ALA C 261 -43.51 -31.88 -16.67
N THR C 262 -44.63 -32.33 -17.22
CA THR C 262 -45.02 -31.96 -18.58
C THR C 262 -46.35 -31.19 -18.68
N GLU C 263 -47.19 -31.21 -17.65
CA GLU C 263 -48.47 -30.51 -17.71
C GLU C 263 -48.82 -29.95 -16.33
N ALA C 264 -49.62 -28.89 -16.32
CA ALA C 264 -50.20 -28.38 -15.08
C ALA C 264 -51.53 -27.72 -15.41
N SER C 265 -52.51 -27.97 -14.57
CA SER C 265 -53.88 -27.58 -14.86
C SER C 265 -54.65 -27.60 -13.56
N GLN C 266 -55.89 -27.11 -13.63
CA GLN C 266 -56.81 -27.22 -12.52
C GLN C 266 -57.17 -28.66 -12.21
N ASP C 267 -57.11 -29.55 -13.20
CA ASP C 267 -57.33 -30.96 -12.89
C ASP C 267 -56.10 -31.59 -12.27
N LYS C 268 -54.91 -31.15 -12.68
CA LYS C 268 -53.66 -31.75 -12.16
C LYS C 268 -52.67 -30.62 -11.82
N PRO C 269 -52.90 -29.89 -10.73
CA PRO C 269 -52.01 -28.76 -10.41
C PRO C 269 -50.67 -29.26 -9.89
N LEU C 270 -49.62 -28.51 -10.23
CA LEU C 270 -48.26 -28.87 -9.84
C LEU C 270 -47.89 -28.17 -8.54
N LEU C 271 -47.32 -28.93 -7.60
CA LEU C 271 -46.91 -28.43 -6.31
C LEU C 271 -45.47 -28.87 -6.08
N GLY C 272 -44.55 -27.90 -6.04
CA GLY C 272 -43.16 -28.20 -5.86
C GLY C 272 -42.69 -27.85 -4.46
N LEU C 273 -42.27 -28.84 -3.68
CA LEU C 273 -41.82 -28.62 -2.32
C LEU C 273 -40.33 -29.02 -2.23
N PHE C 274 -39.43 -28.04 -2.29
CA PHE C 274 -38.03 -28.35 -2.56
C PHE C 274 -37.12 -28.18 -1.36
N ALA C 275 -37.65 -27.70 -0.24
CA ALA C 275 -36.85 -27.54 0.97
C ALA C 275 -37.81 -27.51 2.14
N ASP C 276 -37.30 -27.85 3.32
CA ASP C 276 -38.09 -27.79 4.54
C ASP C 276 -38.49 -26.37 4.86
N GLY C 277 -37.52 -25.46 4.81
CA GLY C 277 -37.77 -24.05 5.02
C GLY C 277 -37.53 -23.29 3.73
N ASN C 278 -36.71 -22.24 3.80
CA ASN C 278 -36.36 -21.50 2.59
C ASN C 278 -35.38 -22.30 1.76
N MET C 279 -35.42 -22.09 0.44
CA MET C 279 -34.41 -22.84 -0.28
C MET C 279 -33.04 -22.17 -0.15
N PRO C 280 -31.98 -22.98 -0.01
CA PRO C 280 -30.66 -22.44 0.33
C PRO C 280 -30.15 -21.41 -0.68
N VAL C 281 -29.48 -20.39 -0.17
CA VAL C 281 -28.96 -19.34 -1.02
C VAL C 281 -27.72 -19.84 -1.75
N ARG C 282 -27.35 -19.15 -2.82
CA ARG C 282 -26.28 -19.67 -3.67
C ARG C 282 -24.88 -19.29 -3.18
N TRP C 283 -24.71 -18.15 -2.54
CA TRP C 283 -23.38 -17.69 -2.15
C TRP C 283 -23.28 -17.49 -0.65
N GLU C 284 -22.06 -17.49 -0.16
CA GLU C 284 -21.80 -17.16 1.22
C GLU C 284 -20.51 -16.35 1.29
N GLY C 285 -20.41 -15.61 2.38
CA GLY C 285 -19.23 -14.86 2.71
C GLY C 285 -19.30 -14.59 4.19
N PRO C 286 -18.25 -14.01 4.74
CA PRO C 286 -18.31 -13.61 6.15
C PRO C 286 -19.36 -12.53 6.33
N LYS C 287 -19.97 -12.53 7.51
CA LYS C 287 -20.84 -11.44 7.89
C LYS C 287 -20.04 -10.14 7.98
N ALA C 288 -20.70 -9.03 7.69
CA ALA C 288 -20.08 -7.72 7.86
C ALA C 288 -19.81 -7.48 9.34
N SER C 289 -18.79 -6.67 9.64
CA SER C 289 -18.36 -6.51 11.02
C SER C 289 -17.94 -5.08 11.30
N TYR C 290 -17.82 -4.77 12.59
CA TYR C 290 -17.37 -3.44 12.98
C TYR C 290 -16.00 -3.16 12.36
N HIS C 291 -15.90 -2.03 11.66
CA HIS C 291 -14.70 -1.66 10.91
C HIS C 291 -14.22 -2.81 10.03
N GLY C 292 -15.18 -3.51 9.42
CA GLY C 292 -14.82 -4.65 8.60
C GLY C 292 -13.98 -4.30 7.39
N ASN C 293 -14.26 -3.14 6.80
CA ASN C 293 -13.52 -2.69 5.62
C ASN C 293 -12.10 -2.27 5.94
N ILE C 294 -11.81 -2.02 7.21
CA ILE C 294 -10.51 -1.52 7.64
C ILE C 294 -9.66 -2.70 8.09
N ASP C 295 -10.19 -3.42 9.06
CA ASP C 295 -9.46 -4.45 9.76
C ASP C 295 -9.42 -5.78 9.04
N LYS C 296 -10.33 -6.03 8.09
CA LYS C 296 -10.31 -7.32 7.41
C LYS C 296 -10.05 -7.11 5.92
N PRO C 297 -9.44 -8.07 5.26
CA PRO C 297 -9.16 -7.90 3.84
C PRO C 297 -10.44 -7.95 3.02
N PRO C 298 -10.40 -7.50 1.78
CA PRO C 298 -11.59 -7.58 0.94
C PRO C 298 -11.95 -9.03 0.70
N VAL C 299 -13.24 -9.26 0.45
CA VAL C 299 -13.84 -10.59 0.37
C VAL C 299 -14.20 -10.89 -1.07
N THR C 300 -14.01 -12.14 -1.46
CA THR C 300 -14.61 -12.71 -2.65
C THR C 300 -15.69 -13.71 -2.24
N CYS C 301 -16.89 -13.55 -2.80
CA CYS C 301 -17.97 -14.46 -2.46
C CYS C 301 -17.66 -15.86 -2.99
N THR C 302 -18.10 -16.86 -2.24
CA THR C 302 -17.90 -18.27 -2.56
C THR C 302 -19.20 -19.04 -2.42
N PRO C 303 -19.28 -20.24 -3.01
CA PRO C 303 -20.54 -21.00 -2.92
C PRO C 303 -20.94 -21.33 -1.49
N ASN C 304 -22.25 -21.18 -1.20
CA ASN C 304 -22.84 -21.72 0.02
C ASN C 304 -22.69 -23.23 0.04
N PRO C 305 -22.05 -23.82 1.06
CA PRO C 305 -21.87 -25.28 1.06
C PRO C 305 -23.17 -26.05 1.15
N LYS C 306 -24.22 -25.45 1.70
CA LYS C 306 -25.51 -26.12 1.77
C LYS C 306 -26.25 -26.10 0.44
N ARG C 307 -25.79 -25.32 -0.52
CA ARG C 307 -26.38 -25.33 -1.86
C ARG C 307 -26.00 -26.60 -2.60
N ASP C 308 -26.97 -27.16 -3.32
CA ASP C 308 -26.80 -28.47 -3.96
C ASP C 308 -27.60 -28.48 -5.26
N ALA C 309 -27.01 -29.05 -6.30
CA ALA C 309 -27.64 -29.08 -7.63
C ALA C 309 -28.95 -29.87 -7.69
N SER C 310 -29.27 -30.70 -6.68
CA SER C 310 -30.54 -31.41 -6.70
C SER C 310 -31.73 -30.50 -6.42
N VAL C 311 -31.48 -29.30 -5.90
CA VAL C 311 -32.51 -28.31 -5.62
C VAL C 311 -32.63 -27.42 -6.84
N PRO C 312 -33.81 -27.25 -7.42
CA PRO C 312 -33.90 -26.45 -8.65
C PRO C 312 -33.54 -25.00 -8.35
N THR C 313 -32.98 -24.34 -9.36
CA THR C 313 -32.71 -22.90 -9.29
C THR C 313 -33.98 -22.08 -9.57
N LEU C 314 -33.90 -20.80 -9.23
CA LEU C 314 -35.04 -19.91 -9.49
C LEU C 314 -35.30 -19.82 -10.99
N ALA C 315 -34.23 -19.78 -11.80
CA ALA C 315 -34.40 -19.74 -13.25
C ALA C 315 -35.05 -21.00 -13.75
N GLN C 316 -34.69 -22.16 -13.19
CA GLN C 316 -35.31 -23.40 -13.64
CA GLN C 316 -35.33 -23.38 -13.66
C GLN C 316 -36.81 -23.38 -13.31
N MET C 317 -37.15 -22.96 -12.10
CA MET C 317 -38.54 -22.89 -11.68
C MET C 317 -39.32 -21.89 -12.53
N THR C 318 -38.71 -20.74 -12.83
CA THR C 318 -39.40 -19.72 -13.62
C THR C 318 -39.72 -20.23 -15.02
N GLU C 319 -38.73 -20.86 -15.68
CA GLU C 319 -38.88 -21.30 -17.07
C GLU C 319 -39.91 -22.42 -17.17
N LYS C 320 -39.92 -23.32 -16.18
CA LYS C 320 -40.87 -24.44 -16.23
C LYS C 320 -42.29 -23.95 -16.00
N ALA C 321 -42.47 -23.02 -15.06
CA ALA C 321 -43.77 -22.41 -14.82
C ALA C 321 -44.30 -21.72 -16.07
N ILE C 322 -43.46 -20.91 -16.72
CA ILE C 322 -43.89 -20.28 -17.96
C ILE C 322 -44.28 -21.34 -18.99
N ASP C 323 -43.46 -22.37 -19.14
CA ASP C 323 -43.74 -23.39 -20.14
C ASP C 323 -45.09 -24.03 -19.89
N LEU C 324 -45.36 -24.39 -18.63
CA LEU C 324 -46.61 -25.08 -18.33
C LEU C 324 -47.80 -24.13 -18.38
N LEU C 325 -47.64 -22.90 -17.89
CA LEU C 325 -48.79 -21.98 -17.86
C LEU C 325 -49.14 -21.45 -19.24
N SER C 326 -48.16 -21.37 -20.14
CA SER C 326 -48.44 -20.78 -21.44
C SER C 326 -49.30 -21.70 -22.31
N ARG C 327 -49.59 -22.93 -21.87
CA ARG C 327 -50.48 -23.77 -22.67
C ARG C 327 -51.93 -23.36 -22.52
N ASN C 328 -52.27 -22.55 -21.51
CA ASN C 328 -53.63 -22.05 -21.40
C ASN C 328 -53.86 -21.02 -22.49
N GLU C 329 -54.90 -21.25 -23.28
CA GLU C 329 -55.19 -20.36 -24.39
C GLU C 329 -55.60 -18.98 -23.89
N LYS C 330 -56.23 -18.91 -22.74
CA LYS C 330 -56.76 -17.65 -22.30
C LYS C 330 -55.66 -16.74 -21.75
N GLY C 331 -54.54 -17.30 -21.30
CA GLY C 331 -53.46 -16.51 -20.70
C GLY C 331 -53.14 -16.99 -19.30
N PHE C 332 -52.17 -16.29 -18.69
CA PHE C 332 -51.71 -16.65 -17.35
C PHE C 332 -51.16 -15.45 -16.60
N PHE C 333 -51.25 -15.57 -15.27
CA PHE C 333 -50.63 -14.67 -14.31
C PHE C 333 -49.62 -15.48 -13.52
N LEU C 334 -48.39 -14.98 -13.44
CA LEU C 334 -47.32 -15.64 -12.72
C LEU C 334 -46.58 -14.62 -11.85
N GLN C 335 -46.44 -14.91 -10.57
CA GLN C 335 -45.56 -14.16 -9.67
C GLN C 335 -44.35 -15.01 -9.31
N VAL C 336 -43.17 -14.41 -9.42
CA VAL C 336 -41.90 -15.04 -9.07
C VAL C 336 -41.15 -14.17 -8.05
N GLU C 337 -40.71 -14.78 -6.94
CA GLU C 337 -40.02 -14.03 -5.90
C GLU C 337 -38.61 -14.57 -5.74
N GLY C 338 -37.63 -13.69 -5.90
CA GLY C 338 -36.30 -13.92 -5.38
C GLY C 338 -36.31 -13.48 -3.93
N ALA C 339 -36.45 -14.44 -3.01
CA ALA C 339 -36.85 -14.12 -1.64
C ALA C 339 -35.71 -13.80 -0.68
N SER C 340 -34.51 -14.37 -0.84
CA SER C 340 -33.53 -14.24 0.23
C SER C 340 -32.58 -13.05 0.06
N ILE C 341 -32.81 -12.20 -0.96
CA ILE C 341 -32.16 -10.91 -0.99
C ILE C 341 -32.38 -10.20 0.34
N ASP C 342 -33.66 -10.10 0.72
CA ASP C 342 -34.07 -9.45 1.95
C ASP C 342 -33.49 -10.16 3.18
N LYS C 343 -33.55 -11.49 3.20
CA LYS C 343 -33.16 -12.23 4.39
C LYS C 343 -31.66 -12.14 4.62
N GLN C 344 -30.88 -12.11 3.53
CA GLN C 344 -29.44 -11.91 3.69
C GLN C 344 -29.11 -10.45 4.01
N ASP C 345 -29.89 -9.48 3.50
CA ASP C 345 -29.74 -8.09 3.92
C ASP C 345 -29.92 -7.96 5.44
N HIS C 346 -30.97 -8.60 5.97
CA HIS C 346 -31.18 -8.62 7.41
C HIS C 346 -29.94 -9.11 8.17
N ALA C 347 -29.31 -10.17 7.68
CA ALA C 347 -28.16 -10.76 8.36
C ALA C 347 -26.87 -10.02 8.08
N ALA C 348 -26.91 -8.84 7.44
CA ALA C 348 -25.69 -8.12 7.09
C ALA C 348 -24.67 -9.02 6.40
N ASN C 349 -25.12 -9.77 5.40
CA ASN C 349 -24.26 -10.68 4.66
C ASN C 349 -24.22 -10.25 3.20
N PRO C 350 -23.23 -9.44 2.83
CA PRO C 350 -23.22 -8.93 1.46
C PRO C 350 -23.22 -10.02 0.41
N CYS C 351 -22.44 -11.08 0.61
CA CYS C 351 -22.33 -12.11 -0.42
C CYS C 351 -23.64 -12.85 -0.61
N GLY C 352 -24.29 -13.23 0.49
CA GLY C 352 -25.58 -13.87 0.36
C GLY C 352 -26.60 -12.99 -0.34
N GLN C 353 -26.58 -11.68 -0.04
CA GLN C 353 -27.54 -10.72 -0.58
C GLN C 353 -27.33 -10.51 -2.08
N ILE C 354 -26.08 -10.31 -2.49
CA ILE C 354 -25.80 -10.11 -3.92
C ILE C 354 -26.11 -11.36 -4.74
N GLY C 355 -25.74 -12.53 -4.22
CA GLY C 355 -25.98 -13.76 -4.98
C GLY C 355 -27.45 -13.98 -5.30
N GLU C 356 -28.32 -13.67 -4.35
CA GLU C 356 -29.75 -13.80 -4.60
C GLU C 356 -30.24 -12.74 -5.58
N THR C 357 -29.62 -11.56 -5.61
CA THR C 357 -29.94 -10.61 -6.68
C THR C 357 -29.48 -11.13 -8.05
N VAL C 358 -28.25 -11.62 -8.12
CA VAL C 358 -27.80 -12.26 -9.36
C VAL C 358 -28.75 -13.38 -9.75
N ASP C 359 -29.27 -14.10 -8.75
CA ASP C 359 -30.19 -15.19 -8.99
C ASP C 359 -31.51 -14.69 -9.57
N LEU C 360 -32.03 -13.58 -9.06
CA LEU C 360 -33.25 -13.01 -9.60
C LEU C 360 -33.04 -12.51 -11.03
N ASP C 361 -31.87 -11.95 -11.31
CA ASP C 361 -31.59 -11.52 -12.68
C ASP C 361 -31.71 -12.68 -13.67
N GLU C 362 -31.24 -13.87 -13.28
CA GLU C 362 -31.38 -15.02 -14.20
C GLU C 362 -32.84 -15.33 -14.47
N ALA C 363 -33.70 -15.20 -13.46
CA ALA C 363 -35.12 -15.44 -13.64
C ALA C 363 -35.76 -14.39 -14.53
N VAL C 364 -35.36 -13.13 -14.36
CA VAL C 364 -35.91 -12.06 -15.18
C VAL C 364 -35.58 -12.33 -16.63
N GLN C 365 -34.36 -12.81 -16.88
CA GLN C 365 -33.97 -13.14 -18.25
C GLN C 365 -34.90 -14.18 -18.88
N LYS C 366 -35.22 -15.25 -18.13
CA LYS C 366 -36.16 -16.25 -18.63
C LYS C 366 -37.51 -15.62 -18.96
N ALA C 367 -37.99 -14.70 -18.09
CA ALA C 367 -39.26 -14.02 -18.30
C ALA C 367 -39.24 -13.10 -19.53
N LEU C 368 -38.13 -12.38 -19.73
CA LEU C 368 -38.05 -11.47 -20.87
C LEU C 368 -37.85 -12.21 -22.18
N GLU C 369 -37.01 -13.26 -22.17
CA GLU C 369 -36.87 -14.11 -23.35
C GLU C 369 -38.22 -14.58 -23.84
N PHE C 370 -39.04 -15.12 -22.93
CA PHE C 370 -40.39 -15.54 -23.32
C PHE C 370 -41.23 -14.35 -23.79
N ALA C 371 -41.20 -13.24 -23.04
CA ALA C 371 -42.09 -12.12 -23.35
C ALA C 371 -41.78 -11.50 -24.71
N ARG C 372 -40.49 -11.37 -25.03
CA ARG C 372 -40.14 -10.75 -26.30
C ARG C 372 -40.60 -11.61 -27.48
N LYS C 373 -40.56 -12.94 -27.33
CA LYS C 373 -41.03 -13.81 -28.40
C LYS C 373 -42.55 -13.82 -28.48
N ASP C 374 -43.19 -13.81 -27.31
CA ASP C 374 -44.64 -13.92 -27.26
C ASP C 374 -45.35 -12.66 -27.77
N GLY C 375 -44.83 -11.50 -27.40
CA GLY C 375 -45.41 -10.23 -27.80
C GLY C 375 -46.67 -9.81 -27.06
N ASN C 376 -47.21 -10.66 -26.18
CA ASN C 376 -48.47 -10.36 -25.51
C ASN C 376 -48.37 -10.45 -24.00
N THR C 377 -47.17 -10.22 -23.47
CA THR C 377 -46.85 -10.44 -22.07
C THR C 377 -46.30 -9.17 -21.43
N LEU C 378 -46.88 -8.76 -20.31
CA LEU C 378 -46.34 -7.69 -19.47
C LEU C 378 -45.45 -8.28 -18.39
N VAL C 379 -44.20 -7.82 -18.34
CA VAL C 379 -43.24 -8.25 -17.34
C VAL C 379 -42.93 -7.05 -16.43
N ILE C 380 -43.03 -7.26 -15.14
CA ILE C 380 -42.70 -6.24 -14.15
C ILE C 380 -41.66 -6.78 -13.17
N VAL C 381 -40.70 -5.93 -12.84
CA VAL C 381 -39.62 -6.22 -11.90
C VAL C 381 -39.52 -5.09 -10.87
N THR C 382 -39.67 -5.43 -9.61
CA THR C 382 -39.67 -4.46 -8.53
C THR C 382 -39.37 -5.19 -7.21
N ALA C 383 -39.51 -4.47 -6.11
CA ALA C 383 -39.28 -4.98 -4.76
C ALA C 383 -40.48 -4.68 -3.88
N ASP C 384 -40.59 -5.41 -2.77
CA ASP C 384 -41.65 -5.09 -1.82
C ASP C 384 -41.33 -3.88 -0.94
N HIS C 385 -40.07 -3.68 -0.60
CA HIS C 385 -39.63 -2.55 0.19
C HIS C 385 -38.12 -2.48 0.03
N ALA C 386 -37.54 -1.42 0.55
CA ALA C 386 -36.11 -1.22 0.49
C ALA C 386 -35.48 -1.82 1.73
N HIS C 387 -34.16 -1.88 1.72
CA HIS C 387 -33.47 -2.52 2.81
C HIS C 387 -32.30 -1.67 3.25
N ALA C 388 -31.43 -2.26 4.06
CA ALA C 388 -30.51 -1.48 4.86
C ALA C 388 -29.24 -1.12 4.09
N SER C 389 -28.74 -2.05 3.26
CA SER C 389 -27.36 -1.95 2.77
C SER C 389 -27.10 -0.67 2.00
N GLN C 390 -25.94 -0.07 2.25
CA GLN C 390 -25.48 1.12 1.54
C GLN C 390 -24.06 0.91 1.03
N ILE C 391 -23.78 1.49 -0.14
CA ILE C 391 -22.44 1.53 -0.75
C ILE C 391 -21.75 2.79 -0.25
N ILE C 392 -20.62 2.63 0.43
CA ILE C 392 -19.96 3.78 1.04
C ILE C 392 -18.48 3.81 0.70
N PRO C 393 -17.77 4.92 0.96
CA PRO C 393 -16.39 5.03 0.50
C PRO C 393 -15.53 3.96 1.16
N ALA C 394 -14.54 3.50 0.40
CA ALA C 394 -13.72 2.37 0.83
C ALA C 394 -13.03 2.64 2.16
N ASP C 395 -12.66 3.86 2.43
CA ASP C 395 -11.96 4.21 3.67
C ASP C 395 -12.90 4.72 4.76
N SER C 396 -14.17 4.38 4.67
CA SER C 396 -15.13 4.82 5.67
C SER C 396 -14.85 4.21 7.04
N LYS C 397 -15.08 5.01 8.08
CA LYS C 397 -15.14 4.54 9.45
C LYS C 397 -16.59 4.70 9.91
N ALA C 398 -17.32 3.59 9.97
CA ALA C 398 -18.75 3.58 10.20
C ALA C 398 -19.08 2.87 11.51
N PRO C 399 -20.25 3.17 12.11
CA PRO C 399 -20.57 2.61 13.44
C PRO C 399 -21.24 1.27 13.45
N GLY C 400 -21.76 0.85 12.29
CA GLY C 400 -22.48 -0.40 12.11
C GLY C 400 -21.57 -1.49 11.59
N LEU C 401 -22.11 -2.34 10.70
CA LEU C 401 -21.37 -3.47 10.15
C LEU C 401 -20.94 -3.19 8.72
N THR C 402 -19.68 -3.46 8.42
CA THR C 402 -19.15 -3.15 7.10
C THR C 402 -18.29 -4.29 6.57
N GLN C 403 -18.08 -4.27 5.26
CA GLN C 403 -17.28 -5.28 4.59
C GLN C 403 -16.75 -4.70 3.30
N ALA C 404 -15.51 -5.03 2.96
CA ALA C 404 -14.95 -4.70 1.65
C ALA C 404 -15.00 -5.92 0.73
N LEU C 405 -15.40 -5.70 -0.53
CA LEU C 405 -15.53 -6.76 -1.52
C LEU C 405 -14.66 -6.50 -2.75
N ASN C 406 -14.09 -7.58 -3.29
CA ASN C 406 -13.41 -7.54 -4.58
C ASN C 406 -14.45 -7.64 -5.69
N THR C 407 -14.57 -6.61 -6.52
CA THR C 407 -15.57 -6.62 -7.58
C THR C 407 -15.02 -7.11 -8.92
N HIS C 408 -15.97 -7.31 -9.85
CA HIS C 408 -15.66 -7.63 -11.22
C HIS C 408 -14.78 -6.60 -11.92
N ASP C 409 -14.78 -5.33 -11.47
CA ASP C 409 -13.92 -4.30 -12.02
C ASP C 409 -12.46 -4.42 -11.56
N GLY C 410 -12.17 -5.25 -10.56
CA GLY C 410 -10.87 -5.28 -9.94
C GLY C 410 -10.65 -4.18 -8.95
N ALA C 411 -11.71 -3.65 -8.38
CA ALA C 411 -11.66 -2.57 -7.42
C ALA C 411 -12.35 -3.04 -6.15
N VAL C 412 -12.30 -2.21 -5.11
CA VAL C 412 -12.90 -2.53 -3.83
C VAL C 412 -14.20 -1.74 -3.70
N MET C 413 -15.28 -2.42 -3.31
CA MET C 413 -16.49 -1.73 -2.90
C MET C 413 -16.77 -2.08 -1.44
N VAL C 414 -17.22 -1.11 -0.67
CA VAL C 414 -17.55 -1.34 0.72
C VAL C 414 -19.04 -1.19 0.91
N MET C 415 -19.64 -2.19 1.55
CA MET C 415 -21.04 -2.05 1.95
C MET C 415 -21.19 -2.03 3.45
N SER C 416 -22.25 -1.35 3.85
CA SER C 416 -22.48 -0.89 5.20
C SER C 416 -23.92 -1.16 5.62
N TYR C 417 -24.07 -1.67 6.83
CA TYR C 417 -25.36 -2.01 7.42
C TYR C 417 -25.40 -1.22 8.73
N GLY C 418 -26.10 -0.10 8.74
CA GLY C 418 -25.96 0.82 9.84
C GLY C 418 -27.24 1.25 10.49
N ASN C 419 -28.33 0.49 10.29
CA ASN C 419 -29.61 0.92 10.85
C ASN C 419 -30.11 0.06 12.00
N SER C 420 -29.34 -0.91 12.48
CA SER C 420 -29.79 -1.65 13.65
C SER C 420 -28.64 -2.21 14.49
N GLU C 421 -28.81 -2.14 15.81
CA GLU C 421 -27.92 -2.80 16.73
C GLU C 421 -28.40 -4.19 17.13
N GLU C 422 -29.62 -4.58 16.69
CA GLU C 422 -30.18 -5.87 17.03
C GLU C 422 -29.72 -6.92 16.03
N GLU C 423 -30.17 -8.16 16.23
CA GLU C 423 -29.69 -9.27 15.40
C GLU C 423 -29.99 -9.06 13.91
N SER C 424 -31.08 -8.37 13.59
CA SER C 424 -31.57 -8.23 12.22
C SER C 424 -31.58 -6.75 11.82
N MET C 425 -31.05 -6.44 10.64
CA MET C 425 -31.11 -5.08 10.10
C MET C 425 -32.57 -4.71 9.77
N GLU C 426 -32.84 -3.42 9.57
CA GLU C 426 -34.18 -2.91 9.38
C GLU C 426 -34.47 -2.64 7.90
N HIS C 427 -35.71 -2.89 7.50
CA HIS C 427 -36.21 -2.36 6.25
C HIS C 427 -36.00 -0.86 6.22
N THR C 428 -36.06 -0.26 5.04
CA THR C 428 -36.06 1.19 4.97
C THR C 428 -37.21 1.65 4.11
N GLY C 429 -37.57 2.92 4.28
CA GLY C 429 -38.78 3.51 3.76
C GLY C 429 -38.70 4.15 2.39
N THR C 430 -37.54 4.18 1.75
CA THR C 430 -37.40 4.94 0.51
C THR C 430 -38.21 4.33 -0.61
N GLN C 431 -38.76 5.19 -1.45
CA GLN C 431 -39.30 4.76 -2.71
C GLN C 431 -38.23 4.00 -3.48
N LEU C 432 -38.64 3.14 -4.40
CA LEU C 432 -37.68 2.32 -5.13
C LEU C 432 -38.16 2.02 -6.55
N ARG C 433 -37.24 1.50 -7.36
CA ARG C 433 -37.48 1.30 -8.77
C ARG C 433 -38.57 0.27 -9.06
N ILE C 434 -39.43 0.61 -9.99
CA ILE C 434 -40.27 -0.38 -10.64
C ILE C 434 -40.03 -0.25 -12.14
N ALA C 435 -39.92 -1.40 -12.82
CA ALA C 435 -39.59 -1.41 -14.23
C ALA C 435 -40.42 -2.46 -14.94
N ALA C 436 -40.73 -2.21 -16.22
CA ALA C 436 -41.64 -3.10 -16.92
C ALA C 436 -41.36 -3.12 -18.42
N TYR C 437 -41.80 -4.22 -19.04
CA TYR C 437 -41.75 -4.48 -20.48
C TYR C 437 -43.11 -5.03 -20.91
N GLY C 438 -43.62 -4.56 -22.06
CA GLY C 438 -44.80 -5.13 -22.68
C GLY C 438 -46.03 -4.26 -22.62
N PRO C 439 -47.18 -4.86 -22.95
CA PRO C 439 -48.46 -4.13 -22.87
C PRO C 439 -48.71 -3.57 -21.48
N HIS C 440 -49.12 -2.31 -21.45
CA HIS C 440 -49.53 -1.54 -20.29
C HIS C 440 -48.36 -1.16 -19.39
N ALA C 441 -47.13 -1.36 -19.84
CA ALA C 441 -45.95 -1.08 -19.03
C ALA C 441 -45.78 0.42 -18.77
N ALA C 442 -46.46 1.26 -19.55
CA ALA C 442 -46.40 2.71 -19.35
C ALA C 442 -46.84 3.10 -17.96
N ASN C 443 -47.66 2.28 -17.32
CA ASN C 443 -48.28 2.61 -16.04
C ASN C 443 -47.36 2.45 -14.84
N VAL C 444 -46.07 2.09 -15.04
CA VAL C 444 -45.08 2.13 -13.96
C VAL C 444 -44.16 3.33 -14.07
N VAL C 445 -44.35 4.18 -15.03
CA VAL C 445 -43.46 5.31 -15.22
C VAL C 445 -43.89 6.44 -14.32
N GLY C 446 -42.91 7.24 -13.88
CA GLY C 446 -43.19 8.32 -12.92
C GLY C 446 -43.26 7.83 -11.49
N LEU C 447 -43.91 8.64 -10.64
CA LEU C 447 -44.20 8.25 -9.26
C LEU C 447 -45.53 7.50 -9.23
N THR C 448 -45.53 6.26 -8.71
CA THR C 448 -46.77 5.52 -8.46
C THR C 448 -46.75 4.99 -7.03
N ASP C 449 -47.83 4.34 -6.63
CA ASP C 449 -47.89 3.63 -5.36
C ASP C 449 -47.94 2.13 -5.60
N GLN C 450 -47.52 1.39 -4.58
CA GLN C 450 -47.58 -0.07 -4.63
C GLN C 450 -49.00 -0.57 -4.90
N THR C 451 -50.02 0.13 -4.38
CA THR C 451 -51.39 -0.28 -4.72
C THR C 451 -51.76 0.03 -6.18
N ASP C 452 -51.12 1.01 -6.82
CA ASP C 452 -51.31 1.15 -8.27
C ASP C 452 -50.93 -0.12 -9.03
N LEU C 453 -49.96 -0.89 -8.52
CA LEU C 453 -49.52 -2.06 -9.27
C LEU C 453 -50.62 -3.09 -9.42
N PHE C 454 -51.44 -3.29 -8.38
CA PHE C 454 -52.62 -4.15 -8.47
C PHE C 454 -53.51 -3.74 -9.64
N THR C 455 -53.85 -2.46 -9.68
CA THR C 455 -54.72 -1.94 -10.73
C THR C 455 -54.07 -2.05 -12.11
N THR C 456 -52.76 -1.85 -12.17
CA THR C 456 -52.06 -1.95 -13.44
C THR C 456 -52.10 -3.36 -13.98
N MET C 457 -51.88 -4.36 -13.11
CA MET C 457 -51.96 -5.73 -13.63
C MET C 457 -53.41 -6.15 -13.93
N LYS C 458 -54.37 -5.76 -13.10
CA LYS C 458 -55.78 -6.02 -13.39
C LYS C 458 -56.17 -5.46 -14.75
N ALA C 459 -55.87 -4.19 -14.98
CA ALA C 459 -56.23 -3.56 -16.24
C ALA C 459 -55.54 -4.25 -17.41
N ALA C 460 -54.29 -4.66 -17.25
CA ALA C 460 -53.60 -5.25 -18.36
C ALA C 460 -54.25 -6.57 -18.76
N LEU C 461 -54.77 -7.32 -17.77
CA LEU C 461 -55.44 -8.58 -18.00
C LEU C 461 -56.95 -8.42 -18.21
N SER C 462 -57.42 -7.18 -18.31
CA SER C 462 -58.84 -6.89 -18.48
C SER C 462 -59.68 -7.45 -17.34
N LEU C 463 -59.10 -7.61 -16.16
CA LEU C 463 -59.87 -8.13 -15.04
C LEU C 463 -60.72 -7.01 -14.44
N LYS C 464 -61.84 -7.39 -13.84
CA LYS C 464 -62.76 -6.36 -13.32
C LYS C 464 -62.50 -6.15 -11.83
N ASN D 24 -51.41 15.02 -11.54
CA ASN D 24 -51.50 14.78 -10.10
C ASN D 24 -51.15 13.34 -9.73
N ARG D 25 -50.20 13.17 -8.80
CA ARG D 25 -49.79 11.85 -8.35
C ARG D 25 -49.94 11.70 -6.85
N ALA D 26 -50.89 12.43 -6.24
CA ALA D 26 -51.28 12.22 -4.86
C ALA D 26 -52.25 11.04 -4.75
N ALA D 27 -52.28 10.43 -3.57
CA ALA D 27 -53.28 9.39 -3.30
C ALA D 27 -54.67 9.93 -3.61
N GLN D 28 -55.48 9.14 -4.30
CA GLN D 28 -56.74 9.69 -4.79
C GLN D 28 -57.81 9.79 -3.71
N GLY D 29 -57.66 9.11 -2.57
CA GLY D 29 -58.71 9.11 -1.58
C GLY D 29 -58.31 8.67 -0.19
N ASP D 30 -59.19 7.91 0.45
CA ASP D 30 -58.98 7.42 1.80
C ASP D 30 -58.01 6.24 1.74
N ILE D 31 -56.82 6.41 2.34
CA ILE D 31 -55.77 5.42 2.12
C ILE D 31 -56.03 4.11 2.83
N THR D 32 -57.07 4.02 3.64
CA THR D 32 -57.39 2.75 4.28
C THR D 32 -58.32 1.90 3.44
N THR D 33 -58.88 2.46 2.35
CA THR D 33 -59.88 1.78 1.54
C THR D 33 -59.24 1.27 0.26
N PRO D 34 -59.87 0.29 -0.38
CA PRO D 34 -59.35 -0.21 -1.67
C PRO D 34 -59.26 0.90 -2.69
N GLY D 35 -58.10 0.99 -3.32
CA GLY D 35 -57.89 1.98 -4.35
C GLY D 35 -57.61 3.37 -3.84
N GLY D 36 -57.76 3.61 -2.53
CA GLY D 36 -57.71 4.95 -2.01
C GLY D 36 -56.32 5.54 -1.95
N ALA D 37 -55.28 4.72 -2.04
CA ALA D 37 -53.91 5.21 -2.04
C ALA D 37 -53.26 5.20 -3.42
N ARG D 38 -54.04 4.90 -4.47
CA ARG D 38 -53.54 4.96 -5.83
C ARG D 38 -53.20 6.38 -6.21
N ARG D 39 -52.12 6.55 -6.96
CA ARG D 39 -51.74 7.85 -7.50
C ARG D 39 -52.24 8.04 -8.92
N LEU D 40 -52.65 6.97 -9.59
CA LEU D 40 -53.08 7.03 -10.99
C LEU D 40 -54.59 6.95 -11.12
N THR D 41 -55.15 7.68 -12.09
CA THR D 41 -56.60 7.67 -12.32
C THR D 41 -57.02 6.77 -13.46
N GLY D 42 -56.13 6.52 -14.43
CA GLY D 42 -56.38 5.55 -15.46
C GLY D 42 -55.09 5.21 -16.17
N ASP D 43 -55.23 4.45 -17.25
CA ASP D 43 -54.09 4.10 -18.10
C ASP D 43 -53.29 5.32 -18.52
N GLN D 44 -51.97 5.24 -18.39
CA GLN D 44 -51.10 6.39 -18.72
C GLN D 44 -50.48 6.29 -20.12
N THR D 45 -50.78 5.24 -20.89
CA THR D 45 -50.04 5.02 -22.13
C THR D 45 -50.17 6.22 -23.08
N GLU D 46 -51.39 6.66 -23.32
CA GLU D 46 -51.61 7.73 -24.27
C GLU D 46 -50.99 9.04 -23.76
N ALA D 47 -51.14 9.35 -22.47
CA ALA D 47 -50.52 10.55 -21.94
C ALA D 47 -49.00 10.49 -22.11
N LEU D 48 -48.42 9.31 -21.92
CA LEU D 48 -46.96 9.21 -22.04
C LEU D 48 -46.54 9.32 -23.52
N ARG D 49 -47.27 8.67 -24.45
CA ARG D 49 -46.92 8.83 -25.87
C ARG D 49 -46.87 10.30 -26.25
N ALA D 50 -47.84 11.08 -25.77
CA ALA D 50 -47.88 12.51 -26.10
C ALA D 50 -46.71 13.25 -25.43
N SER D 51 -46.21 12.72 -24.31
CA SER D 51 -45.03 13.29 -23.64
C SER D 51 -43.73 13.01 -24.37
N LEU D 52 -43.75 12.17 -25.40
CA LEU D 52 -42.54 11.77 -26.11
C LEU D 52 -42.37 12.72 -27.29
N ILE D 53 -41.50 13.71 -27.11
CA ILE D 53 -41.28 14.78 -28.07
C ILE D 53 -39.85 14.64 -28.58
N ASN D 54 -39.70 14.59 -29.91
CA ASN D 54 -38.43 14.35 -30.57
C ASN D 54 -37.85 15.61 -31.20
N LYS D 55 -38.61 16.69 -31.30
CA LYS D 55 -38.05 17.91 -31.86
C LYS D 55 -36.96 18.43 -30.93
N PRO D 56 -36.03 19.22 -31.44
CA PRO D 56 -34.99 19.75 -30.58
C PRO D 56 -35.55 20.74 -29.57
N ALA D 57 -34.83 20.84 -28.46
CA ALA D 57 -35.14 21.84 -27.43
C ALA D 57 -34.52 23.17 -27.80
N LYS D 58 -35.20 24.25 -27.46
CA LYS D 58 -34.57 25.55 -27.51
C LYS D 58 -33.86 25.89 -26.21
N ASN D 59 -34.37 25.40 -25.08
CA ASN D 59 -33.81 25.70 -23.76
C ASN D 59 -33.68 24.43 -22.95
N VAL D 60 -32.72 24.41 -22.04
CA VAL D 60 -32.57 23.33 -21.07
C VAL D 60 -32.49 23.97 -19.68
N ILE D 61 -33.26 23.44 -18.73
CA ILE D 61 -33.14 23.78 -17.32
C ILE D 61 -32.79 22.49 -16.61
N LEU D 62 -31.60 22.45 -16.01
CA LEU D 62 -31.14 21.32 -15.22
C LEU D 62 -31.15 21.70 -13.75
N LEU D 63 -31.92 20.98 -12.95
CA LEU D 63 -32.04 21.23 -11.53
C LEU D 63 -31.37 20.09 -10.77
N ILE D 64 -30.39 20.44 -9.95
CA ILE D 64 -29.64 19.47 -9.16
C ILE D 64 -30.01 19.66 -7.70
N GLY D 65 -30.44 18.59 -7.06
CA GLY D 65 -30.54 18.56 -5.62
C GLY D 65 -29.29 17.88 -5.10
N ASP D 66 -28.38 18.62 -4.46
CA ASP D 66 -27.13 17.97 -4.11
C ASP D 66 -27.39 16.89 -3.06
N GLY D 67 -26.96 15.66 -3.36
CA GLY D 67 -27.21 14.55 -2.47
C GLY D 67 -28.65 14.07 -2.40
N MET D 68 -29.54 14.47 -3.29
CA MET D 68 -30.93 14.09 -3.08
C MET D 68 -31.23 12.83 -3.90
N GLY D 69 -30.85 11.71 -3.29
CA GLY D 69 -31.29 10.42 -3.77
C GLY D 69 -32.75 10.15 -3.45
N ASP D 70 -33.20 8.96 -3.85
CA ASP D 70 -34.59 8.60 -3.66
C ASP D 70 -34.96 8.64 -2.19
N SER D 71 -34.05 8.26 -1.30
CA SER D 71 -34.41 8.29 0.12
C SER D 71 -34.66 9.72 0.58
N GLU D 72 -33.84 10.66 0.11
CA GLU D 72 -34.01 12.06 0.48
C GLU D 72 -35.32 12.62 -0.05
N ILE D 73 -35.70 12.23 -1.27
CA ILE D 73 -36.98 12.67 -1.83
C ILE D 73 -38.13 12.13 -0.97
N THR D 74 -38.06 10.82 -0.65
CA THR D 74 -39.15 10.16 0.06
C THR D 74 -39.33 10.74 1.46
N ALA D 75 -38.21 11.02 2.14
CA ALA D 75 -38.29 11.50 3.50
C ALA D 75 -38.86 12.91 3.55
N ALA D 76 -38.46 13.75 2.63
CA ALA D 76 -38.97 15.11 2.58
C ALA D 76 -40.44 15.12 2.19
N ARG D 77 -40.84 14.26 1.24
CA ARG D 77 -42.26 14.15 0.86
C ARG D 77 -43.11 13.66 2.03
N ASN D 78 -42.65 12.61 2.72
CA ASN D 78 -43.36 12.12 3.89
C ASN D 78 -43.60 13.24 4.89
N TYR D 79 -42.55 14.01 5.17
CA TYR D 79 -42.62 15.05 6.19
C TYR D 79 -43.48 16.21 5.75
N ALA D 80 -43.25 16.72 4.53
CA ALA D 80 -43.91 17.99 4.16
C ALA D 80 -45.22 17.81 3.41
N GLU D 81 -45.41 16.72 2.68
CA GLU D 81 -46.61 16.53 1.87
C GLU D 81 -47.43 15.33 2.30
N GLY D 82 -46.90 14.47 3.15
CA GLY D 82 -47.55 13.24 3.55
C GLY D 82 -47.16 12.07 2.65
N ALA D 83 -47.29 10.88 3.19
CA ALA D 83 -46.79 9.71 2.49
C ALA D 83 -47.48 9.57 1.14
N GLY D 84 -48.77 9.86 1.10
CA GLY D 84 -49.52 9.84 -0.13
C GLY D 84 -49.68 11.18 -0.80
N GLY D 85 -48.98 12.20 -0.34
CA GLY D 85 -48.91 13.47 -1.05
C GLY D 85 -47.92 13.39 -2.20
N PHE D 86 -47.65 14.55 -2.80
CA PHE D 86 -46.68 14.54 -3.89
C PHE D 86 -46.16 15.95 -4.15
N PHE D 87 -44.90 16.02 -4.51
CA PHE D 87 -44.23 17.29 -4.73
C PHE D 87 -44.68 17.84 -6.08
N LYS D 88 -45.31 19.02 -6.08
CA LYS D 88 -45.85 19.64 -7.32
C LYS D 88 -44.74 19.91 -8.35
N GLY D 89 -43.49 20.06 -7.89
CA GLY D 89 -42.41 20.13 -8.84
C GLY D 89 -41.68 18.81 -9.03
N ILE D 90 -41.08 18.32 -7.96
CA ILE D 90 -40.11 17.21 -8.07
C ILE D 90 -40.78 15.96 -8.60
N ASP D 91 -42.00 15.68 -8.15
CA ASP D 91 -42.71 14.46 -8.52
C ASP D 91 -43.54 14.63 -9.79
N ALA D 92 -43.56 15.79 -10.43
CA ALA D 92 -44.47 16.03 -11.53
C ALA D 92 -43.81 15.87 -12.91
N LEU D 93 -42.55 15.44 -12.97
CA LEU D 93 -41.93 15.19 -14.28
C LEU D 93 -42.28 13.80 -14.79
N PRO D 94 -42.81 13.68 -16.01
CA PRO D 94 -43.45 12.40 -16.40
C PRO D 94 -42.48 11.30 -16.82
N LEU D 95 -41.25 11.61 -17.19
CA LEU D 95 -40.35 10.61 -17.75
C LEU D 95 -39.22 10.40 -16.74
N THR D 96 -39.13 9.19 -16.23
CA THR D 96 -38.26 8.91 -15.10
C THR D 96 -37.35 7.73 -15.41
N GLY D 97 -36.15 7.80 -14.87
CA GLY D 97 -35.25 6.66 -14.84
C GLY D 97 -34.33 6.65 -13.66
N GLN D 98 -33.28 5.82 -13.74
CA GLN D 98 -32.23 5.68 -12.74
C GLN D 98 -30.88 5.80 -13.43
N TYR D 99 -29.94 6.55 -12.84
CA TYR D 99 -28.62 6.66 -13.45
C TYR D 99 -27.52 6.40 -12.42
N THR D 100 -26.35 6.06 -12.94
CA THR D 100 -25.17 5.74 -12.15
C THR D 100 -24.19 6.90 -12.17
N HIS D 101 -23.49 7.12 -11.04
CA HIS D 101 -22.64 8.30 -10.86
C HIS D 101 -21.26 7.94 -10.30
N TYR D 102 -20.83 6.69 -10.40
CA TYR D 102 -19.49 6.32 -9.96
C TYR D 102 -18.41 7.16 -10.65
N SER D 103 -17.35 7.42 -9.92
CA SER D 103 -16.22 8.20 -10.38
C SER D 103 -15.07 7.24 -10.68
N LEU D 104 -13.88 7.80 -10.91
CA LEU D 104 -12.70 7.01 -11.18
C LEU D 104 -11.62 7.23 -10.14
N ASP D 105 -10.90 6.16 -9.83
CA ASP D 105 -9.68 6.30 -9.05
C ASP D 105 -8.64 7.04 -9.89
N LYS D 106 -8.04 8.11 -9.34
CA LYS D 106 -7.18 8.92 -10.19
C LYS D 106 -6.00 8.10 -10.72
N LYS D 107 -5.41 7.27 -9.86
CA LYS D 107 -4.19 6.54 -10.25
C LYS D 107 -4.47 5.40 -11.21
N THR D 108 -5.50 4.59 -10.94
CA THR D 108 -5.70 3.40 -11.75
C THR D 108 -6.70 3.58 -12.85
N GLY D 109 -7.53 4.64 -12.79
CA GLY D 109 -8.60 4.78 -13.74
C GLY D 109 -9.73 3.79 -13.55
N LYS D 110 -9.73 3.00 -12.46
CA LYS D 110 -10.80 2.03 -12.22
C LYS D 110 -12.00 2.73 -11.56
N PRO D 111 -13.18 2.14 -11.61
CA PRO D 111 -14.34 2.76 -10.95
C PRO D 111 -14.10 2.97 -9.46
N ASP D 112 -14.54 4.13 -8.97
CA ASP D 112 -14.62 4.46 -7.55
C ASP D 112 -16.11 4.58 -7.25
N TYR D 113 -16.63 3.69 -6.41
CA TYR D 113 -18.07 3.49 -6.42
C TYR D 113 -18.84 4.60 -5.73
N VAL D 114 -18.17 5.49 -5.01
CA VAL D 114 -18.82 6.61 -4.35
C VAL D 114 -18.10 7.90 -4.74
N THR D 115 -18.72 8.67 -5.61
CA THR D 115 -18.21 9.91 -6.14
C THR D 115 -18.35 11.04 -5.13
N ASP D 116 -17.65 12.15 -5.40
CA ASP D 116 -17.88 13.39 -4.64
C ASP D 116 -18.63 14.34 -5.57
N ALA D 118 -17.58 17.07 -7.07
CA ALA D 118 -16.75 17.60 -8.16
C ALA D 118 -16.71 16.65 -9.32
N ALA D 119 -16.47 15.36 -9.05
CA ALA D 119 -16.35 14.40 -10.12
C ALA D 119 -17.70 14.20 -10.80
N SER D 120 -18.77 14.13 -10.01
CA SER D 120 -20.10 13.95 -10.58
C SER D 120 -20.49 15.15 -11.41
N ALA D 121 -20.23 16.37 -10.94
CA ALA D 121 -20.60 17.52 -11.74
C ALA D 121 -19.78 17.59 -13.01
N THR D 122 -18.49 17.26 -12.93
CA THR D 122 -17.68 17.18 -14.15
C THR D 122 -18.30 16.19 -15.13
N ALA D 123 -18.87 15.10 -14.62
CA ALA D 123 -19.41 14.10 -15.51
C ALA D 123 -20.55 14.66 -16.37
N TRP D 124 -21.54 15.34 -15.75
CA TRP D 124 -22.68 15.80 -16.56
C TRP D 124 -22.40 17.11 -17.27
N THR D 125 -21.43 17.90 -16.79
CA THR D 125 -21.08 19.14 -17.49
C THR D 125 -20.12 18.95 -18.66
N THR D 126 -19.33 17.85 -18.69
CA THR D 126 -18.38 17.58 -19.79
C THR D 126 -18.55 16.22 -20.46
N GLY D 127 -19.19 15.25 -19.81
CA GLY D 127 -19.39 13.95 -20.43
C GLY D 127 -18.24 12.98 -20.22
N VAL D 128 -17.31 13.31 -19.33
CA VAL D 128 -16.16 12.45 -19.04
C VAL D 128 -16.13 12.17 -17.54
N LYS D 129 -15.95 10.89 -17.18
CA LYS D 129 -15.64 10.52 -15.80
C LYS D 129 -14.29 11.07 -15.36
N THR D 130 -14.16 11.32 -14.06
CA THR D 130 -12.90 11.83 -13.52
C THR D 130 -12.77 11.40 -12.06
N TYR D 131 -11.74 11.92 -11.39
CA TYR D 131 -11.40 11.50 -10.05
C TYR D 131 -12.06 12.45 -9.03
N ASN D 132 -12.25 11.93 -7.82
CA ASN D 132 -12.95 12.70 -6.81
C ASN D 132 -12.17 13.97 -6.49
N GLY D 133 -12.83 15.12 -6.56
CA GLY D 133 -12.21 16.40 -6.32
C GLY D 133 -11.80 17.18 -7.57
N ALA D 134 -11.74 16.53 -8.72
CA ALA D 134 -11.45 17.19 -9.99
C ALA D 134 -12.63 18.03 -10.46
N LEU D 135 -12.32 19.18 -11.08
CA LEU D 135 -13.31 20.06 -11.67
C LEU D 135 -12.96 20.34 -13.13
N GLY D 136 -13.81 19.85 -14.04
CA GLY D 136 -13.65 20.16 -15.45
C GLY D 136 -12.41 19.58 -16.12
N VAL D 137 -11.76 18.61 -15.48
CA VAL D 137 -10.58 17.93 -16.01
C VAL D 137 -10.75 16.43 -15.81
N ASP D 138 -10.00 15.64 -16.61
CA ASP D 138 -10.05 14.20 -16.57
C ASP D 138 -8.94 13.69 -15.66
N ILE D 139 -8.74 12.38 -15.61
CA ILE D 139 -7.77 11.83 -14.67
C ILE D 139 -6.35 12.15 -15.08
N HIS D 140 -6.13 12.59 -16.32
CA HIS D 140 -4.83 13.08 -16.77
C HIS D 140 -4.65 14.56 -16.50
N GLU D 141 -5.60 15.17 -15.80
CA GLU D 141 -5.63 16.59 -15.48
C GLU D 141 -5.80 17.47 -16.72
N ASN D 142 -6.30 16.92 -17.83
CA ASN D 142 -6.56 17.71 -19.00
C ASN D 142 -8.01 18.21 -19.01
N ALA D 143 -8.18 19.47 -19.34
CA ALA D 143 -9.48 20.14 -19.32
C ALA D 143 -10.33 19.70 -20.49
N HIS D 144 -11.65 19.73 -20.27
CA HIS D 144 -12.65 19.39 -21.30
C HIS D 144 -13.77 20.42 -21.27
N GLN D 145 -14.23 20.76 -22.47
CA GLN D 145 -15.25 21.84 -22.59
C GLN D 145 -16.56 21.47 -21.87
N THR D 146 -17.21 22.45 -21.25
CA THR D 146 -18.46 22.25 -20.52
C THR D 146 -19.68 22.62 -21.36
N ILE D 147 -20.81 22.08 -20.93
CA ILE D 147 -22.08 22.39 -21.61
C ILE D 147 -22.37 23.88 -21.60
N LEU D 148 -21.97 24.60 -20.53
CA LEU D 148 -22.15 26.06 -20.52
C LEU D 148 -21.27 26.72 -21.56
N GLU D 149 -20.00 26.31 -21.65
CA GLU D 149 -19.10 26.90 -22.63
C GLU D 149 -19.58 26.64 -24.05
N LEU D 150 -20.01 25.40 -24.35
CA LEU D 150 -20.55 25.09 -25.67
C LEU D 150 -21.81 25.87 -26.00
N ALA D 151 -22.75 25.99 -25.05
CA ALA D 151 -23.94 26.77 -25.32
C ALA D 151 -23.60 28.22 -25.62
N LYS D 152 -22.68 28.79 -24.84
CA LYS D 152 -22.29 30.18 -25.04
C LYS D 152 -21.64 30.37 -26.40
N ALA D 153 -20.76 29.44 -26.78
CA ALA D 153 -20.15 29.57 -28.10
C ALA D 153 -21.19 29.52 -29.20
N ALA D 154 -22.30 28.79 -29.01
CA ALA D 154 -23.30 28.71 -30.05
C ALA D 154 -24.29 29.88 -30.02
N GLY D 155 -24.10 30.83 -29.11
CA GLY D 155 -24.93 32.02 -29.04
C GLY D 155 -26.07 31.97 -28.05
N LEU D 156 -26.26 30.86 -27.33
CA LEU D 156 -27.27 30.78 -26.30
C LEU D 156 -26.89 31.59 -25.06
N ALA D 157 -27.91 32.07 -24.37
CA ALA D 157 -27.69 32.65 -23.06
C ALA D 157 -27.48 31.54 -22.04
N THR D 158 -26.76 31.88 -20.98
CA THR D 158 -26.39 30.87 -20.01
C THR D 158 -26.60 31.40 -18.60
N GLY D 159 -27.03 30.52 -17.72
CA GLY D 159 -27.16 30.86 -16.31
C GLY D 159 -26.72 29.74 -15.39
N ASN D 160 -26.36 30.15 -14.19
CA ASN D 160 -25.70 29.30 -13.20
C ASN D 160 -26.18 29.77 -11.82
N VAL D 161 -27.07 29.01 -11.21
CA VAL D 161 -27.79 29.44 -10.02
C VAL D 161 -27.57 28.39 -8.93
N SER D 162 -27.21 28.82 -7.72
CA SER D 162 -26.98 27.88 -6.63
C SER D 162 -27.24 28.56 -5.29
N THR D 163 -27.68 27.77 -4.30
CA THR D 163 -27.74 28.26 -2.91
C THR D 163 -26.42 28.07 -2.18
N ALA D 164 -25.44 27.44 -2.82
CA ALA D 164 -24.10 27.35 -2.26
C ALA D 164 -23.24 28.54 -2.68
N GLU D 165 -22.07 28.62 -2.06
CA GLU D 165 -21.04 29.52 -2.54
C GLU D 165 -20.75 29.15 -3.99
N LEU D 166 -20.61 30.18 -4.84
CA LEU D 166 -20.51 29.95 -6.28
C LEU D 166 -19.24 29.20 -6.63
N GLN D 167 -18.26 29.19 -5.75
CA GLN D 167 -17.04 28.41 -5.96
C GLN D 167 -17.20 26.93 -5.72
N ASP D 168 -18.29 26.53 -5.08
CA ASP D 168 -18.50 25.14 -4.74
C ASP D 168 -18.67 24.30 -6.00
N ALA D 169 -18.49 22.99 -5.84
CA ALA D 169 -18.21 22.11 -6.95
C ALA D 169 -19.32 22.14 -7.99
N THR D 170 -20.56 22.14 -7.56
CA THR D 170 -21.66 21.95 -8.50
C THR D 170 -21.83 23.13 -9.46
N PRO D 171 -21.88 24.40 -9.01
CA PRO D 171 -21.83 25.53 -9.96
C PRO D 171 -20.46 25.68 -10.62
N ALA D 172 -19.39 25.44 -9.88
CA ALA D 172 -18.04 25.71 -10.38
C ALA D 172 -17.73 24.88 -11.59
N ALA D 173 -18.26 23.65 -11.64
CA ALA D 173 -17.94 22.72 -12.72
C ALA D 173 -18.34 23.26 -14.10
N LEU D 174 -19.34 24.13 -14.16
CA LEU D 174 -19.76 24.70 -15.44
C LEU D 174 -18.76 25.73 -15.99
N VAL D 175 -17.90 26.32 -15.14
CA VAL D 175 -17.09 27.46 -15.56
C VAL D 175 -15.61 27.30 -15.30
N ALA D 176 -15.17 26.22 -14.65
CA ALA D 176 -13.81 26.17 -14.16
C ALA D 176 -13.18 24.82 -14.41
N HIS D 177 -11.86 24.85 -14.60
CA HIS D 177 -11.06 23.66 -14.86
C HIS D 177 -9.86 23.72 -13.91
N VAL D 178 -9.94 22.98 -12.80
CA VAL D 178 -8.89 22.94 -11.80
C VAL D 178 -8.72 21.52 -11.28
N THR D 179 -7.51 21.22 -10.82
CA THR D 179 -7.21 19.87 -10.37
C THR D 179 -7.77 19.58 -9.01
N SER D 180 -8.22 20.61 -8.29
CA SER D 180 -8.84 20.44 -6.97
C SER D 180 -9.95 21.46 -6.78
N ARG D 181 -11.14 20.94 -6.42
CA ARG D 181 -12.31 21.77 -6.13
C ARG D 181 -12.06 22.83 -5.07
N LYS D 182 -11.00 22.67 -4.26
CA LYS D 182 -10.72 23.60 -3.15
C LYS D 182 -10.05 24.89 -3.61
N CYS D 183 -9.67 25.00 -4.88
CA CYS D 183 -8.94 26.17 -5.39
C CYS D 183 -9.91 27.34 -5.67
N TYR D 184 -10.55 27.81 -4.58
CA TYR D 184 -11.60 28.83 -4.70
C TYR D 184 -11.05 30.12 -5.29
N GLY D 185 -9.92 30.58 -4.78
CA GLY D 185 -9.38 31.85 -5.13
C GLY D 185 -7.89 31.80 -5.31
N PRO D 186 -7.28 32.95 -5.60
CA PRO D 186 -5.84 32.97 -5.90
C PRO D 186 -4.98 32.34 -4.83
N THR D 187 -5.34 32.57 -3.56
CA THR D 187 -4.45 32.22 -2.45
C THR D 187 -4.32 30.71 -2.32
N VAL D 188 -5.43 29.99 -2.30
CA VAL D 188 -5.32 28.53 -2.20
C VAL D 188 -4.75 27.96 -3.50
N THR D 189 -5.17 28.49 -4.65
CA THR D 189 -4.77 27.92 -5.93
C THR D 189 -3.24 27.89 -6.08
N SER D 190 -2.57 28.99 -5.72
CA SER D 190 -1.12 29.06 -5.83
C SER D 190 -0.43 27.86 -5.20
N GLU D 191 -0.91 27.41 -4.04
CA GLU D 191 -0.25 26.33 -3.32
C GLU D 191 -0.82 24.96 -3.68
N LYS D 192 -2.15 24.87 -3.78
CA LYS D 192 -2.81 23.58 -3.95
C LYS D 192 -2.99 23.17 -5.42
N CYS D 193 -3.16 24.12 -6.34
CA CYS D 193 -3.28 23.82 -7.77
C CYS D 193 -2.25 24.63 -8.52
N PRO D 194 -0.95 24.40 -8.29
CA PRO D 194 0.06 25.27 -8.90
C PRO D 194 0.01 25.30 -10.42
N SER D 195 -0.40 24.21 -11.08
CA SER D 195 -0.54 24.25 -12.53
C SER D 195 -1.66 25.17 -13.00
N ASN D 196 -2.65 25.48 -12.15
CA ASN D 196 -3.73 26.36 -12.52
C ASN D 196 -3.55 27.79 -12.01
N ALA D 197 -2.61 28.06 -11.13
CA ALA D 197 -2.49 29.42 -10.60
C ALA D 197 -2.13 30.41 -11.69
N LEU D 198 -2.82 31.56 -11.70
CA LEU D 198 -2.60 32.54 -12.76
C LEU D 198 -1.12 32.96 -12.85
N GLU D 199 -0.49 33.21 -11.71
CA GLU D 199 0.90 33.65 -11.71
C GLU D 199 1.88 32.54 -12.02
N LYS D 200 1.43 31.29 -12.08
CA LYS D 200 2.27 30.19 -12.50
C LYS D 200 1.89 29.67 -13.87
N GLY D 201 1.17 30.47 -14.66
CA GLY D 201 0.88 30.14 -16.02
C GLY D 201 -0.46 29.48 -16.26
N GLY D 202 -1.25 29.26 -15.21
CA GLY D 202 -2.53 28.61 -15.36
C GLY D 202 -3.63 29.59 -15.69
N LYS D 203 -4.83 29.01 -15.90
CA LYS D 203 -6.00 29.82 -16.22
C LYS D 203 -6.57 30.54 -15.01
N GLY D 204 -6.20 30.13 -13.81
CA GLY D 204 -6.55 30.82 -12.58
C GLY D 204 -7.39 29.96 -11.65
N SER D 205 -7.73 30.57 -10.52
CA SER D 205 -8.58 29.98 -9.52
C SER D 205 -10.00 29.81 -10.08
N ILE D 206 -10.84 29.13 -9.31
CA ILE D 206 -12.24 28.95 -9.67
C ILE D 206 -12.93 30.29 -9.91
N THR D 207 -12.79 31.24 -8.97
CA THR D 207 -13.49 32.49 -9.10
C THR D 207 -12.96 33.27 -10.30
N GLU D 208 -11.66 33.18 -10.56
CA GLU D 208 -11.07 33.87 -11.72
C GLU D 208 -11.58 33.28 -13.02
N GLN D 209 -11.65 31.95 -13.09
CA GLN D 209 -12.20 31.32 -14.28
C GLN D 209 -13.68 31.64 -14.45
N LEU D 210 -14.42 31.79 -13.35
CA LEU D 210 -15.82 32.17 -13.47
C LEU D 210 -15.96 33.52 -14.16
N LEU D 211 -15.15 34.51 -13.75
CA LEU D 211 -15.25 35.85 -14.33
C LEU D 211 -14.87 35.84 -15.80
N ASN D 212 -13.97 34.92 -16.22
CA ASN D 212 -13.65 34.77 -17.63
C ASN D 212 -14.78 34.08 -18.40
N ALA D 213 -15.41 33.07 -17.79
CA ALA D 213 -16.46 32.32 -18.48
C ALA D 213 -17.65 33.21 -18.82
N ARG D 214 -17.98 34.15 -17.93
CA ARG D 214 -18.99 35.20 -18.09
C ARG D 214 -20.34 34.64 -18.50
N PRO D 215 -21.00 33.86 -17.64
CA PRO D 215 -22.42 33.53 -17.88
C PRO D 215 -23.24 34.81 -17.92
N ASP D 216 -24.38 34.77 -18.59
CA ASP D 216 -25.25 35.95 -18.54
C ASP D 216 -25.83 36.17 -17.15
N VAL D 217 -26.16 35.11 -16.43
CA VAL D 217 -26.71 35.20 -15.09
C VAL D 217 -25.99 34.22 -14.18
N THR D 218 -25.38 34.72 -13.10
CA THR D 218 -24.71 33.92 -12.08
C THR D 218 -25.26 34.40 -10.72
N LEU D 219 -25.92 33.50 -9.99
CA LEU D 219 -26.60 33.85 -8.75
C LEU D 219 -26.31 32.81 -7.66
N GLY D 220 -25.76 33.27 -6.53
CA GLY D 220 -25.65 32.38 -5.37
C GLY D 220 -24.90 33.04 -4.21
N GLY D 221 -24.20 32.19 -3.44
CA GLY D 221 -23.38 32.68 -2.34
C GLY D 221 -21.93 32.85 -2.74
N GLY D 222 -21.07 33.01 -1.73
CA GLY D 222 -19.64 32.99 -1.94
C GLY D 222 -18.97 34.33 -2.14
N ALA D 223 -19.47 35.40 -1.50
CA ALA D 223 -18.85 36.71 -1.60
C ALA D 223 -17.47 36.76 -0.95
N LYS D 224 -17.20 35.87 -0.01
CA LYS D 224 -15.96 35.95 0.73
C LYS D 224 -14.73 35.81 -0.17
N THR D 225 -14.75 34.90 -1.16
CA THR D 225 -13.56 34.75 -2.01
C THR D 225 -13.35 35.96 -2.93
N PHE D 226 -14.40 36.75 -3.18
CA PHE D 226 -14.29 37.94 -4.01
C PHE D 226 -13.52 39.06 -3.32
N ALA D 227 -13.25 38.93 -2.03
CA ALA D 227 -12.38 39.91 -1.36
C ALA D 227 -10.91 39.60 -1.55
N GLU D 228 -10.56 38.45 -2.14
CA GLU D 228 -9.17 38.16 -2.38
C GLU D 228 -8.68 38.99 -3.57
N THR D 229 -7.37 39.20 -3.64
CA THR D 229 -6.74 39.99 -4.70
C THR D 229 -5.97 39.12 -5.71
N ALA D 230 -6.11 39.43 -7.00
CA ALA D 230 -5.39 38.73 -8.05
C ALA D 230 -3.89 38.99 -7.96
N THR D 231 -3.10 37.97 -8.29
CA THR D 231 -1.64 37.99 -8.12
C THR D 231 -0.91 38.33 -9.40
N ALA D 232 -1.60 38.34 -10.51
CA ALA D 232 -1.03 38.57 -11.82
C ALA D 232 -2.18 38.95 -12.74
N GLY D 233 -1.93 38.99 -14.04
CA GLY D 233 -2.95 39.32 -15.01
C GLY D 233 -3.31 40.79 -15.01
N GLU D 234 -4.33 41.09 -15.81
CA GLU D 234 -4.71 42.47 -16.07
C GLU D 234 -5.32 43.16 -14.85
N TRP D 235 -5.85 42.41 -13.87
CA TRP D 235 -6.44 43.01 -12.68
C TRP D 235 -5.62 42.68 -11.45
N GLN D 236 -4.32 42.50 -11.65
CA GLN D 236 -3.41 42.28 -10.55
C GLN D 236 -3.58 43.39 -9.51
N GLY D 237 -3.56 43.01 -8.24
CA GLY D 237 -3.68 43.96 -7.15
C GLY D 237 -5.10 44.39 -6.83
N LYS D 238 -6.07 44.07 -7.67
CA LYS D 238 -7.47 44.39 -7.41
C LYS D 238 -8.14 43.18 -6.78
N THR D 239 -9.12 43.43 -5.92
CA THR D 239 -9.92 42.32 -5.40
C THR D 239 -10.66 41.65 -6.56
N LEU D 240 -11.17 40.44 -6.34
CA LEU D 240 -11.94 39.85 -7.43
C LEU D 240 -13.25 40.56 -7.61
N ARG D 241 -13.83 41.10 -6.53
CA ARG D 241 -15.05 41.89 -6.68
C ARG D 241 -14.80 43.11 -7.57
N GLU D 242 -13.71 43.83 -7.30
CA GLU D 242 -13.32 44.98 -8.11
C GLU D 242 -13.10 44.57 -9.56
N GLN D 243 -12.53 43.38 -9.77
CA GLN D 243 -12.33 42.90 -11.14
C GLN D 243 -13.66 42.73 -11.83
N ALA D 244 -14.63 42.10 -11.14
CA ALA D 244 -15.95 41.90 -11.73
C ALA D 244 -16.57 43.23 -12.12
N GLN D 245 -16.54 44.19 -11.21
CA GLN D 245 -17.05 45.54 -11.48
C GLN D 245 -16.36 46.15 -12.68
N ALA D 246 -15.02 46.07 -12.72
CA ALA D 246 -14.25 46.66 -13.81
C ALA D 246 -14.53 45.97 -15.16
N ARG D 247 -14.92 44.71 -15.14
CA ARG D 247 -15.20 43.97 -16.36
C ARG D 247 -16.67 44.02 -16.73
N GLY D 248 -17.47 44.83 -16.03
CA GLY D 248 -18.83 45.12 -16.47
C GLY D 248 -19.93 44.30 -15.82
N TYR D 249 -19.61 43.44 -14.87
CA TYR D 249 -20.65 42.70 -14.17
C TYR D 249 -21.51 43.66 -13.32
N GLN D 250 -22.82 43.42 -13.39
CA GLN D 250 -23.81 44.13 -12.53
C GLN D 250 -24.02 43.26 -11.28
N ILE D 251 -23.60 43.74 -10.12
CA ILE D 251 -23.64 42.92 -8.90
C ILE D 251 -24.84 43.34 -8.06
N VAL D 252 -25.55 42.35 -7.54
CA VAL D 252 -26.70 42.54 -6.66
C VAL D 252 -26.46 41.67 -5.45
N THR D 253 -27.01 42.08 -4.29
CA THR D 253 -26.75 41.38 -3.05
C THR D 253 -27.97 41.07 -2.19
N ASP D 254 -29.18 41.39 -2.63
CA ASP D 254 -30.37 41.05 -1.87
C ASP D 254 -31.54 40.88 -2.83
N ALA D 255 -32.69 40.46 -2.28
CA ALA D 255 -33.81 40.11 -3.17
C ALA D 255 -34.36 41.35 -3.88
N ALA D 256 -34.25 42.52 -3.25
CA ALA D 256 -34.79 43.73 -3.87
C ALA D 256 -33.97 44.13 -5.10
N SER D 257 -32.65 44.13 -4.96
CA SER D 257 -31.81 44.48 -6.10
C SER D 257 -31.84 43.42 -7.18
N LEU D 258 -31.98 42.15 -6.79
CA LEU D 258 -32.22 41.11 -7.79
C LEU D 258 -33.50 41.39 -8.58
N ALA D 259 -34.62 41.63 -7.89
CA ALA D 259 -35.86 41.90 -8.62
C ALA D 259 -35.73 43.14 -9.50
N ALA D 260 -34.90 44.10 -9.11
CA ALA D 260 -34.80 45.33 -9.87
C ALA D 260 -34.04 45.15 -11.18
N ALA D 261 -33.30 44.05 -11.36
CA ALA D 261 -32.57 43.81 -12.60
C ALA D 261 -33.55 43.57 -13.74
N THR D 262 -33.32 44.20 -14.88
CA THR D 262 -34.23 44.06 -16.00
C THR D 262 -33.63 43.39 -17.21
N GLU D 263 -32.31 43.27 -17.27
CA GLU D 263 -31.69 42.51 -18.36
C GLU D 263 -30.39 41.90 -17.86
N ALA D 264 -29.95 40.87 -18.57
CA ALA D 264 -28.63 40.32 -18.35
C ALA D 264 -28.12 39.89 -19.71
N SER D 265 -26.87 40.22 -20.00
CA SER D 265 -26.34 40.01 -21.33
C SER D 265 -24.83 39.94 -21.21
N GLN D 266 -24.18 39.72 -22.34
CA GLN D 266 -22.72 39.70 -22.35
C GLN D 266 -22.14 41.08 -22.13
N ASP D 267 -22.90 42.12 -22.48
CA ASP D 267 -22.49 43.49 -22.20
C ASP D 267 -22.65 43.82 -20.71
N LYS D 268 -23.64 43.23 -20.07
CA LYS D 268 -23.99 43.55 -18.69
C LYS D 268 -24.40 42.24 -18.01
N PRO D 269 -23.43 41.35 -17.74
CA PRO D 269 -23.73 40.12 -17.02
C PRO D 269 -24.16 40.40 -15.59
N LEU D 270 -25.08 39.57 -15.10
CA LEU D 270 -25.63 39.70 -13.76
C LEU D 270 -24.93 38.72 -12.83
N LEU D 271 -24.48 39.23 -11.69
CA LEU D 271 -23.71 38.48 -10.70
C LEU D 271 -24.36 38.73 -9.35
N GLY D 272 -25.11 37.73 -8.86
CA GLY D 272 -25.72 37.77 -7.55
C GLY D 272 -24.86 37.13 -6.49
N LEU D 273 -24.47 37.93 -5.48
CA LEU D 273 -23.66 37.49 -4.34
C LEU D 273 -24.48 37.75 -3.07
N PHE D 274 -25.24 36.75 -2.61
CA PHE D 274 -26.24 36.97 -1.58
C PHE D 274 -25.79 36.56 -0.19
N ALA D 275 -24.59 36.04 -0.06
CA ALA D 275 -24.07 35.66 1.24
C ALA D 275 -22.57 35.54 1.16
N ASP D 276 -21.92 35.59 2.32
CA ASP D 276 -20.47 35.45 2.37
C ASP D 276 -20.04 34.04 1.97
N GLY D 277 -20.68 33.02 2.55
CA GLY D 277 -20.43 31.65 2.16
C GLY D 277 -21.65 31.05 1.46
N ASN D 278 -22.09 29.90 1.95
CA ASN D 278 -23.38 29.35 1.54
C ASN D 278 -24.54 30.22 2.00
N MET D 279 -25.60 30.21 1.22
CA MET D 279 -26.76 30.96 1.59
C MET D 279 -27.47 30.29 2.77
N PRO D 280 -28.12 31.05 3.64
CA PRO D 280 -28.70 30.45 4.85
C PRO D 280 -29.79 29.42 4.54
N VAL D 281 -29.77 28.31 5.28
CA VAL D 281 -30.78 27.29 5.00
C VAL D 281 -32.14 27.80 5.49
N ARG D 282 -33.19 27.20 4.95
CA ARG D 282 -34.52 27.71 5.26
C ARG D 282 -35.01 27.20 6.61
N TRP D 283 -34.73 25.95 6.96
CA TRP D 283 -35.24 25.38 8.20
C TRP D 283 -34.14 25.04 9.20
N GLU D 284 -34.57 24.91 10.44
CA GLU D 284 -33.74 24.60 11.59
C GLU D 284 -34.34 23.43 12.35
N GLY D 285 -33.48 22.55 12.82
CA GLY D 285 -33.83 21.55 13.79
C GLY D 285 -32.59 20.98 14.45
N PRO D 286 -32.73 20.25 15.55
CA PRO D 286 -31.56 19.69 16.21
C PRO D 286 -30.87 18.61 15.37
N LYS D 287 -29.59 18.43 15.65
CA LYS D 287 -28.83 17.33 15.05
C LYS D 287 -29.38 15.98 15.49
N ALA D 288 -29.34 15.01 14.59
CA ALA D 288 -29.66 13.65 15.00
C ALA D 288 -28.70 13.23 16.09
N SER D 289 -29.11 12.22 16.86
CA SER D 289 -28.31 11.79 18.00
C SER D 289 -28.43 10.29 18.24
N TYR D 290 -27.50 9.76 19.01
CA TYR D 290 -27.50 8.34 19.29
C TYR D 290 -28.76 7.99 20.08
N HIS D 291 -29.57 7.07 19.54
CA HIS D 291 -30.87 6.69 20.11
C HIS D 291 -31.79 7.90 20.27
N GLY D 292 -31.60 8.91 19.43
CA GLY D 292 -32.44 10.10 19.50
C GLY D 292 -33.92 9.85 19.27
N ASN D 293 -34.26 8.81 18.49
CA ASN D 293 -35.66 8.49 18.32
C ASN D 293 -36.26 7.79 19.53
N ILE D 294 -35.42 7.31 20.44
CA ILE D 294 -35.88 6.67 21.67
C ILE D 294 -35.82 7.60 22.86
N ASP D 295 -34.75 8.39 22.97
CA ASP D 295 -34.51 9.16 24.17
C ASP D 295 -34.98 10.60 24.04
N LYS D 296 -35.42 11.02 22.87
CA LYS D 296 -35.81 12.40 22.69
C LYS D 296 -37.15 12.47 21.96
N PRO D 297 -37.97 13.46 22.25
CA PRO D 297 -39.29 13.49 21.65
C PRO D 297 -39.21 13.81 20.18
N PRO D 298 -40.29 13.62 19.43
CA PRO D 298 -40.25 13.92 17.99
C PRO D 298 -40.10 15.42 17.76
N VAL D 299 -39.46 15.73 16.64
CA VAL D 299 -39.08 17.08 16.29
C VAL D 299 -40.06 17.65 15.27
N THR D 300 -40.36 18.93 15.41
CA THR D 300 -41.00 19.70 14.35
C THR D 300 -40.00 20.76 13.90
N CYS D 301 -39.70 20.76 12.60
CA CYS D 301 -38.78 21.73 12.02
C CYS D 301 -39.38 23.14 12.07
N THR D 302 -38.53 24.13 12.29
CA THR D 302 -38.92 25.52 12.29
C THR D 302 -38.18 26.28 11.20
N PRO D 303 -38.71 27.41 10.74
CA PRO D 303 -37.93 28.25 9.82
C PRO D 303 -36.69 28.78 10.51
N ASN D 304 -35.61 28.93 9.71
CA ASN D 304 -34.31 29.36 10.25
C ASN D 304 -34.42 30.80 10.74
N PRO D 305 -34.23 31.07 12.04
CA PRO D 305 -34.44 32.45 12.53
C PRO D 305 -33.34 33.41 12.11
N LYS D 306 -32.23 32.90 11.61
CA LYS D 306 -31.15 33.72 11.08
C LYS D 306 -31.33 34.09 9.62
N ARG D 307 -32.30 33.49 8.93
CA ARG D 307 -32.58 33.77 7.52
C ARG D 307 -33.36 35.07 7.38
N ASP D 308 -32.74 36.10 6.82
CA ASP D 308 -33.42 37.39 6.64
C ASP D 308 -34.29 37.34 5.39
N ALA D 309 -35.39 38.10 5.42
CA ALA D 309 -36.31 38.16 4.29
C ALA D 309 -35.69 38.81 3.06
N SER D 310 -34.66 39.62 3.22
CA SER D 310 -33.96 40.22 2.10
C SER D 310 -33.13 39.19 1.33
N VAL D 311 -32.95 37.98 1.83
CA VAL D 311 -32.26 36.95 1.07
C VAL D 311 -33.22 36.31 0.08
N PRO D 312 -32.93 36.28 -1.23
CA PRO D 312 -33.84 35.59 -2.15
C PRO D 312 -33.83 34.09 -1.92
N THR D 313 -34.99 33.49 -2.16
CA THR D 313 -35.16 32.05 -2.16
C THR D 313 -34.74 31.49 -3.52
N LEU D 314 -34.40 30.20 -3.52
CA LEU D 314 -34.01 29.53 -4.75
C LEU D 314 -35.07 29.73 -5.82
N ALA D 315 -36.36 29.74 -5.42
CA ALA D 315 -37.44 29.89 -6.38
C ALA D 315 -37.37 31.26 -7.03
N GLN D 316 -37.06 32.30 -6.26
CA GLN D 316 -37.03 33.65 -6.80
C GLN D 316 -35.82 33.83 -7.70
N MET D 317 -34.69 33.31 -7.26
CA MET D 317 -33.51 33.23 -8.10
C MET D 317 -33.82 32.53 -9.42
N THR D 318 -34.47 31.38 -9.33
CA THR D 318 -34.77 30.62 -10.54
C THR D 318 -35.71 31.38 -11.46
N GLU D 319 -36.78 31.98 -10.90
CA GLU D 319 -37.72 32.68 -11.77
C GLU D 319 -37.08 33.89 -12.42
N LYS D 320 -36.28 34.65 -11.69
CA LYS D 320 -35.64 35.80 -12.33
C LYS D 320 -34.67 35.35 -13.43
N ALA D 321 -33.87 34.33 -13.17
CA ALA D 321 -32.97 33.80 -14.21
C ALA D 321 -33.73 33.47 -15.48
N ILE D 322 -34.80 32.69 -15.35
CA ILE D 322 -35.60 32.31 -16.49
C ILE D 322 -36.10 33.56 -17.22
N ASP D 323 -36.64 34.52 -16.47
CA ASP D 323 -37.14 35.74 -17.09
C ASP D 323 -36.05 36.38 -17.94
N LEU D 324 -34.85 36.53 -17.38
CA LEU D 324 -33.80 37.25 -18.08
C LEU D 324 -33.22 36.42 -19.22
N LEU D 325 -33.05 35.12 -19.02
CA LEU D 325 -32.42 34.30 -20.03
C LEU D 325 -33.33 34.05 -21.22
N SER D 326 -34.66 34.02 -21.02
CA SER D 326 -35.59 33.66 -22.09
C SER D 326 -35.73 34.74 -23.16
N ARG D 327 -35.15 35.91 -22.96
CA ARG D 327 -35.17 36.94 -23.98
C ARG D 327 -34.26 36.64 -25.15
N ASN D 328 -33.25 35.79 -24.95
CA ASN D 328 -32.27 35.50 -25.98
C ASN D 328 -32.91 34.79 -27.17
N GLU D 329 -32.62 35.27 -28.38
CA GLU D 329 -33.31 34.78 -29.56
C GLU D 329 -33.04 33.32 -29.81
N LYS D 330 -31.89 32.81 -29.38
CA LYS D 330 -31.44 31.48 -29.74
C LYS D 330 -31.65 30.46 -28.65
N GLY D 331 -32.20 30.86 -27.49
CA GLY D 331 -32.42 29.95 -26.38
C GLY D 331 -31.43 30.14 -25.24
N PHE D 332 -31.56 29.26 -24.23
CA PHE D 332 -30.73 29.35 -23.06
C PHE D 332 -30.50 27.99 -22.41
N PHE D 333 -29.38 27.90 -21.72
CA PHE D 333 -29.07 26.80 -20.80
C PHE D 333 -29.01 27.35 -19.39
N LEU D 334 -29.71 26.72 -18.44
CA LEU D 334 -29.73 27.18 -17.05
C LEU D 334 -29.60 25.97 -16.15
N GLN D 335 -28.58 25.95 -15.28
CA GLN D 335 -28.50 24.98 -14.19
C GLN D 335 -28.84 25.64 -12.85
N VAL D 336 -29.70 24.99 -12.06
CA VAL D 336 -30.13 25.46 -10.73
C VAL D 336 -29.76 24.36 -9.73
N GLU D 337 -29.01 24.71 -8.69
CA GLU D 337 -28.67 23.74 -7.64
C GLU D 337 -29.34 24.08 -6.32
N GLY D 338 -30.09 23.13 -5.77
CA GLY D 338 -30.41 23.16 -4.36
C GLY D 338 -29.31 22.50 -3.56
N ALA D 339 -28.38 23.31 -3.00
CA ALA D 339 -27.05 22.83 -2.61
C ALA D 339 -26.94 22.24 -1.22
N SER D 340 -27.80 22.63 -0.29
CA SER D 340 -27.63 22.31 1.12
C SER D 340 -28.40 21.09 1.57
N ILE D 341 -29.12 20.41 0.66
CA ILE D 341 -29.63 19.07 0.97
C ILE D 341 -28.48 18.21 1.43
N ASP D 342 -27.46 18.12 0.59
CA ASP D 342 -26.29 17.32 0.89
C ASP D 342 -25.60 17.81 2.14
N LYS D 343 -25.45 19.12 2.26
CA LYS D 343 -24.70 19.69 3.37
C LYS D 343 -25.41 19.41 4.69
N GLN D 344 -26.74 19.45 4.69
CA GLN D 344 -27.46 19.14 5.93
C GLN D 344 -27.54 17.64 6.17
N ASP D 345 -27.53 16.85 5.09
CA ASP D 345 -27.41 15.40 5.21
C ASP D 345 -26.10 15.05 5.91
N HIS D 346 -25.01 15.75 5.55
CA HIS D 346 -23.69 15.50 6.14
C HIS D 346 -23.68 15.74 7.65
N ALA D 347 -24.37 16.81 8.08
CA ALA D 347 -24.45 17.22 9.47
C ALA D 347 -25.54 16.48 10.21
N ALA D 348 -26.06 15.42 9.62
CA ALA D 348 -27.13 14.61 10.19
C ALA D 348 -28.20 15.50 10.80
N ASN D 349 -28.73 16.40 9.98
CA ASN D 349 -29.78 17.33 10.39
C ASN D 349 -31.01 17.20 9.50
N PRO D 350 -31.98 16.36 9.87
CA PRO D 350 -33.12 16.14 8.95
C PRO D 350 -33.89 17.42 8.63
N CYS D 351 -34.04 18.34 9.58
CA CYS D 351 -34.83 19.53 9.30
C CYS D 351 -34.15 20.41 8.27
N GLY D 352 -32.86 20.64 8.44
CA GLY D 352 -32.11 21.34 7.40
C GLY D 352 -32.21 20.62 6.06
N GLN D 353 -32.02 19.30 6.06
CA GLN D 353 -32.00 18.55 4.81
C GLN D 353 -33.37 18.64 4.12
N ILE D 354 -34.42 18.39 4.88
CA ILE D 354 -35.76 18.40 4.31
C ILE D 354 -36.14 19.80 3.84
N GLY D 355 -35.74 20.82 4.58
CA GLY D 355 -36.09 22.17 4.17
C GLY D 355 -35.54 22.50 2.80
N GLU D 356 -34.31 22.08 2.56
CA GLU D 356 -33.68 22.38 1.27
C GLU D 356 -34.27 21.53 0.14
N THR D 357 -34.82 20.35 0.44
CA THR D 357 -35.56 19.64 -0.61
C THR D 357 -36.87 20.36 -0.96
N VAL D 358 -37.59 20.84 0.07
CA VAL D 358 -38.81 21.61 -0.17
C VAL D 358 -38.48 22.87 -0.95
N ASP D 359 -37.38 23.51 -0.60
CA ASP D 359 -36.91 24.71 -1.28
C ASP D 359 -36.66 24.41 -2.75
N LEU D 360 -36.04 23.27 -3.04
CA LEU D 360 -35.80 22.90 -4.42
C LEU D 360 -37.08 22.57 -5.16
N ASP D 361 -38.04 21.96 -4.48
CA ASP D 361 -39.33 21.70 -5.12
C ASP D 361 -39.99 22.98 -5.63
N GLU D 362 -39.93 24.05 -4.85
CA GLU D 362 -40.50 25.34 -5.28
C GLU D 362 -39.83 25.85 -6.56
N ALA D 363 -38.49 25.77 -6.62
CA ALA D 363 -37.76 26.14 -7.83
C ALA D 363 -38.14 25.27 -9.02
N VAL D 364 -38.25 23.96 -8.82
CA VAL D 364 -38.67 23.09 -9.91
C VAL D 364 -40.03 23.52 -10.44
N GLN D 365 -40.92 23.94 -9.54
CA GLN D 365 -42.25 24.40 -9.96
C GLN D 365 -42.15 25.63 -10.88
N LYS D 366 -41.29 26.58 -10.56
CA LYS D 366 -41.10 27.71 -11.47
C LYS D 366 -40.62 27.22 -12.83
N ALA D 367 -39.64 26.32 -12.85
CA ALA D 367 -39.11 25.85 -14.12
C ALA D 367 -40.20 25.13 -14.94
N LEU D 368 -41.02 24.29 -14.28
CA LEU D 368 -42.04 23.53 -15.01
C LEU D 368 -43.19 24.42 -15.49
N GLU D 369 -43.56 25.43 -14.70
CA GLU D 369 -44.59 26.38 -15.09
C GLU D 369 -44.16 27.08 -16.38
N PHE D 370 -42.93 27.57 -16.39
CA PHE D 370 -42.37 28.16 -17.61
C PHE D 370 -42.35 27.17 -18.76
N ALA D 371 -41.90 25.93 -18.50
CA ALA D 371 -41.65 25.01 -19.61
C ALA D 371 -42.95 24.46 -20.18
N ARG D 372 -43.97 24.33 -19.34
CA ARG D 372 -45.25 23.86 -19.86
C ARG D 372 -45.85 24.89 -20.80
N LYS D 373 -45.66 26.17 -20.48
CA LYS D 373 -46.14 27.24 -21.35
C LYS D 373 -45.25 27.38 -22.57
N ASP D 374 -43.94 27.31 -22.37
CA ASP D 374 -43.01 27.55 -23.46
C ASP D 374 -43.15 26.49 -24.55
N GLY D 375 -43.20 25.22 -24.14
CA GLY D 375 -43.23 24.10 -25.04
C GLY D 375 -41.93 23.74 -25.72
N ASN D 376 -40.84 24.45 -25.46
CA ASN D 376 -39.60 24.14 -26.16
C ASN D 376 -38.44 23.97 -25.19
N THR D 377 -38.73 23.58 -23.96
CA THR D 377 -37.77 23.55 -22.88
C THR D 377 -37.70 22.15 -22.29
N LEU D 378 -36.49 21.59 -22.25
CA LEU D 378 -36.20 20.36 -21.51
C LEU D 378 -35.88 20.69 -20.08
N VAL D 379 -36.64 20.12 -19.15
CA VAL D 379 -36.42 20.29 -17.70
C VAL D 379 -35.97 18.93 -17.16
N ILE D 380 -34.88 18.93 -16.39
CA ILE D 380 -34.31 17.71 -15.82
C ILE D 380 -34.11 17.98 -14.33
N VAL D 381 -34.54 17.04 -13.50
CA VAL D 381 -34.37 17.10 -12.05
C VAL D 381 -33.61 15.84 -11.61
N THR D 382 -32.48 16.00 -10.96
CA THR D 382 -31.77 14.84 -10.47
C THR D 382 -30.87 15.25 -9.33
N ALA D 383 -29.93 14.37 -8.98
CA ALA D 383 -28.95 14.58 -7.93
C ALA D 383 -27.57 14.22 -8.46
N ASP D 384 -26.55 14.81 -7.86
CA ASP D 384 -25.20 14.43 -8.26
C ASP D 384 -24.80 13.05 -7.72
N HIS D 385 -25.32 12.66 -6.56
CA HIS D 385 -25.00 11.37 -5.95
C HIS D 385 -25.99 11.18 -4.80
N ALA D 386 -25.98 9.99 -4.22
CA ALA D 386 -26.89 9.70 -3.13
C ALA D 386 -26.24 10.08 -1.81
N HIS D 387 -27.04 10.02 -0.75
CA HIS D 387 -26.49 10.40 0.54
C HIS D 387 -26.86 9.40 1.63
N ALA D 388 -26.66 9.78 2.86
CA ALA D 388 -26.63 8.79 3.94
C ALA D 388 -28.03 8.52 4.53
N SER D 389 -28.93 9.50 4.53
CA SER D 389 -30.10 9.40 5.38
C SER D 389 -30.98 8.23 4.95
N GLN D 390 -31.52 7.51 5.94
CA GLN D 390 -32.43 6.40 5.71
C GLN D 390 -33.70 6.59 6.54
N ILE D 391 -34.83 6.14 6.02
CA ILE D 391 -36.07 6.05 6.77
C ILE D 391 -36.14 4.65 7.38
N ILE D 392 -36.29 4.57 8.70
CA ILE D 392 -36.25 3.29 9.40
C ILE D 392 -37.43 3.24 10.38
N PRO D 393 -37.77 2.05 10.90
CA PRO D 393 -38.92 1.90 11.80
C PRO D 393 -38.82 2.77 13.04
N ALA D 394 -39.98 3.29 13.46
CA ALA D 394 -40.01 4.28 14.53
C ALA D 394 -39.40 3.75 15.84
N ASP D 395 -39.47 2.44 16.09
CA ASP D 395 -38.94 1.90 17.33
C ASP D 395 -37.51 1.36 17.19
N SER D 396 -36.81 1.71 16.10
CA SER D 396 -35.49 1.15 15.84
C SER D 396 -34.47 1.56 16.89
N LYS D 397 -33.55 0.64 17.19
CA LYS D 397 -32.36 0.94 17.96
C LYS D 397 -31.18 0.79 17.00
N ALA D 398 -30.61 1.91 16.60
CA ALA D 398 -29.57 1.97 15.56
C ALA D 398 -28.24 2.45 16.11
N PRO D 399 -27.12 2.11 15.46
CA PRO D 399 -25.80 2.44 16.05
C PRO D 399 -25.31 3.84 15.75
N GLY D 400 -25.92 4.54 14.78
CA GLY D 400 -25.51 5.88 14.37
C GLY D 400 -26.29 7.01 15.06
N LEU D 401 -26.66 8.04 14.30
CA LEU D 401 -27.48 9.14 14.78
C LEU D 401 -28.88 9.02 14.19
N THR D 402 -29.89 9.15 15.04
CA THR D 402 -31.27 8.98 14.63
C THR D 402 -32.10 10.12 15.18
N GLN D 403 -33.28 10.30 14.61
CA GLN D 403 -34.17 11.36 15.03
C GLN D 403 -35.59 10.99 14.65
N ALA D 404 -36.53 11.33 15.53
CA ALA D 404 -37.94 11.22 15.19
C ALA D 404 -38.50 12.59 14.88
N LEU D 405 -39.46 12.59 13.94
CA LEU D 405 -40.10 13.76 13.36
C LEU D 405 -41.62 13.59 13.29
N ASN D 406 -42.34 14.66 13.55
CA ASN D 406 -43.78 14.70 13.32
C ASN D 406 -44.01 15.13 11.88
N THR D 407 -44.82 14.38 11.16
CA THR D 407 -45.01 14.61 9.74
C THR D 407 -46.35 15.28 9.47
N HIS D 408 -46.50 15.69 8.21
CA HIS D 408 -47.74 16.23 7.70
C HIS D 408 -48.92 15.29 7.93
N ASP D 409 -48.66 13.97 7.95
CA ASP D 409 -49.70 12.99 8.20
C ASP D 409 -50.14 12.93 9.65
N GLY D 410 -49.43 13.56 10.57
CA GLY D 410 -49.70 13.29 11.96
C GLY D 410 -49.13 11.99 12.48
N ALA D 411 -48.14 11.41 11.80
CA ALA D 411 -47.46 10.19 12.24
C ALA D 411 -45.97 10.48 12.38
N VAL D 412 -45.23 9.56 13.01
CA VAL D 412 -43.83 9.78 13.35
C VAL D 412 -42.97 9.05 12.33
N MET D 413 -41.99 9.75 11.77
CA MET D 413 -40.98 9.13 10.92
C MET D 413 -39.61 9.27 11.60
N VAL D 414 -38.83 8.20 11.54
CA VAL D 414 -37.49 8.20 12.10
C VAL D 414 -36.50 8.18 10.93
N MET D 415 -35.53 9.10 10.97
CA MET D 415 -34.44 9.15 10.02
C MET D 415 -33.14 8.79 10.73
N SER D 416 -32.27 8.11 10.00
CA SER D 416 -31.04 7.54 10.52
C SER D 416 -29.84 7.87 9.64
N TYR D 417 -28.71 8.17 10.28
CA TYR D 417 -27.44 8.45 9.62
C TYR D 417 -26.42 7.49 10.23
N GLY D 418 -26.07 6.42 9.51
CA GLY D 418 -25.30 5.35 10.12
C GLY D 418 -24.11 4.87 9.34
N ASN D 419 -23.52 5.73 8.49
CA ASN D 419 -22.36 5.34 7.70
C ASN D 419 -21.08 6.08 8.05
N SER D 420 -21.06 6.83 9.15
CA SER D 420 -19.83 7.46 9.59
C SER D 420 -19.85 7.71 11.08
N GLU D 421 -18.70 7.45 11.72
CA GLU D 421 -18.40 7.89 13.07
C GLU D 421 -17.69 9.23 13.11
N GLU D 422 -17.24 9.73 11.96
CA GLU D 422 -16.56 11.00 11.90
C GLU D 422 -17.60 12.11 11.83
N GLU D 423 -17.13 13.36 11.78
CA GLU D 423 -18.04 14.50 11.94
C GLU D 423 -19.10 14.54 10.85
N SER D 424 -18.77 14.10 9.63
CA SER D 424 -19.69 14.26 8.52
C SER D 424 -20.00 12.91 7.89
N MET D 425 -21.27 12.69 7.59
CA MET D 425 -21.69 11.44 6.96
C MET D 425 -21.22 11.35 5.50
N GLU D 426 -21.08 10.11 5.07
CA GLU D 426 -20.58 9.77 3.74
C GLU D 426 -21.69 9.78 2.72
N HIS D 427 -21.35 10.20 1.51
CA HIS D 427 -22.21 9.93 0.37
C HIS D 427 -22.43 8.42 0.26
N THR D 428 -23.39 8.03 -0.56
CA THR D 428 -23.51 6.63 -0.92
C THR D 428 -23.55 6.46 -2.43
N GLY D 429 -23.26 5.23 -2.84
CA GLY D 429 -23.10 4.91 -4.25
C GLY D 429 -24.34 4.52 -5.02
N THR D 430 -25.51 4.38 -4.41
CA THR D 430 -26.67 3.80 -5.10
C THR D 430 -27.05 4.64 -6.31
N GLN D 431 -27.47 3.97 -7.39
CA GLN D 431 -28.12 4.66 -8.51
C GLN D 431 -29.31 5.44 -7.97
N LEU D 432 -29.78 6.46 -8.70
CA LEU D 432 -30.86 7.29 -8.19
C LEU D 432 -31.65 7.93 -9.33
N ARG D 433 -32.81 8.45 -8.95
CA ARG D 433 -33.80 8.97 -9.87
C ARG D 433 -33.27 10.11 -10.69
N ILE D 434 -33.57 10.06 -11.99
CA ILE D 434 -33.48 11.21 -12.86
C ILE D 434 -34.82 11.33 -13.57
N ALA D 435 -35.33 12.55 -13.65
CA ALA D 435 -36.67 12.77 -14.18
C ALA D 435 -36.61 13.96 -15.10
N ALA D 436 -37.44 13.94 -16.15
CA ALA D 436 -37.41 15.03 -17.12
C ALA D 436 -38.78 15.28 -17.73
N TYR D 437 -38.91 16.48 -18.29
CA TYR D 437 -40.09 16.94 -19.00
C TYR D 437 -39.61 17.67 -20.27
N GLY D 438 -40.28 17.43 -21.39
CA GLY D 438 -40.05 18.24 -22.56
C GLY D 438 -39.31 17.53 -23.67
N PRO D 439 -38.92 18.27 -24.71
CA PRO D 439 -38.19 17.65 -25.82
C PRO D 439 -36.93 16.92 -25.34
N HIS D 440 -36.76 15.70 -25.82
CA HIS D 440 -35.60 14.83 -25.61
C HIS D 440 -35.61 14.19 -24.21
N ALA D 441 -36.69 14.36 -23.45
CA ALA D 441 -36.79 13.79 -22.12
C ALA D 441 -36.78 12.28 -22.14
N ALA D 442 -37.09 11.65 -23.27
CA ALA D 442 -37.07 10.20 -23.31
C ALA D 442 -35.71 9.64 -22.95
N ASN D 443 -34.65 10.43 -23.11
CA ASN D 443 -33.31 9.90 -22.94
C ASN D 443 -32.90 9.74 -21.48
N VAL D 444 -33.79 10.04 -20.52
CA VAL D 444 -33.50 9.74 -19.12
C VAL D 444 -34.16 8.45 -18.64
N VAL D 445 -34.93 7.79 -19.49
CA VAL D 445 -35.70 6.63 -19.07
C VAL D 445 -34.81 5.40 -19.11
N GLY D 446 -35.09 4.43 -18.23
CA GLY D 446 -34.26 3.23 -18.15
C GLY D 446 -32.99 3.51 -17.36
N LEU D 447 -32.01 2.62 -17.52
CA LEU D 447 -30.70 2.77 -16.88
C LEU D 447 -29.81 3.62 -17.78
N THR D 448 -29.33 4.76 -17.25
CA THR D 448 -28.36 5.58 -17.96
C THR D 448 -27.21 5.91 -17.02
N ASP D 449 -26.19 6.56 -17.56
CA ASP D 449 -25.05 7.03 -16.79
C ASP D 449 -25.13 8.54 -16.73
N GLN D 450 -24.52 9.08 -15.69
CA GLN D 450 -24.41 10.52 -15.51
C GLN D 450 -23.78 11.19 -16.72
N THR D 451 -22.83 10.52 -17.39
CA THR D 451 -22.24 11.12 -18.57
C THR D 451 -23.17 11.10 -19.76
N ASP D 452 -24.21 10.24 -19.75
CA ASP D 452 -25.22 10.37 -20.80
C ASP D 452 -25.94 11.71 -20.69
N LEU D 453 -26.10 12.23 -19.46
CA LEU D 453 -26.85 13.47 -19.30
C LEU D 453 -26.20 14.60 -20.12
N PHE D 454 -24.86 14.67 -20.12
CA PHE D 454 -24.18 15.66 -20.96
C PHE D 454 -24.59 15.51 -22.42
N THR D 455 -24.48 14.29 -22.92
CA THR D 455 -24.78 14.02 -24.35
C THR D 455 -26.25 14.36 -24.62
N THR D 456 -27.12 14.01 -23.67
CA THR D 456 -28.55 14.29 -23.82
C THR D 456 -28.80 15.79 -23.94
N MET D 457 -28.17 16.61 -23.10
CA MET D 457 -28.49 18.04 -23.22
C MET D 457 -27.76 18.68 -24.39
N LYS D 458 -26.57 18.19 -24.73
CA LYS D 458 -25.88 18.69 -25.92
C LYS D 458 -26.70 18.42 -27.16
N ALA D 459 -27.23 17.19 -27.30
CA ALA D 459 -28.04 16.88 -28.48
C ALA D 459 -29.35 17.65 -28.47
N ALA D 460 -29.96 17.80 -27.28
CA ALA D 460 -31.24 18.48 -27.19
C ALA D 460 -31.15 19.90 -27.73
N LEU D 461 -30.06 20.57 -27.43
CA LEU D 461 -29.78 21.94 -27.87
C LEU D 461 -29.11 22.01 -29.25
N SER D 462 -29.02 20.88 -29.95
CA SER D 462 -28.42 20.83 -31.29
C SER D 462 -27.04 21.46 -31.30
N LEU D 463 -26.24 21.16 -30.29
CA LEU D 463 -24.89 21.70 -30.22
C LEU D 463 -23.89 20.73 -30.83
N LYS D 464 -22.99 21.25 -31.63
CA LYS D 464 -22.08 20.41 -32.40
C LYS D 464 -20.70 20.50 -31.78
N ASN E 24 2.16 37.23 46.74
CA ASN E 24 1.58 38.13 45.74
C ASN E 24 2.52 38.36 44.54
N ARG E 25 2.00 38.06 43.35
CA ARG E 25 2.70 38.19 42.08
C ARG E 25 1.94 39.14 41.12
N ALA E 26 1.20 40.11 41.68
CA ALA E 26 0.64 41.18 40.88
C ALA E 26 1.72 42.21 40.51
N ALA E 27 1.48 42.95 39.44
CA ALA E 27 2.36 44.07 39.15
C ALA E 27 2.39 45.01 40.35
N GLN E 28 3.59 45.53 40.65
CA GLN E 28 3.82 46.27 41.90
C GLN E 28 3.27 47.69 41.89
N GLY E 29 3.21 48.33 40.74
CA GLY E 29 2.75 49.69 40.72
C GLY E 29 2.19 50.15 39.40
N ASP E 30 2.65 51.33 38.99
CA ASP E 30 2.28 51.97 37.73
C ASP E 30 3.05 51.30 36.60
N ILE E 31 2.36 50.51 35.76
CA ILE E 31 3.05 49.74 34.74
C ILE E 31 3.72 50.60 33.66
N THR E 32 3.47 51.91 33.65
CA THR E 32 4.13 52.79 32.68
C THR E 32 5.52 53.23 33.13
N THR E 33 5.89 52.97 34.39
CA THR E 33 7.12 53.45 35.02
C THR E 33 8.13 52.33 35.14
N PRO E 34 9.42 52.64 35.23
CA PRO E 34 10.41 51.58 35.44
C PRO E 34 10.11 50.76 36.70
N GLY E 35 10.14 49.44 36.55
CA GLY E 35 9.89 48.51 37.64
C GLY E 35 8.44 48.39 38.03
N GLY E 36 7.56 49.17 37.41
CA GLY E 36 6.17 49.23 37.84
C GLY E 36 5.37 47.99 37.52
N ALA E 37 5.82 47.21 36.54
CA ALA E 37 5.11 46.00 36.13
C ALA E 37 5.73 44.72 36.72
N ARG E 38 6.76 44.85 37.55
CA ARG E 38 7.42 43.69 38.15
C ARG E 38 6.48 42.99 39.12
N ARG E 39 6.52 41.66 39.09
CA ARG E 39 5.73 40.87 40.01
C ARG E 39 6.51 40.44 41.25
N LEU E 40 7.85 40.55 41.22
CA LEU E 40 8.73 40.20 42.32
C LEU E 40 9.13 41.43 43.11
N THR E 41 9.14 41.33 44.45
CA THR E 41 9.59 42.41 45.34
C THR E 41 11.02 42.18 45.84
N GLY E 42 11.61 41.03 45.57
CA GLY E 42 13.00 40.81 45.88
C GLY E 42 13.41 39.40 45.48
N ASP E 43 14.65 39.08 45.88
CA ASP E 43 15.24 37.79 45.59
C ASP E 43 14.40 36.65 46.15
N GLN E 44 14.20 35.61 45.35
CA GLN E 44 13.28 34.51 45.73
C GLN E 44 13.99 33.23 46.18
N THR E 45 15.31 33.23 46.19
CA THR E 45 16.02 31.97 46.43
C THR E 45 15.69 31.40 47.80
N GLU E 46 15.77 32.20 48.85
CA GLU E 46 15.56 31.64 50.18
C GLU E 46 14.13 31.13 50.36
N ALA E 47 13.15 31.87 49.86
CA ALA E 47 11.77 31.42 49.99
C ALA E 47 11.51 30.12 49.23
N LEU E 48 12.13 29.97 48.04
CA LEU E 48 11.97 28.72 47.30
C LEU E 48 12.59 27.57 48.08
N ARG E 49 13.74 27.80 48.70
CA ARG E 49 14.38 26.74 49.48
C ARG E 49 13.43 26.24 50.55
N ALA E 50 12.79 27.17 51.26
CA ALA E 50 11.84 26.79 52.30
C ALA E 50 10.60 26.10 51.71
N SER E 51 10.25 26.40 50.45
CA SER E 51 9.15 25.71 49.79
C SER E 51 9.51 24.30 49.40
N LEU E 52 10.80 23.93 49.40
CA LEU E 52 11.23 22.59 49.01
C LEU E 52 11.20 21.71 50.23
N ILE E 53 10.19 20.81 50.24
CA ILE E 53 9.90 19.91 51.39
C ILE E 53 9.92 18.46 50.92
N ASN E 54 10.60 17.61 51.66
CA ASN E 54 10.79 16.22 51.24
C ASN E 54 9.98 15.24 52.07
N LYS E 55 9.40 15.67 53.19
CA LYS E 55 8.63 14.79 54.04
C LYS E 55 7.51 14.15 53.21
N PRO E 56 6.92 13.06 53.70
CA PRO E 56 5.76 12.50 53.00
C PRO E 56 4.57 13.42 53.06
N ALA E 57 3.74 13.35 52.02
CA ALA E 57 2.45 14.03 52.04
C ALA E 57 1.44 13.18 52.81
N LYS E 58 0.56 13.83 53.54
CA LYS E 58 -0.55 13.07 54.10
C LYS E 58 -1.74 13.10 53.17
N ASN E 59 -1.94 14.22 52.48
CA ASN E 59 -3.01 14.38 51.50
C ASN E 59 -2.47 14.89 50.17
N VAL E 60 -3.24 14.62 49.10
CA VAL E 60 -3.00 15.16 47.77
C VAL E 60 -4.32 15.70 47.24
N ILE E 61 -4.29 16.93 46.74
CA ILE E 61 -5.40 17.54 46.02
C ILE E 61 -4.87 17.90 44.63
N LEU E 62 -5.43 17.25 43.62
CA LEU E 62 -5.09 17.48 42.22
C LEU E 62 -6.24 18.22 41.54
N LEU E 63 -5.98 19.43 41.08
CA LEU E 63 -6.97 20.23 40.39
C LEU E 63 -6.62 20.29 38.91
N ILE E 64 -7.56 19.86 38.07
CA ILE E 64 -7.42 19.76 36.62
C ILE E 64 -8.33 20.78 35.94
N GLY E 65 -7.75 21.66 35.13
CA GLY E 65 -8.54 22.55 34.30
C GLY E 65 -8.59 21.94 32.92
N ASP E 66 -9.74 21.40 32.53
CA ASP E 66 -9.77 20.67 31.27
C ASP E 66 -9.50 21.64 30.13
N GLY E 67 -8.48 21.36 29.32
CA GLY E 67 -8.14 22.29 28.25
C GLY E 67 -7.41 23.55 28.67
N MET E 68 -6.97 23.66 29.93
CA MET E 68 -6.41 24.91 30.46
C MET E 68 -4.89 25.00 30.26
N GLY E 69 -4.52 25.31 29.04
CA GLY E 69 -3.12 25.60 28.76
C GLY E 69 -2.77 27.02 29.19
N ASP E 70 -1.50 27.37 28.96
CA ASP E 70 -1.00 28.69 29.36
C ASP E 70 -1.81 29.81 28.70
N SER E 71 -2.23 29.61 27.45
CA SER E 71 -2.99 30.63 26.77
C SER E 71 -4.33 30.86 27.44
N GLU E 72 -4.98 29.79 27.91
CA GLU E 72 -6.27 29.90 28.60
C GLU E 72 -6.09 30.63 29.93
N ILE E 73 -5.01 30.32 30.64
CA ILE E 73 -4.76 30.98 31.91
C ILE E 73 -4.56 32.47 31.65
N THR E 74 -3.70 32.81 30.67
CA THR E 74 -3.38 34.20 30.36
C THR E 74 -4.63 34.97 29.94
N ALA E 75 -5.46 34.36 29.08
CA ALA E 75 -6.64 35.08 28.58
C ALA E 75 -7.62 35.38 29.70
N ALA E 76 -7.83 34.40 30.58
CA ALA E 76 -8.70 34.57 31.74
C ALA E 76 -8.13 35.59 32.71
N ARG E 77 -6.82 35.56 32.96
CA ARG E 77 -6.21 36.55 33.84
C ARG E 77 -6.36 37.94 33.24
N ASN E 78 -6.04 38.09 31.95
CA ASN E 78 -6.24 39.38 31.30
C ASN E 78 -7.65 39.90 31.51
N TYR E 79 -8.65 39.04 31.26
CA TYR E 79 -10.04 39.46 31.31
C TYR E 79 -10.48 39.78 32.72
N ALA E 80 -10.24 38.86 33.66
CA ALA E 80 -10.82 38.96 34.99
C ALA E 80 -9.97 39.77 35.98
N GLU E 81 -8.63 39.68 35.88
CA GLU E 81 -7.73 40.30 36.86
C GLU E 81 -6.90 41.45 36.29
N GLY E 82 -6.83 41.59 34.97
CA GLY E 82 -5.92 42.52 34.35
C GLY E 82 -4.60 41.87 34.01
N ALA E 83 -3.91 42.47 33.02
CA ALA E 83 -2.66 41.88 32.52
C ALA E 83 -1.66 41.72 33.64
N GLY E 84 -1.56 42.73 34.50
CA GLY E 84 -0.67 42.74 35.63
C GLY E 84 -1.28 42.20 36.90
N GLY E 85 -2.49 41.64 36.80
CA GLY E 85 -3.16 41.00 37.92
C GLY E 85 -2.62 39.61 38.15
N PHE E 86 -3.28 38.90 39.08
CA PHE E 86 -2.71 37.72 39.73
C PHE E 86 -3.88 36.85 40.19
N PHE E 87 -3.98 35.61 39.67
CA PHE E 87 -4.98 34.66 40.16
C PHE E 87 -4.57 34.17 41.54
N LYS E 88 -5.39 34.47 42.55
CA LYS E 88 -4.98 34.13 43.90
C LYS E 88 -4.93 32.63 44.15
N GLY E 89 -5.56 31.81 43.30
CA GLY E 89 -5.31 30.38 43.36
C GLY E 89 -4.33 29.90 42.33
N ILE E 90 -4.72 30.07 41.06
CA ILE E 90 -3.99 29.43 39.96
C ILE E 90 -2.55 29.93 39.92
N ASP E 91 -2.33 31.23 40.19
CA ASP E 91 -1.00 31.81 40.02
C ASP E 91 -0.16 31.76 41.28
N ALA E 92 -0.65 31.13 42.35
CA ALA E 92 -0.02 31.26 43.65
C ALA E 92 0.77 30.03 44.05
N LEU E 93 0.80 28.99 43.22
CA LEU E 93 1.60 27.81 43.53
C LEU E 93 3.06 28.12 43.18
N PRO E 94 3.98 28.00 44.13
CA PRO E 94 5.34 28.51 43.91
C PRO E 94 6.17 27.70 42.96
N LEU E 95 5.93 26.39 42.85
CA LEU E 95 6.81 25.51 42.07
C LEU E 95 6.13 25.12 40.77
N THR E 96 6.80 25.40 39.66
CA THR E 96 6.18 25.39 38.35
C THR E 96 7.08 24.67 37.35
N GLY E 97 6.47 24.04 36.38
CA GLY E 97 7.21 23.53 35.26
C GLY E 97 6.30 23.37 34.10
N GLN E 98 6.75 22.57 33.15
CA GLN E 98 6.01 22.27 31.94
C GLN E 98 6.03 20.76 31.73
N TYR E 99 4.89 20.20 31.33
CA TYR E 99 4.86 18.76 31.08
C TYR E 99 4.15 18.42 29.77
N THR E 100 4.48 17.23 29.28
CA THR E 100 4.06 16.73 27.98
C THR E 100 2.95 15.69 28.14
N HIS E 101 1.96 15.72 27.23
CA HIS E 101 0.74 14.93 27.40
C HIS E 101 0.39 14.14 26.15
N TYR E 102 1.36 13.92 25.24
CA TYR E 102 1.10 13.12 24.05
C TYR E 102 0.54 11.74 24.43
N SER E 103 -0.32 11.24 23.60
CA SER E 103 -0.88 9.90 23.72
C SER E 103 -0.20 8.98 22.73
N LEU E 104 -0.77 7.79 22.54
CA LEU E 104 -0.25 6.76 21.65
C LEU E 104 -1.27 6.37 20.61
N ASP E 105 -0.78 6.09 19.40
CA ASP E 105 -1.61 5.47 18.37
C ASP E 105 -1.93 4.02 18.78
N LYS E 106 -3.22 3.63 18.76
CA LYS E 106 -3.57 2.30 19.27
C LYS E 106 -2.92 1.19 18.46
N LYS E 107 -2.99 1.32 17.13
CA LYS E 107 -2.48 0.28 16.25
C LYS E 107 -0.97 0.15 16.38
N THR E 108 -0.26 1.29 16.38
CA THR E 108 1.18 1.26 16.20
C THR E 108 1.98 1.46 17.47
N GLY E 109 1.38 1.97 18.55
CA GLY E 109 2.15 2.29 19.75
C GLY E 109 3.02 3.53 19.67
N LYS E 110 3.02 4.24 18.55
CA LYS E 110 3.87 5.43 18.44
C LYS E 110 3.17 6.65 19.03
N PRO E 111 3.89 7.72 19.33
CA PRO E 111 3.23 8.92 19.86
C PRO E 111 2.18 9.46 18.92
N ASP E 112 1.10 9.93 19.52
CA ASP E 112 0.07 10.73 18.88
C ASP E 112 0.14 12.09 19.55
N TYR E 113 0.49 13.10 18.78
CA TYR E 113 0.98 14.32 19.43
C TYR E 113 -0.13 15.14 20.06
N VAL E 114 -1.41 14.86 19.76
CA VAL E 114 -2.54 15.57 20.39
C VAL E 114 -3.49 14.57 21.06
N THR E 115 -3.49 14.55 22.38
CA THR E 115 -4.27 13.62 23.19
C THR E 115 -5.72 14.08 23.28
N ASP E 116 -6.60 13.17 23.70
CA ASP E 116 -7.94 13.56 24.15
C ASP E 116 -7.97 13.47 25.66
N ALA E 118 -9.41 11.34 27.65
CA ALA E 118 -9.43 10.01 28.23
C ALA E 118 -8.03 9.45 28.33
N ALA E 119 -7.25 9.56 27.24
CA ALA E 119 -5.89 9.05 27.27
C ALA E 119 -5.03 9.82 28.26
N SER E 120 -5.22 11.12 28.32
CA SER E 120 -4.42 11.92 29.22
C SER E 120 -4.78 11.66 30.68
N ALA E 121 -6.08 11.57 30.99
CA ALA E 121 -6.47 11.25 32.35
C ALA E 121 -5.95 9.90 32.77
N THR E 122 -5.96 8.92 31.84
CA THR E 122 -5.38 7.61 32.12
C THR E 122 -3.90 7.74 32.47
N ALA E 123 -3.18 8.66 31.81
CA ALA E 123 -1.74 8.79 32.05
C ALA E 123 -1.45 9.21 33.48
N TRP E 124 -2.14 10.24 33.99
CA TRP E 124 -1.82 10.66 35.34
C TRP E 124 -2.50 9.83 36.41
N THR E 125 -3.56 9.10 36.08
CA THR E 125 -4.17 8.26 37.12
C THR E 125 -3.55 6.87 37.23
N THR E 126 -2.96 6.30 36.15
CA THR E 126 -2.37 4.96 36.17
C THR E 126 -0.88 4.96 35.89
N GLY E 127 -0.35 6.03 35.31
CA GLY E 127 1.05 6.09 35.00
C GLY E 127 1.45 5.42 33.70
N VAL E 128 0.50 5.06 32.85
CA VAL E 128 0.79 4.45 31.56
C VAL E 128 0.12 5.26 30.47
N LYS E 129 0.87 5.50 29.38
CA LYS E 129 0.31 6.07 28.16
C LYS E 129 -0.69 5.11 27.50
N THR E 130 -1.64 5.66 26.76
CA THR E 130 -2.62 4.81 26.06
C THR E 130 -3.17 5.57 24.85
N TYR E 131 -4.17 4.96 24.19
CA TYR E 131 -4.73 5.53 22.97
C TYR E 131 -5.90 6.46 23.27
N ASN E 132 -6.13 7.38 22.35
CA ASN E 132 -7.18 8.36 22.55
C ASN E 132 -8.53 7.65 22.73
N GLY E 133 -9.25 8.04 23.75
CA GLY E 133 -10.52 7.43 24.04
C GLY E 133 -10.49 6.25 25.01
N ALA E 134 -9.30 5.74 25.35
CA ALA E 134 -9.24 4.70 26.35
C ALA E 134 -9.36 5.28 27.76
N LEU E 135 -9.92 4.47 28.69
CA LEU E 135 -10.00 4.82 30.10
C LEU E 135 -9.46 3.69 30.98
N GLY E 136 -8.34 3.94 31.64
CA GLY E 136 -7.82 2.98 32.60
C GLY E 136 -7.24 1.73 32.01
N VAL E 137 -7.01 1.70 30.69
CA VAL E 137 -6.46 0.54 30.01
C VAL E 137 -5.33 1.03 29.11
N ASP E 138 -4.35 0.15 28.91
CA ASP E 138 -3.23 0.44 28.03
C ASP E 138 -3.61 0.10 26.59
N ILE E 139 -2.65 0.16 25.66
CA ILE E 139 -3.02 -0.01 24.26
C ILE E 139 -3.39 -1.45 23.90
N HIS E 140 -3.05 -2.42 24.75
CA HIS E 140 -3.51 -3.80 24.64
C HIS E 140 -4.89 -4.04 25.26
N GLU E 141 -5.53 -3.00 25.78
CA GLU E 141 -6.85 -3.03 26.40
C GLU E 141 -6.83 -3.71 27.76
N ASN E 142 -5.65 -3.87 28.36
CA ASN E 142 -5.52 -4.39 29.71
C ASN E 142 -5.55 -3.30 30.76
N ALA E 143 -6.27 -3.56 31.85
CA ALA E 143 -6.50 -2.53 32.86
C ALA E 143 -5.28 -2.36 33.77
N HIS E 144 -5.09 -1.15 34.26
CA HIS E 144 -4.05 -0.82 35.23
C HIS E 144 -4.66 -0.06 36.39
N GLN E 145 -4.09 -0.23 37.59
CA GLN E 145 -4.72 0.36 38.78
C GLN E 145 -4.55 1.88 38.80
N THR E 146 -5.61 2.58 39.20
CA THR E 146 -5.59 4.02 39.34
C THR E 146 -5.13 4.45 40.72
N ILE E 147 -4.70 5.72 40.79
CA ILE E 147 -4.22 6.32 42.04
C ILE E 147 -5.32 6.35 43.09
N LEU E 148 -6.57 6.46 42.66
CA LEU E 148 -7.69 6.39 43.60
C LEU E 148 -7.81 4.98 44.18
N GLU E 149 -7.75 3.95 43.31
CA GLU E 149 -7.86 2.58 43.82
C GLU E 149 -6.71 2.26 44.78
N LEU E 150 -5.48 2.69 44.46
CA LEU E 150 -4.33 2.44 45.34
C LEU E 150 -4.46 3.20 46.65
N ALA E 151 -4.94 4.44 46.59
CA ALA E 151 -5.18 5.19 47.80
C ALA E 151 -6.17 4.48 48.71
N LYS E 152 -7.27 4.00 48.13
CA LYS E 152 -8.28 3.35 48.92
C LYS E 152 -7.74 2.07 49.55
N ALA E 153 -6.97 1.30 48.78
CA ALA E 153 -6.35 0.08 49.29
C ALA E 153 -5.46 0.36 50.49
N ALA E 154 -4.82 1.52 50.53
CA ALA E 154 -3.96 1.86 51.66
C ALA E 154 -4.72 2.56 52.79
N GLY E 155 -6.05 2.57 52.72
CA GLY E 155 -6.84 3.10 53.81
C GLY E 155 -7.08 4.59 53.79
N LEU E 156 -6.69 5.28 52.73
CA LEU E 156 -6.94 6.71 52.63
C LEU E 156 -8.36 6.96 52.13
N ALA E 157 -8.90 8.08 52.54
CA ALA E 157 -10.17 8.55 52.03
C ALA E 157 -9.98 9.09 50.62
N THR E 158 -11.02 8.99 49.79
CA THR E 158 -10.92 9.30 48.37
C THR E 158 -12.11 10.14 47.92
N GLY E 159 -11.80 11.12 47.08
CA GLY E 159 -12.81 12.00 46.54
C GLY E 159 -12.56 12.33 45.09
N ASN E 160 -13.66 12.57 44.39
CA ASN E 160 -13.68 12.70 42.93
C ASN E 160 -14.74 13.72 42.58
N VAL E 161 -14.33 14.93 42.15
CA VAL E 161 -15.21 16.08 41.98
C VAL E 161 -15.04 16.64 40.57
N SER E 162 -16.14 16.97 39.93
CA SER E 162 -16.11 17.54 38.59
C SER E 162 -17.38 18.32 38.32
N THR E 163 -17.29 19.35 37.47
CA THR E 163 -18.47 20.03 36.98
C THR E 163 -19.05 19.34 35.75
N ALA E 164 -18.39 18.31 35.28
CA ALA E 164 -18.90 17.52 34.18
C ALA E 164 -19.83 16.41 34.68
N GLU E 165 -20.49 15.76 33.74
CA GLU E 165 -21.12 14.48 34.05
C GLU E 165 -20.04 13.54 34.57
N LEU E 166 -20.36 12.82 35.65
CA LEU E 166 -19.33 12.03 36.31
C LEU E 166 -18.83 10.88 35.44
N GLN E 167 -19.59 10.53 34.39
CA GLN E 167 -19.13 9.54 33.43
C GLN E 167 -18.08 10.09 32.46
N ASP E 168 -17.93 11.41 32.38
CA ASP E 168 -16.99 12.01 31.44
C ASP E 168 -15.55 11.57 31.77
N ALA E 169 -14.67 11.74 30.78
CA ALA E 169 -13.38 11.05 30.80
C ALA E 169 -12.54 11.40 32.01
N THR E 170 -12.50 12.69 32.37
CA THR E 170 -11.59 13.11 33.45
C THR E 170 -11.97 12.50 34.80
N PRO E 171 -13.22 12.59 35.27
CA PRO E 171 -13.57 11.84 36.49
C PRO E 171 -13.65 10.35 36.29
N ALA E 172 -14.08 9.88 35.13
CA ALA E 172 -14.26 8.44 34.95
C ALA E 172 -12.95 7.69 35.11
N ALA E 173 -11.84 8.33 34.75
CA ALA E 173 -10.59 7.58 34.68
C ALA E 173 -10.14 7.09 36.05
N LEU E 174 -10.49 7.80 37.13
CA LEU E 174 -10.10 7.33 38.45
C LEU E 174 -10.77 6.01 38.84
N VAL E 175 -11.90 5.68 38.20
CA VAL E 175 -12.77 4.63 38.71
C VAL E 175 -13.14 3.58 37.66
N ALA E 176 -12.89 3.85 36.37
CA ALA E 176 -13.37 2.98 35.31
C ALA E 176 -12.25 2.49 34.39
N HIS E 177 -12.45 1.29 33.84
CA HIS E 177 -11.49 0.66 32.92
C HIS E 177 -12.30 0.12 31.73
N VAL E 178 -12.33 0.89 30.64
CA VAL E 178 -13.16 0.54 29.49
C VAL E 178 -12.40 0.89 28.22
N THR E 179 -12.76 0.22 27.13
CA THR E 179 -12.05 0.40 25.88
C THR E 179 -12.45 1.67 25.14
N SER E 180 -13.57 2.30 25.51
CA SER E 180 -14.00 3.58 24.93
C SER E 180 -14.67 4.44 25.99
N ARG E 181 -14.33 5.73 26.01
CA ARG E 181 -14.93 6.69 26.93
C ARG E 181 -16.42 6.91 26.70
N LYS E 182 -16.96 6.48 25.55
CA LYS E 182 -18.39 6.58 25.29
C LYS E 182 -19.24 5.71 26.20
N CYS E 183 -18.64 4.72 26.86
CA CYS E 183 -19.39 3.64 27.51
C CYS E 183 -19.93 4.08 28.89
N TYR E 184 -20.82 5.09 28.85
CA TYR E 184 -21.32 5.71 30.09
C TYR E 184 -22.07 4.71 30.97
N GLY E 185 -23.01 3.99 30.38
CA GLY E 185 -23.85 3.03 31.07
C GLY E 185 -24.08 1.74 30.30
N PRO E 186 -24.99 0.89 30.80
CA PRO E 186 -25.16 -0.45 30.19
C PRO E 186 -25.53 -0.39 28.72
N THR E 187 -26.35 0.59 28.33
CA THR E 187 -26.87 0.66 26.97
C THR E 187 -25.75 0.90 25.95
N VAL E 188 -24.93 1.92 26.14
CA VAL E 188 -23.85 2.13 25.18
C VAL E 188 -22.81 1.02 25.29
N THR E 189 -22.51 0.58 26.52
CA THR E 189 -21.42 -0.38 26.71
C THR E 189 -21.68 -1.69 25.95
N SER E 190 -22.92 -2.18 25.99
CA SER E 190 -23.26 -3.38 25.23
C SER E 190 -22.84 -3.27 23.78
N GLU E 191 -23.06 -2.10 23.17
CA GLU E 191 -22.78 -1.95 21.74
C GLU E 191 -21.37 -1.47 21.43
N LYS E 192 -20.82 -0.52 22.19
CA LYS E 192 -19.53 0.09 21.84
C LYS E 192 -18.34 -0.51 22.58
N CYS E 193 -18.56 -1.13 23.74
CA CYS E 193 -17.50 -1.82 24.51
C CYS E 193 -17.94 -3.24 24.87
N PRO E 194 -18.16 -4.09 23.87
CA PRO E 194 -18.75 -5.42 24.18
C PRO E 194 -17.88 -6.27 25.11
N SER E 195 -16.55 -6.07 25.10
CA SER E 195 -15.71 -6.80 26.03
C SER E 195 -15.84 -6.29 27.47
N ASN E 196 -16.39 -5.08 27.68
CA ASN E 196 -16.59 -4.57 29.02
C ASN E 196 -18.02 -4.74 29.51
N ALA E 197 -18.97 -5.05 28.62
CA ALA E 197 -20.36 -5.12 29.02
C ALA E 197 -20.55 -6.23 30.05
N LEU E 198 -21.34 -5.93 31.08
CA LEU E 198 -21.50 -6.85 32.20
C LEU E 198 -22.09 -8.19 31.73
N GLU E 199 -23.08 -8.15 30.84
CA GLU E 199 -23.75 -9.36 30.35
C GLU E 199 -22.94 -10.10 29.29
N LYS E 200 -21.84 -9.53 28.84
CA LYS E 200 -20.91 -10.18 27.93
C LYS E 200 -19.60 -10.57 28.60
N GLY E 201 -19.57 -10.57 29.93
CA GLY E 201 -18.42 -11.08 30.66
C GLY E 201 -17.41 -10.05 31.13
N GLY E 202 -17.73 -8.75 31.02
CA GLY E 202 -16.83 -7.69 31.40
C GLY E 202 -17.14 -7.14 32.77
N LYS E 203 -16.42 -6.07 33.13
CA LYS E 203 -16.53 -5.43 34.43
C LYS E 203 -17.66 -4.42 34.52
N GLY E 204 -18.21 -3.99 33.40
CA GLY E 204 -19.36 -3.13 33.37
C GLY E 204 -19.05 -1.78 32.76
N SER E 205 -20.09 -0.97 32.69
CA SER E 205 -20.00 0.38 32.17
C SER E 205 -19.22 1.28 33.12
N ILE E 206 -18.95 2.51 32.67
CA ILE E 206 -18.30 3.50 33.53
C ILE E 206 -19.10 3.69 34.82
N THR E 207 -20.42 3.90 34.72
CA THR E 207 -21.16 4.15 35.95
C THR E 207 -21.18 2.92 36.86
N GLU E 208 -21.24 1.73 36.27
CA GLU E 208 -21.24 0.53 37.11
C GLU E 208 -19.90 0.32 37.76
N GLN E 209 -18.81 0.59 37.04
CA GLN E 209 -17.50 0.56 37.67
C GLN E 209 -17.36 1.63 38.74
N LEU E 210 -17.98 2.79 38.54
CA LEU E 210 -17.95 3.84 39.57
CA LEU E 210 -17.94 3.83 39.58
C LEU E 210 -18.56 3.34 40.88
N LEU E 211 -19.74 2.77 40.81
CA LEU E 211 -20.40 2.26 42.01
C LEU E 211 -19.60 1.12 42.68
N ASN E 212 -18.85 0.33 41.92
CA ASN E 212 -17.94 -0.65 42.51
C ASN E 212 -16.73 0.01 43.16
N ALA E 213 -16.19 1.04 42.51
CA ALA E 213 -15.00 1.71 43.01
C ALA E 213 -15.29 2.35 44.36
N ARG E 214 -16.47 2.93 44.51
CA ARG E 214 -16.91 3.47 45.79
C ARG E 214 -15.91 4.44 46.43
N PRO E 215 -15.72 5.61 45.84
CA PRO E 215 -15.03 6.68 46.56
C PRO E 215 -15.87 7.14 47.73
N ASP E 216 -15.20 7.70 48.74
CA ASP E 216 -15.94 8.28 49.86
C ASP E 216 -16.82 9.43 49.38
N VAL E 217 -16.30 10.26 48.48
CA VAL E 217 -16.99 11.44 47.98
C VAL E 217 -16.86 11.48 46.46
N THR E 218 -17.99 11.55 45.78
CA THR E 218 -18.07 11.72 44.35
C THR E 218 -19.15 12.77 44.11
N LEU E 219 -18.78 13.88 43.46
CA LEU E 219 -19.67 15.03 43.27
C LEU E 219 -19.58 15.56 41.86
N GLY E 220 -20.72 15.75 41.20
CA GLY E 220 -20.66 16.22 39.82
C GLY E 220 -22.01 16.16 39.15
N GLY E 221 -21.97 16.17 37.83
CA GLY E 221 -23.15 15.95 37.03
C GLY E 221 -23.32 14.49 36.62
N GLY E 222 -24.17 14.29 35.62
CA GLY E 222 -24.33 12.98 35.00
C GLY E 222 -25.46 12.15 35.57
N ALA E 223 -26.55 12.76 36.00
CA ALA E 223 -27.65 11.96 36.56
C ALA E 223 -28.34 11.13 35.48
N LYS E 224 -28.27 11.57 34.23
CA LYS E 224 -29.04 10.93 33.16
C LYS E 224 -28.78 9.43 33.10
N THR E 225 -27.50 9.01 33.12
CA THR E 225 -27.14 7.61 32.97
C THR E 225 -27.65 6.75 34.13
N PHE E 226 -27.84 7.34 35.32
CA PHE E 226 -28.30 6.55 36.45
C PHE E 226 -29.74 6.03 36.30
N ALA E 227 -30.52 6.55 35.33
CA ALA E 227 -31.82 5.96 34.99
C ALA E 227 -31.73 4.73 34.12
N GLU E 228 -30.54 4.36 33.65
CA GLU E 228 -30.43 3.13 32.88
C GLU E 228 -30.47 1.92 33.82
N THR E 229 -30.86 0.76 33.27
CA THR E 229 -30.98 -0.44 34.08
C THR E 229 -29.92 -1.45 33.68
N ALA E 230 -29.38 -2.13 34.69
CA ALA E 230 -28.34 -3.11 34.50
C ALA E 230 -28.86 -4.38 33.86
N THR E 231 -27.99 -5.02 33.08
CA THR E 231 -28.34 -6.15 32.24
C THR E 231 -27.92 -7.50 32.83
N ALA E 232 -27.21 -7.48 33.95
CA ALA E 232 -26.76 -8.72 34.58
C ALA E 232 -26.30 -8.32 35.99
N GLY E 233 -25.67 -9.26 36.68
CA GLY E 233 -25.10 -8.96 37.98
C GLY E 233 -26.14 -8.92 39.09
N GLU E 234 -25.63 -8.66 40.30
CA GLU E 234 -26.47 -8.69 41.49
C GLU E 234 -27.67 -7.75 41.40
N TRP E 235 -27.51 -6.62 40.70
CA TRP E 235 -28.56 -5.62 40.60
C TRP E 235 -29.17 -5.59 39.21
N GLN E 236 -29.17 -6.73 38.53
CA GLN E 236 -29.83 -6.85 37.24
C GLN E 236 -31.29 -6.45 37.33
N GLY E 237 -31.75 -5.67 36.35
CA GLY E 237 -33.12 -5.21 36.29
C GLY E 237 -33.44 -3.98 37.11
N LYS E 238 -32.49 -3.47 37.87
CA LYS E 238 -32.67 -2.20 38.58
C LYS E 238 -31.90 -1.08 37.88
N THR E 239 -32.35 0.13 38.13
CA THR E 239 -31.64 1.31 37.66
C THR E 239 -30.33 1.43 38.43
N LEU E 240 -29.36 2.11 37.81
CA LEU E 240 -28.13 2.37 38.53
C LEU E 240 -28.37 3.28 39.75
N ARG E 241 -29.36 4.17 39.70
CA ARG E 241 -29.68 4.93 40.91
C ARG E 241 -30.18 4.02 42.03
N GLU E 242 -31.00 3.02 41.68
CA GLU E 242 -31.51 2.02 42.63
C GLU E 242 -30.32 1.24 43.16
N GLN E 243 -29.38 0.86 42.28
CA GLN E 243 -28.21 0.12 42.70
C GLN E 243 -27.43 0.92 43.73
N ALA E 244 -27.24 2.21 43.45
CA ALA E 244 -26.50 3.07 44.34
C ALA E 244 -27.18 3.13 45.70
N GLN E 245 -28.49 3.29 45.69
CA GLN E 245 -29.23 3.39 46.97
C GLN E 245 -29.09 2.06 47.73
N ALA E 246 -29.21 0.95 47.01
CA ALA E 246 -29.13 -0.34 47.66
C ALA E 246 -27.76 -0.57 48.28
N ARG E 247 -26.71 -0.08 47.65
CA ARG E 247 -25.34 -0.30 48.11
C ARG E 247 -24.88 0.72 49.14
N GLY E 248 -25.79 1.58 49.64
CA GLY E 248 -25.47 2.46 50.75
C GLY E 248 -25.05 3.87 50.41
N TYR E 249 -25.13 4.28 49.14
CA TYR E 249 -24.80 5.66 48.77
C TYR E 249 -25.84 6.64 49.31
N GLN E 250 -25.36 7.76 49.85
CA GLN E 250 -26.22 8.89 50.19
C GLN E 250 -26.16 9.84 49.01
N ILE E 251 -27.26 9.93 48.26
CA ILE E 251 -27.33 10.77 47.07
C ILE E 251 -27.84 12.15 47.48
N VAL E 252 -27.16 13.20 46.99
CA VAL E 252 -27.56 14.60 47.16
C VAL E 252 -27.62 15.26 45.80
N THR E 253 -28.47 16.30 45.68
CA THR E 253 -28.79 16.84 44.36
C THR E 253 -28.84 18.36 44.27
N ASP E 254 -28.59 19.09 45.34
CA ASP E 254 -28.53 20.55 45.29
C ASP E 254 -27.59 21.03 46.39
N ALA E 255 -27.41 22.36 46.50
CA ALA E 255 -26.40 22.92 47.39
C ALA E 255 -26.78 22.74 48.85
N ALA E 256 -28.07 22.83 49.16
CA ALA E 256 -28.54 22.66 50.53
C ALA E 256 -28.33 21.25 51.02
N SER E 257 -28.70 20.24 50.22
CA SER E 257 -28.50 18.87 50.65
C SER E 257 -27.03 18.52 50.73
N LEU E 258 -26.22 19.06 49.82
CA LEU E 258 -24.77 18.86 49.93
C LEU E 258 -24.24 19.46 51.22
N ALA E 259 -24.63 20.71 51.50
CA ALA E 259 -24.17 21.34 52.72
C ALA E 259 -24.61 20.56 53.96
N ALA E 260 -25.77 19.89 53.89
CA ALA E 260 -26.29 19.17 55.06
C ALA E 260 -25.59 17.83 55.31
N ALA E 261 -24.81 17.32 54.36
CA ALA E 261 -24.11 16.07 54.58
C ALA E 261 -23.02 16.29 55.63
N THR E 262 -22.92 15.38 56.58
CA THR E 262 -22.01 15.56 57.71
C THR E 262 -20.92 14.52 57.75
N GLU E 263 -21.06 13.42 57.03
CA GLU E 263 -20.01 12.41 56.94
C GLU E 263 -20.00 11.83 55.54
N ALA E 264 -18.82 11.33 55.14
CA ALA E 264 -18.70 10.45 53.96
C ALA E 264 -17.74 9.34 54.33
N SER E 265 -18.14 8.09 54.05
CA SER E 265 -17.32 6.96 54.46
C SER E 265 -17.65 5.76 53.58
N GLN E 266 -16.86 4.71 53.77
CA GLN E 266 -17.12 3.48 53.07
C GLN E 266 -18.45 2.88 53.49
N ASP E 267 -18.89 3.13 54.72
CA ASP E 267 -20.24 2.74 55.09
C ASP E 267 -21.28 3.61 54.41
N LYS E 268 -21.06 4.94 54.36
CA LYS E 268 -22.03 5.88 53.79
C LYS E 268 -21.29 6.80 52.81
N PRO E 269 -21.01 6.30 51.61
CA PRO E 269 -20.39 7.17 50.58
C PRO E 269 -21.35 8.21 50.05
N LEU E 270 -20.79 9.34 49.68
CA LEU E 270 -21.57 10.50 49.24
C LEU E 270 -21.52 10.57 47.73
N LEU E 271 -22.69 10.60 47.10
CA LEU E 271 -22.82 10.68 45.65
C LEU E 271 -23.69 11.89 45.34
N GLY E 272 -23.08 12.95 44.80
CA GLY E 272 -23.80 14.15 44.44
C GLY E 272 -24.07 14.17 42.95
N LEU E 273 -25.35 14.23 42.59
CA LEU E 273 -25.82 14.26 41.19
C LEU E 273 -26.60 15.56 40.97
N PHE E 274 -25.88 16.60 40.51
CA PHE E 274 -26.35 17.97 40.54
C PHE E 274 -26.91 18.46 39.22
N ALA E 275 -26.83 17.66 38.17
CA ALA E 275 -27.46 18.03 36.91
C ALA E 275 -27.62 16.75 36.09
N ASP E 276 -28.50 16.80 35.10
CA ASP E 276 -28.71 15.65 34.22
C ASP E 276 -27.45 15.34 33.41
N GLY E 277 -26.88 16.36 32.79
CA GLY E 277 -25.63 16.21 32.08
C GLY E 277 -24.54 16.99 32.78
N ASN E 278 -23.84 17.84 32.03
CA ASN E 278 -22.84 18.70 32.66
C ASN E 278 -23.52 19.73 33.54
N MET E 279 -22.81 20.18 34.55
CA MET E 279 -23.39 21.26 35.36
C MET E 279 -23.32 22.59 34.61
N PRO E 280 -24.24 23.52 34.90
CA PRO E 280 -24.34 24.73 34.07
C PRO E 280 -23.14 25.62 34.22
N VAL E 281 -22.70 26.26 33.13
CA VAL E 281 -21.50 27.11 33.22
C VAL E 281 -21.82 28.43 33.92
N ARG E 282 -20.76 29.10 34.42
CA ARG E 282 -20.93 30.29 35.26
C ARG E 282 -21.35 31.49 34.41
N TRP E 283 -20.73 31.66 33.26
CA TRP E 283 -20.82 32.87 32.46
C TRP E 283 -21.36 32.56 31.07
N GLU E 284 -21.86 33.60 30.45
CA GLU E 284 -22.45 33.55 29.14
C GLU E 284 -21.87 34.70 28.33
N GLY E 285 -21.75 34.47 27.04
CA GLY E 285 -21.50 35.50 26.06
C GLY E 285 -21.76 34.92 24.68
N PRO E 286 -21.66 35.74 23.65
CA PRO E 286 -21.87 35.23 22.28
C PRO E 286 -20.74 34.34 21.82
N LYS E 287 -21.04 33.47 20.87
CA LYS E 287 -19.98 32.71 20.22
C LYS E 287 -19.07 33.66 19.42
N ALA E 288 -17.78 33.32 19.38
CA ALA E 288 -16.89 34.02 18.46
C ALA E 288 -17.36 33.81 17.02
N SER E 289 -16.95 34.71 16.12
CA SER E 289 -17.44 34.66 14.75
C SER E 289 -16.40 35.16 13.76
N TYR E 290 -16.64 34.89 12.50
CA TYR E 290 -15.76 35.32 11.42
C TYR E 290 -15.66 36.84 11.42
N HIS E 291 -14.44 37.36 11.54
CA HIS E 291 -14.16 38.78 11.70
C HIS E 291 -14.95 39.40 12.85
N GLY E 292 -15.23 38.62 13.89
CA GLY E 292 -16.04 39.12 14.99
C GLY E 292 -15.39 40.27 15.74
N ASN E 293 -14.05 40.33 15.76
CA ASN E 293 -13.35 41.43 16.42
C ASN E 293 -13.40 42.71 15.60
N ILE E 294 -13.87 42.62 14.37
CA ILE E 294 -13.95 43.82 13.48
C ILE E 294 -15.42 44.18 13.26
N ASP E 295 -16.29 43.20 13.06
CA ASP E 295 -17.66 43.45 12.69
C ASP E 295 -18.60 43.59 13.88
N LYS E 296 -18.16 43.22 15.07
CA LYS E 296 -19.02 43.23 16.24
C LYS E 296 -18.35 43.96 17.38
N PRO E 297 -19.14 44.60 18.24
CA PRO E 297 -18.58 45.38 19.34
C PRO E 297 -17.87 44.49 20.34
N PRO E 298 -17.00 45.04 21.19
CA PRO E 298 -16.40 44.21 22.25
C PRO E 298 -17.47 43.70 23.22
N VAL E 299 -17.22 42.50 23.75
CA VAL E 299 -18.16 41.78 24.60
C VAL E 299 -17.80 41.90 26.08
N THR E 300 -18.82 42.10 26.93
CA THR E 300 -18.70 41.93 28.36
C THR E 300 -19.42 40.64 28.75
N CYS E 301 -18.70 39.74 29.40
CA CYS E 301 -19.34 38.50 29.86
C CYS E 301 -20.39 38.80 30.93
N THR E 302 -21.41 37.96 30.98
CA THR E 302 -22.46 38.10 31.97
C THR E 302 -22.64 36.77 32.70
N PRO E 303 -23.05 36.79 33.98
CA PRO E 303 -23.34 35.52 34.64
C PRO E 303 -24.45 34.77 33.91
N ASN E 304 -24.34 33.45 33.93
CA ASN E 304 -25.29 32.63 33.19
C ASN E 304 -26.68 32.78 33.82
N PRO E 305 -27.66 33.34 33.11
CA PRO E 305 -28.97 33.55 33.77
C PRO E 305 -29.63 32.25 34.13
N LYS E 306 -29.27 31.16 33.47
CA LYS E 306 -29.91 29.86 33.61
C LYS E 306 -29.35 29.06 34.77
N ARG E 307 -28.33 29.57 35.45
CA ARG E 307 -27.71 28.86 36.56
C ARG E 307 -28.45 29.20 37.86
N ASP E 308 -29.15 28.21 38.41
CA ASP E 308 -29.88 28.41 39.64
C ASP E 308 -28.92 28.49 40.83
N ALA E 309 -29.28 29.31 41.81
CA ALA E 309 -28.49 29.38 43.04
C ALA E 309 -28.51 28.06 43.83
N SER E 310 -29.43 27.16 43.54
CA SER E 310 -29.41 25.85 44.21
C SER E 310 -28.33 24.89 43.67
N VAL E 311 -27.62 25.25 42.61
CA VAL E 311 -26.54 24.41 42.07
C VAL E 311 -25.27 24.79 42.82
N PRO E 312 -24.57 23.85 43.45
CA PRO E 312 -23.32 24.22 44.14
C PRO E 312 -22.24 24.62 43.14
N THR E 313 -21.38 25.54 43.56
CA THR E 313 -20.24 25.95 42.75
C THR E 313 -19.10 24.96 42.94
N LEU E 314 -18.15 25.01 42.00
CA LEU E 314 -16.99 24.13 42.12
C LEU E 314 -16.29 24.35 43.45
N ALA E 315 -16.18 25.60 43.89
CA ALA E 315 -15.53 25.86 45.16
C ALA E 315 -16.30 25.23 46.32
N GLN E 316 -17.63 25.38 46.32
CA GLN E 316 -18.42 24.78 47.40
C GLN E 316 -18.28 23.25 47.40
N MET E 317 -18.17 22.64 46.22
CA MET E 317 -17.97 21.20 46.21
C MET E 317 -16.60 20.86 46.76
N THR E 318 -15.60 21.66 46.39
CA THR E 318 -14.21 21.41 46.81
C THR E 318 -14.06 21.56 48.32
N GLU E 319 -14.60 22.64 48.88
CA GLU E 319 -14.50 22.86 50.32
C GLU E 319 -15.24 21.78 51.12
N LYS E 320 -16.44 21.40 50.69
CA LYS E 320 -17.16 20.35 51.39
C LYS E 320 -16.43 19.02 51.30
N ALA E 321 -15.93 18.69 50.10
CA ALA E 321 -15.17 17.46 49.93
C ALA E 321 -13.99 17.41 50.88
N ILE E 322 -13.22 18.52 50.94
CA ILE E 322 -12.06 18.59 51.82
C ILE E 322 -12.46 18.35 53.28
N ASP E 323 -13.55 18.98 53.72
CA ASP E 323 -13.96 18.84 55.12
C ASP E 323 -14.32 17.41 55.44
N LEU E 324 -15.06 16.74 54.54
CA LEU E 324 -15.50 15.37 54.78
C LEU E 324 -14.35 14.38 54.69
N LEU E 325 -13.43 14.59 53.75
CA LEU E 325 -12.30 13.69 53.58
C LEU E 325 -11.24 13.88 54.64
N SER E 326 -11.13 15.08 55.19
CA SER E 326 -10.12 15.35 56.20
C SER E 326 -10.40 14.64 57.53
N ARG E 327 -11.54 13.98 57.68
CA ARG E 327 -11.82 13.22 58.89
C ARG E 327 -11.00 11.95 58.99
N ASN E 328 -10.52 11.42 57.86
CA ASN E 328 -9.71 10.21 57.87
C ASN E 328 -8.36 10.49 58.50
N GLU E 329 -7.99 9.63 59.47
CA GLU E 329 -6.76 9.85 60.21
C GLU E 329 -5.53 9.63 59.33
N LYS E 330 -5.61 8.74 58.33
CA LYS E 330 -4.43 8.45 57.52
C LYS E 330 -4.19 9.51 56.43
N GLY E 331 -5.22 10.22 56.00
CA GLY E 331 -5.10 11.17 54.91
C GLY E 331 -6.10 10.88 53.80
N PHE E 332 -6.00 11.69 52.75
CA PHE E 332 -6.96 11.58 51.66
C PHE E 332 -6.34 11.98 50.32
N PHE E 333 -6.85 11.38 49.26
CA PHE E 333 -6.61 11.84 47.89
C PHE E 333 -7.90 12.43 47.32
N LEU E 334 -7.81 13.62 46.71
CA LEU E 334 -8.95 14.28 46.07
C LEU E 334 -8.58 14.83 44.69
N GLN E 335 -9.38 14.52 43.68
CA GLN E 335 -9.24 15.13 42.37
C GLN E 335 -10.42 16.05 42.12
N VAL E 336 -10.14 17.27 41.65
CA VAL E 336 -11.19 18.26 41.37
C VAL E 336 -10.98 18.71 39.93
N GLU E 337 -12.02 18.60 39.10
CA GLU E 337 -11.95 19.05 37.73
C GLU E 337 -12.86 20.25 37.45
N GLY E 338 -12.26 21.30 36.89
CA GLY E 338 -13.00 22.36 36.21
C GLY E 338 -13.21 21.98 34.76
N ALA E 339 -14.38 21.42 34.46
CA ALA E 339 -14.46 20.63 33.24
C ALA E 339 -14.75 21.45 32.01
N SER E 340 -15.48 22.56 32.16
CA SER E 340 -16.13 23.23 31.05
C SER E 340 -15.29 24.35 30.44
N ILE E 341 -14.05 24.52 30.91
CA ILE E 341 -13.08 25.34 30.19
C ILE E 341 -12.90 24.79 28.79
N ASP E 342 -12.54 23.51 28.72
CA ASP E 342 -12.35 22.84 27.44
C ASP E 342 -13.64 22.86 26.60
N LYS E 343 -14.78 22.60 27.23
CA LYS E 343 -16.03 22.43 26.46
C LYS E 343 -16.46 23.76 25.84
N GLN E 344 -16.23 24.87 26.54
CA GLN E 344 -16.53 26.19 25.98
C GLN E 344 -15.45 26.64 24.99
N ASP E 345 -14.20 26.25 25.21
CA ASP E 345 -13.15 26.42 24.20
C ASP E 345 -13.51 25.67 22.90
N HIS E 346 -14.06 24.45 23.01
CA HIS E 346 -14.52 23.74 21.82
C HIS E 346 -15.54 24.55 21.04
N ALA E 347 -16.50 25.15 21.75
CA ALA E 347 -17.59 25.92 21.19
C ALA E 347 -17.19 27.37 20.86
N ALA E 348 -15.90 27.68 20.86
CA ALA E 348 -15.41 29.02 20.56
C ALA E 348 -16.23 30.09 21.29
N ASN E 349 -16.35 29.92 22.61
CA ASN E 349 -17.10 30.85 23.46
C ASN E 349 -16.21 31.42 24.56
N PRO E 350 -15.55 32.55 24.31
CA PRO E 350 -14.59 33.05 25.32
C PRO E 350 -15.20 33.28 26.68
N CYS E 351 -16.43 33.79 26.76
CA CYS E 351 -17.00 34.06 28.07
C CYS E 351 -17.24 32.78 28.85
N GLY E 352 -17.80 31.76 28.21
CA GLY E 352 -17.97 30.48 28.87
C GLY E 352 -16.65 29.91 29.33
N GLN E 353 -15.64 29.99 28.48
CA GLN E 353 -14.32 29.45 28.77
C GLN E 353 -13.64 30.23 29.90
N ILE E 354 -13.64 31.55 29.81
CA ILE E 354 -13.02 32.33 30.88
C ILE E 354 -13.77 32.14 32.19
N GLY E 355 -15.10 32.08 32.14
CA GLY E 355 -15.87 31.90 33.37
C GLY E 355 -15.52 30.61 34.11
N GLU E 356 -15.38 29.50 33.38
CA GLU E 356 -14.96 28.27 34.03
C GLU E 356 -13.49 28.31 34.53
N THR E 357 -12.63 29.17 33.98
CA THR E 357 -11.29 29.30 34.56
C THR E 357 -11.34 30.04 35.90
N VAL E 358 -12.13 31.11 35.95
CA VAL E 358 -12.32 31.88 37.18
C VAL E 358 -12.90 30.99 38.26
N ASP E 359 -13.88 30.20 37.89
CA ASP E 359 -14.45 29.15 38.74
C ASP E 359 -13.40 28.22 39.30
N LEU E 360 -12.51 27.72 38.42
CA LEU E 360 -11.46 26.82 38.90
C LEU E 360 -10.55 27.53 39.90
N ASP E 361 -10.19 28.79 39.61
CA ASP E 361 -9.37 29.57 40.53
C ASP E 361 -9.98 29.60 41.94
N GLU E 362 -11.30 29.72 42.03
CA GLU E 362 -11.95 29.77 43.34
C GLU E 362 -11.76 28.44 44.07
N ALA E 363 -11.83 27.32 43.34
CA ALA E 363 -11.61 26.01 43.95
C ALA E 363 -10.15 25.78 44.34
N VAL E 364 -9.21 26.29 43.53
CA VAL E 364 -7.81 26.19 43.90
C VAL E 364 -7.56 26.98 45.19
N GLN E 365 -8.19 28.15 45.31
CA GLN E 365 -8.06 28.94 46.52
C GLN E 365 -8.49 28.15 47.76
N LYS E 366 -9.59 27.40 47.68
CA LYS E 366 -10.01 26.58 48.82
C LYS E 366 -8.98 25.49 49.11
N ALA E 367 -8.38 24.94 48.08
CA ALA E 367 -7.42 23.88 48.31
C ALA E 367 -6.14 24.44 48.93
N LEU E 368 -5.71 25.63 48.47
CA LEU E 368 -4.50 26.25 49.03
C LEU E 368 -4.73 26.72 50.46
N GLU E 369 -5.92 27.27 50.75
CA GLU E 369 -6.24 27.69 52.11
C GLU E 369 -6.09 26.52 53.10
N PHE E 370 -6.64 25.36 52.74
CA PHE E 370 -6.52 24.16 53.57
C PHE E 370 -5.08 23.69 53.68
N ALA E 371 -4.37 23.63 52.56
CA ALA E 371 -3.04 23.06 52.54
C ALA E 371 -2.05 23.91 53.31
N ARG E 372 -2.21 25.23 53.25
CA ARG E 372 -1.30 26.09 54.00
C ARG E 372 -1.51 25.94 55.51
N LYS E 373 -2.75 25.80 55.95
CA LYS E 373 -2.97 25.56 57.37
C LYS E 373 -2.53 24.14 57.75
N ASP E 374 -2.79 23.16 56.87
CA ASP E 374 -2.54 21.75 57.19
C ASP E 374 -1.05 21.42 57.23
N GLY E 375 -0.30 21.84 56.22
CA GLY E 375 1.13 21.66 56.20
C GLY E 375 1.60 20.32 55.72
N ASN E 376 0.70 19.40 55.42
CA ASN E 376 1.07 18.06 54.99
C ASN E 376 0.33 17.69 53.72
N THR E 377 -0.06 18.67 52.93
CA THR E 377 -0.89 18.48 51.75
C THR E 377 -0.15 18.96 50.50
N LEU E 378 0.00 18.07 49.52
CA LEU E 378 0.46 18.43 48.19
C LEU E 378 -0.74 18.85 47.33
N VAL E 379 -0.69 20.07 46.78
CA VAL E 379 -1.69 20.59 45.86
C VAL E 379 -1.02 20.76 44.51
N ILE E 380 -1.67 20.29 43.46
CA ILE E 380 -1.17 20.36 42.09
C ILE E 380 -2.27 20.95 41.22
N VAL E 381 -1.89 21.89 40.34
CA VAL E 381 -2.83 22.53 39.43
C VAL E 381 -2.29 22.41 38.01
N THR E 382 -3.07 21.79 37.12
CA THR E 382 -2.59 21.64 35.74
C THR E 382 -3.80 21.37 34.83
N ALA E 383 -3.51 20.98 33.59
CA ALA E 383 -4.50 20.73 32.57
C ALA E 383 -4.27 19.35 31.97
N ASP E 384 -5.31 18.73 31.42
CA ASP E 384 -5.06 17.44 30.76
C ASP E 384 -4.33 17.60 29.42
N HIS E 385 -4.64 18.68 28.71
CA HIS E 385 -4.02 19.04 27.43
C HIS E 385 -4.37 20.49 27.12
N ALA E 386 -3.79 21.02 26.05
CA ALA E 386 -3.99 22.41 25.70
C ALA E 386 -5.13 22.53 24.68
N HIS E 387 -5.50 23.76 24.38
CA HIS E 387 -6.69 23.95 23.57
C HIS E 387 -6.42 25.01 22.49
N ALA E 388 -7.50 25.44 21.83
CA ALA E 388 -7.38 26.15 20.58
C ALA E 388 -7.23 27.66 20.77
N SER E 389 -7.75 28.21 21.85
CA SER E 389 -7.89 29.67 21.90
C SER E 389 -6.53 30.35 21.95
N GLN E 390 -6.43 31.47 21.23
CA GLN E 390 -5.22 32.29 21.15
C GLN E 390 -5.59 33.75 21.41
N ILE E 391 -4.65 34.49 21.98
CA ILE E 391 -4.79 35.93 22.18
C ILE E 391 -4.03 36.60 21.03
N ILE E 392 -4.73 37.41 20.24
CA ILE E 392 -4.11 38.01 19.04
C ILE E 392 -4.38 39.51 19.02
N PRO E 393 -3.61 40.26 18.20
CA PRO E 393 -3.77 41.73 18.17
C PRO E 393 -5.20 42.14 17.87
N ALA E 394 -5.61 43.29 18.44
CA ALA E 394 -7.01 43.71 18.36
C ALA E 394 -7.47 43.97 16.92
N ASP E 395 -6.57 44.30 16.01
CA ASP E 395 -6.96 44.62 14.64
C ASP E 395 -6.71 43.46 13.67
N SER E 396 -6.54 42.24 14.19
CA SER E 396 -6.29 41.08 13.34
C SER E 396 -7.46 40.80 12.41
N LYS E 397 -7.15 40.27 11.24
CA LYS E 397 -8.15 39.71 10.32
C LYS E 397 -7.72 38.25 10.19
N ALA E 398 -8.47 37.38 10.86
CA ALA E 398 -8.20 35.96 11.02
C ALA E 398 -9.20 35.11 10.26
N PRO E 399 -8.79 33.90 9.85
CA PRO E 399 -9.69 33.03 9.08
C PRO E 399 -10.70 32.28 9.93
N GLY E 400 -10.45 32.17 11.23
CA GLY E 400 -11.36 31.43 12.08
C GLY E 400 -12.43 32.29 12.75
N LEU E 401 -12.73 31.95 13.99
CA LEU E 401 -13.70 32.69 14.79
C LEU E 401 -12.96 33.55 15.81
N THR E 402 -13.32 34.83 15.86
CA THR E 402 -12.70 35.78 16.75
C THR E 402 -13.75 36.56 17.51
N GLN E 403 -13.29 37.22 18.57
CA GLN E 403 -14.16 38.07 19.38
C GLN E 403 -13.30 39.06 20.15
N ALA E 404 -13.79 40.30 20.26
CA ALA E 404 -13.19 41.31 21.12
C ALA E 404 -13.94 41.34 22.45
N LEU E 405 -13.17 41.47 23.53
CA LEU E 405 -13.66 41.52 24.90
C LEU E 405 -13.14 42.77 25.64
N ASN E 406 -13.99 43.35 26.48
CA ASN E 406 -13.59 44.40 27.41
C ASN E 406 -12.98 43.74 28.63
N THR E 407 -11.77 44.09 28.98
CA THR E 407 -11.12 43.44 30.10
C THR E 407 -11.22 44.29 31.38
N HIS E 408 -10.84 43.65 32.49
CA HIS E 408 -10.64 44.35 33.76
C HIS E 408 -9.81 45.63 33.59
N ASP E 409 -8.79 45.61 32.69
CA ASP E 409 -7.93 46.78 32.49
C ASP E 409 -8.60 47.93 31.73
N GLY E 410 -9.80 47.76 31.24
CA GLY E 410 -10.32 48.78 30.36
C GLY E 410 -9.72 48.79 28.99
N ALA E 411 -9.16 47.67 28.53
CA ALA E 411 -8.60 47.55 27.19
C ALA E 411 -9.27 46.39 26.48
N VAL E 412 -9.09 46.33 25.17
CA VAL E 412 -9.74 45.31 24.35
C VAL E 412 -8.74 44.17 24.12
N MET E 413 -9.20 42.94 24.33
CA MET E 413 -8.46 41.72 24.06
C MET E 413 -9.23 40.93 23.01
N VAL E 414 -8.53 40.42 22.00
CA VAL E 414 -9.14 39.61 20.96
C VAL E 414 -8.67 38.17 21.14
N MET E 415 -9.63 37.25 21.19
CA MET E 415 -9.35 35.83 21.17
C MET E 415 -9.81 35.23 19.84
N SER E 416 -9.07 34.21 19.44
CA SER E 416 -9.15 33.57 18.14
C SER E 416 -9.16 32.07 18.31
N TYR E 417 -10.05 31.43 17.55
CA TYR E 417 -10.21 29.99 17.43
C TYR E 417 -10.03 29.66 15.95
N GLY E 418 -8.85 29.18 15.57
CA GLY E 418 -8.54 29.04 14.18
C GLY E 418 -8.00 27.67 13.75
N ASN E 419 -8.35 26.58 14.43
CA ASN E 419 -7.79 25.29 14.08
C ASN E 419 -8.83 24.25 13.66
N SER E 420 -10.07 24.66 13.39
CA SER E 420 -11.09 23.74 12.93
C SER E 420 -12.18 24.47 12.16
N GLU E 421 -12.59 23.90 11.04
CA GLU E 421 -13.80 24.30 10.34
C GLU E 421 -15.02 23.52 10.82
N GLU E 422 -14.83 22.54 11.70
CA GLU E 422 -15.89 21.62 12.08
C GLU E 422 -16.67 22.20 13.24
N GLU E 423 -17.60 21.42 13.79
CA GLU E 423 -18.43 21.91 14.90
C GLU E 423 -17.56 22.33 16.10
N SER E 424 -16.55 21.52 16.43
CA SER E 424 -15.75 21.70 17.63
C SER E 424 -14.35 22.13 17.23
N MET E 425 -13.75 23.01 18.02
CA MET E 425 -12.33 23.30 17.81
C MET E 425 -11.50 22.20 18.43
N GLU E 426 -10.25 22.12 17.99
CA GLU E 426 -9.38 20.99 18.30
C GLU E 426 -8.52 21.30 19.50
N HIS E 427 -8.20 20.25 20.25
CA HIS E 427 -7.13 20.35 21.22
C HIS E 427 -5.83 20.73 20.54
N THR E 428 -4.86 21.18 21.34
CA THR E 428 -3.51 21.32 20.82
C THR E 428 -2.49 20.58 21.67
N GLY E 429 -1.35 20.34 21.04
CA GLY E 429 -0.31 19.47 21.54
C GLY E 429 0.78 20.10 22.36
N THR E 430 0.80 21.43 22.51
CA THR E 430 1.89 22.07 23.24
C THR E 430 1.95 21.60 24.69
N GLN E 431 3.16 21.46 25.16
CA GLN E 431 3.40 21.29 26.59
C GLN E 431 2.73 22.43 27.33
N LEU E 432 2.54 22.28 28.65
CA LEU E 432 1.81 23.29 29.40
C LEU E 432 2.15 23.23 30.88
N ARG E 433 1.74 24.31 31.56
CA ARG E 433 2.08 24.54 32.94
C ARG E 433 1.52 23.48 33.87
N ILE E 434 2.38 23.04 34.79
CA ILE E 434 1.97 22.31 35.97
C ILE E 434 2.65 23.00 37.15
N ALA E 435 1.87 23.25 38.20
CA ALA E 435 2.35 23.99 39.34
C ALA E 435 1.89 23.27 40.60
N ALA E 436 2.73 23.33 41.65
CA ALA E 436 2.45 22.59 42.87
C ALA E 436 2.88 23.36 44.11
N TYR E 437 2.31 22.95 45.24
CA TYR E 437 2.61 23.49 46.57
C TYR E 437 2.64 22.34 47.58
N GLY E 438 3.65 22.30 48.46
CA GLY E 438 3.67 21.38 49.57
C GLY E 438 4.61 20.20 49.36
N PRO E 439 4.52 19.19 50.21
CA PRO E 439 5.48 18.08 50.15
C PRO E 439 5.54 17.43 48.77
N HIS E 440 6.75 17.19 48.28
CA HIS E 440 7.04 16.54 47.00
C HIS E 440 6.70 17.40 45.79
N ALA E 441 6.31 18.66 45.98
CA ALA E 441 6.01 19.55 44.87
C ALA E 441 7.23 19.86 44.00
N ALA E 442 8.44 19.64 44.48
CA ALA E 442 9.62 19.83 43.65
C ALA E 442 9.57 19.01 42.37
N ASN E 443 8.81 17.92 42.38
CA ASN E 443 8.85 16.96 41.28
C ASN E 443 8.05 17.40 40.07
N VAL E 444 7.43 18.58 40.09
CA VAL E 444 6.82 19.13 38.88
C VAL E 444 7.71 20.17 38.21
N VAL E 445 8.87 20.47 38.77
CA VAL E 445 9.68 21.55 38.22
C VAL E 445 10.43 21.01 37.00
N GLY E 446 10.73 21.89 36.05
CA GLY E 446 11.42 21.49 34.85
C GLY E 446 10.48 20.85 33.85
N LEU E 447 11.05 20.07 32.93
CA LEU E 447 10.26 19.31 31.96
C LEU E 447 9.90 17.94 32.54
N THR E 448 8.61 17.61 32.56
CA THR E 448 8.22 16.26 32.97
C THR E 448 7.17 15.73 32.00
N ASP E 449 6.75 14.50 32.21
CA ASP E 449 5.65 13.91 31.48
C ASP E 449 4.43 13.77 32.38
N GLN E 450 3.25 13.76 31.76
CA GLN E 450 2.01 13.54 32.49
C GLN E 450 2.05 12.26 33.32
N THR E 451 2.73 11.21 32.82
CA THR E 451 2.85 9.96 33.55
C THR E 451 3.76 10.09 34.75
N ASP E 452 4.69 11.05 34.75
CA ASP E 452 5.45 11.34 35.97
C ASP E 452 4.52 11.78 37.10
N LEU E 453 3.43 12.46 36.77
CA LEU E 453 2.50 12.93 37.79
C LEU E 453 1.93 11.77 38.59
N PHE E 454 1.57 10.66 37.93
CA PHE E 454 1.15 9.47 38.66
C PHE E 454 2.18 9.04 39.70
N THR E 455 3.43 8.84 39.27
CA THR E 455 4.46 8.37 40.19
C THR E 455 4.70 9.40 41.30
N THR E 456 4.54 10.67 40.99
CA THR E 456 4.77 11.71 41.99
C THR E 456 3.76 11.64 43.11
N MET E 457 2.47 11.51 42.77
CA MET E 457 1.44 11.40 43.80
C MET E 457 1.50 10.05 44.52
N LYS E 458 1.82 8.97 43.78
CA LYS E 458 2.02 7.68 44.43
C LYS E 458 3.12 7.74 45.48
N ALA E 459 4.25 8.34 45.13
CA ALA E 459 5.34 8.40 46.08
C ALA E 459 5.05 9.41 47.18
N ALA E 460 4.40 10.53 46.86
CA ALA E 460 4.06 11.46 47.93
C ALA E 460 3.22 10.80 49.02
N LEU E 461 2.27 9.93 48.65
CA LEU E 461 1.40 9.26 49.59
C LEU E 461 1.88 7.88 50.04
N SER E 462 3.13 7.51 49.74
CA SER E 462 3.72 6.23 50.14
C SER E 462 2.84 5.03 49.81
N LEU E 463 2.30 5.04 48.59
CA LEU E 463 1.35 3.98 48.18
C LEU E 463 2.06 2.82 47.48
N LYS E 464 1.42 1.67 47.45
CA LYS E 464 1.90 0.46 46.79
C LYS E 464 0.73 -0.41 46.31
N ASN F 24 19.14 14.47 32.65
CA ASN F 24 18.44 13.81 31.54
C ASN F 24 16.92 13.69 31.75
N ARG F 25 16.11 14.24 30.82
CA ARG F 25 14.66 14.23 30.95
C ARG F 25 13.98 13.60 29.72
N ALA F 26 14.65 12.65 29.07
CA ALA F 26 14.00 11.87 28.03
C ALA F 26 13.14 10.76 28.65
N ALA F 27 12.14 10.29 27.91
CA ALA F 27 11.37 9.14 28.38
C ALA F 27 12.33 8.00 28.72
N GLN F 28 12.09 7.37 29.86
CA GLN F 28 13.13 6.50 30.40
C GLN F 28 13.11 5.09 29.80
N GLY F 29 12.02 4.66 29.18
CA GLY F 29 11.87 3.27 28.76
C GLY F 29 10.93 3.08 27.58
N ASP F 30 10.11 2.02 27.66
CA ASP F 30 9.14 1.66 26.62
C ASP F 30 7.82 2.37 26.87
N ILE F 31 7.49 3.32 26.00
CA ILE F 31 6.42 4.25 26.31
C ILE F 31 5.05 3.58 26.30
N THR F 32 4.94 2.35 25.81
CA THR F 32 3.69 1.60 25.84
C THR F 32 3.43 0.88 27.16
N THR F 33 4.41 0.83 28.08
CA THR F 33 4.38 0.16 29.37
C THR F 33 4.36 1.15 30.53
N PRO F 34 3.82 0.74 31.68
CA PRO F 34 3.71 1.67 32.81
C PRO F 34 5.07 2.22 33.20
N GLY F 35 5.14 3.54 33.36
CA GLY F 35 6.38 4.22 33.74
C GLY F 35 7.37 4.44 32.61
N GLY F 36 7.18 3.81 31.44
CA GLY F 36 8.15 3.92 30.38
C GLY F 36 8.26 5.29 29.76
N ALA F 37 7.26 6.13 29.90
CA ALA F 37 7.31 7.50 29.38
C ALA F 37 7.69 8.52 30.44
N ARG F 38 7.96 8.10 31.69
CA ARG F 38 8.48 9.02 32.70
C ARG F 38 9.80 9.63 32.26
N ARG F 39 9.95 10.94 32.55
CA ARG F 39 11.20 11.64 32.35
C ARG F 39 12.02 11.70 33.62
N LEU F 40 11.41 11.45 34.77
CA LEU F 40 12.08 11.49 36.06
C LEU F 40 12.46 10.06 36.48
N THR F 41 13.60 9.93 37.16
CA THR F 41 14.05 8.64 37.69
C THR F 41 13.86 8.52 39.19
N GLY F 42 13.58 9.62 39.88
CA GLY F 42 13.40 9.58 41.32
C GLY F 42 13.00 10.95 41.83
N ASP F 43 12.84 11.02 43.15
CA ASP F 43 12.48 12.29 43.77
C ASP F 43 13.50 13.37 43.43
N GLN F 44 13.01 14.55 43.07
CA GLN F 44 13.87 15.63 42.60
C GLN F 44 14.16 16.69 43.67
N THR F 45 13.63 16.54 44.88
CA THR F 45 13.70 17.60 45.88
C THR F 45 15.15 17.97 46.22
N GLU F 46 15.99 16.98 46.48
CA GLU F 46 17.34 17.30 46.90
C GLU F 46 18.15 17.90 45.74
N ALA F 47 18.02 17.35 44.54
CA ALA F 47 18.76 17.91 43.42
C ALA F 47 18.32 19.35 43.15
N LEU F 48 17.03 19.64 43.26
CA LEU F 48 16.57 21.01 43.08
C LEU F 48 17.13 21.92 44.16
N ARG F 49 17.13 21.46 45.41
CA ARG F 49 17.77 22.18 46.49
C ARG F 49 19.20 22.56 46.13
N ALA F 50 19.96 21.59 45.62
CA ALA F 50 21.34 21.85 45.19
C ALA F 50 21.40 22.85 44.04
N SER F 51 20.32 23.00 43.26
CA SER F 51 20.28 23.92 42.12
C SER F 51 19.98 25.37 42.51
N LEU F 52 19.69 25.64 43.79
CA LEU F 52 19.34 26.97 44.28
C LEU F 52 20.59 27.63 44.85
N ILE F 53 21.11 28.60 44.13
CA ILE F 53 22.38 29.23 44.42
C ILE F 53 22.15 30.73 44.53
N ASN F 54 22.56 31.32 45.65
CA ASN F 54 22.27 32.72 45.96
C ASN F 54 23.49 33.63 45.85
N LYS F 55 24.69 33.09 45.79
CA LYS F 55 25.87 33.92 45.60
C LYS F 55 25.72 34.77 44.34
N PRO F 56 26.44 35.89 44.22
CA PRO F 56 26.34 36.70 43.00
C PRO F 56 26.82 35.92 41.78
N ALA F 57 26.27 36.25 40.61
CA ALA F 57 26.83 35.78 39.35
C ALA F 57 27.97 36.68 38.86
N LYS F 58 29.04 36.05 38.38
CA LYS F 58 30.07 36.78 37.64
C LYS F 58 29.61 37.14 36.22
N ASN F 59 28.94 36.19 35.54
CA ASN F 59 28.52 36.34 34.17
C ASN F 59 27.05 35.99 33.99
N VAL F 60 26.41 36.65 33.01
CA VAL F 60 25.05 36.32 32.59
C VAL F 60 25.05 36.04 31.08
N ILE F 61 24.39 34.95 30.69
CA ILE F 61 24.14 34.65 29.29
C ILE F 61 22.64 34.49 29.12
N LEU F 62 22.05 35.39 28.34
CA LEU F 62 20.63 35.35 28.02
C LEU F 62 20.47 34.88 26.59
N LEU F 63 19.68 33.83 26.40
CA LEU F 63 19.39 33.30 25.09
C LEU F 63 17.91 33.47 24.83
N ILE F 64 17.59 34.20 23.77
CA ILE F 64 16.24 34.53 23.36
C ILE F 64 15.90 33.77 22.10
N GLY F 65 14.82 33.00 22.17
CA GLY F 65 14.21 32.49 20.96
C GLY F 65 13.08 33.41 20.55
N ASP F 66 13.25 34.13 19.44
CA ASP F 66 12.22 35.05 19.02
C ASP F 66 10.96 34.30 18.62
N GLY F 67 9.87 34.55 19.34
CA GLY F 67 8.61 33.86 19.07
C GLY F 67 8.57 32.43 19.59
N MET F 68 9.56 32.07 20.39
CA MET F 68 9.71 30.70 20.88
C MET F 68 8.85 30.44 22.12
N GLY F 69 7.56 30.36 21.87
CA GLY F 69 6.62 29.97 22.90
C GLY F 69 6.69 28.49 23.17
N ASP F 70 5.92 28.06 24.19
CA ASP F 70 5.95 26.65 24.56
C ASP F 70 5.54 25.76 23.38
N SER F 71 4.60 26.23 22.57
CA SER F 71 4.16 25.43 21.43
C SER F 71 5.30 25.21 20.43
N GLU F 72 6.10 26.26 20.20
CA GLU F 72 7.23 26.15 19.28
C GLU F 72 8.28 25.20 19.83
N ILE F 73 8.58 25.28 21.14
CA ILE F 73 9.48 24.31 21.75
C ILE F 73 8.97 22.89 21.54
N THR F 74 7.69 22.68 21.84
CA THR F 74 7.12 21.32 21.75
C THR F 74 7.18 20.80 20.32
N ALA F 75 6.80 21.64 19.37
CA ALA F 75 6.78 21.23 17.98
C ALA F 75 8.17 20.83 17.52
N ALA F 76 9.19 21.61 17.92
CA ALA F 76 10.56 21.30 17.49
C ALA F 76 11.07 20.03 18.15
N ARG F 77 10.74 19.83 19.42
CA ARG F 77 11.14 18.61 20.12
C ARG F 77 10.47 17.38 19.49
N ASN F 78 9.15 17.45 19.24
CA ASN F 78 8.48 16.31 18.60
C ASN F 78 9.18 15.95 17.30
N TYR F 79 9.49 16.97 16.49
CA TYR F 79 10.05 16.74 15.16
C TYR F 79 11.47 16.23 15.24
N ALA F 80 12.32 16.92 15.99
CA ALA F 80 13.76 16.65 15.95
C ALA F 80 14.23 15.62 16.97
N GLU F 81 13.58 15.53 18.14
CA GLU F 81 14.00 14.61 19.18
C GLU F 81 13.01 13.52 19.49
N GLY F 82 11.78 13.62 18.99
CA GLY F 82 10.71 12.73 19.41
C GLY F 82 9.92 13.31 20.58
N ALA F 83 8.64 12.89 20.67
CA ALA F 83 7.78 13.38 21.77
C ALA F 83 8.40 13.13 23.14
N GLY F 84 8.97 11.95 23.35
CA GLY F 84 9.65 11.60 24.57
C GLY F 84 11.13 11.89 24.56
N GLY F 85 11.60 12.64 23.57
CA GLY F 85 12.95 13.17 23.51
C GLY F 85 13.17 14.34 24.45
N PHE F 86 14.32 14.99 24.25
CA PHE F 86 14.88 15.90 25.23
C PHE F 86 15.88 16.81 24.52
N PHE F 87 15.61 18.12 24.49
CA PHE F 87 16.59 19.06 23.95
C PHE F 87 17.73 19.17 24.95
N LYS F 88 18.94 18.76 24.56
CA LYS F 88 20.06 18.76 25.50
C LYS F 88 20.43 20.17 25.99
N GLY F 89 20.05 21.23 25.28
CA GLY F 89 20.15 22.57 25.84
C GLY F 89 18.86 23.17 26.41
N ILE F 90 17.84 23.31 25.55
CA ILE F 90 16.63 24.06 25.89
C ILE F 90 15.92 23.41 27.07
N ASP F 91 15.81 22.08 27.06
CA ASP F 91 15.11 21.36 28.11
C ASP F 91 15.97 21.06 29.33
N ALA F 92 17.23 21.41 29.31
CA ALA F 92 18.12 20.99 30.38
C ALA F 92 18.24 21.99 31.53
N LEU F 93 17.67 23.17 31.42
CA LEU F 93 17.78 24.11 32.52
C LEU F 93 16.80 23.73 33.63
N PRO F 94 17.26 23.53 34.86
CA PRO F 94 16.38 22.95 35.91
C PRO F 94 15.32 23.85 36.56
N LEU F 95 15.41 25.18 36.45
CA LEU F 95 14.51 26.09 37.16
C LEU F 95 13.63 26.82 36.14
N THR F 96 12.32 26.68 36.27
CA THR F 96 11.38 26.98 35.20
C THR F 96 10.18 27.73 35.76
N GLY F 97 9.61 28.58 34.91
CA GLY F 97 8.45 29.38 35.23
C GLY F 97 7.80 29.87 33.96
N GLN F 98 6.81 30.77 34.15
CA GLN F 98 6.05 31.38 33.07
C GLN F 98 6.00 32.88 33.27
N TYR F 99 6.23 33.65 32.21
CA TYR F 99 6.25 35.09 32.35
C TYR F 99 5.41 35.76 31.27
N THR F 100 4.99 36.98 31.60
CA THR F 100 4.07 37.75 30.80
C THR F 100 4.80 38.90 30.10
N HIS F 101 4.35 39.22 28.89
CA HIS F 101 5.10 40.11 28.00
C HIS F 101 4.21 41.15 27.33
N TYR F 102 3.07 41.48 27.95
CA TYR F 102 2.20 42.48 27.34
C TYR F 102 2.93 43.81 27.26
N SER F 103 2.60 44.57 26.19
CA SER F 103 3.08 45.93 25.94
C SER F 103 2.06 46.96 26.45
N LEU F 104 2.23 48.23 26.05
CA LEU F 104 1.32 49.31 26.41
C LEU F 104 0.84 50.05 25.18
N ASP F 105 -0.31 50.68 25.34
CA ASP F 105 -0.78 51.66 24.40
C ASP F 105 0.00 52.95 24.58
N LYS F 106 0.54 53.50 23.49
CA LYS F 106 1.40 54.67 23.67
C LYS F 106 0.63 55.85 24.24
N LYS F 107 -0.57 56.10 23.74
CA LYS F 107 -1.30 57.33 24.10
C LYS F 107 -1.78 57.29 25.55
N THR F 108 -2.33 56.16 26.01
CA THR F 108 -2.96 56.09 27.33
C THR F 108 -2.20 55.27 28.36
N GLY F 109 -1.28 54.40 27.96
CA GLY F 109 -0.55 53.60 28.92
C GLY F 109 -1.28 52.38 29.43
N LYS F 110 -2.49 52.09 28.92
CA LYS F 110 -3.21 50.85 29.22
C LYS F 110 -2.52 49.67 28.53
N PRO F 111 -2.73 48.44 29.03
CA PRO F 111 -2.06 47.29 28.41
C PRO F 111 -2.49 47.06 26.96
N ASP F 112 -1.54 46.59 26.18
CA ASP F 112 -1.76 46.02 24.86
C ASP F 112 -1.36 44.56 25.01
N TYR F 113 -2.32 43.64 24.78
CA TYR F 113 -2.11 42.24 25.16
C TYR F 113 -1.16 41.46 24.25
N VAL F 114 -0.84 41.96 23.06
CA VAL F 114 0.07 41.27 22.14
C VAL F 114 1.20 42.22 21.75
N THR F 115 2.37 42.02 22.31
CA THR F 115 3.53 42.86 22.11
C THR F 115 4.17 42.61 20.73
N ASP F 116 5.08 43.51 20.33
CA ASP F 116 6.01 43.18 19.23
C ASP F 116 7.39 42.95 19.81
N ALA F 118 10.05 44.77 19.63
CA ALA F 118 10.76 45.96 20.12
C ALA F 118 10.29 46.35 21.53
N ALA F 119 8.97 46.36 21.75
CA ALA F 119 8.47 46.66 23.09
C ALA F 119 8.91 45.60 24.09
N SER F 120 8.89 44.33 23.68
CA SER F 120 9.30 43.27 24.59
C SER F 120 10.79 43.32 24.88
N ALA F 121 11.63 43.52 23.86
CA ALA F 121 13.06 43.61 24.14
C ALA F 121 13.36 44.82 25.01
N THR F 122 12.71 45.95 24.77
CA THR F 122 12.87 47.08 25.69
C THR F 122 12.57 46.66 27.13
N ALA F 123 11.60 45.78 27.33
CA ALA F 123 11.16 45.47 28.69
C ALA F 123 12.21 44.69 29.47
N TRP F 124 12.80 43.63 28.88
CA TRP F 124 13.85 42.93 29.60
C TRP F 124 15.19 43.64 29.55
N THR F 125 15.41 44.54 28.57
CA THR F 125 16.71 45.22 28.52
C THR F 125 16.77 46.47 29.39
N THR F 126 15.62 47.16 29.60
CA THR F 126 15.59 48.35 30.44
C THR F 126 14.73 48.20 31.70
N GLY F 127 13.79 47.25 31.74
CA GLY F 127 12.92 47.12 32.87
C GLY F 127 11.69 47.99 32.84
N VAL F 128 11.41 48.58 31.69
CA VAL F 128 10.18 49.40 31.57
C VAL F 128 9.33 48.94 30.40
N LYS F 129 8.05 48.84 30.66
CA LYS F 129 7.10 48.59 29.58
C LYS F 129 7.08 49.77 28.61
N THR F 130 6.79 49.48 27.34
CA THR F 130 6.60 50.57 26.39
C THR F 130 5.62 50.15 25.30
N TYR F 131 5.55 50.96 24.23
CA TYR F 131 4.60 50.76 23.15
C TYR F 131 5.23 49.96 22.00
N ASN F 132 4.39 49.25 21.27
CA ASN F 132 4.87 48.41 20.18
C ASN F 132 5.64 49.26 19.17
N GLY F 133 6.87 48.83 18.88
CA GLY F 133 7.74 49.50 17.93
C GLY F 133 8.82 50.36 18.56
N ALA F 134 8.74 50.62 19.86
CA ALA F 134 9.71 51.47 20.54
C ALA F 134 10.94 50.66 20.91
N LEU F 135 12.11 51.29 20.83
CA LEU F 135 13.36 50.69 21.27
C LEU F 135 14.00 51.57 22.33
N GLY F 136 14.11 51.04 23.54
CA GLY F 136 14.93 51.71 24.54
C GLY F 136 14.32 52.98 25.05
N VAL F 137 13.03 53.25 24.75
CA VAL F 137 12.31 54.43 25.23
C VAL F 137 10.97 53.97 25.79
N ASP F 138 10.40 54.80 26.67
CA ASP F 138 9.13 54.51 27.32
C ASP F 138 8.02 55.17 26.50
N ILE F 139 6.79 55.15 27.00
CA ILE F 139 5.69 55.71 26.23
C ILE F 139 5.76 57.23 26.14
N HIS F 140 6.57 57.88 26.95
CA HIS F 140 6.85 59.32 26.82
C HIS F 140 8.03 59.61 25.89
N GLU F 141 8.60 58.58 25.28
CA GLU F 141 9.74 58.66 24.37
C GLU F 141 11.05 58.99 25.08
N ASN F 142 11.04 58.86 26.40
CA ASN F 142 12.28 59.05 27.18
C ASN F 142 13.12 57.77 27.12
N ALA F 143 14.40 57.94 26.94
CA ALA F 143 15.31 56.82 26.90
C ALA F 143 15.60 56.30 28.31
N HIS F 144 15.75 54.98 28.43
CA HIS F 144 16.16 54.31 29.65
C HIS F 144 17.37 53.43 29.37
N GLN F 145 18.26 53.34 30.35
CA GLN F 145 19.51 52.62 30.16
C GLN F 145 19.27 51.12 30.07
N THR F 146 20.06 50.46 29.24
CA THR F 146 19.96 49.01 29.02
C THR F 146 20.92 48.23 29.92
N ILE F 147 20.62 46.94 30.06
CA ILE F 147 21.47 46.02 30.82
C ILE F 147 22.88 45.97 30.25
N LEU F 148 23.01 46.07 28.93
CA LEU F 148 24.34 46.07 28.32
C LEU F 148 25.09 47.35 28.66
N GLU F 149 24.42 48.49 28.56
CA GLU F 149 25.06 49.76 28.90
C GLU F 149 25.49 49.80 30.35
N LEU F 150 24.62 49.32 31.25
CA LEU F 150 24.96 49.27 32.67
C LEU F 150 26.09 48.29 32.94
N ALA F 151 26.10 47.16 32.25
CA ALA F 151 27.17 46.19 32.49
C ALA F 151 28.51 46.74 32.02
N LYS F 152 28.54 47.33 30.82
CA LYS F 152 29.76 47.98 30.36
C LYS F 152 30.22 49.07 31.33
N ALA F 153 29.30 49.92 31.79
CA ALA F 153 29.67 51.01 32.69
C ALA F 153 30.30 50.49 33.97
N ALA F 154 29.92 49.29 34.41
CA ALA F 154 30.45 48.70 35.63
C ALA F 154 31.78 47.98 35.42
N GLY F 155 32.30 47.93 34.21
CA GLY F 155 33.55 47.23 33.98
C GLY F 155 33.39 45.86 33.35
N LEU F 156 32.17 45.42 33.08
CA LEU F 156 31.97 44.09 32.52
C LEU F 156 32.19 44.12 31.01
N ALA F 157 32.64 42.99 30.47
CA ALA F 157 32.65 42.81 29.03
C ALA F 157 31.24 42.51 28.52
N THR F 158 30.93 42.95 27.29
CA THR F 158 29.58 42.86 26.78
C THR F 158 29.56 42.28 25.36
N GLY F 159 28.59 41.40 25.12
CA GLY F 159 28.40 40.81 23.81
C GLY F 159 26.95 40.78 23.40
N ASN F 160 26.75 40.84 22.08
CA ASN F 160 25.44 40.96 21.45
C ASN F 160 25.44 40.16 20.16
N VAL F 161 24.85 38.97 20.20
CA VAL F 161 24.90 38.00 19.11
C VAL F 161 23.48 37.76 18.59
N SER F 162 23.33 37.67 17.28
CA SER F 162 22.01 37.40 16.70
C SER F 162 22.14 36.82 15.29
N THR F 163 21.18 35.99 14.90
CA THR F 163 21.07 35.61 13.50
C THR F 163 20.30 36.63 12.67
N ALA F 164 19.73 37.65 13.29
CA ALA F 164 19.04 38.71 12.56
C ALA F 164 20.03 39.77 12.12
N GLU F 165 19.56 40.65 11.24
CA GLU F 165 20.30 41.88 11.00
C GLU F 165 20.48 42.58 12.35
N LEU F 166 21.68 43.11 12.57
CA LEU F 166 21.98 43.67 13.88
C LEU F 166 21.13 44.89 14.23
N GLN F 167 20.48 45.51 13.25
CA GLN F 167 19.55 46.61 13.48
C GLN F 167 18.15 46.16 13.90
N ASP F 168 17.85 44.86 13.80
CA ASP F 168 16.54 44.33 14.14
C ASP F 168 16.25 44.56 15.62
N ALA F 169 14.98 44.45 15.98
CA ALA F 169 14.58 44.94 17.31
C ALA F 169 15.35 44.26 18.43
N THR F 170 15.48 42.93 18.37
CA THR F 170 16.02 42.23 19.53
C THR F 170 17.44 42.62 19.89
N PRO F 171 18.42 42.54 18.97
CA PRO F 171 19.76 43.01 19.32
C PRO F 171 19.85 44.52 19.49
N ALA F 172 19.06 45.29 18.73
CA ALA F 172 19.17 46.75 18.73
C ALA F 172 18.74 47.34 20.07
N ALA F 173 17.78 46.70 20.74
CA ALA F 173 17.33 47.23 22.03
C ALA F 173 18.44 47.29 23.06
N LEU F 174 19.48 46.46 22.94
CA LEU F 174 20.55 46.56 23.91
C LEU F 174 21.39 47.84 23.77
N VAL F 175 21.37 48.48 22.61
CA VAL F 175 22.34 49.54 22.31
C VAL F 175 21.76 50.84 21.73
N ALA F 176 20.46 50.85 21.43
CA ALA F 176 19.80 51.95 20.74
C ALA F 176 18.54 52.42 21.46
N HIS F 177 18.23 53.71 21.28
CA HIS F 177 17.06 54.34 21.90
C HIS F 177 16.41 55.20 20.82
N VAL F 178 15.32 54.69 20.24
CA VAL F 178 14.67 55.40 19.14
C VAL F 178 13.17 55.20 19.22
N THR F 179 12.44 56.19 18.73
CA THR F 179 10.99 56.15 18.80
C THR F 179 10.35 55.12 17.88
N SER F 180 11.08 54.58 16.89
CA SER F 180 10.56 53.56 15.99
C SER F 180 11.66 52.59 15.58
N ARG F 181 11.36 51.29 15.61
CA ARG F 181 12.32 50.25 15.27
C ARG F 181 12.74 50.27 13.80
N LYS F 182 12.02 51.03 12.96
CA LYS F 182 12.41 51.11 11.56
C LYS F 182 13.66 51.97 11.32
N CYS F 183 14.17 52.68 12.32
CA CYS F 183 15.19 53.71 12.09
C CYS F 183 16.60 53.11 12.07
N TYR F 184 16.83 52.24 11.08
CA TYR F 184 18.05 51.44 10.99
C TYR F 184 19.28 52.31 10.81
N GLY F 185 19.22 53.24 9.87
CA GLY F 185 20.36 54.07 9.56
C GLY F 185 19.96 55.52 9.36
N PRO F 186 20.93 56.35 9.00
CA PRO F 186 20.67 57.80 8.86
C PRO F 186 19.49 58.15 7.96
N THR F 187 19.35 57.47 6.82
CA THR F 187 18.28 57.80 5.87
C THR F 187 16.90 57.70 6.52
N VAL F 188 16.54 56.51 7.00
CA VAL F 188 15.20 56.32 7.51
C VAL F 188 15.02 57.11 8.79
N THR F 189 16.08 57.23 9.59
CA THR F 189 15.98 57.95 10.86
C THR F 189 15.57 59.40 10.62
N SER F 190 16.20 60.05 9.64
CA SER F 190 15.90 61.46 9.40
C SER F 190 14.42 61.64 9.09
N GLU F 191 13.78 60.68 8.43
CA GLU F 191 12.35 60.84 8.04
C GLU F 191 11.36 60.26 9.06
N LYS F 192 11.71 59.17 9.74
CA LYS F 192 10.75 58.52 10.62
C LYS F 192 11.01 58.72 12.10
N CYS F 193 12.24 59.06 12.51
CA CYS F 193 12.56 59.39 13.91
C CYS F 193 13.30 60.73 13.98
N PRO F 194 12.66 61.82 13.57
CA PRO F 194 13.41 63.08 13.46
C PRO F 194 14.06 63.51 14.77
N SER F 195 13.40 63.28 15.91
CA SER F 195 13.99 63.66 17.17
C SER F 195 15.25 62.87 17.47
N ASN F 196 15.44 61.72 16.83
CA ASN F 196 16.64 60.91 17.05
C ASN F 196 17.76 61.16 16.05
N ALA F 197 17.45 61.83 14.93
CA ALA F 197 18.44 62.02 13.88
C ALA F 197 19.63 62.83 14.37
N LEU F 198 20.83 62.39 13.97
CA LEU F 198 22.08 63.02 14.37
C LEU F 198 22.12 64.50 14.01
N GLU F 199 21.66 64.84 12.80
CA GLU F 199 21.73 66.23 12.34
C GLU F 199 20.71 67.13 13.03
N LYS F 200 19.69 66.56 13.66
CA LYS F 200 18.73 67.29 14.46
C LYS F 200 19.10 67.31 15.95
N GLY F 201 20.28 66.79 16.31
CA GLY F 201 20.70 66.81 17.69
C GLY F 201 20.35 65.58 18.50
N GLY F 202 19.83 64.52 17.86
CA GLY F 202 19.55 63.28 18.55
C GLY F 202 20.78 62.39 18.61
N LYS F 203 20.60 61.24 19.26
CA LYS F 203 21.67 60.28 19.43
C LYS F 203 21.99 59.50 18.16
N GLY F 204 21.13 59.52 17.16
CA GLY F 204 21.40 58.93 15.87
C GLY F 204 20.51 57.72 15.56
N SER F 205 20.74 57.16 14.37
CA SER F 205 20.09 55.93 13.97
C SER F 205 20.51 54.74 14.85
N ILE F 206 19.81 53.60 14.67
CA ILE F 206 20.16 52.38 15.39
C ILE F 206 21.63 52.03 15.16
N THR F 207 22.07 52.06 13.91
CA THR F 207 23.45 51.64 13.63
C THR F 207 24.47 52.61 14.23
N GLU F 208 24.22 53.92 14.14
CA GLU F 208 25.14 54.85 14.76
C GLU F 208 25.16 54.65 16.29
N GLN F 209 24.01 54.38 16.90
CA GLN F 209 24.04 54.19 18.36
C GLN F 209 24.75 52.89 18.74
N LEU F 210 24.61 51.85 17.93
CA LEU F 210 25.39 50.64 18.17
C LEU F 210 26.86 50.98 18.25
N LEU F 211 27.32 51.78 17.29
CA LEU F 211 28.75 52.07 17.23
C LEU F 211 29.23 52.91 18.41
N ASN F 212 28.38 53.82 18.92
CA ASN F 212 28.69 54.51 20.16
C ASN F 212 28.68 53.57 21.36
N ALA F 213 27.70 52.64 21.40
CA ALA F 213 27.57 51.74 22.54
C ALA F 213 28.80 50.87 22.72
N ARG F 214 29.39 50.42 21.61
CA ARG F 214 30.66 49.71 21.61
C ARG F 214 30.73 48.49 22.53
N PRO F 215 29.92 47.47 22.27
CA PRO F 215 30.11 46.20 22.98
C PRO F 215 31.47 45.64 22.59
N ASP F 216 32.02 44.81 23.46
CA ASP F 216 33.26 44.08 23.13
C ASP F 216 33.06 43.11 21.95
N VAL F 217 31.89 42.49 21.84
CA VAL F 217 31.60 41.56 20.76
C VAL F 217 30.19 41.79 20.24
N THR F 218 30.07 42.01 18.94
CA THR F 218 28.80 42.12 18.24
C THR F 218 28.87 41.23 17.00
N LEU F 219 27.95 40.27 16.90
CA LEU F 219 27.92 39.32 15.77
C LEU F 219 26.51 39.17 15.23
N GLY F 220 26.37 39.27 13.91
CA GLY F 220 25.04 39.13 13.32
C GLY F 220 25.08 39.52 11.88
N GLY F 221 23.88 39.74 11.34
CA GLY F 221 23.70 40.18 9.96
C GLY F 221 23.58 41.68 9.91
N GLY F 222 23.03 42.17 8.80
CA GLY F 222 22.77 43.59 8.67
C GLY F 222 23.91 44.44 8.16
N ALA F 223 24.81 43.89 7.35
CA ALA F 223 25.82 44.70 6.68
C ALA F 223 25.21 45.78 5.80
N LYS F 224 24.00 45.57 5.25
CA LYS F 224 23.44 46.50 4.28
C LYS F 224 23.43 47.94 4.78
N THR F 225 22.99 48.16 6.04
CA THR F 225 22.90 49.52 6.56
C THR F 225 24.28 50.13 6.80
N PHE F 226 25.32 49.32 6.91
CA PHE F 226 26.63 49.89 7.13
C PHE F 226 27.18 50.58 5.88
N ALA F 227 26.55 50.39 4.73
CA ALA F 227 26.88 51.12 3.52
C ALA F 227 26.25 52.52 3.44
N GLU F 228 25.43 52.91 4.42
CA GLU F 228 24.92 54.27 4.51
C GLU F 228 25.97 55.21 5.10
N THR F 229 25.79 56.51 4.87
CA THR F 229 26.75 57.54 5.27
C THR F 229 26.14 58.48 6.30
N ALA F 230 26.92 58.80 7.33
CA ALA F 230 26.46 59.70 8.38
C ALA F 230 26.29 61.13 7.85
N THR F 231 25.22 61.78 8.31
CA THR F 231 24.89 63.11 7.86
C THR F 231 25.49 64.19 8.75
N ALA F 232 26.14 63.83 9.85
CA ALA F 232 26.74 64.80 10.73
C ALA F 232 27.70 64.07 11.66
N GLY F 233 28.18 64.77 12.68
CA GLY F 233 29.10 64.19 13.63
C GLY F 233 30.52 64.13 13.11
N GLU F 234 31.41 63.60 13.95
CA GLU F 234 32.82 63.46 13.61
C GLU F 234 33.06 62.66 12.33
N TRP F 235 32.12 61.81 11.92
CA TRP F 235 32.31 60.95 10.75
C TRP F 235 31.29 61.30 9.66
N GLN F 236 30.91 62.57 9.59
CA GLN F 236 30.02 62.98 8.52
C GLN F 236 30.60 62.61 7.16
N GLY F 237 29.73 62.17 6.27
CA GLY F 237 30.13 61.84 4.91
C GLY F 237 30.85 60.52 4.69
N LYS F 238 31.23 59.77 5.75
CA LYS F 238 31.78 58.43 5.58
C LYS F 238 30.69 57.36 5.80
N THR F 239 30.91 56.20 5.23
CA THR F 239 29.97 55.12 5.50
C THR F 239 30.09 54.70 6.96
N LEU F 240 29.04 54.04 7.46
CA LEU F 240 29.12 53.55 8.84
C LEU F 240 30.15 52.42 8.97
N ARG F 241 30.41 51.68 7.89
CA ARG F 241 31.50 50.71 7.94
C ARG F 241 32.85 51.42 8.06
N GLU F 242 33.06 52.48 7.27
CA GLU F 242 34.27 53.28 7.41
C GLU F 242 34.38 53.91 8.79
N GLN F 243 33.25 54.38 9.36
CA GLN F 243 33.30 54.88 10.74
C GLN F 243 33.76 53.79 11.69
N ALA F 244 33.20 52.59 11.54
CA ALA F 244 33.57 51.51 12.44
C ALA F 244 35.06 51.20 12.34
N GLN F 245 35.58 51.13 11.13
CA GLN F 245 37.04 50.95 10.92
C GLN F 245 37.81 52.09 11.58
N ALA F 246 37.34 53.31 11.37
CA ALA F 246 38.03 54.47 11.97
C ALA F 246 38.03 54.40 13.49
N ARG F 247 36.98 53.83 14.09
CA ARG F 247 36.86 53.83 15.54
C ARG F 247 37.49 52.61 16.17
N GLY F 248 38.22 51.81 15.41
CA GLY F 248 38.99 50.71 15.96
C GLY F 248 38.31 49.35 15.98
N TYR F 249 37.15 49.21 15.37
CA TYR F 249 36.50 47.90 15.35
C TYR F 249 37.28 46.94 14.47
N GLN F 250 37.39 45.68 14.92
N GLN F 250 37.40 45.69 14.93
CA GLN F 250 37.89 44.60 14.09
CA GLN F 250 37.87 44.60 14.10
C GLN F 250 36.68 43.92 13.46
C GLN F 250 36.64 43.95 13.46
N ILE F 251 36.55 44.03 12.14
CA ILE F 251 35.39 43.56 11.40
C ILE F 251 35.74 42.23 10.76
N VAL F 252 34.85 41.23 10.93
CA VAL F 252 34.98 39.91 10.32
C VAL F 252 33.69 39.63 9.57
N THR F 253 33.77 38.74 8.56
CA THR F 253 32.65 38.57 7.64
C THR F 253 32.32 37.12 7.32
N ASP F 254 33.01 36.14 7.90
CA ASP F 254 32.68 34.75 7.63
C ASP F 254 33.25 33.85 8.72
N ALA F 255 32.92 32.56 8.61
CA ALA F 255 33.21 31.61 9.68
C ALA F 255 34.69 31.51 9.96
N ALA F 256 35.50 31.44 8.90
CA ALA F 256 36.94 31.34 9.08
C ALA F 256 37.53 32.60 9.75
N SER F 257 37.10 33.78 9.31
CA SER F 257 37.62 35.00 9.91
C SER F 257 37.14 35.14 11.35
N LEU F 258 35.89 34.75 11.62
CA LEU F 258 35.41 34.73 13.00
C LEU F 258 36.25 33.77 13.85
N ALA F 259 36.39 32.53 13.38
CA ALA F 259 37.16 31.55 14.13
C ALA F 259 38.58 32.02 14.44
N ALA F 260 39.16 32.82 13.55
CA ALA F 260 40.54 33.26 13.69
C ALA F 260 40.69 34.43 14.63
N ALA F 261 39.59 35.03 15.08
CA ALA F 261 39.67 36.07 16.09
C ALA F 261 40.14 35.50 17.42
N THR F 262 41.10 36.17 18.05
CA THR F 262 41.69 35.73 19.30
C THR F 262 41.46 36.68 20.47
N GLU F 263 41.06 37.93 20.23
CA GLU F 263 40.91 38.92 21.29
C GLU F 263 39.76 39.85 20.96
N ALA F 264 39.09 40.36 22.01
CA ALA F 264 38.03 41.37 21.85
C ALA F 264 37.93 42.17 23.13
N SER F 265 37.95 43.48 22.98
CA SER F 265 38.06 44.39 24.11
C SER F 265 37.64 45.77 23.65
N GLN F 266 37.56 46.70 24.60
CA GLN F 266 37.20 48.07 24.28
C GLN F 266 38.20 48.73 23.33
N ASP F 267 39.48 48.34 23.38
CA ASP F 267 40.43 48.90 22.41
C ASP F 267 40.28 48.28 21.03
N LYS F 268 39.90 47.01 20.94
CA LYS F 268 39.71 46.31 19.67
C LYS F 268 38.41 45.52 19.80
N PRO F 269 37.28 46.18 19.70
CA PRO F 269 36.01 45.45 19.72
C PRO F 269 35.81 44.65 18.45
N LEU F 270 35.21 43.46 18.60
CA LEU F 270 34.90 42.58 17.50
C LEU F 270 33.52 42.89 16.91
N LEU F 271 33.45 43.09 15.59
CA LEU F 271 32.21 43.40 14.90
C LEU F 271 32.06 42.42 13.74
N GLY F 272 31.12 41.48 13.86
CA GLY F 272 30.87 40.50 12.83
C GLY F 272 29.64 40.82 12.01
N LEU F 273 29.83 40.96 10.69
CA LEU F 273 28.75 41.25 9.74
C LEU F 273 28.73 40.13 8.70
N PHE F 274 27.79 39.19 8.81
CA PHE F 274 27.88 37.94 8.05
C PHE F 274 26.88 37.82 6.93
N ALA F 275 25.95 38.75 6.83
CA ALA F 275 24.98 38.77 5.76
C ALA F 275 24.57 40.21 5.49
N ASP F 276 24.04 40.42 4.30
CA ASP F 276 23.47 41.72 3.94
C ASP F 276 22.29 42.07 4.83
N GLY F 277 21.40 41.11 5.04
CA GLY F 277 20.31 41.22 5.99
C GLY F 277 20.34 40.14 7.05
N ASN F 278 19.25 39.40 7.23
CA ASN F 278 19.25 38.32 8.20
C ASN F 278 20.12 37.19 7.70
N MET F 279 20.85 36.53 8.60
CA MET F 279 21.58 35.37 8.14
C MET F 279 20.61 34.25 7.75
N PRO F 280 20.96 33.47 6.73
CA PRO F 280 20.04 32.47 6.18
C PRO F 280 19.69 31.39 7.19
N VAL F 281 18.43 30.94 7.11
CA VAL F 281 17.96 29.91 8.02
C VAL F 281 18.57 28.58 7.63
N ARG F 282 18.58 27.66 8.59
CA ARG F 282 19.20 26.37 8.30
C ARG F 282 18.31 25.44 7.48
N TRP F 283 16.97 25.43 7.67
CA TRP F 283 16.13 24.45 6.96
C TRP F 283 15.11 25.11 6.03
N GLU F 284 14.68 24.32 5.08
CA GLU F 284 13.68 24.71 4.09
C GLU F 284 12.60 23.65 4.09
N GLY F 285 11.42 24.07 3.67
CA GLY F 285 10.29 23.22 3.42
C GLY F 285 9.18 24.00 2.74
N PRO F 286 8.17 23.30 2.26
CA PRO F 286 7.01 23.98 1.67
C PRO F 286 6.30 24.82 2.71
N LYS F 287 5.68 25.90 2.24
CA LYS F 287 4.84 26.71 3.11
C LYS F 287 3.60 25.91 3.49
N ALA F 288 3.16 26.08 4.72
CA ALA F 288 1.90 25.48 5.10
C ALA F 288 0.80 26.07 4.21
N SER F 289 -0.26 25.28 3.98
CA SER F 289 -1.35 25.72 3.09
C SER F 289 -2.70 25.23 3.59
N TYR F 290 -3.74 25.71 2.90
CA TYR F 290 -5.11 25.27 3.18
C TYR F 290 -5.29 23.76 2.95
N HIS F 291 -5.72 23.07 4.00
CA HIS F 291 -5.80 21.59 4.03
C HIS F 291 -4.53 20.93 3.52
N GLY F 292 -3.39 21.47 3.92
CA GLY F 292 -2.12 20.87 3.55
C GLY F 292 -1.90 19.50 4.18
N ASN F 293 -2.42 19.31 5.40
CA ASN F 293 -2.31 18.03 6.07
C ASN F 293 -3.21 16.98 5.44
N ILE F 294 -4.18 17.40 4.64
CA ILE F 294 -5.15 16.50 4.04
C ILE F 294 -4.74 16.10 2.63
N ASP F 295 -4.32 17.07 1.82
CA ASP F 295 -4.15 16.88 0.38
C ASP F 295 -2.69 16.68 -0.02
N LYS F 296 -1.77 16.90 0.90
CA LYS F 296 -0.35 16.81 0.63
C LYS F 296 0.28 15.81 1.59
N PRO F 297 1.22 15.00 1.14
CA PRO F 297 1.78 13.99 2.02
C PRO F 297 2.62 14.68 3.08
N PRO F 298 2.98 13.96 4.16
CA PRO F 298 3.84 14.57 5.20
C PRO F 298 5.15 15.03 4.58
N VAL F 299 5.73 16.06 5.23
CA VAL F 299 6.92 16.77 4.79
C VAL F 299 8.12 16.34 5.62
N THR F 300 9.27 16.19 4.97
CA THR F 300 10.56 16.10 5.64
C THR F 300 11.35 17.38 5.38
N CYS F 301 11.79 18.03 6.45
CA CYS F 301 12.58 19.24 6.30
C CYS F 301 13.92 18.92 5.67
N THR F 302 14.37 19.78 4.75
CA THR F 302 15.67 19.71 4.13
C THR F 302 16.45 20.99 4.44
N PRO F 303 17.77 20.91 4.62
CA PRO F 303 18.55 22.12 4.80
C PRO F 303 18.42 23.09 3.64
N ASN F 304 18.54 24.38 4.00
CA ASN F 304 18.32 25.49 3.09
C ASN F 304 19.43 25.56 2.05
N PRO F 305 19.11 25.63 0.75
CA PRO F 305 20.17 25.69 -0.27
C PRO F 305 20.90 27.03 -0.32
N LYS F 306 20.35 28.09 0.27
CA LYS F 306 21.09 29.34 0.42
C LYS F 306 21.99 29.34 1.64
N ARG F 307 21.82 28.37 2.53
CA ARG F 307 22.72 28.19 3.66
C ARG F 307 24.06 27.67 3.17
N ASP F 308 25.14 28.31 3.61
CA ASP F 308 26.49 28.02 3.14
C ASP F 308 27.42 27.95 4.35
N ALA F 309 28.34 26.97 4.34
CA ALA F 309 29.20 26.76 5.51
C ALA F 309 30.19 27.89 5.76
N SER F 310 30.37 28.83 4.81
CA SER F 310 31.20 29.99 5.10
C SER F 310 30.54 30.94 6.09
N VAL F 311 29.24 30.82 6.28
CA VAL F 311 28.51 31.66 7.23
C VAL F 311 28.50 30.98 8.61
N PRO F 312 28.90 31.66 9.68
CA PRO F 312 28.91 30.97 10.98
C PRO F 312 27.51 30.57 11.42
N THR F 313 27.47 29.48 12.16
CA THR F 313 26.27 29.07 12.84
C THR F 313 26.09 29.85 14.13
N LEU F 314 24.88 29.79 14.66
CA LEU F 314 24.63 30.43 15.94
C LEU F 314 25.53 29.84 17.00
N ALA F 315 25.74 28.51 16.97
CA ALA F 315 26.61 27.91 17.98
C ALA F 315 28.05 28.39 17.86
N GLN F 316 28.59 28.55 16.63
CA GLN F 316 29.97 29.04 16.53
C GLN F 316 30.08 30.45 17.09
N MET F 317 29.13 31.33 16.72
CA MET F 317 29.12 32.69 17.21
C MET F 317 29.06 32.68 18.74
N THR F 318 28.17 31.85 19.29
CA THR F 318 27.97 31.81 20.73
C THR F 318 29.23 31.35 21.44
N GLU F 319 29.83 30.27 20.94
CA GLU F 319 31.03 29.73 21.59
C GLU F 319 32.20 30.70 21.50
N LYS F 320 32.33 31.41 20.37
CA LYS F 320 33.46 32.36 20.22
C LYS F 320 33.24 33.59 21.08
N ALA F 321 32.00 34.06 21.19
CA ALA F 321 31.72 35.17 22.09
C ALA F 321 32.03 34.81 23.52
N ILE F 322 31.60 33.63 23.97
CA ILE F 322 31.93 33.23 25.33
C ILE F 322 33.43 33.17 25.51
N ASP F 323 34.14 32.59 24.54
CA ASP F 323 35.59 32.47 24.63
C ASP F 323 36.24 33.83 24.82
N LEU F 324 35.85 34.83 24.01
CA LEU F 324 36.50 36.13 24.04
C LEU F 324 36.08 36.92 25.27
N LEU F 325 34.81 36.87 25.64
CA LEU F 325 34.29 37.68 26.73
C LEU F 325 34.76 37.18 28.08
N SER F 326 35.01 35.88 28.20
CA SER F 326 35.36 35.30 29.48
C SER F 326 36.78 35.61 29.90
N ARG F 327 37.60 36.22 29.05
CA ARG F 327 38.91 36.57 29.58
C ARG F 327 38.89 37.89 30.34
N ASN F 328 37.74 38.57 30.39
CA ASN F 328 37.61 39.70 31.32
C ASN F 328 37.44 39.16 32.73
N GLU F 329 38.37 39.57 33.59
CA GLU F 329 38.42 39.09 34.98
C GLU F 329 37.19 39.53 35.77
N LYS F 330 36.54 40.61 35.37
CA LYS F 330 35.41 41.14 36.13
C LYS F 330 34.09 40.48 35.76
N GLY F 331 34.00 39.82 34.61
CA GLY F 331 32.81 39.11 34.16
C GLY F 331 32.25 39.68 32.88
N PHE F 332 31.17 39.05 32.41
CA PHE F 332 30.55 39.50 31.18
C PHE F 332 29.04 39.31 31.20
N PHE F 333 28.39 40.09 30.36
CA PHE F 333 26.99 39.90 29.96
C PHE F 333 26.96 39.55 28.49
N LEU F 334 26.18 38.55 28.13
CA LEU F 334 26.04 38.14 26.73
C LEU F 334 24.59 37.84 26.41
N GLN F 335 24.05 38.49 25.38
CA GLN F 335 22.74 38.15 24.84
C GLN F 335 22.93 37.46 23.48
N VAL F 336 22.25 36.34 23.31
CA VAL F 336 22.25 35.52 22.10
C VAL F 336 20.80 35.35 21.63
N GLU F 337 20.48 35.76 20.40
CA GLU F 337 19.14 35.57 19.85
C GLU F 337 19.17 34.59 18.69
N GLY F 338 18.30 33.59 18.75
CA GLY F 338 17.93 32.85 17.55
C GLY F 338 16.69 33.50 16.99
N ALA F 339 16.87 34.30 15.94
CA ALA F 339 15.92 35.32 15.54
C ALA F 339 14.86 34.88 14.54
N SER F 340 15.16 33.89 13.73
CA SER F 340 14.30 33.53 12.62
C SER F 340 13.29 32.44 12.97
N ILE F 341 13.26 32.00 14.22
CA ILE F 341 12.10 31.23 14.66
C ILE F 341 10.86 32.04 14.40
N ASP F 342 10.87 33.28 14.89
CA ASP F 342 9.76 34.21 14.70
C ASP F 342 9.49 34.50 13.23
N LYS F 343 10.56 34.75 12.46
CA LYS F 343 10.38 35.16 11.07
C LYS F 343 9.75 34.04 10.26
N GLN F 344 10.17 32.80 10.49
CA GLN F 344 9.57 31.68 9.75
C GLN F 344 8.16 31.35 10.25
N ASP F 345 7.86 31.60 11.53
CA ASP F 345 6.49 31.45 12.04
C ASP F 345 5.53 32.40 11.33
N HIS F 346 5.96 33.65 11.15
CA HIS F 346 5.19 34.59 10.34
C HIS F 346 4.92 34.06 8.95
N ALA F 347 5.92 33.41 8.36
CA ALA F 347 5.86 32.90 7.00
C ALA F 347 5.11 31.56 6.90
N ALA F 348 4.46 31.12 7.98
CA ALA F 348 3.81 29.81 8.06
C ALA F 348 4.68 28.71 7.46
N ASN F 349 5.92 28.62 7.94
CA ASN F 349 6.90 27.68 7.40
C ASN F 349 7.43 26.79 8.50
N PRO F 350 6.79 25.65 8.75
CA PRO F 350 7.22 24.79 9.87
C PRO F 350 8.69 24.43 9.84
N CYS F 351 9.23 24.04 8.68
CA CYS F 351 10.61 23.60 8.63
C CYS F 351 11.57 24.73 8.94
N GLY F 352 11.34 25.90 8.36
CA GLY F 352 12.16 27.03 8.73
C GLY F 352 12.11 27.30 10.22
N GLN F 353 10.90 27.27 10.79
CA GLN F 353 10.73 27.61 12.20
C GLN F 353 11.39 26.57 13.09
N ILE F 354 11.16 25.29 12.81
CA ILE F 354 11.75 24.24 13.63
C ILE F 354 13.25 24.27 13.52
N GLY F 355 13.78 24.51 12.33
CA GLY F 355 15.24 24.49 12.15
C GLY F 355 15.94 25.56 12.98
N GLU F 356 15.33 26.74 13.10
CA GLU F 356 15.97 27.78 13.92
C GLU F 356 15.83 27.50 15.42
N THR F 357 14.82 26.73 15.83
CA THR F 357 14.72 26.26 17.19
C THR F 357 15.79 25.22 17.50
N VAL F 358 15.99 24.26 16.59
CA VAL F 358 17.11 23.34 16.73
C VAL F 358 18.41 24.12 16.80
N ASP F 359 18.51 25.16 15.96
CA ASP F 359 19.68 26.02 15.95
C ASP F 359 19.92 26.60 17.32
N LEU F 360 18.87 27.17 17.92
CA LEU F 360 19.01 27.76 19.24
C LEU F 360 19.42 26.73 20.28
N ASP F 361 18.86 25.52 20.21
CA ASP F 361 19.26 24.47 21.16
C ASP F 361 20.78 24.26 21.15
N GLU F 362 21.38 24.23 19.95
CA GLU F 362 22.84 24.08 19.86
C GLU F 362 23.58 25.22 20.56
N ALA F 363 23.08 26.44 20.43
CA ALA F 363 23.73 27.55 21.12
C ALA F 363 23.49 27.49 22.63
N VAL F 364 22.30 27.06 23.07
CA VAL F 364 22.07 26.89 24.51
C VAL F 364 23.05 25.89 25.08
N GLN F 365 23.33 24.81 24.32
CA GLN F 365 24.24 23.80 24.79
C GLN F 365 25.63 24.38 25.03
N LYS F 366 26.11 25.25 24.13
CA LYS F 366 27.41 25.86 24.36
C LYS F 366 27.41 26.71 25.62
N ALA F 367 26.33 27.43 25.88
CA ALA F 367 26.27 28.28 27.07
C ALA F 367 26.28 27.45 28.33
N LEU F 368 25.49 26.36 28.34
CA LEU F 368 25.45 25.48 29.50
C LEU F 368 26.79 24.77 29.71
N GLU F 369 27.40 24.26 28.64
CA GLU F 369 28.67 23.58 28.80
C GLU F 369 29.66 24.50 29.49
N PHE F 370 29.74 25.74 29.03
CA PHE F 370 30.58 26.72 29.71
C PHE F 370 30.12 26.98 31.15
N ALA F 371 28.81 27.16 31.37
CA ALA F 371 28.40 27.61 32.70
C ALA F 371 28.57 26.50 33.72
N ARG F 372 28.43 25.25 33.30
CA ARG F 372 28.61 24.12 34.21
C ARG F 372 30.05 24.07 34.71
N LYS F 373 31.00 24.43 33.87
CA LYS F 373 32.41 24.36 34.23
C LYS F 373 32.82 25.58 35.02
N ASP F 374 32.24 26.73 34.68
CA ASP F 374 32.63 27.97 35.32
C ASP F 374 32.14 28.05 36.75
N GLY F 375 30.87 27.65 36.99
CA GLY F 375 30.28 27.71 38.31
C GLY F 375 29.73 29.05 38.72
N ASN F 376 29.95 30.12 37.95
CA ASN F 376 29.56 31.45 38.40
C ASN F 376 28.78 32.17 37.30
N THR F 377 28.00 31.42 36.52
CA THR F 377 27.30 31.96 35.37
C THR F 377 25.81 31.63 35.43
N LEU F 378 25.00 32.65 35.24
CA LEU F 378 23.56 32.50 35.13
C LEU F 378 23.23 32.35 33.66
N VAL F 379 22.51 31.29 33.32
CA VAL F 379 22.02 31.09 31.97
C VAL F 379 20.50 31.15 32.02
N ILE F 380 19.90 31.91 31.11
CA ILE F 380 18.46 32.10 31.01
C ILE F 380 18.06 31.85 29.56
N VAL F 381 17.04 31.02 29.35
CA VAL F 381 16.51 30.75 28.02
C VAL F 381 15.03 31.15 28.02
N THR F 382 14.63 31.99 27.08
CA THR F 382 13.21 32.36 27.02
C THR F 382 12.94 32.90 25.61
N ALA F 383 11.74 33.49 25.43
CA ALA F 383 11.33 34.10 24.19
C ALA F 383 10.85 35.52 24.48
N ASP F 384 10.78 36.34 23.42
CA ASP F 384 10.27 37.70 23.60
C ASP F 384 8.75 37.73 23.69
N HIS F 385 8.09 36.80 23.01
CA HIS F 385 6.65 36.64 23.00
C HIS F 385 6.36 35.33 22.28
N ALA F 386 5.10 35.00 22.24
CA ALA F 386 4.63 33.76 21.64
C ALA F 386 4.22 33.99 20.21
N HIS F 387 3.96 32.90 19.51
CA HIS F 387 3.63 33.05 18.10
C HIS F 387 2.42 32.21 17.73
N ALA F 388 2.22 32.03 16.41
CA ALA F 388 0.98 31.53 15.87
C ALA F 388 0.89 30.01 15.87
N SER F 389 2.02 29.31 15.73
CA SER F 389 1.97 27.90 15.37
C SER F 389 1.32 27.05 16.48
N GLN F 390 0.45 26.14 16.06
CA GLN F 390 -0.21 25.18 16.92
C GLN F 390 -0.03 23.75 16.40
N ILE F 391 0.11 22.81 17.33
CA ILE F 391 0.10 21.36 17.06
C ILE F 391 -1.33 20.87 17.17
N ILE F 392 -1.84 20.29 16.09
CA ILE F 392 -3.25 19.88 16.06
C ILE F 392 -3.35 18.44 15.54
N PRO F 393 -4.52 17.80 15.63
CA PRO F 393 -4.61 16.38 15.23
C PRO F 393 -4.38 16.17 13.74
N ALA F 394 -3.82 15.02 13.44
CA ALA F 394 -3.36 14.78 12.08
C ALA F 394 -4.50 14.91 11.08
N ASP F 395 -5.72 14.56 11.46
CA ASP F 395 -6.84 14.62 10.54
C ASP F 395 -7.64 15.93 10.61
N SER F 396 -7.16 16.97 11.30
CA SER F 396 -7.91 18.23 11.38
C SER F 396 -8.19 18.81 9.99
N LYS F 397 -9.41 19.35 9.82
CA LYS F 397 -9.74 20.28 8.74
C LYS F 397 -9.83 21.69 9.35
N ALA F 398 -8.84 22.53 9.04
CA ALA F 398 -8.66 23.84 9.66
C ALA F 398 -8.82 24.96 8.63
N PRO F 399 -9.23 26.15 9.07
CA PRO F 399 -9.46 27.26 8.10
C PRO F 399 -8.19 27.97 7.68
N GLY F 400 -7.10 27.76 8.41
CA GLY F 400 -5.86 28.46 8.20
C GLY F 400 -4.96 27.66 7.31
N LEU F 401 -3.66 27.78 7.59
CA LEU F 401 -2.60 27.09 6.83
C LEU F 401 -2.04 25.97 7.68
N THR F 402 -1.99 24.76 7.11
CA THR F 402 -1.52 23.58 7.82
C THR F 402 -0.52 22.75 7.03
N GLN F 403 0.19 21.88 7.74
CA GLN F 403 1.21 21.08 7.11
C GLN F 403 1.40 19.84 7.96
N ALA F 404 1.48 18.67 7.31
CA ALA F 404 1.86 17.43 7.99
C ALA F 404 3.35 17.21 7.87
N LEU F 405 3.98 16.67 8.93
CA LEU F 405 5.41 16.43 9.02
C LEU F 405 5.78 15.03 9.53
N ASN F 406 6.75 14.42 8.86
CA ASN F 406 7.38 13.18 9.34
C ASN F 406 8.29 13.55 10.51
N THR F 407 8.08 12.95 11.67
CA THR F 407 8.93 13.24 12.82
C THR F 407 9.97 12.15 13.07
N HIS F 408 10.84 12.45 14.04
CA HIS F 408 11.85 11.52 14.49
C HIS F 408 11.27 10.25 15.12
N ASP F 409 10.02 10.30 15.60
CA ASP F 409 9.34 9.12 16.10
C ASP F 409 8.84 8.19 14.99
N GLY F 410 8.79 8.67 13.75
CA GLY F 410 8.19 7.89 12.68
C GLY F 410 6.70 8.05 12.62
N ALA F 411 6.17 9.10 13.22
CA ALA F 411 4.76 9.44 13.23
C ALA F 411 4.56 10.80 12.59
N VAL F 412 3.30 11.19 12.41
CA VAL F 412 2.96 12.43 11.72
C VAL F 412 2.47 13.46 12.72
N MET F 413 3.11 14.63 12.68
CA MET F 413 2.69 15.85 13.34
C MET F 413 2.07 16.82 12.37
N VAL F 414 0.97 17.47 12.78
CA VAL F 414 0.35 18.54 12.00
C VAL F 414 0.49 19.84 12.79
N MET F 415 1.03 20.85 12.13
CA MET F 415 1.08 22.21 12.64
C MET F 415 0.16 23.13 11.82
N SER F 416 -0.39 24.12 12.50
CA SER F 416 -1.46 24.97 12.00
C SER F 416 -1.15 26.43 12.29
N TYR F 417 -1.46 27.30 11.33
CA TYR F 417 -1.25 28.76 11.42
C TYR F 417 -2.60 29.38 11.07
N GLY F 418 -3.33 29.82 12.08
CA GLY F 418 -4.72 30.10 11.84
C GLY F 418 -5.21 31.41 12.42
N ASN F 419 -4.29 32.36 12.65
CA ASN F 419 -4.69 33.64 13.19
C ASN F 419 -4.52 34.81 12.22
N SER F 420 -4.26 34.56 10.94
CA SER F 420 -4.22 35.69 10.02
C SER F 420 -4.57 35.26 8.60
N GLU F 421 -5.33 36.11 7.90
CA GLU F 421 -5.50 36.00 6.45
C GLU F 421 -4.51 36.84 5.66
N GLU F 422 -3.66 37.61 6.35
CA GLU F 422 -2.75 38.57 5.73
C GLU F 422 -1.44 37.87 5.38
N GLU F 423 -0.47 38.63 4.87
CA GLU F 423 0.80 38.03 4.44
C GLU F 423 1.50 37.32 5.59
N SER F 424 1.38 37.85 6.79
CA SER F 424 2.19 37.42 7.93
C SER F 424 1.31 37.01 9.10
N MET F 425 1.64 35.84 9.64
CA MET F 425 0.92 35.34 10.83
C MET F 425 1.17 36.28 12.03
N GLU F 426 0.23 36.31 12.96
CA GLU F 426 0.31 37.21 14.12
C GLU F 426 1.02 36.58 15.31
N HIS F 427 1.73 37.40 16.08
CA HIS F 427 2.11 37.06 17.44
C HIS F 427 0.89 36.73 18.30
N THR F 428 1.13 36.02 19.40
CA THR F 428 0.06 35.75 20.36
C THR F 428 0.52 36.14 21.75
N GLY F 429 -0.47 36.38 22.63
CA GLY F 429 -0.35 36.94 23.95
C GLY F 429 -0.09 35.99 25.10
N THR F 430 -0.05 34.69 24.88
CA THR F 430 0.06 33.78 26.01
C THR F 430 1.38 33.92 26.73
N GLN F 431 1.33 33.82 28.06
CA GLN F 431 2.55 33.68 28.84
C GLN F 431 3.33 32.50 28.28
N LEU F 432 4.62 32.43 28.58
CA LEU F 432 5.47 31.40 28.02
C LEU F 432 6.64 31.11 28.93
N ARG F 433 7.26 29.96 28.68
CA ARG F 433 8.32 29.44 29.53
C ARG F 433 9.52 30.37 29.58
N ILE F 434 10.05 30.57 30.79
CA ILE F 434 11.39 31.06 31.03
C ILE F 434 12.10 30.04 31.91
N ALA F 435 13.35 29.70 31.55
CA ALA F 435 14.08 28.69 32.30
C ALA F 435 15.51 29.16 32.53
N ALA F 436 16.11 28.67 33.60
CA ALA F 436 17.40 29.21 34.02
C ALA F 436 18.24 28.16 34.74
N TYR F 437 19.54 28.42 34.70
CA TYR F 437 20.58 27.66 35.41
C TYR F 437 21.54 28.63 36.09
N GLY F 438 22.00 28.29 37.29
CA GLY F 438 23.08 29.01 37.91
C GLY F 438 22.66 29.97 39.00
N PRO F 439 23.59 30.81 39.47
CA PRO F 439 23.25 31.78 40.53
C PRO F 439 22.07 32.68 40.14
N HIS F 440 21.14 32.85 41.09
CA HIS F 440 19.93 33.68 41.01
C HIS F 440 18.84 33.13 40.10
N ALA F 441 19.00 31.90 39.61
CA ALA F 441 18.03 31.29 38.72
C ALA F 441 16.64 31.10 39.37
N ALA F 442 16.56 30.99 40.69
CA ALA F 442 15.26 30.83 41.35
C ALA F 442 14.30 31.97 41.02
N ASN F 443 14.81 33.09 40.56
CA ASN F 443 13.96 34.24 40.30
C ASN F 443 13.19 34.15 38.99
N VAL F 444 13.30 33.05 38.24
CA VAL F 444 12.43 32.79 37.09
C VAL F 444 11.29 31.82 37.41
N VAL F 445 11.26 31.26 38.61
CA VAL F 445 10.26 30.25 38.94
C VAL F 445 8.93 30.93 39.28
N GLY F 446 7.81 30.24 39.00
CA GLY F 446 6.47 30.81 39.21
C GLY F 446 6.07 31.77 38.09
N LEU F 447 5.09 32.60 38.40
CA LEU F 447 4.66 33.64 37.46
C LEU F 447 5.52 34.87 37.67
N THR F 448 6.20 35.33 36.63
CA THR F 448 6.91 36.61 36.68
C THR F 448 6.52 37.44 35.46
N ASP F 449 7.09 38.63 35.37
CA ASP F 449 6.93 39.50 34.22
C ASP F 449 8.25 39.67 33.49
N GLN F 450 8.13 39.91 32.19
CA GLN F 450 9.29 40.22 31.35
C GLN F 450 10.18 41.31 31.96
N THR F 451 9.60 42.38 32.54
CA THR F 451 10.43 43.39 33.19
C THR F 451 11.12 42.90 34.46
N ASP F 452 10.62 41.84 35.09
CA ASP F 452 11.37 41.18 36.16
C ASP F 452 12.68 40.58 35.65
N LEU F 453 12.72 40.17 34.39
CA LEU F 453 13.98 39.61 33.90
C LEU F 453 15.11 40.64 33.96
N PHE F 454 14.80 41.89 33.65
CA PHE F 454 15.79 42.96 33.75
C PHE F 454 16.40 43.03 35.15
N THR F 455 15.55 43.12 36.18
CA THR F 455 16.08 43.26 37.53
C THR F 455 16.74 41.98 38.04
N THR F 456 16.31 40.82 37.56
CA THR F 456 16.95 39.55 37.92
C THR F 456 18.40 39.53 37.42
N MET F 457 18.60 39.83 36.14
CA MET F 457 19.92 39.97 35.55
C MET F 457 20.75 41.05 36.27
N LYS F 458 20.13 42.19 36.57
CA LYS F 458 20.88 43.24 37.27
C LYS F 458 21.38 42.76 38.63
N ALA F 459 20.45 42.22 39.44
CA ALA F 459 20.80 41.74 40.78
C ALA F 459 21.79 40.59 40.72
N ALA F 460 21.68 39.74 39.70
CA ALA F 460 22.63 38.64 39.56
C ALA F 460 24.06 39.20 39.42
N LEU F 461 24.20 40.28 38.67
CA LEU F 461 25.48 40.88 38.36
C LEU F 461 25.86 42.00 39.34
N SER F 462 25.09 42.20 40.41
CA SER F 462 25.31 43.22 41.43
C SER F 462 25.27 44.63 40.85
N LEU F 463 24.62 44.82 39.72
CA LEU F 463 24.45 46.14 39.13
C LEU F 463 23.36 46.89 39.91
N LYS F 464 23.49 48.20 39.97
CA LYS F 464 22.53 48.98 40.75
C LYS F 464 21.44 49.58 39.87
N ASN G 24 31.71 5.70 24.13
CA ASN G 24 31.13 6.67 23.19
C ASN G 24 32.01 6.91 21.94
N ARG G 25 31.42 6.77 20.74
CA ARG G 25 32.19 6.84 19.50
C ARG G 25 31.48 7.66 18.42
N ALA G 26 30.64 8.61 18.80
CA ALA G 26 30.22 9.61 17.83
C ALA G 26 31.31 10.66 17.62
N ALA G 27 31.24 11.32 16.46
CA ALA G 27 32.00 12.53 16.23
C ALA G 27 31.86 13.48 17.43
N GLN G 28 33.00 13.93 17.94
CA GLN G 28 33.10 14.68 19.18
C GLN G 28 32.79 16.17 19.05
N GLY G 29 32.73 16.71 17.83
CA GLY G 29 32.55 18.15 17.63
C GLY G 29 32.02 18.62 16.30
N ASP G 30 32.57 19.75 15.82
CA ASP G 30 32.21 20.37 14.55
C ASP G 30 32.98 19.68 13.44
N ILE G 31 32.33 18.82 12.67
CA ILE G 31 33.06 18.01 11.70
C ILE G 31 33.73 18.85 10.61
N THR G 32 33.44 20.17 10.51
CA THR G 32 34.12 21.01 9.53
C THR G 32 35.47 21.52 10.04
N THR G 33 35.79 21.29 11.29
CA THR G 33 37.01 21.77 11.91
C THR G 33 37.96 20.64 12.26
N PRO G 34 39.24 20.94 12.46
CA PRO G 34 40.21 19.88 12.78
C PRO G 34 39.84 19.13 14.03
N GLY G 35 39.78 17.82 13.91
CA GLY G 35 39.46 16.94 15.00
C GLY G 35 38.00 16.79 15.29
N GLY G 36 37.13 17.60 14.66
CA GLY G 36 35.73 17.59 15.03
C GLY G 36 34.99 16.32 14.68
N ALA G 37 35.51 15.53 13.73
CA ALA G 37 34.91 14.26 13.35
C ALA G 37 35.57 13.05 14.01
N ARG G 38 36.57 13.24 14.87
CA ARG G 38 37.14 12.14 15.63
C ARG G 38 36.09 11.40 16.48
N ARG G 39 36.17 10.07 16.51
CA ARG G 39 35.35 9.28 17.41
C ARG G 39 36.08 8.95 18.72
N LEU G 40 37.39 9.20 18.79
CA LEU G 40 38.21 8.88 19.96
C LEU G 40 38.53 10.09 20.83
N THR G 41 38.46 9.90 22.13
CA THR G 41 38.75 10.97 23.07
C THR G 41 40.15 10.90 23.65
N GLY G 42 40.95 9.92 23.26
CA GLY G 42 42.29 9.77 23.78
C GLY G 42 42.79 8.37 23.46
N ASP G 43 44.02 8.10 23.92
CA ASP G 43 44.64 6.75 23.77
C ASP G 43 43.73 5.64 24.29
N GLN G 44 43.58 4.57 23.51
CA GLN G 44 42.70 3.48 23.91
C GLN G 44 43.42 2.32 24.54
N THR G 45 44.75 2.35 24.64
CA THR G 45 45.48 1.14 24.98
C THR G 45 45.05 0.60 26.34
N GLU G 46 45.03 1.45 27.36
CA GLU G 46 44.71 0.98 28.70
C GLU G 46 43.25 0.49 28.81
N ALA G 47 42.32 1.22 28.20
CA ALA G 47 40.90 0.81 28.24
C ALA G 47 40.71 -0.54 27.57
N LEU G 48 41.35 -0.73 26.42
CA LEU G 48 41.25 -1.99 25.71
C LEU G 48 41.91 -3.09 26.53
N ARG G 49 43.05 -2.78 27.14
CA ARG G 49 43.70 -3.74 28.04
C ARG G 49 42.73 -4.22 29.11
N ALA G 50 41.94 -3.30 29.71
CA ALA G 50 40.89 -3.69 30.65
C ALA G 50 39.75 -4.48 30.01
N SER G 51 39.50 -4.31 28.71
CA SER G 51 38.46 -5.08 28.02
C SER G 51 38.86 -6.53 27.72
N LEU G 52 40.14 -6.88 27.93
CA LEU G 52 40.65 -8.22 27.71
C LEU G 52 40.52 -9.02 29.00
N ILE G 53 39.51 -9.91 29.01
CA ILE G 53 39.18 -10.75 30.18
C ILE G 53 39.20 -12.22 29.75
N ASN G 54 39.92 -13.06 30.48
CA ASN G 54 40.06 -14.45 30.06
C ASN G 54 39.27 -15.41 30.94
N LYS G 55 38.80 -14.97 32.11
CA LYS G 55 37.95 -15.80 32.96
C LYS G 55 36.87 -16.43 32.10
N PRO G 56 36.34 -17.59 32.47
CA PRO G 56 35.29 -18.21 31.66
C PRO G 56 34.04 -17.34 31.66
N ALA G 57 33.29 -17.38 30.57
CA ALA G 57 31.99 -16.74 30.57
C ALA G 57 30.97 -17.67 31.24
N LYS G 58 30.03 -17.08 31.98
CA LYS G 58 28.87 -17.83 32.46
C LYS G 58 27.75 -17.88 31.43
N ASN G 59 27.52 -16.80 30.70
CA ASN G 59 26.48 -16.70 29.69
C ASN G 59 27.07 -16.20 28.38
N VAL G 60 26.47 -16.60 27.27
CA VAL G 60 26.81 -16.09 25.95
C VAL G 60 25.52 -15.66 25.27
N ILE G 61 25.54 -14.47 24.67
CA ILE G 61 24.48 -13.93 23.85
C ILE G 61 25.07 -13.60 22.49
N LEU G 62 24.63 -14.33 21.48
CA LEU G 62 25.01 -14.06 20.11
C LEU G 62 23.87 -13.38 19.37
N LEU G 63 24.17 -12.24 18.76
CA LEU G 63 23.19 -11.49 17.97
C LEU G 63 23.66 -11.51 16.53
N ILE G 64 22.81 -12.04 15.67
CA ILE G 64 23.02 -12.16 14.23
C ILE G 64 22.07 -11.19 13.54
N GLY G 65 22.65 -10.31 12.75
CA GLY G 65 21.95 -9.58 11.73
C GLY G 65 22.10 -10.31 10.41
N ASP G 66 20.99 -10.83 9.92
CA ASP G 66 21.04 -11.66 8.72
C ASP G 66 21.36 -10.74 7.56
N GLY G 67 22.48 -11.00 6.90
CA GLY G 67 22.92 -10.18 5.81
C GLY G 67 23.56 -8.87 6.18
N MET G 68 23.87 -8.61 7.45
CA MET G 68 24.26 -7.24 7.80
C MET G 68 25.79 -7.18 7.84
N GLY G 69 26.35 -7.09 6.65
CA GLY G 69 27.75 -6.78 6.43
C GLY G 69 28.04 -5.32 6.78
N ASP G 70 29.30 -4.91 6.60
CA ASP G 70 29.70 -3.56 6.97
C ASP G 70 28.94 -2.50 6.17
N SER G 71 28.65 -2.79 4.90
CA SER G 71 27.89 -1.83 4.11
C SER G 71 26.50 -1.60 4.71
N GLU G 72 25.86 -2.65 5.19
CA GLU G 72 24.52 -2.54 5.77
C GLU G 72 24.55 -1.71 7.04
N ILE G 73 25.55 -1.96 7.90
CA ILE G 73 25.68 -1.20 9.14
C ILE G 73 25.89 0.28 8.82
N THR G 74 26.77 0.55 7.86
CA THR G 74 27.10 1.91 7.50
C THR G 74 25.88 2.65 7.01
N ALA G 75 25.10 2.00 6.11
CA ALA G 75 23.96 2.67 5.50
C ALA G 75 22.92 3.02 6.57
N ALA G 76 22.68 2.09 7.50
CA ALA G 76 21.72 2.27 8.59
C ALA G 76 22.18 3.34 9.55
N ARG G 77 23.47 3.34 9.89
CA ARG G 77 24.00 4.42 10.71
C ARG G 77 23.83 5.77 10.01
N ASN G 78 24.24 5.85 8.76
CA ASN G 78 24.13 7.10 8.02
C ASN G 78 22.71 7.65 8.09
N TYR G 79 21.73 6.78 7.84
CA TYR G 79 20.32 7.18 7.78
C TYR G 79 19.79 7.56 9.15
N ALA G 80 20.04 6.74 10.17
CA ALA G 80 19.30 6.87 11.40
C ALA G 80 20.06 7.66 12.47
N GLU G 81 21.38 7.62 12.45
CA GLU G 81 22.19 8.33 13.43
C GLU G 81 23.03 9.44 12.83
N GLY G 82 23.11 9.51 11.50
CA GLY G 82 24.02 10.38 10.80
C GLY G 82 25.40 9.77 10.66
N ALA G 83 26.16 10.27 9.68
CA ALA G 83 27.44 9.67 9.32
C ALA G 83 28.38 9.61 10.52
N GLY G 84 28.45 10.69 11.29
CA GLY G 84 29.27 10.73 12.48
C GLY G 84 28.53 10.36 13.76
N GLY G 85 27.37 9.71 13.62
CA GLY G 85 26.64 9.17 14.74
C GLY G 85 27.21 7.83 15.15
N PHE G 86 26.54 7.18 16.08
CA PHE G 86 27.06 5.96 16.70
C PHE G 86 25.87 5.10 17.15
N PHE G 87 25.88 3.82 16.79
CA PHE G 87 24.86 2.87 17.28
C PHE G 87 25.19 2.48 18.72
N LYS G 88 24.33 2.87 19.64
CA LYS G 88 24.56 2.57 21.08
C LYS G 88 24.74 1.08 21.34
N GLY G 89 24.13 0.23 20.53
CA GLY G 89 24.42 -1.18 20.68
C GLY G 89 25.47 -1.69 19.71
N ILE G 90 25.17 -1.63 18.41
CA ILE G 90 25.99 -2.31 17.40
C ILE G 90 27.42 -1.78 17.40
N ASP G 91 27.58 -0.45 17.51
CA ASP G 91 28.90 0.16 17.43
C ASP G 91 29.62 0.24 18.77
N ALA G 92 29.06 -0.31 19.85
CA ALA G 92 29.65 -0.11 21.19
C ALA G 92 30.41 -1.32 21.69
N LEU G 93 30.59 -2.35 20.87
CA LEU G 93 31.34 -3.52 21.30
C LEU G 93 32.82 -3.27 21.03
N PRO G 94 33.69 -3.34 22.04
CA PRO G 94 35.03 -2.79 21.86
C PRO G 94 36.00 -3.68 21.10
N LEU G 95 35.78 -4.98 21.03
CA LEU G 95 36.72 -5.86 20.35
C LEU G 95 36.17 -6.30 19.01
N THR G 96 36.91 -5.99 17.95
CA THR G 96 36.42 -6.15 16.60
C THR G 96 37.43 -6.89 15.73
N GLY G 97 36.88 -7.64 14.81
CA GLY G 97 37.63 -8.25 13.75
C GLY G 97 36.76 -8.43 12.52
N GLN G 98 37.26 -9.25 11.61
CA GLN G 98 36.64 -9.58 10.33
C GLN G 98 36.69 -11.09 10.17
N TYR G 99 35.58 -11.69 9.77
CA TYR G 99 35.59 -13.14 9.57
C TYR G 99 34.98 -13.53 8.23
N THR G 100 35.36 -14.73 7.80
CA THR G 100 35.03 -15.29 6.50
C THR G 100 33.97 -16.36 6.67
N HIS G 101 33.05 -16.46 5.70
CA HIS G 101 31.88 -17.31 5.82
C HIS G 101 31.62 -18.15 4.56
N TYR G 102 32.65 -18.43 3.78
CA TYR G 102 32.43 -19.26 2.59
C TYR G 102 31.90 -20.64 2.97
N SER G 103 31.14 -21.25 2.06
CA SER G 103 30.62 -22.59 2.22
C SER G 103 31.42 -23.55 1.32
N LEU G 104 30.87 -24.78 1.13
CA LEU G 104 31.47 -25.84 0.36
C LEU G 104 30.52 -26.35 -0.72
N ASP G 105 31.07 -26.68 -1.86
CA ASP G 105 30.32 -27.46 -2.85
C ASP G 105 30.06 -28.86 -2.29
N LYS G 106 28.82 -29.32 -2.36
CA LYS G 106 28.49 -30.60 -1.74
C LYS G 106 29.24 -31.77 -2.37
N LYS G 107 29.34 -31.80 -3.70
CA LYS G 107 29.82 -33.01 -4.38
C LYS G 107 31.31 -33.18 -4.21
N THR G 108 32.05 -32.08 -4.22
CA THR G 108 33.50 -32.10 -4.28
C THR G 108 34.20 -31.58 -3.03
N GLY G 109 33.50 -30.86 -2.17
CA GLY G 109 34.12 -30.32 -0.96
C GLY G 109 34.96 -29.08 -1.15
N LYS G 110 34.99 -28.49 -2.35
CA LYS G 110 35.75 -27.27 -2.58
C LYS G 110 34.96 -26.06 -2.12
N PRO G 111 35.64 -24.93 -1.85
CA PRO G 111 34.89 -23.73 -1.44
C PRO G 111 33.89 -23.24 -2.47
N ASP G 112 32.79 -22.73 -1.94
CA ASP G 112 31.81 -21.93 -2.64
C ASP G 112 31.87 -20.56 -1.98
N TYR G 113 32.25 -19.54 -2.75
CA TYR G 113 32.65 -18.27 -2.15
C TYR G 113 31.47 -17.48 -1.60
N VAL G 114 30.23 -17.84 -1.90
CA VAL G 114 29.06 -17.11 -1.41
C VAL G 114 28.09 -18.10 -0.78
N THR G 115 28.02 -18.07 0.56
CA THR G 115 27.18 -18.95 1.36
C THR G 115 25.72 -18.51 1.29
N ASP G 116 24.85 -19.45 1.62
CA ASP G 116 23.47 -19.11 2.02
C ASP G 116 23.39 -19.08 3.54
N ALA G 118 21.87 -21.09 5.54
CA ALA G 118 21.85 -22.37 6.22
C ALA G 118 23.26 -22.89 6.44
N ALA G 119 24.09 -22.83 5.41
CA ALA G 119 25.47 -23.31 5.55
C ALA G 119 26.26 -22.45 6.54
N SER G 120 26.01 -21.14 6.50
CA SER G 120 26.68 -20.24 7.45
C SER G 120 26.22 -20.49 8.88
N ALA G 121 24.90 -20.64 9.08
CA ALA G 121 24.47 -20.87 10.45
C ALA G 121 24.98 -22.21 10.97
N THR G 122 25.05 -23.19 10.08
CA THR G 122 25.62 -24.47 10.47
C THR G 122 27.08 -24.26 10.89
N ALA G 123 27.81 -23.41 10.18
CA ALA G 123 29.22 -23.18 10.52
C ALA G 123 29.40 -22.74 11.96
N TRP G 124 28.67 -21.70 12.39
CA TRP G 124 28.89 -21.21 13.76
C TRP G 124 28.13 -22.00 14.83
N THR G 125 27.13 -22.79 14.49
CA THR G 125 26.45 -23.56 15.52
C THR G 125 27.08 -24.92 15.76
N THR G 126 27.85 -25.46 14.77
CA THR G 126 28.47 -26.77 14.89
C THR G 126 29.97 -26.75 14.69
N GLY G 127 30.53 -25.72 14.03
CA GLY G 127 31.95 -25.70 13.76
C GLY G 127 32.34 -26.46 12.50
N VAL G 128 31.39 -26.87 11.69
CA VAL G 128 31.62 -27.60 10.44
C VAL G 128 31.14 -26.72 9.29
N LYS G 129 31.98 -26.52 8.28
CA LYS G 129 31.51 -26.06 6.97
C LYS G 129 30.60 -27.09 6.28
N THR G 130 29.70 -26.61 5.45
CA THR G 130 28.81 -27.51 4.72
C THR G 130 28.31 -26.83 3.45
N TYR G 131 27.38 -27.49 2.76
CA TYR G 131 26.87 -26.98 1.49
C TYR G 131 25.66 -26.07 1.69
N ASN G 132 25.47 -25.15 0.73
CA ASN G 132 24.33 -24.23 0.78
C ASN G 132 23.02 -25.01 0.90
N GLY G 133 22.21 -24.62 1.92
CA GLY G 133 20.91 -25.20 2.17
C GLY G 133 20.88 -26.30 3.21
N ALA G 134 22.04 -26.81 3.60
CA ALA G 134 22.14 -27.81 4.66
C ALA G 134 21.96 -27.16 6.04
N LEU G 135 21.33 -27.90 6.96
CA LEU G 135 21.13 -27.45 8.33
C LEU G 135 21.62 -28.54 9.26
N GLY G 136 22.68 -28.22 9.99
CA GLY G 136 23.20 -29.11 11.01
C GLY G 136 23.73 -30.43 10.49
N VAL G 137 24.12 -30.49 9.21
CA VAL G 137 24.80 -31.67 8.67
C VAL G 137 25.95 -31.19 7.81
N ASP G 138 26.93 -32.07 7.63
CA ASP G 138 28.11 -31.78 6.83
C ASP G 138 27.85 -32.20 5.38
N ILE G 139 28.89 -32.16 4.53
CA ILE G 139 28.67 -32.43 3.10
C ILE G 139 28.36 -33.90 2.83
N HIS G 140 28.59 -34.77 3.79
CA HIS G 140 28.22 -36.17 3.70
C HIS G 140 26.84 -36.42 4.30
N GLU G 141 26.15 -35.37 4.69
CA GLU G 141 24.82 -35.41 5.29
C GLU G 141 24.82 -35.97 6.71
N ASN G 142 25.97 -36.07 7.37
CA ASN G 142 25.98 -36.50 8.75
C ASN G 142 25.76 -35.32 9.69
N ALA G 143 25.00 -35.56 10.76
CA ALA G 143 24.68 -34.57 11.76
C ALA G 143 25.86 -34.31 12.70
N HIS G 144 25.99 -33.07 13.13
CA HIS G 144 26.95 -32.65 14.14
C HIS G 144 26.25 -31.86 15.23
N GLN G 145 26.69 -32.04 16.47
CA GLN G 145 26.03 -31.42 17.61
C GLN G 145 26.18 -29.90 17.54
N THR G 146 25.14 -29.19 17.99
CA THR G 146 25.14 -27.73 18.03
C THR G 146 25.48 -27.20 19.42
N ILE G 147 25.86 -25.93 19.43
CA ILE G 147 26.20 -25.21 20.65
C ILE G 147 25.02 -25.18 21.64
N LEU G 148 23.79 -25.10 21.12
CA LEU G 148 22.60 -25.17 21.96
C LEU G 148 22.47 -26.55 22.60
N GLU G 149 22.60 -27.62 21.78
CA GLU G 149 22.51 -28.98 22.30
C GLU G 149 23.63 -29.24 23.31
N LEU G 150 24.85 -28.76 23.03
CA LEU G 150 25.95 -28.94 23.98
C LEU G 150 25.67 -28.18 25.28
N ALA G 151 25.26 -26.91 25.16
CA ALA G 151 24.98 -26.13 26.36
C ALA G 151 23.86 -26.77 27.18
N LYS G 152 22.79 -27.21 26.51
CA LYS G 152 21.68 -27.83 27.23
C LYS G 152 22.17 -29.07 27.97
N ALA G 153 23.00 -29.88 27.31
CA ALA G 153 23.45 -31.13 27.93
C ALA G 153 24.29 -30.87 29.17
N ALA G 154 25.00 -29.73 29.20
CA ALA G 154 25.79 -29.32 30.34
C ALA G 154 24.96 -28.65 31.44
N GLY G 155 23.65 -28.59 31.30
CA GLY G 155 22.81 -27.97 32.32
C GLY G 155 22.55 -26.49 32.16
N LEU G 156 23.01 -25.87 31.07
CA LEU G 156 22.71 -24.46 30.85
C LEU G 156 21.31 -24.28 30.26
N ALA G 157 20.73 -23.13 30.53
CA ALA G 157 19.48 -22.71 29.91
C ALA G 157 19.77 -22.18 28.51
N THR G 158 18.81 -22.36 27.60
CA THR G 158 19.05 -22.06 26.21
C THR G 158 17.88 -21.29 25.63
N GLY G 159 18.22 -20.39 24.73
CA GLY G 159 17.22 -19.54 24.13
C GLY G 159 17.50 -19.32 22.66
N ASN G 160 16.42 -19.15 21.94
CA ASN G 160 16.46 -19.08 20.49
C ASN G 160 15.39 -18.10 20.06
N VAL G 161 15.83 -16.92 19.64
CA VAL G 161 14.98 -15.77 19.38
C VAL G 161 15.23 -15.25 17.96
N SER G 162 14.15 -15.05 17.20
CA SER G 162 14.25 -14.54 15.83
C SER G 162 12.98 -13.80 15.40
N THR G 163 13.15 -12.83 14.51
CA THR G 163 11.99 -12.22 13.89
C THR G 163 11.50 -13.01 12.69
N ALA G 164 12.25 -13.99 12.25
CA ALA G 164 11.80 -14.83 11.16
C ALA G 164 10.91 -15.94 11.68
N GLU G 165 10.34 -16.70 10.74
CA GLU G 165 9.81 -18.01 11.06
C GLU G 165 10.88 -18.82 11.79
N LEU G 166 10.50 -19.42 12.88
CA LEU G 166 11.42 -20.25 13.65
C LEU G 166 11.95 -21.45 12.83
N GLN G 167 11.25 -21.85 11.77
CA GLN G 167 11.76 -22.88 10.86
C GLN G 167 12.85 -22.37 9.93
N ASP G 168 12.99 -21.04 9.78
CA ASP G 168 14.01 -20.49 8.89
C ASP G 168 15.41 -20.86 9.36
N ALA G 169 16.37 -20.72 8.45
CA ALA G 169 17.63 -21.40 8.59
C ALA G 169 18.39 -20.97 9.83
N THR G 170 18.39 -19.66 10.09
CA THR G 170 19.24 -19.12 11.15
C THR G 170 18.83 -19.64 12.52
N PRO G 171 17.55 -19.60 12.92
CA PRO G 171 17.20 -20.29 14.19
C PRO G 171 17.15 -21.80 14.07
N ALA G 172 16.76 -22.34 12.92
CA ALA G 172 16.61 -23.79 12.82
C ALA G 172 17.94 -24.48 13.01
N ALA G 173 19.02 -23.86 12.54
CA ALA G 173 20.30 -24.53 12.63
C ALA G 173 20.64 -24.94 14.06
N LEU G 174 20.13 -24.21 15.07
CA LEU G 174 20.47 -24.55 16.44
C LEU G 174 19.83 -25.87 16.87
N VAL G 175 18.71 -26.27 16.23
CA VAL G 175 17.88 -27.31 16.80
C VAL G 175 17.54 -28.43 15.84
N ALA G 176 17.90 -28.28 14.58
CA ALA G 176 17.51 -29.19 13.52
C ALA G 176 18.70 -29.65 12.70
N HIS G 177 18.60 -30.90 12.20
CA HIS G 177 19.63 -31.52 11.38
C HIS G 177 18.92 -32.15 10.18
N VAL G 178 18.91 -31.43 9.05
CA VAL G 178 18.23 -31.90 7.86
C VAL G 178 19.06 -31.61 6.62
N THR G 179 18.78 -32.36 5.55
CA THR G 179 19.54 -32.20 4.31
C THR G 179 19.13 -30.97 3.49
N SER G 180 17.97 -30.37 3.75
CA SER G 180 17.56 -29.16 3.06
C SER G 180 16.80 -28.25 4.03
N ARG G 181 17.13 -26.95 3.96
CA ARG G 181 16.47 -25.95 4.78
C ARG G 181 14.98 -25.83 4.50
N LYS G 182 14.51 -26.36 3.38
CA LYS G 182 13.07 -26.25 3.08
C LYS G 182 12.19 -27.18 3.95
N CYS G 183 12.80 -28.07 4.73
CA CYS G 183 12.03 -29.16 5.37
C CYS G 183 11.40 -28.68 6.69
N TYR G 184 10.46 -27.71 6.53
CA TYR G 184 9.88 -27.00 7.66
C TYR G 184 9.05 -27.93 8.54
N GLY G 185 8.21 -28.75 7.92
CA GLY G 185 7.30 -29.59 8.64
C GLY G 185 7.16 -30.95 7.98
N PRO G 186 6.25 -31.77 8.51
CA PRO G 186 6.09 -33.13 7.95
C PRO G 186 5.80 -33.22 6.46
N THR G 187 4.92 -32.35 5.96
N THR G 187 4.93 -32.35 5.95
CA THR G 187 4.51 -32.44 4.53
CA THR G 187 4.51 -32.44 4.53
C THR G 187 5.71 -32.35 3.58
C THR G 187 5.71 -32.33 3.56
N VAL G 188 6.45 -31.23 3.64
CA VAL G 188 7.60 -31.04 2.70
C VAL G 188 8.67 -32.09 3.03
N THR G 189 8.95 -32.32 4.33
CA THR G 189 10.07 -33.22 4.70
C THR G 189 9.93 -34.60 4.01
N SER G 190 8.71 -35.15 4.06
CA SER G 190 8.49 -36.47 3.45
C SER G 190 8.95 -36.50 2.00
N GLU G 191 8.72 -35.42 1.25
CA GLU G 191 9.07 -35.38 -0.16
C GLU G 191 10.48 -34.84 -0.44
N LYS G 192 10.92 -33.78 0.24
CA LYS G 192 12.21 -33.18 -0.11
C LYS G 192 13.38 -33.60 0.77
N CYS G 193 13.13 -34.15 1.96
CA CYS G 193 14.20 -34.68 2.81
C CYS G 193 13.81 -36.07 3.28
N PRO G 194 13.60 -37.00 2.33
CA PRO G 194 13.01 -38.29 2.70
C PRO G 194 13.81 -39.05 3.74
N SER G 195 15.13 -38.86 3.81
CA SER G 195 15.90 -39.53 4.83
C SER G 195 15.67 -38.92 6.21
N ASN G 196 15.17 -37.69 6.32
CA ASN G 196 14.89 -37.10 7.63
C ASN G 196 13.45 -37.24 8.06
N ALA G 197 12.56 -37.66 7.17
CA ALA G 197 11.15 -37.72 7.51
C ALA G 197 10.88 -38.78 8.58
N LEU G 198 10.11 -38.39 9.58
CA LEU G 198 9.85 -39.25 10.74
C LEU G 198 9.30 -40.61 10.32
N GLU G 199 8.29 -40.62 9.43
CA GLU G 199 7.70 -41.88 9.00
C GLU G 199 8.62 -42.69 8.09
N LYS G 200 9.68 -42.08 7.58
CA LYS G 200 10.69 -42.79 6.80
C LYS G 200 11.95 -43.07 7.60
N GLY G 201 11.89 -42.98 8.92
CA GLY G 201 12.98 -43.43 9.75
C GLY G 201 13.92 -42.37 10.25
N GLY G 202 13.74 -41.12 9.84
CA GLY G 202 14.62 -40.04 10.26
C GLY G 202 14.22 -39.42 11.57
N LYS G 203 14.93 -38.33 11.91
CA LYS G 203 14.70 -37.58 13.14
C LYS G 203 13.49 -36.65 13.06
N GLY G 204 13.04 -36.27 11.89
CA GLY G 204 11.86 -35.46 11.71
C GLY G 204 12.13 -34.20 10.92
N SER G 205 11.06 -33.44 10.73
CA SER G 205 11.12 -32.11 10.14
C SER G 205 11.84 -31.13 11.07
N ILE G 206 12.09 -29.92 10.56
CA ILE G 206 12.71 -28.90 11.39
C ILE G 206 11.85 -28.63 12.62
N THR G 207 10.54 -28.49 12.43
CA THR G 207 9.69 -28.17 13.58
C THR G 207 9.64 -29.32 14.59
N GLU G 208 9.61 -30.56 14.11
CA GLU G 208 9.61 -31.70 15.03
C GLU G 208 10.92 -31.80 15.78
N GLN G 209 12.03 -31.50 15.10
CA GLN G 209 13.33 -31.53 15.77
C GLN G 209 13.47 -30.39 16.80
N LEU G 210 12.90 -29.22 16.52
CA LEU G 210 12.93 -28.13 17.51
C LEU G 210 12.22 -28.55 18.79
N LEU G 211 11.02 -29.14 18.66
CA LEU G 211 10.26 -29.56 19.82
C LEU G 211 11.03 -30.63 20.61
N ASN G 212 11.79 -31.50 19.91
CA ASN G 212 12.69 -32.42 20.61
C ASN G 212 13.83 -31.69 21.30
N ALA G 213 14.43 -30.71 20.62
CA ALA G 213 15.57 -30.00 21.19
C ALA G 213 15.19 -29.26 22.48
N ARG G 214 13.96 -28.77 22.58
CA ARG G 214 13.44 -28.17 23.81
C ARG G 214 14.33 -27.09 24.43
N PRO G 215 14.55 -25.98 23.75
CA PRO G 215 15.09 -24.81 24.43
C PRO G 215 14.13 -24.38 25.53
N ASP G 216 14.70 -23.77 26.56
CA ASP G 216 13.86 -23.13 27.57
C ASP G 216 12.98 -22.04 26.94
N VAL G 217 13.57 -21.22 26.08
CA VAL G 217 12.90 -20.07 25.51
C VAL G 217 13.12 -20.07 24.00
N THR G 218 12.02 -20.09 23.26
CA THR G 218 12.00 -20.05 21.80
C THR G 218 10.97 -19.00 21.42
N LEU G 219 11.41 -17.95 20.74
CA LEU G 219 10.50 -16.86 20.37
C LEU G 219 10.66 -16.45 18.93
N GLY G 220 9.57 -16.38 18.19
CA GLY G 220 9.68 -16.01 16.80
C GLY G 220 8.35 -16.08 16.09
N GLY G 221 8.42 -16.04 14.75
CA GLY G 221 7.29 -16.32 13.90
C GLY G 221 7.23 -17.79 13.52
N GLY G 222 6.53 -18.07 12.42
CA GLY G 222 6.38 -19.43 11.96
C GLY G 222 5.30 -20.27 12.60
N ALA G 223 4.17 -19.66 12.99
CA ALA G 223 3.06 -20.44 13.52
C ALA G 223 2.47 -21.38 12.47
N LYS G 224 2.59 -21.04 11.20
CA LYS G 224 1.91 -21.79 10.15
C LYS G 224 2.25 -23.29 10.19
N THR G 225 3.53 -23.63 10.27
CA THR G 225 3.89 -25.04 10.22
C THR G 225 3.35 -25.80 11.44
N PHE G 226 3.16 -25.13 12.57
CA PHE G 226 2.63 -25.80 13.75
C PHE G 226 1.20 -26.31 13.55
N ALA G 227 0.56 -25.93 12.45
CA ALA G 227 -0.75 -26.47 12.12
C ALA G 227 -0.69 -27.83 11.40
N GLU G 228 0.50 -28.27 11.00
CA GLU G 228 0.68 -29.56 10.36
C GLU G 228 0.58 -30.69 11.37
N THR G 229 0.23 -31.87 10.89
CA THR G 229 0.05 -33.02 11.77
C THR G 229 1.18 -34.01 11.55
N ALA G 230 1.60 -34.62 12.63
CA ALA G 230 2.70 -35.57 12.55
C ALA G 230 2.20 -36.87 11.93
N THR G 231 3.08 -37.53 11.21
CA THR G 231 2.73 -38.70 10.43
C THR G 231 3.11 -40.01 11.10
N ALA G 232 3.87 -39.96 12.18
CA ALA G 232 4.33 -41.12 12.92
C ALA G 232 4.71 -40.62 14.32
N GLY G 233 5.19 -41.53 15.16
CA GLY G 233 5.61 -41.14 16.49
C GLY G 233 4.49 -41.07 17.52
N GLU G 234 4.91 -40.70 18.74
CA GLU G 234 3.99 -40.68 19.88
C GLU G 234 2.85 -39.69 19.68
N TRP G 235 3.09 -38.63 18.92
CA TRP G 235 2.06 -37.62 18.70
C TRP G 235 1.50 -37.68 17.30
N GLN G 236 1.52 -38.86 16.70
CA GLN G 236 0.96 -39.02 15.35
C GLN G 236 -0.51 -38.62 15.36
N GLY G 237 -0.93 -37.94 14.28
CA GLY G 237 -2.28 -37.43 14.14
C GLY G 237 -2.58 -36.15 14.90
N LYS G 238 -1.69 -35.65 15.74
CA LYS G 238 -1.89 -34.37 16.41
C LYS G 238 -1.14 -33.29 15.64
N THR G 239 -1.62 -32.05 15.73
CA THR G 239 -0.83 -30.96 15.16
C THR G 239 0.43 -30.76 15.98
N LEU G 240 1.42 -30.08 15.37
CA LEU G 240 2.66 -29.82 16.09
C LEU G 240 2.42 -28.79 17.20
N ARG G 241 1.43 -27.91 17.05
CA ARG G 241 1.02 -27.06 18.17
C ARG G 241 0.44 -27.89 19.31
N GLU G 242 -0.44 -28.83 18.99
CA GLU G 242 -0.96 -29.76 20.01
C GLU G 242 0.18 -30.54 20.66
N GLN G 243 1.09 -31.07 19.83
CA GLN G 243 2.24 -31.80 20.38
C GLN G 243 3.00 -30.94 21.38
N ALA G 244 3.33 -29.72 21.00
CA ALA G 244 4.10 -28.85 21.90
C ALA G 244 3.39 -28.73 23.24
N GLN G 245 2.09 -28.41 23.19
CA GLN G 245 1.29 -28.28 24.45
C GLN G 245 1.32 -29.61 25.24
N ALA G 246 1.12 -30.72 24.56
CA ALA G 246 1.11 -32.00 25.27
C ALA G 246 2.47 -32.30 25.90
N ARG G 247 3.55 -31.76 25.33
CA ARG G 247 4.88 -31.98 25.89
C ARG G 247 5.30 -30.93 26.89
N GLY G 248 4.39 -30.00 27.24
CA GLY G 248 4.62 -29.12 28.36
C GLY G 248 5.04 -27.71 28.02
N TYR G 249 5.11 -27.36 26.73
CA TYR G 249 5.42 -26.00 26.34
C TYR G 249 4.24 -25.07 26.62
N GLN G 250 4.58 -23.86 27.02
CA GLN G 250 3.63 -22.78 27.21
CA GLN G 250 3.64 -22.77 27.21
C GLN G 250 3.71 -21.90 25.97
N ILE G 251 2.60 -21.77 25.26
CA ILE G 251 2.59 -20.99 24.04
C ILE G 251 2.04 -19.61 24.33
N VAL G 252 2.79 -18.58 23.97
CA VAL G 252 2.35 -17.20 24.04
C VAL G 252 2.34 -16.66 22.62
N THR G 253 1.48 -15.68 22.37
CA THR G 253 1.17 -15.31 20.99
C THR G 253 1.08 -13.81 20.72
N ASP G 254 1.32 -12.94 21.71
CA ASP G 254 1.41 -11.51 21.45
C ASP G 254 2.26 -10.84 22.53
N ALA G 255 2.39 -9.50 22.41
CA ALA G 255 3.28 -8.75 23.28
C ALA G 255 2.84 -8.82 24.74
N ALA G 256 1.54 -8.75 24.98
CA ALA G 256 1.09 -8.76 26.37
C ALA G 256 1.30 -10.14 27.01
N SER G 257 1.03 -11.23 26.28
CA SER G 257 1.17 -12.56 26.85
C SER G 257 2.65 -12.89 27.08
N LEU G 258 3.51 -12.49 26.16
CA LEU G 258 4.95 -12.60 26.38
C LEU G 258 5.37 -11.84 27.64
N ALA G 259 4.91 -10.60 27.79
CA ALA G 259 5.26 -9.79 28.95
C ALA G 259 4.77 -10.45 30.23
N ALA G 260 3.62 -11.11 30.20
CA ALA G 260 3.10 -11.73 31.41
C ALA G 260 3.79 -13.04 31.79
N ALA G 261 4.62 -13.62 30.92
CA ALA G 261 5.31 -14.84 31.28
C ALA G 261 6.35 -14.54 32.35
N THR G 262 6.39 -15.37 33.40
CA THR G 262 7.29 -15.13 34.52
C THR G 262 8.38 -16.18 34.69
N GLU G 263 8.26 -17.35 34.07
CA GLU G 263 9.32 -18.36 34.17
C GLU G 263 9.40 -19.20 32.90
N ALA G 264 10.61 -19.73 32.65
CA ALA G 264 10.83 -20.70 31.58
C ALA G 264 11.88 -21.70 32.02
N SER G 265 11.61 -22.97 31.79
CA SER G 265 12.49 -24.02 32.27
C SER G 265 12.27 -25.25 31.40
N GLN G 266 13.01 -26.31 31.73
CA GLN G 266 12.84 -27.59 31.06
C GLN G 266 11.50 -28.22 31.43
N ASP G 267 11.01 -27.99 32.63
CA ASP G 267 9.66 -28.46 32.95
C ASP G 267 8.61 -27.68 32.16
N LYS G 268 8.82 -26.38 31.97
CA LYS G 268 7.84 -25.51 31.31
C LYS G 268 8.53 -24.58 30.33
N PRO G 269 8.91 -25.08 29.16
CA PRO G 269 9.56 -24.21 28.17
C PRO G 269 8.56 -23.25 27.53
N LEU G 270 9.06 -22.04 27.26
CA LEU G 270 8.30 -20.98 26.62
C LEU G 270 8.44 -21.03 25.11
N LEU G 271 7.31 -21.02 24.41
CA LEU G 271 7.26 -21.05 22.96
C LEU G 271 6.39 -19.89 22.52
N GLY G 272 7.02 -18.90 21.88
CA GLY G 272 6.33 -17.73 21.38
C GLY G 272 6.14 -17.81 19.88
N LEU G 273 4.86 -17.82 19.45
CA LEU G 273 4.50 -17.90 18.03
C LEU G 273 3.71 -16.65 17.65
N PHE G 274 4.41 -15.65 17.14
CA PHE G 274 3.89 -14.28 17.08
C PHE G 274 3.40 -13.88 15.71
N ALA G 275 3.57 -14.74 14.70
CA ALA G 275 3.01 -14.49 13.38
C ALA G 275 2.98 -15.81 12.64
N ASP G 276 2.17 -15.86 11.59
CA ASP G 276 2.04 -17.08 10.80
C ASP G 276 3.34 -17.40 10.06
N GLY G 277 3.94 -16.38 9.47
CA GLY G 277 5.20 -16.50 8.79
C GLY G 277 6.24 -15.64 9.51
N ASN G 278 6.98 -14.84 8.76
CA ASN G 278 7.92 -13.89 9.36
C ASN G 278 7.16 -12.80 10.08
N MET G 279 7.75 -12.30 11.19
CA MET G 279 7.12 -11.17 11.85
C MET G 279 7.29 -9.90 11.02
N PRO G 280 6.24 -9.06 10.94
CA PRO G 280 6.27 -7.90 10.02
C PRO G 280 7.42 -6.94 10.33
N VAL G 281 8.09 -6.46 9.26
CA VAL G 281 9.17 -5.48 9.45
C VAL G 281 8.59 -4.17 9.94
N ARG G 282 9.43 -3.36 10.53
CA ARG G 282 8.88 -2.14 11.13
C ARG G 282 8.73 -0.96 10.18
N TRP G 283 9.53 -0.87 9.12
CA TRP G 283 9.50 0.27 8.24
C TRP G 283 9.14 -0.15 6.82
N GLU G 284 8.58 0.78 6.06
CA GLU G 284 8.41 0.55 4.64
C GLU G 284 8.79 1.81 3.86
N GLY G 285 9.08 1.59 2.58
CA GLY G 285 9.27 2.62 1.61
C GLY G 285 9.17 1.97 0.26
N PRO G 286 9.22 2.76 -0.80
CA PRO G 286 9.20 2.18 -2.14
C PRO G 286 10.42 1.29 -2.38
N LYS G 287 10.21 0.23 -3.14
CA LYS G 287 11.33 -0.53 -3.66
C LYS G 287 12.23 0.40 -4.45
N ALA G 288 13.54 0.15 -4.39
CA ALA G 288 14.48 0.85 -5.24
C ALA G 288 14.22 0.52 -6.70
N SER G 289 14.56 1.45 -7.59
CA SER G 289 14.21 1.30 -8.99
C SER G 289 15.35 1.71 -9.92
N TYR G 290 15.13 1.49 -11.21
CA TYR G 290 16.10 1.88 -12.22
C TYR G 290 16.15 3.40 -12.30
N HIS G 291 17.35 3.95 -12.12
CA HIS G 291 17.61 5.39 -11.96
C HIS G 291 16.72 6.05 -10.91
N GLY G 292 16.33 5.30 -9.88
CA GLY G 292 15.49 5.85 -8.82
C GLY G 292 16.09 7.05 -8.11
N ASN G 293 17.44 7.12 -8.02
CA ASN G 293 18.05 8.28 -7.38
C ASN G 293 17.99 9.53 -8.27
N ILE G 294 17.74 9.37 -9.56
CA ILE G 294 17.66 10.46 -10.53
C ILE G 294 16.21 10.88 -10.77
N ASP G 295 15.34 9.91 -11.03
CA ASP G 295 14.00 10.18 -11.51
C ASP G 295 13.00 10.36 -10.39
N LYS G 296 13.34 10.02 -9.16
CA LYS G 296 12.36 10.11 -8.10
C LYS G 296 12.94 10.91 -6.94
N PRO G 297 12.11 11.60 -6.19
CA PRO G 297 12.59 12.35 -5.03
C PRO G 297 13.24 11.46 -4.01
N PRO G 298 14.07 12.03 -3.12
CA PRO G 298 14.53 11.28 -1.96
C PRO G 298 13.37 10.82 -1.08
N VAL G 299 13.56 9.65 -0.49
CA VAL G 299 12.57 8.96 0.31
C VAL G 299 12.89 9.15 1.79
N THR G 300 11.85 9.35 2.58
CA THR G 300 11.91 9.21 4.03
C THR G 300 11.16 7.94 4.40
N CYS G 301 11.79 7.10 5.22
CA CYS G 301 11.14 5.87 5.67
C CYS G 301 9.96 6.15 6.63
N THR G 302 8.94 5.31 6.53
CA THR G 302 7.72 5.36 7.32
C THR G 302 7.42 3.99 7.90
N PRO G 303 6.63 3.93 8.97
CA PRO G 303 6.33 2.62 9.57
C PRO G 303 5.59 1.72 8.61
N ASN G 304 5.80 0.42 8.79
CA ASN G 304 5.03 -0.58 8.06
C ASN G 304 3.59 -0.54 8.56
N PRO G 305 2.59 -0.35 7.69
CA PRO G 305 1.20 -0.31 8.18
C PRO G 305 0.70 -1.66 8.66
N LYS G 306 1.24 -2.77 8.13
CA LYS G 306 0.98 -4.09 8.65
C LYS G 306 1.69 -4.37 9.97
N ARG G 307 2.54 -3.46 10.45
CA ARG G 307 3.14 -3.64 11.78
C ARG G 307 2.16 -3.15 12.84
N ASP G 308 1.94 -3.97 13.86
CA ASP G 308 0.98 -3.70 14.92
C ASP G 308 1.66 -3.83 16.27
N ALA G 309 1.19 -3.06 17.25
CA ALA G 309 1.89 -3.04 18.54
C ALA G 309 1.63 -4.29 19.38
N SER G 310 0.61 -5.09 19.03
CA SER G 310 0.35 -6.37 19.70
C SER G 310 1.44 -7.39 19.41
N VAL G 311 2.26 -7.15 18.39
CA VAL G 311 3.37 -8.03 18.03
C VAL G 311 4.60 -7.51 18.77
N PRO G 312 5.28 -8.35 19.54
CA PRO G 312 6.41 -7.85 20.32
C PRO G 312 7.56 -7.46 19.41
N THR G 313 8.33 -6.48 19.87
CA THR G 313 9.54 -6.07 19.17
C THR G 313 10.66 -7.06 19.46
N LEU G 314 11.74 -6.98 18.66
CA LEU G 314 12.91 -7.80 18.95
C LEU G 314 13.54 -7.44 20.29
N ALA G 315 13.49 -6.16 20.65
CA ALA G 315 14.03 -5.72 21.93
C ALA G 315 13.24 -6.30 23.09
N GLN G 316 11.90 -6.39 22.94
CA GLN G 316 11.11 -6.98 24.01
C GLN G 316 11.39 -8.47 24.15
N MET G 317 11.45 -9.19 23.04
CA MET G 317 11.74 -10.62 23.09
C MET G 317 13.12 -10.86 23.69
N THR G 318 14.07 -10.01 23.35
CA THR G 318 15.43 -10.17 23.85
C THR G 318 15.50 -9.91 25.34
N GLU G 319 14.90 -8.81 25.80
CA GLU G 319 14.93 -8.51 27.22
C GLU G 319 14.21 -9.59 28.02
N LYS G 320 13.09 -10.11 27.50
CA LYS G 320 12.36 -11.12 28.25
C LYS G 320 13.13 -12.44 28.28
N ALA G 321 13.72 -12.82 27.15
CA ALA G 321 14.51 -14.05 27.12
C ALA G 321 15.65 -13.99 28.12
N ILE G 322 16.35 -12.86 28.16
CA ILE G 322 17.45 -12.71 29.09
C ILE G 322 16.93 -12.83 30.52
N ASP G 323 15.82 -12.14 30.81
CA ASP G 323 15.25 -12.21 32.16
C ASP G 323 14.98 -13.64 32.57
N LEU G 324 14.29 -14.40 31.72
CA LEU G 324 13.88 -15.74 32.11
C LEU G 324 15.07 -16.68 32.16
N LEU G 325 16.02 -16.52 31.24
CA LEU G 325 17.14 -17.44 31.18
C LEU G 325 18.17 -17.19 32.29
N SER G 326 18.25 -15.97 32.81
CA SER G 326 19.20 -15.68 33.87
C SER G 326 18.85 -16.34 35.21
N ARG G 327 17.66 -16.97 35.35
CA ARG G 327 17.36 -17.68 36.60
C ARG G 327 18.26 -18.91 36.78
N ASN G 328 18.59 -19.60 35.69
CA ASN G 328 19.42 -20.80 35.79
C ASN G 328 20.77 -20.53 36.45
N GLU G 329 21.08 -21.30 37.49
CA GLU G 329 22.32 -21.03 38.22
C GLU G 329 23.58 -21.44 37.45
N LYS G 330 23.48 -22.30 36.47
CA LYS G 330 24.68 -22.68 35.74
C LYS G 330 25.05 -21.72 34.61
N GLY G 331 24.10 -20.94 34.10
CA GLY G 331 24.34 -20.06 32.96
C GLY G 331 23.36 -20.28 31.82
N PHE G 332 23.47 -19.42 30.81
CA PHE G 332 22.64 -19.58 29.64
C PHE G 332 23.41 -19.26 28.36
N PHE G 333 22.94 -19.86 27.28
CA PHE G 333 23.28 -19.48 25.91
C PHE G 333 22.01 -18.95 25.24
N LEU G 334 22.13 -17.84 24.54
CA LEU G 334 21.00 -17.23 23.86
C LEU G 334 21.43 -16.78 22.48
N GLN G 335 20.71 -17.21 21.44
CA GLN G 335 20.87 -16.63 20.12
C GLN G 335 19.66 -15.77 19.75
N VAL G 336 19.94 -14.57 19.23
CA VAL G 336 18.96 -13.58 18.81
C VAL G 336 19.26 -13.23 17.35
N GLU G 337 18.26 -13.35 16.46
CA GLU G 337 18.42 -12.99 15.05
C GLU G 337 17.53 -11.81 14.64
N GLY G 338 18.13 -10.77 14.09
CA GLY G 338 17.42 -9.77 13.34
C GLY G 338 17.35 -10.22 11.90
N ALA G 339 16.22 -10.81 11.51
CA ALA G 339 16.18 -11.68 10.34
C ALA G 339 15.94 -10.98 9.03
N SER G 340 15.21 -9.87 9.04
CA SER G 340 14.73 -9.29 7.80
C SER G 340 15.62 -8.19 7.26
N ILE G 341 16.80 -7.98 7.86
CA ILE G 341 17.80 -7.17 7.16
C ILE G 341 18.08 -7.79 5.81
N ASP G 342 18.38 -9.10 5.82
CA ASP G 342 18.66 -9.86 4.60
C ASP G 342 17.47 -9.89 3.66
N LYS G 343 16.27 -10.17 4.19
CA LYS G 343 15.11 -10.33 3.33
C LYS G 343 14.74 -9.01 2.63
N GLN G 344 14.90 -7.87 3.32
CA GLN G 344 14.60 -6.60 2.65
C GLN G 344 15.71 -6.20 1.68
N ASP G 345 16.96 -6.57 2.00
CA ASP G 345 18.09 -6.42 1.08
C ASP G 345 17.84 -7.21 -0.20
N HIS G 346 17.28 -8.41 -0.07
CA HIS G 346 16.90 -9.19 -1.27
C HIS G 346 15.88 -8.46 -2.12
N ALA G 347 14.91 -7.83 -1.48
CA ALA G 347 13.83 -7.11 -2.17
C ALA G 347 14.22 -5.69 -2.56
N ALA G 348 15.50 -5.34 -2.45
CA ALA G 348 15.95 -4.02 -2.88
C ALA G 348 15.15 -2.92 -2.19
N ASN G 349 14.95 -3.07 -0.88
CA ASN G 349 14.15 -2.14 -0.11
C ASN G 349 15.00 -1.48 0.97
N PRO G 350 15.58 -0.31 0.68
CA PRO G 350 16.40 0.35 1.71
C PRO G 350 15.66 0.59 3.00
N CYS G 351 14.42 1.05 2.97
CA CYS G 351 13.75 1.37 4.22
C CYS G 351 13.49 0.12 5.04
N GLY G 352 12.97 -0.95 4.42
CA GLY G 352 12.80 -2.19 5.17
C GLY G 352 14.11 -2.66 5.78
N GLN G 353 15.19 -2.60 5.00
CA GLN G 353 16.46 -3.14 5.41
C GLN G 353 17.06 -2.33 6.54
N ILE G 354 16.99 -0.99 6.43
CA ILE G 354 17.55 -0.13 7.46
C ILE G 354 16.77 -0.28 8.75
N GLY G 355 15.44 -0.34 8.65
CA GLY G 355 14.61 -0.44 9.84
C GLY G 355 14.89 -1.70 10.64
N GLU G 356 15.19 -2.81 9.95
CA GLU G 356 15.51 -4.04 10.67
C GLU G 356 16.89 -4.00 11.29
N THR G 357 17.79 -3.12 10.81
CA THR G 357 19.09 -2.91 11.42
C THR G 357 18.97 -2.06 12.68
N VAL G 358 18.22 -0.96 12.61
CA VAL G 358 17.85 -0.19 13.80
C VAL G 358 17.22 -1.12 14.84
N ASP G 359 16.34 -2.00 14.36
CA ASP G 359 15.68 -2.98 15.24
C ASP G 359 16.70 -3.86 15.96
N LEU G 360 17.68 -4.39 15.24
CA LEU G 360 18.71 -5.18 15.88
C LEU G 360 19.48 -4.34 16.89
N ASP G 361 19.80 -3.09 16.55
CA ASP G 361 20.56 -2.25 17.47
C ASP G 361 19.82 -2.16 18.80
N GLU G 362 18.49 -2.07 18.78
CA GLU G 362 17.78 -1.99 20.07
C GLU G 362 17.97 -3.27 20.88
N ALA G 363 17.91 -4.43 20.21
CA ALA G 363 18.14 -5.70 20.92
C ALA G 363 19.57 -5.81 21.43
N VAL G 364 20.56 -5.34 20.65
CA VAL G 364 21.95 -5.36 21.12
C VAL G 364 22.12 -4.50 22.37
N GLN G 365 21.42 -3.36 22.44
CA GLN G 365 21.46 -2.51 23.62
C GLN G 365 20.96 -3.25 24.86
N LYS G 366 19.89 -4.04 24.70
CA LYS G 366 19.36 -4.82 25.84
C LYS G 366 20.37 -5.84 26.30
N ALA G 367 21.08 -6.47 25.35
CA ALA G 367 22.06 -7.49 25.69
C ALA G 367 23.28 -6.88 26.35
N LEU G 368 23.75 -5.72 25.86
CA LEU G 368 24.86 -5.03 26.49
C LEU G 368 24.49 -4.45 27.86
N GLU G 369 23.28 -3.91 28.01
CA GLU G 369 22.85 -3.44 29.33
C GLU G 369 22.94 -4.58 30.34
N PHE G 370 22.46 -5.77 29.96
CA PHE G 370 22.59 -6.90 30.88
C PHE G 370 24.05 -7.26 31.11
N ALA G 371 24.87 -7.32 30.05
CA ALA G 371 26.21 -7.88 30.19
C ALA G 371 27.15 -6.97 31.01
N ARG G 372 26.98 -5.66 30.88
CA ARG G 372 27.78 -4.72 31.66
C ARG G 372 27.45 -4.83 33.14
N LYS G 373 26.18 -5.02 33.49
CA LYS G 373 25.83 -5.16 34.90
C LYS G 373 26.25 -6.52 35.43
N ASP G 374 26.08 -7.57 34.61
CA ASP G 374 26.37 -8.94 35.06
C ASP G 374 27.87 -9.21 35.16
N GLY G 375 28.65 -8.77 34.17
CA GLY G 375 30.09 -8.93 34.18
C GLY G 375 30.62 -10.32 33.91
N ASN G 376 29.76 -11.29 33.61
CA ASN G 376 30.22 -12.64 33.29
C ASN G 376 29.63 -13.13 31.99
N THR G 377 29.35 -12.21 31.07
CA THR G 377 28.58 -12.49 29.87
C THR G 377 29.38 -12.04 28.65
N LEU G 378 29.56 -12.95 27.70
CA LEU G 378 30.09 -12.63 26.38
C LEU G 378 28.96 -12.28 25.43
N VAL G 379 29.02 -11.09 24.84
CA VAL G 379 28.08 -10.64 23.84
C VAL G 379 28.84 -10.56 22.52
N ILE G 380 28.28 -11.15 21.47
CA ILE G 380 28.87 -11.14 20.13
C ILE G 380 27.81 -10.63 19.17
N VAL G 381 28.22 -9.73 18.27
CA VAL G 381 27.35 -9.19 17.22
C VAL G 381 28.05 -9.37 15.88
N THR G 382 27.39 -10.05 14.95
CA THR G 382 27.94 -10.25 13.60
C THR G 382 26.78 -10.56 12.63
N ALA G 383 27.11 -11.08 11.46
CA ALA G 383 26.16 -11.44 10.42
C ALA G 383 26.52 -12.81 9.87
N ASP G 384 25.56 -13.47 9.22
CA ASP G 384 25.86 -14.77 8.63
C ASP G 384 26.66 -14.66 7.34
N HIS G 385 26.46 -13.59 6.60
CA HIS G 385 27.09 -13.30 5.31
C HIS G 385 26.73 -11.87 4.96
N ALA G 386 27.31 -11.39 3.87
CA ALA G 386 27.10 -10.03 3.41
C ALA G 386 26.03 -10.04 2.35
N HIS G 387 25.66 -8.84 1.88
CA HIS G 387 24.50 -8.72 1.02
C HIS G 387 24.78 -7.70 -0.09
N ALA G 388 23.74 -7.39 -0.88
CA ALA G 388 23.89 -6.66 -2.12
C ALA G 388 24.13 -5.15 -1.95
N SER G 389 23.55 -4.52 -0.94
CA SER G 389 23.41 -3.06 -0.97
C SER G 389 24.75 -2.32 -0.86
N GLN G 390 24.87 -1.25 -1.66
CA GLN G 390 26.06 -0.41 -1.67
C GLN G 390 25.65 1.04 -1.59
N ILE G 391 26.46 1.84 -0.89
CA ILE G 391 26.28 3.29 -0.77
C ILE G 391 27.07 3.93 -1.88
N ILE G 392 26.42 4.66 -2.78
CA ILE G 392 27.09 5.21 -3.95
C ILE G 392 26.86 6.71 -4.07
N PRO G 393 27.60 7.41 -4.93
CA PRO G 393 27.42 8.87 -5.05
C PRO G 393 26.00 9.24 -5.46
N ALA G 394 25.54 10.36 -4.90
CA ALA G 394 24.16 10.76 -5.06
C ALA G 394 23.78 10.93 -6.53
N ASP G 395 24.73 11.32 -7.38
CA ASP G 395 24.43 11.57 -8.78
C ASP G 395 24.74 10.36 -9.67
N SER G 396 24.92 9.18 -9.08
CA SER G 396 25.27 7.99 -9.85
C SER G 396 24.17 7.62 -10.84
N LYS G 397 24.59 7.13 -11.99
CA LYS G 397 23.72 6.44 -12.92
C LYS G 397 24.17 4.99 -12.93
N ALA G 398 23.37 4.10 -12.34
CA ALA G 398 23.76 2.73 -12.12
C ALA G 398 22.83 1.78 -12.85
N PRO G 399 23.29 0.57 -13.20
CA PRO G 399 22.47 -0.32 -14.04
C PRO G 399 21.45 -1.13 -13.27
N GLY G 400 21.50 -1.14 -11.96
CA GLY G 400 20.60 -1.90 -11.13
C GLY G 400 19.48 -1.04 -10.60
N LEU G 401 19.07 -1.33 -9.38
CA LEU G 401 18.01 -0.60 -8.69
C LEU G 401 18.63 0.34 -7.65
N THR G 402 18.20 1.60 -7.65
CA THR G 402 18.72 2.59 -6.72
C THR G 402 17.59 3.41 -6.09
N GLN G 403 17.94 4.09 -5.00
CA GLN G 403 17.00 4.95 -4.29
C GLN G 403 17.79 6.03 -3.55
N ALA G 404 17.27 7.26 -3.55
CA ALA G 404 17.80 8.32 -2.71
C ALA G 404 17.02 8.40 -1.40
N LEU G 405 17.72 8.72 -0.31
CA LEU G 405 17.10 8.79 1.00
C LEU G 405 17.53 10.02 1.80
N ASN G 406 16.58 10.66 2.50
CA ASN G 406 16.88 11.77 3.39
C ASN G 406 17.40 11.21 4.68
N THR G 407 18.60 11.58 5.09
CA THR G 407 19.17 11.01 6.31
C THR G 407 18.99 11.94 7.50
N HIS G 408 19.43 11.44 8.65
CA HIS G 408 19.45 12.24 9.87
C HIS G 408 20.36 13.47 9.79
N ASP G 409 21.38 13.47 8.92
CA ASP G 409 22.24 14.63 8.72
C ASP G 409 21.60 15.76 7.93
N GLY G 410 20.45 15.53 7.31
CA GLY G 410 19.91 16.49 6.37
C GLY G 410 20.52 16.43 4.99
N ALA G 411 21.23 15.35 4.66
CA ALA G 411 21.85 15.16 3.37
C ALA G 411 21.24 13.93 2.72
N VAL G 412 21.58 13.71 1.46
CA VAL G 412 20.98 12.64 0.67
C VAL G 412 21.96 11.49 0.59
N MET G 413 21.48 10.28 0.86
CA MET G 413 22.29 9.08 0.64
C MET G 413 21.60 8.22 -0.40
N VAL G 414 22.40 7.60 -1.27
CA VAL G 414 21.89 6.74 -2.34
C VAL G 414 22.38 5.33 -2.11
N MET G 415 21.44 4.39 -2.12
CA MET G 415 21.73 2.97 -2.05
C MET G 415 21.41 2.32 -3.39
N SER G 416 22.21 1.31 -3.71
CA SER G 416 22.25 0.66 -5.01
C SER G 416 22.26 -0.84 -4.84
N TYR G 417 21.45 -1.54 -5.66
CA TYR G 417 21.34 -2.99 -5.62
C TYR G 417 21.68 -3.50 -7.03
N GLY G 418 22.94 -3.87 -7.25
CA GLY G 418 23.46 -4.02 -8.59
C GLY G 418 23.91 -5.41 -9.02
N ASN G 419 23.50 -6.47 -8.32
CA ASN G 419 24.09 -7.78 -8.58
C ASN G 419 23.08 -8.84 -9.02
N SER G 420 21.89 -8.43 -9.44
CA SER G 420 20.95 -9.41 -9.96
C SER G 420 19.86 -8.76 -10.78
N GLU G 421 19.56 -9.40 -11.91
CA GLU G 421 18.42 -9.10 -12.73
C GLU G 421 17.20 -9.91 -12.35
N GLU G 422 17.34 -10.86 -11.42
CA GLU G 422 16.29 -11.78 -11.02
C GLU G 422 15.43 -11.11 -9.96
N GLU G 423 14.49 -11.85 -9.37
CA GLU G 423 13.55 -11.25 -8.42
C GLU G 423 14.19 -10.89 -7.10
N SER G 424 15.31 -11.55 -6.76
CA SER G 424 16.02 -11.35 -5.50
C SER G 424 17.45 -10.88 -5.78
N MET G 425 17.89 -9.95 -4.96
CA MET G 425 19.30 -9.55 -4.91
C MET G 425 20.16 -10.66 -4.31
N GLU G 426 21.42 -10.73 -4.72
CA GLU G 426 22.27 -11.84 -4.30
C GLU G 426 23.05 -11.51 -3.04
N HIS G 427 23.38 -12.56 -2.27
CA HIS G 427 24.38 -12.43 -1.23
C HIS G 427 25.73 -12.06 -1.84
N THR G 428 26.63 -11.55 -0.99
CA THR G 428 28.00 -11.34 -1.41
C THR G 428 28.93 -12.02 -0.45
N GLY G 429 30.14 -12.30 -0.94
CA GLY G 429 31.15 -13.11 -0.29
C GLY G 429 32.15 -12.36 0.56
N THR G 430 32.08 -11.03 0.64
CA THR G 430 33.10 -10.29 1.38
C THR G 430 33.12 -10.71 2.85
N GLN G 431 34.32 -10.77 3.41
CA GLN G 431 34.42 -10.88 4.85
C GLN G 431 33.70 -9.70 5.48
N LEU G 432 33.39 -9.83 6.77
CA LEU G 432 32.55 -8.84 7.43
C LEU G 432 32.82 -8.78 8.94
N ARG G 433 32.34 -7.68 9.54
CA ARG G 433 32.59 -7.38 10.94
C ARG G 433 32.00 -8.42 11.89
N ILE G 434 32.82 -8.84 12.84
CA ILE G 434 32.38 -9.50 14.06
C ILE G 434 32.90 -8.69 15.25
N ALA G 435 32.07 -8.54 16.28
CA ALA G 435 32.39 -7.64 17.38
C ALA G 435 31.86 -8.25 18.67
N ALA G 436 32.61 -8.06 19.75
CA ALA G 436 32.30 -8.76 20.98
C ALA G 436 32.70 -7.93 22.21
N TYR G 437 32.01 -8.24 23.31
CA TYR G 437 32.22 -7.65 24.62
C TYR G 437 32.21 -8.75 25.66
N GLY G 438 33.14 -8.71 26.61
CA GLY G 438 33.10 -9.59 27.75
C GLY G 438 34.13 -10.69 27.71
N PRO G 439 34.02 -11.64 28.64
CA PRO G 439 35.02 -12.73 28.70
C PRO G 439 35.14 -13.49 27.39
N HIS G 440 36.39 -13.76 27.00
CA HIS G 440 36.79 -14.46 25.79
C HIS G 440 36.53 -13.68 24.51
N ALA G 441 36.19 -12.38 24.62
CA ALA G 441 35.88 -11.56 23.45
C ALA G 441 37.10 -11.35 22.57
N ALA G 442 38.31 -11.50 23.11
CA ALA G 442 39.51 -11.32 22.33
C ALA G 442 39.51 -12.25 21.12
N ASN G 443 38.78 -13.34 21.19
CA ASN G 443 38.89 -14.36 20.15
C ASN G 443 38.16 -14.00 18.87
N VAL G 444 37.56 -12.81 18.77
CA VAL G 444 37.01 -12.35 17.51
C VAL G 444 37.91 -11.32 16.84
N VAL G 445 39.05 -10.99 17.43
CA VAL G 445 39.86 -9.91 16.88
C VAL G 445 40.71 -10.50 15.78
N GLY G 446 41.03 -9.69 14.78
CA GLY G 446 41.83 -10.14 13.65
C GLY G 446 40.95 -10.83 12.61
N LEU G 447 41.59 -11.59 11.73
CA LEU G 447 40.88 -12.41 10.75
C LEU G 447 40.54 -13.76 11.38
N THR G 448 39.27 -14.12 11.37
CA THR G 448 38.86 -15.43 11.87
C THR G 448 37.97 -16.05 10.83
N ASP G 449 37.54 -17.28 11.10
CA ASP G 449 36.56 -17.95 10.29
C ASP G 449 35.28 -18.12 11.12
N GLN G 450 34.16 -18.16 10.41
CA GLN G 450 32.85 -18.39 11.02
C GLN G 450 32.84 -19.64 11.91
N THR G 451 33.60 -20.70 11.51
CA THR G 451 33.68 -21.93 12.30
C THR G 451 34.53 -21.73 13.57
N ASP G 452 35.38 -20.71 13.60
CA ASP G 452 36.00 -20.30 14.88
C ASP G 452 34.96 -19.81 15.89
N LEU G 453 33.88 -19.19 15.45
CA LEU G 453 32.91 -18.67 16.40
C LEU G 453 32.31 -19.78 17.24
N PHE G 454 32.06 -20.94 16.64
CA PHE G 454 31.63 -22.10 17.40
C PHE G 454 32.59 -22.40 18.53
N THR G 455 33.87 -22.50 18.21
CA THR G 455 34.84 -22.94 19.20
C THR G 455 35.02 -21.87 20.27
N THR G 456 34.90 -20.61 19.86
CA THR G 456 34.99 -19.51 20.81
C THR G 456 33.85 -19.59 21.81
N MET G 457 32.62 -19.90 21.35
CA MET G 457 31.54 -19.95 22.33
C MET G 457 31.61 -21.24 23.15
N LYS G 458 31.98 -22.35 22.53
CA LYS G 458 32.17 -23.60 23.26
C LYS G 458 33.17 -23.43 24.38
N ALA G 459 34.29 -22.77 24.09
CA ALA G 459 35.34 -22.59 25.08
C ALA G 459 34.99 -21.53 26.12
N ALA G 460 34.26 -20.48 25.75
CA ALA G 460 33.85 -19.49 26.74
C ALA G 460 32.95 -20.09 27.81
N LEU G 461 32.11 -21.06 27.43
CA LEU G 461 31.16 -21.70 28.32
C LEU G 461 31.69 -22.98 28.96
N SER G 462 32.98 -23.24 28.81
CA SER G 462 33.63 -24.37 29.47
C SER G 462 32.95 -25.68 29.10
N LEU G 463 32.62 -25.82 27.83
CA LEU G 463 31.82 -26.93 27.35
C LEU G 463 32.72 -28.00 26.79
N LYS G 464 32.51 -29.28 27.04
CA LYS G 464 33.53 -30.23 26.52
C LYS G 464 33.13 -30.80 25.15
N ASN H 24 49.97 -17.43 12.11
CA ASN H 24 49.30 -18.00 10.95
C ASN H 24 47.76 -18.04 11.12
N ARG H 25 47.04 -17.43 10.19
CA ARG H 25 45.59 -17.43 10.24
C ARG H 25 44.99 -18.13 9.00
N ALA H 26 45.71 -19.11 8.45
CA ALA H 26 45.13 -20.04 7.46
C ALA H 26 44.24 -21.08 8.13
N ALA H 27 43.31 -21.61 7.37
CA ALA H 27 42.56 -22.78 7.83
C ALA H 27 43.52 -23.88 8.32
N GLN H 28 43.17 -24.49 9.46
CA GLN H 28 44.08 -25.46 10.07
C GLN H 28 44.17 -26.79 9.32
N GLY H 29 43.12 -27.21 8.63
CA GLY H 29 43.15 -28.52 8.01
C GLY H 29 42.17 -28.73 6.89
N ASP H 30 41.53 -29.90 6.90
CA ASP H 30 40.59 -30.28 5.86
C ASP H 30 39.32 -29.48 6.13
N ILE H 31 39.03 -28.50 5.27
CA ILE H 31 37.88 -27.63 5.50
C ILE H 31 36.55 -28.37 5.54
N THR H 32 36.51 -29.63 5.10
CA THR H 32 35.24 -30.37 5.06
C THR H 32 34.93 -31.07 6.36
N THR H 33 35.87 -31.06 7.32
CA THR H 33 35.76 -31.76 8.58
C THR H 33 35.50 -30.77 9.71
N PRO H 34 35.05 -31.24 10.86
CA PRO H 34 34.85 -30.33 12.02
C PRO H 34 36.16 -29.67 12.45
N GLY H 35 36.12 -28.36 12.63
CA GLY H 35 37.32 -27.66 13.01
C GLY H 35 38.30 -27.39 11.89
N GLY H 36 38.16 -28.04 10.75
CA GLY H 36 39.20 -27.97 9.74
C GLY H 36 39.38 -26.61 9.10
N ALA H 37 38.40 -25.74 9.21
CA ALA H 37 38.48 -24.40 8.61
C ALA H 37 38.80 -23.30 9.62
N ARG H 38 38.96 -23.65 10.90
CA ARG H 38 39.33 -22.69 11.93
C ARG H 38 40.64 -22.01 11.57
N ARG H 39 40.72 -20.71 11.81
CA ARG H 39 41.97 -19.98 11.66
C ARG H 39 42.74 -19.85 12.96
N LEU H 40 42.10 -20.10 14.11
CA LEU H 40 42.75 -19.96 15.41
C LEU H 40 43.15 -21.32 15.99
N THR H 41 44.27 -21.32 16.72
CA THR H 41 44.79 -22.54 17.34
C THR H 41 44.56 -22.61 18.84
N GLY H 42 44.04 -21.54 19.43
CA GLY H 42 43.67 -21.54 20.84
C GLY H 42 43.21 -20.15 21.24
N ASP H 43 42.99 -20.00 22.55
CA ASP H 43 42.61 -18.70 23.11
C ASP H 43 43.61 -17.62 22.72
N GLN H 44 43.08 -16.47 22.33
CA GLN H 44 43.96 -15.37 21.87
C GLN H 44 44.12 -14.28 22.94
N THR H 45 43.49 -14.42 24.10
CA THR H 45 43.48 -13.31 25.05
C THR H 45 44.88 -12.91 25.50
N GLU H 46 45.70 -13.89 25.84
CA GLU H 46 47.04 -13.51 26.38
C GLU H 46 47.90 -12.94 25.25
N ALA H 47 47.90 -13.58 24.08
CA ALA H 47 48.66 -13.01 22.97
C ALA H 47 48.21 -11.60 22.64
N LEU H 48 46.90 -11.35 22.66
CA LEU H 48 46.43 -10.02 22.34
C LEU H 48 46.85 -9.01 23.41
N ARG H 49 46.72 -9.39 24.68
CA ARG H 49 47.25 -8.56 25.77
C ARG H 49 48.73 -8.24 25.50
N ALA H 50 49.49 -9.21 24.98
CA ALA H 50 50.89 -8.94 24.67
C ALA H 50 51.05 -7.98 23.49
N SER H 51 50.07 -7.92 22.59
CA SER H 51 50.17 -7.07 21.41
C SER H 51 49.88 -5.60 21.70
N LEU H 52 49.35 -5.31 22.89
CA LEU H 52 48.99 -3.96 23.30
C LEU H 52 50.19 -3.34 24.00
N ILE H 53 50.73 -2.33 23.32
CA ILE H 53 51.95 -1.62 23.78
C ILE H 53 51.65 -0.12 23.87
N ASN H 54 52.08 0.55 24.95
CA ASN H 54 51.74 1.95 25.15
C ASN H 54 52.94 2.88 25.04
N LYS H 55 54.14 2.36 25.04
CA LYS H 55 55.29 3.18 24.75
C LYS H 55 55.10 3.92 23.44
N PRO H 56 55.81 5.04 23.24
CA PRO H 56 55.70 5.78 21.99
C PRO H 56 56.24 4.97 20.83
N ALA H 57 55.85 5.36 19.63
CA ALA H 57 56.47 4.81 18.45
C ALA H 57 57.66 5.66 18.04
N LYS H 58 58.75 5.00 17.70
CA LYS H 58 59.85 5.70 17.04
C LYS H 58 59.50 5.98 15.57
N ASN H 59 58.92 4.99 14.90
CA ASN H 59 58.63 5.07 13.48
C ASN H 59 57.18 4.67 13.22
N VAL H 60 56.62 5.26 12.18
CA VAL H 60 55.29 4.93 11.68
C VAL H 60 55.41 4.54 10.21
N ILE H 61 54.79 3.42 9.85
CA ILE H 61 54.64 3.04 8.45
C ILE H 61 53.15 2.86 8.16
N LEU H 62 52.65 3.68 7.26
CA LEU H 62 51.26 3.66 6.86
C LEU H 62 51.19 3.13 5.44
N LEU H 63 50.49 2.01 5.25
CA LEU H 63 50.30 1.42 3.92
C LEU H 63 48.82 1.53 3.56
N ILE H 64 48.56 2.17 2.43
CA ILE H 64 47.22 2.44 1.92
C ILE H 64 46.95 1.60 0.65
N GLY H 65 45.89 0.81 0.67
CA GLY H 65 45.37 0.22 -0.54
C GLY H 65 44.24 1.09 -1.07
N ASP H 66 44.51 1.82 -2.15
CA ASP H 66 43.49 2.71 -2.68
C ASP H 66 42.31 1.87 -3.16
N GLY H 67 41.14 2.14 -2.59
CA GLY H 67 39.96 1.36 -2.91
C GLY H 67 39.88 -0.02 -2.27
N MET H 68 40.82 -0.37 -1.36
CA MET H 68 40.91 -1.70 -0.75
C MET H 68 39.97 -1.89 0.46
N GLY H 69 38.69 -1.95 0.17
CA GLY H 69 37.73 -2.33 1.16
C GLY H 69 37.79 -3.83 1.42
N ASP H 70 36.97 -4.26 2.38
CA ASP H 70 37.00 -5.67 2.78
C ASP H 70 36.67 -6.58 1.61
N SER H 71 35.76 -6.15 0.73
CA SER H 71 35.47 -6.96 -0.45
C SER H 71 36.73 -7.19 -1.29
N GLU H 72 37.49 -6.12 -1.56
CA GLU H 72 38.72 -6.29 -2.36
C GLU H 72 39.70 -7.23 -1.70
N ILE H 73 39.85 -7.11 -0.38
CA ILE H 73 40.73 -8.02 0.34
C ILE H 73 40.26 -9.46 0.17
N THR H 74 38.96 -9.70 0.33
CA THR H 74 38.43 -11.07 0.28
C THR H 74 38.58 -11.66 -1.12
N ALA H 75 38.22 -10.91 -2.17
CA ALA H 75 38.36 -11.42 -3.54
C ALA H 75 39.82 -11.75 -3.87
N ALA H 76 40.75 -10.88 -3.45
CA ALA H 76 42.16 -11.14 -3.70
C ALA H 76 42.65 -12.33 -2.91
N ARG H 77 42.16 -12.50 -1.68
CA ARG H 77 42.58 -13.67 -0.91
C ARG H 77 42.07 -14.97 -1.55
N ASN H 78 40.78 -15.01 -1.88
CA ASN H 78 40.17 -16.13 -2.57
C ASN H 78 40.97 -16.53 -3.79
N TYR H 79 41.30 -15.53 -4.63
CA TYR H 79 41.95 -15.84 -5.89
C TYR H 79 43.38 -16.37 -5.69
N ALA H 80 44.18 -15.64 -4.92
CA ALA H 80 45.62 -15.93 -4.88
C ALA H 80 46.03 -16.89 -3.79
N GLU H 81 45.31 -16.92 -2.66
CA GLU H 81 45.67 -17.75 -1.50
C GLU H 81 44.67 -18.84 -1.17
N GLY H 82 43.48 -18.81 -1.76
CA GLY H 82 42.39 -19.71 -1.39
C GLY H 82 41.57 -19.15 -0.27
N ALA H 83 40.30 -19.59 -0.22
CA ALA H 83 39.35 -19.01 0.74
C ALA H 83 39.84 -19.18 2.15
N GLY H 84 40.42 -20.33 2.46
CA GLY H 84 41.03 -20.61 3.74
C GLY H 84 42.47 -20.20 3.81
N GLY H 85 42.96 -19.46 2.83
CA GLY H 85 44.32 -18.99 2.84
C GLY H 85 44.47 -17.75 3.69
N PHE H 86 45.64 -17.15 3.59
CA PHE H 86 46.01 -16.11 4.54
C PHE H 86 47.04 -15.21 3.88
N PHE H 87 46.80 -13.89 3.91
CA PHE H 87 47.78 -12.91 3.41
C PHE H 87 48.82 -12.69 4.49
N LYS H 88 50.07 -13.09 4.20
CA LYS H 88 51.14 -12.99 5.18
C LYS H 88 51.37 -11.56 5.64
N GLY H 89 51.05 -10.57 4.80
CA GLY H 89 51.10 -9.20 5.27
C GLY H 89 49.76 -8.66 5.71
N ILE H 90 48.82 -8.58 4.78
CA ILE H 90 47.58 -7.88 5.01
C ILE H 90 46.81 -8.49 6.16
N ASP H 91 46.76 -9.82 6.24
CA ASP H 91 45.94 -10.48 7.24
C ASP H 91 46.68 -10.70 8.55
N ALA H 92 47.98 -10.32 8.63
CA ALA H 92 48.85 -10.66 9.74
C ALA H 92 48.87 -9.63 10.85
N LEU H 93 48.28 -8.46 10.63
CA LEU H 93 48.28 -7.45 11.69
C LEU H 93 47.23 -7.79 12.74
N PRO H 94 47.58 -7.80 14.02
CA PRO H 94 46.69 -8.41 15.00
C PRO H 94 45.59 -7.52 15.55
N LEU H 95 45.67 -6.20 15.37
CA LEU H 95 44.71 -5.29 15.98
C LEU H 95 43.91 -4.64 14.87
N THR H 96 42.59 -4.82 14.93
CA THR H 96 41.71 -4.59 13.79
C THR H 96 40.46 -3.86 14.22
N GLY H 97 39.92 -3.09 13.27
CA GLY H 97 38.71 -2.34 13.47
C GLY H 97 38.14 -1.93 12.13
N GLN H 98 37.13 -1.07 12.19
CA GLN H 98 36.46 -0.49 11.04
C GLN H 98 36.40 1.03 11.19
N TYR H 99 36.65 1.77 10.10
CA TYR H 99 36.60 3.23 10.17
C TYR H 99 35.81 3.84 9.02
N THR H 100 35.30 5.04 9.29
CA THR H 100 34.44 5.78 8.38
C THR H 100 35.24 6.85 7.66
N HIS H 101 34.94 7.05 6.36
CA HIS H 101 35.72 7.94 5.51
C HIS H 101 34.87 8.97 4.76
N TYR H 102 33.64 9.23 5.21
CA TYR H 102 32.81 10.20 4.53
C TYR H 102 33.52 11.55 4.46
N SER H 103 33.19 12.32 3.43
CA SER H 103 33.70 13.65 3.17
C SER H 103 32.60 14.66 3.46
N LEU H 104 32.86 15.93 3.16
CA LEU H 104 31.89 17.00 3.32
C LEU H 104 31.50 17.59 1.99
N ASP H 105 30.28 18.10 1.92
CA ASP H 105 29.83 18.93 0.80
C ASP H 105 30.42 20.32 0.98
N LYS H 106 31.10 20.83 -0.05
CA LYS H 106 31.86 22.06 0.14
C LYS H 106 30.94 23.24 0.45
N LYS H 107 29.79 23.29 -0.22
CA LYS H 107 28.89 24.41 -0.02
C LYS H 107 28.18 24.31 1.33
N THR H 108 27.73 23.11 1.73
CA THR H 108 26.91 23.04 2.93
C THR H 108 27.67 22.57 4.15
N GLY H 109 28.83 21.93 4.00
CA GLY H 109 29.50 21.35 5.14
C GLY H 109 28.90 20.07 5.70
N LYS H 110 27.80 19.57 5.14
CA LYS H 110 27.20 18.34 5.61
C LYS H 110 27.98 17.13 5.10
N PRO H 111 27.78 15.95 5.72
CA PRO H 111 28.47 14.76 5.21
C PRO H 111 28.12 14.49 3.76
N ASP H 112 29.14 14.11 3.00
CA ASP H 112 29.02 13.47 1.68
C ASP H 112 29.43 12.02 1.89
N TYR H 113 28.49 11.10 1.70
CA TYR H 113 28.67 9.73 2.19
C TYR H 113 29.63 8.94 1.33
N VAL H 114 30.06 9.45 0.18
CA VAL H 114 31.03 8.76 -0.67
C VAL H 114 32.15 9.74 -1.03
N THR H 115 33.28 9.59 -0.37
CA THR H 115 34.45 10.43 -0.58
C THR H 115 35.17 10.07 -1.90
N ASP H 116 36.04 10.99 -2.34
CA ASP H 116 37.05 10.69 -3.36
C ASP H 116 38.42 10.50 -2.69
N ALA H 118 41.03 12.41 -2.70
CA ALA H 118 41.69 13.62 -2.21
C ALA H 118 41.19 13.99 -0.82
N ALA H 119 39.86 14.05 -0.67
CA ALA H 119 39.27 14.37 0.64
C ALA H 119 39.64 13.34 1.68
N SER H 120 39.65 12.06 1.30
CA SER H 120 40.01 11.01 2.24
C SER H 120 41.48 11.15 2.66
N ALA H 121 42.40 11.35 1.71
CA ALA H 121 43.81 11.48 2.10
C ALA H 121 44.00 12.70 2.98
N THR H 122 43.34 13.81 2.66
CA THR H 122 43.44 14.99 3.50
C THR H 122 43.02 14.68 4.94
N ALA H 123 42.01 13.82 5.12
CA ALA H 123 41.53 13.55 6.46
C ALA H 123 42.56 12.80 7.30
N TRP H 124 43.23 11.80 6.73
CA TRP H 124 44.21 11.13 7.56
C TRP H 124 45.56 11.84 7.58
N THR H 125 45.85 12.69 6.60
CA THR H 125 47.10 13.43 6.63
C THR H 125 47.03 14.72 7.43
N THR H 126 45.84 15.31 7.64
CA THR H 126 45.72 16.52 8.45
C THR H 126 44.77 16.44 9.64
N GLY H 127 43.87 15.46 9.68
CA GLY H 127 42.89 15.42 10.74
C GLY H 127 41.67 16.30 10.50
N VAL H 128 41.51 16.87 9.30
CA VAL H 128 40.30 17.63 8.99
C VAL H 128 39.53 16.99 7.83
N LYS H 129 38.21 16.89 7.99
CA LYS H 129 37.35 16.54 6.86
C LYS H 129 37.36 17.67 5.86
N THR H 130 37.20 17.32 4.59
CA THR H 130 37.16 18.35 3.57
C THR H 130 36.24 17.91 2.43
N TYR H 131 36.21 18.71 1.36
CA TYR H 131 35.33 18.42 0.25
C TYR H 131 36.04 17.56 -0.80
N ASN H 132 35.25 16.84 -1.59
CA ASN H 132 35.81 15.95 -2.60
C ASN H 132 36.64 16.75 -3.62
N GLY H 133 37.90 16.29 -3.81
CA GLY H 133 38.83 16.93 -4.73
C GLY H 133 39.84 17.87 -4.07
N ALA H 134 39.62 18.23 -2.81
CA ALA H 134 40.50 19.13 -2.08
C ALA H 134 41.72 18.37 -1.59
N LEU H 135 42.86 19.05 -1.56
CA LEU H 135 44.10 18.48 -1.08
C LEU H 135 44.71 19.41 -0.05
N GLY H 136 44.82 18.95 1.18
CA GLY H 136 45.57 19.67 2.16
C GLY H 136 44.92 20.93 2.66
N VAL H 137 43.66 21.18 2.30
CA VAL H 137 42.91 22.35 2.73
C VAL H 137 41.53 21.91 3.21
N ASP H 138 40.89 22.76 4.02
CA ASP H 138 39.56 22.47 4.54
C ASP H 138 38.46 23.02 3.63
N ILE H 139 37.22 23.02 4.11
CA ILE H 139 36.12 23.48 3.27
C ILE H 139 36.15 24.97 3.01
N HIS H 140 36.85 25.74 3.84
CA HIS H 140 37.07 27.17 3.61
C HIS H 140 38.30 27.46 2.72
N GLU H 141 38.96 26.42 2.19
CA GLU H 141 40.13 26.49 1.33
C GLU H 141 41.39 26.92 2.08
N ASN H 142 41.43 26.71 3.37
CA ASN H 142 42.58 27.09 4.17
C ASN H 142 43.43 25.86 4.43
N ALA H 143 44.74 26.02 4.24
CA ALA H 143 45.69 24.93 4.41
C ALA H 143 45.84 24.51 5.85
N HIS H 144 46.05 23.21 6.03
CA HIS H 144 46.37 22.62 7.31
C HIS H 144 47.60 21.74 7.19
N GLN H 145 48.40 21.72 8.26
CA GLN H 145 49.67 20.99 8.27
C GLN H 145 49.46 19.47 8.15
N THR H 146 50.32 18.80 7.36
CA THR H 146 50.23 17.35 7.19
C THR H 146 51.14 16.63 8.16
N ILE H 147 50.86 15.34 8.34
CA ILE H 147 51.65 14.50 9.22
C ILE H 147 53.09 14.39 8.73
N LEU H 148 53.29 14.44 7.41
CA LEU H 148 54.67 14.45 6.90
C LEU H 148 55.38 15.75 7.29
N GLU H 149 54.71 16.89 7.06
CA GLU H 149 55.27 18.19 7.42
C GLU H 149 55.59 18.28 8.90
N LEU H 150 54.69 17.78 9.75
CA LEU H 150 54.94 17.78 11.19
C LEU H 150 56.10 16.87 11.58
N ALA H 151 56.21 15.70 10.94
CA ALA H 151 57.29 14.77 11.27
C ALA H 151 58.64 15.36 10.88
N LYS H 152 58.73 15.95 9.69
CA LYS H 152 59.98 16.58 9.26
C LYS H 152 60.33 17.76 10.16
N ALA H 153 59.34 18.58 10.53
CA ALA H 153 59.60 19.71 11.43
C ALA H 153 60.17 19.24 12.76
N ALA H 154 59.76 18.06 13.22
CA ALA H 154 60.24 17.51 14.47
C ALA H 154 61.58 16.80 14.35
N GLY H 155 62.14 16.68 13.15
CA GLY H 155 63.43 16.06 12.94
C GLY H 155 63.39 14.64 12.43
N LEU H 156 62.20 14.11 12.16
CA LEU H 156 62.07 12.75 11.65
C LEU H 156 62.41 12.69 10.16
N ALA H 157 63.02 11.58 9.75
CA ALA H 157 63.07 11.25 8.33
C ALA H 157 61.66 10.98 7.82
N THR H 158 61.41 11.32 6.56
CA THR H 158 60.10 11.19 5.94
C THR H 158 60.21 10.57 4.55
N GLY H 159 59.28 9.66 4.26
CA GLY H 159 59.21 9.00 2.98
C GLY H 159 57.80 8.91 2.42
N ASN H 160 57.68 9.02 1.09
CA ASN H 160 56.38 9.03 0.40
C ASN H 160 56.52 8.13 -0.82
N VAL H 161 55.84 6.99 -0.82
CA VAL H 161 56.02 5.96 -1.85
C VAL H 161 54.65 5.61 -2.42
N SER H 162 54.55 5.48 -3.75
CA SER H 162 53.27 5.16 -4.40
C SER H 162 53.57 4.56 -5.77
N THR H 163 52.67 3.67 -6.24
CA THR H 163 52.72 3.25 -7.63
C THR H 163 51.96 4.18 -8.54
N ALA H 164 51.30 5.19 -7.98
CA ALA H 164 50.68 6.18 -8.83
C ALA H 164 51.70 7.23 -9.23
N GLU H 165 51.31 8.08 -10.16
CA GLU H 165 52.01 9.33 -10.36
C GLU H 165 52.04 10.09 -9.05
N LEU H 166 53.22 10.58 -8.68
CA LEU H 166 53.41 11.28 -7.41
C LEU H 166 52.49 12.50 -7.27
N GLN H 167 51.94 13.02 -8.36
CA GLN H 167 50.97 14.12 -8.27
C GLN H 167 49.56 13.64 -7.95
N ASP H 168 49.32 12.33 -7.88
CA ASP H 168 47.97 11.85 -7.64
C ASP H 168 47.59 12.11 -6.18
N ALA H 169 46.29 12.08 -5.93
CA ALA H 169 45.76 12.56 -4.66
C ALA H 169 46.48 11.96 -3.45
N THR H 170 46.65 10.65 -3.44
CA THR H 170 47.10 9.97 -2.23
C THR H 170 48.50 10.36 -1.79
N PRO H 171 49.53 10.32 -2.62
CA PRO H 171 50.82 10.82 -2.17
C PRO H 171 50.87 12.35 -2.10
N ALA H 172 50.12 13.02 -2.96
CA ALA H 172 50.10 14.49 -3.02
C ALA H 172 49.62 15.10 -1.70
N ALA H 173 48.71 14.41 -1.00
CA ALA H 173 48.11 14.99 0.20
C ALA H 173 49.16 15.26 1.28
N LEU H 174 50.24 14.49 1.27
CA LEU H 174 51.29 14.68 2.26
C LEU H 174 52.11 15.95 2.05
N VAL H 175 52.09 16.53 0.85
CA VAL H 175 53.05 17.58 0.55
C VAL H 175 52.46 18.84 -0.08
N ALA H 176 51.19 18.81 -0.46
CA ALA H 176 50.61 19.89 -1.23
C ALA H 176 49.28 20.34 -0.65
N HIS H 177 48.97 21.62 -0.85
CA HIS H 177 47.75 22.28 -0.38
C HIS H 177 47.21 23.05 -1.58
N VAL H 178 46.19 22.50 -2.24
CA VAL H 178 45.60 23.07 -3.44
C VAL H 178 44.10 22.81 -3.36
N THR H 179 43.33 23.66 -4.05
CA THR H 179 41.88 23.57 -3.97
C THR H 179 41.30 22.51 -4.89
N SER H 180 42.09 21.99 -5.83
CA SER H 180 41.67 20.90 -6.68
C SER H 180 42.84 19.95 -6.91
N ARG H 181 42.55 18.65 -6.80
CA ARG H 181 43.56 17.64 -7.02
C ARG H 181 44.10 17.63 -8.43
N LYS H 182 43.43 18.29 -9.38
CA LYS H 182 43.87 18.28 -10.77
C LYS H 182 45.09 19.14 -11.03
N CYS H 183 45.55 19.94 -10.06
CA CYS H 183 46.57 20.97 -10.27
C CYS H 183 47.98 20.38 -10.17
N TYR H 184 48.23 19.45 -11.09
CA TYR H 184 49.47 18.69 -11.08
C TYR H 184 50.69 19.59 -11.27
N GLY H 185 50.62 20.47 -12.25
CA GLY H 185 51.73 21.32 -12.60
C GLY H 185 51.30 22.75 -12.84
N PRO H 186 52.28 23.61 -13.14
CA PRO H 186 51.98 25.05 -13.28
C PRO H 186 50.89 25.37 -14.31
N THR H 187 50.83 24.64 -15.43
CA THR H 187 49.87 25.00 -16.48
C THR H 187 48.43 24.85 -16.00
N VAL H 188 48.08 23.67 -15.48
CA VAL H 188 46.70 23.45 -15.04
C VAL H 188 46.39 24.30 -13.80
N THR H 189 47.37 24.42 -12.91
CA THR H 189 47.21 25.22 -11.69
C THR H 189 46.84 26.66 -12.01
N SER H 190 47.42 27.22 -13.07
CA SER H 190 47.08 28.60 -13.44
C SER H 190 45.62 28.71 -13.84
N GLU H 191 45.04 27.69 -14.47
CA GLU H 191 43.64 27.81 -14.87
C GLU H 191 42.68 27.37 -13.78
N LYS H 192 42.96 26.24 -13.11
CA LYS H 192 42.04 25.60 -12.17
C LYS H 192 42.28 25.97 -10.71
N CYS H 193 43.50 26.34 -10.34
CA CYS H 193 43.81 26.72 -8.96
C CYS H 193 44.49 28.09 -8.93
N PRO H 194 43.87 29.10 -9.53
CA PRO H 194 44.58 30.38 -9.66
C PRO H 194 45.01 30.96 -8.33
N SER H 195 44.26 30.76 -7.26
CA SER H 195 44.72 31.22 -5.96
C SER H 195 45.99 30.49 -5.51
N ASN H 196 46.27 29.31 -6.03
CA ASN H 196 47.48 28.59 -5.64
C ASN H 196 48.63 28.80 -6.59
N ALA H 197 48.39 29.32 -7.77
CA ALA H 197 49.44 29.41 -8.78
C ALA H 197 50.58 30.30 -8.28
N LEU H 198 51.81 29.85 -8.53
CA LEU H 198 52.98 30.56 -8.03
C LEU H 198 53.04 31.98 -8.56
N GLU H 199 52.78 32.16 -9.85
CA GLU H 199 52.86 33.50 -10.43
C GLU H 199 51.81 34.43 -9.85
N LYS H 200 50.74 33.89 -9.26
CA LYS H 200 49.74 34.70 -8.56
C LYS H 200 49.95 34.71 -7.03
N GLY H 201 51.15 34.40 -6.56
CA GLY H 201 51.48 34.51 -5.14
C GLY H 201 51.07 33.33 -4.28
N GLY H 202 50.57 32.25 -4.86
CA GLY H 202 50.24 31.07 -4.10
C GLY H 202 51.45 30.20 -3.88
N LYS H 203 51.20 29.07 -3.21
CA LYS H 203 52.28 28.16 -2.87
C LYS H 203 52.78 27.35 -4.06
N GLY H 204 52.06 27.33 -5.17
CA GLY H 204 52.47 26.57 -6.36
C GLY H 204 51.57 25.37 -6.64
N SER H 205 51.87 24.70 -7.76
CA SER H 205 51.22 23.46 -8.12
C SER H 205 51.68 22.32 -7.20
N ILE H 206 51.05 21.15 -7.37
CA ILE H 206 51.36 20.01 -6.52
C ILE H 206 52.84 19.66 -6.64
N THR H 207 53.34 19.58 -7.87
CA THR H 207 54.75 19.22 -8.04
C THR H 207 55.68 20.28 -7.47
N GLU H 208 55.37 21.55 -7.68
CA GLU H 208 56.19 22.58 -7.07
C GLU H 208 56.16 22.46 -5.56
N GLN H 209 54.97 22.20 -4.99
CA GLN H 209 54.88 22.08 -3.54
C GLN H 209 55.55 20.81 -3.05
N LEU H 210 55.55 19.74 -3.85
CA LEU H 210 56.33 18.56 -3.52
C LEU H 210 57.81 18.90 -3.35
N LEU H 211 58.36 19.63 -4.32
CA LEU H 211 59.80 19.97 -4.27
C LEU H 211 60.13 20.85 -3.06
N ASN H 212 59.26 21.80 -2.72
CA ASN H 212 59.41 22.56 -1.48
C ASN H 212 59.35 21.67 -0.24
N ALA H 213 58.41 20.72 -0.24
CA ALA H 213 58.22 19.90 0.95
C ALA H 213 59.42 19.01 1.23
N ARG H 214 60.12 18.54 0.20
CA ARG H 214 61.41 17.86 0.35
C ARG H 214 61.44 16.69 1.33
N PRO H 215 60.66 15.63 1.09
CA PRO H 215 60.84 14.42 1.89
C PRO H 215 62.22 13.84 1.62
N ASP H 216 62.74 13.09 2.60
CA ASP H 216 63.98 12.36 2.36
C ASP H 216 63.86 11.34 1.23
N VAL H 217 62.76 10.59 1.16
CA VAL H 217 62.56 9.59 0.11
C VAL H 217 61.20 9.83 -0.54
N THR H 218 61.20 10.08 -1.84
CA THR H 218 59.98 10.14 -2.62
C THR H 218 60.14 9.19 -3.79
N LEU H 219 59.24 8.22 -3.93
CA LEU H 219 59.36 7.21 -4.98
C LEU H 219 58.03 6.96 -5.65
N GLY H 220 58.00 6.98 -6.97
CA GLY H 220 56.80 6.59 -7.69
C GLY H 220 56.84 6.97 -9.16
N GLY H 221 55.63 7.14 -9.72
CA GLY H 221 55.45 7.55 -11.10
C GLY H 221 55.36 9.04 -11.24
N GLY H 222 54.96 9.47 -12.42
CA GLY H 222 54.61 10.85 -12.65
C GLY H 222 55.74 11.69 -13.20
N ALA H 223 56.61 11.12 -14.02
CA ALA H 223 57.67 11.93 -14.59
C ALA H 223 57.13 13.00 -15.53
N LYS H 224 55.97 12.77 -16.14
CA LYS H 224 55.49 13.69 -17.17
C LYS H 224 55.48 15.13 -16.67
N THR H 225 54.80 15.38 -15.55
CA THR H 225 54.62 16.76 -15.09
C THR H 225 55.96 17.46 -14.85
N PHE H 226 57.03 16.70 -14.60
CA PHE H 226 58.34 17.27 -14.34
C PHE H 226 59.00 17.88 -15.57
N ALA H 227 58.46 17.67 -16.76
CA ALA H 227 58.94 18.35 -17.94
C ALA H 227 58.36 19.75 -18.10
N GLU H 228 57.36 20.11 -17.28
CA GLU H 228 56.78 21.44 -17.30
C GLU H 228 57.76 22.43 -16.67
N THR H 229 57.60 23.70 -17.04
CA THR H 229 58.49 24.77 -16.60
C THR H 229 57.77 25.76 -15.71
N ALA H 230 58.46 26.19 -14.65
CA ALA H 230 57.89 27.14 -13.70
C ALA H 230 57.73 28.52 -14.33
N THR H 231 56.61 29.16 -14.00
CA THR H 231 56.24 30.46 -14.52
C THR H 231 56.72 31.60 -13.63
N ALA H 232 57.26 31.30 -12.46
CA ALA H 232 57.73 32.32 -11.54
C ALA H 232 58.72 31.68 -10.59
N GLY H 233 59.17 32.45 -9.62
CA GLY H 233 60.04 31.95 -8.58
C GLY H 233 61.50 31.87 -9.00
N GLU H 234 62.30 31.35 -8.06
CA GLU H 234 63.74 31.30 -8.25
C GLU H 234 64.15 30.46 -9.45
N TRP H 235 63.29 29.58 -9.93
CA TRP H 235 63.62 28.66 -11.03
C TRP H 235 62.70 28.88 -12.20
N GLN H 236 62.27 30.12 -12.38
CA GLN H 236 61.46 30.43 -13.55
C GLN H 236 62.23 30.08 -14.82
N GLY H 237 61.50 29.58 -15.82
CA GLY H 237 62.06 29.16 -17.09
C GLY H 237 62.73 27.80 -17.08
N LYS H 238 62.94 27.21 -15.91
CA LYS H 238 63.49 25.87 -15.79
C LYS H 238 62.36 24.86 -15.69
N THR H 239 62.61 23.67 -16.19
CA THR H 239 61.66 22.58 -15.98
C THR H 239 61.71 22.13 -14.51
N LEU H 240 60.66 21.44 -14.08
CA LEU H 240 60.63 21.00 -12.69
C LEU H 240 61.68 19.95 -12.43
N ARG H 241 62.02 19.13 -13.44
CA ARG H 241 63.14 18.21 -13.27
C ARG H 241 64.47 18.97 -13.08
N GLU H 242 64.69 20.03 -13.86
CA GLU H 242 65.88 20.85 -13.69
C GLU H 242 65.87 21.50 -12.31
N GLN H 243 64.71 21.99 -11.87
CA GLN H 243 64.62 22.58 -10.53
C GLN H 243 65.10 21.60 -9.47
N ALA H 244 64.64 20.36 -9.55
CA ALA H 244 64.98 19.36 -8.55
C ALA H 244 66.46 19.06 -8.56
N GLN H 245 67.05 18.89 -9.74
CA GLN H 245 68.50 18.71 -9.80
C GLN H 245 69.22 19.87 -9.15
N ALA H 246 68.78 21.10 -9.45
CA ALA H 246 69.41 22.29 -8.87
C ALA H 246 69.28 22.36 -7.35
N ARG H 247 68.17 21.88 -6.81
CA ARG H 247 67.95 21.91 -5.38
C ARG H 247 68.52 20.69 -4.69
N GLY H 248 69.28 19.86 -5.41
CA GLY H 248 70.05 18.82 -4.79
C GLY H 248 69.40 17.46 -4.75
N TYR H 249 68.29 17.26 -5.47
CA TYR H 249 67.64 15.95 -5.45
C TYR H 249 68.51 14.94 -6.20
N GLN H 250 68.68 13.75 -5.62
CA GLN H 250 69.22 12.58 -6.31
C GLN H 250 68.06 11.92 -7.04
N ILE H 251 68.07 11.97 -8.36
CA ILE H 251 67.00 11.43 -9.17
C ILE H 251 67.42 10.05 -9.69
N VAL H 252 66.56 9.06 -9.48
CA VAL H 252 66.75 7.69 -9.98
C VAL H 252 65.52 7.32 -10.76
N THR H 253 65.68 6.43 -11.76
CA THR H 253 64.58 6.11 -12.65
C THR H 253 64.36 4.62 -12.91
N ASP H 254 65.06 3.71 -12.24
CA ASP H 254 64.79 2.29 -12.40
C ASP H 254 65.34 1.54 -11.19
N ALA H 255 65.23 0.21 -11.21
CA ALA H 255 65.48 -0.60 -10.02
C ALA H 255 66.96 -0.68 -9.72
N ALA H 256 67.78 -0.77 -10.77
CA ALA H 256 69.22 -0.71 -10.60
C ALA H 256 69.62 0.58 -9.91
N SER H 257 69.19 1.71 -10.44
CA SER H 257 69.63 2.98 -9.88
C SER H 257 69.06 3.19 -8.48
N LEU H 258 67.81 2.79 -8.27
CA LEU H 258 67.24 2.80 -6.92
C LEU H 258 68.08 1.95 -5.98
N ALA H 259 68.38 0.72 -6.40
CA ALA H 259 69.14 -0.19 -5.55
C ALA H 259 70.54 0.35 -5.21
N ALA H 260 71.14 1.15 -6.10
CA ALA H 260 72.47 1.66 -5.84
C ALA H 260 72.49 2.82 -4.84
N ALA H 261 71.36 3.49 -4.61
CA ALA H 261 71.34 4.58 -3.65
C ALA H 261 71.72 4.05 -2.28
N THR H 262 72.70 4.70 -1.64
CA THR H 262 73.14 4.26 -0.32
C THR H 262 72.59 5.14 0.80
N GLU H 263 72.17 6.36 0.50
CA GLU H 263 71.69 7.25 1.55
C GLU H 263 70.62 8.20 1.00
N ALA H 264 69.82 8.72 1.92
CA ALA H 264 68.91 9.81 1.61
C ALA H 264 68.82 10.71 2.82
N SER H 265 68.87 12.02 2.56
CA SER H 265 68.94 13.02 3.62
C SER H 265 68.32 14.31 3.13
N GLN H 266 68.16 15.26 4.04
CA GLN H 266 67.78 16.61 3.63
C GLN H 266 68.86 17.25 2.76
N ASP H 267 70.12 16.88 2.94
CA ASP H 267 71.15 17.34 2.02
C ASP H 267 71.02 16.68 0.65
N LYS H 268 70.68 15.38 0.62
CA LYS H 268 70.59 14.61 -0.62
C LYS H 268 69.29 13.81 -0.65
N PRO H 269 68.17 14.46 -0.94
CA PRO H 269 66.90 13.71 -0.95
C PRO H 269 66.78 12.89 -2.21
N LEU H 270 66.18 11.71 -2.05
CA LEU H 270 66.03 10.76 -3.12
C LEU H 270 64.66 10.98 -3.77
N LEU H 271 64.66 11.06 -5.11
CA LEU H 271 63.46 11.23 -5.91
C LEU H 271 63.47 10.16 -6.98
N GLY H 272 62.62 9.15 -6.84
CA GLY H 272 62.52 8.08 -7.81
C GLY H 272 61.33 8.32 -8.70
N LEU H 273 61.58 8.49 -10.00
CA LEU H 273 60.55 8.70 -11.02
C LEU H 273 60.61 7.51 -11.97
N PHE H 274 59.75 6.54 -11.75
CA PHE H 274 59.88 5.26 -12.43
C PHE H 274 58.98 5.11 -13.64
N ALA H 275 58.18 6.12 -13.95
CA ALA H 275 57.27 6.02 -15.09
C ALA H 275 56.81 7.43 -15.45
N ASP H 276 56.31 7.54 -16.66
CA ASP H 276 55.76 8.80 -17.15
C ASP H 276 54.53 9.20 -16.34
N GLY H 277 53.57 8.28 -16.18
CA GLY H 277 52.43 8.46 -15.31
C GLY H 277 52.43 7.40 -14.24
N ASN H 278 51.32 6.66 -14.11
CA ASN H 278 51.26 5.57 -13.15
C ASN H 278 52.24 4.47 -13.55
N MET H 279 52.87 3.83 -12.56
CA MET H 279 53.70 2.70 -12.92
C MET H 279 52.83 1.51 -13.37
N PRO H 280 53.35 0.66 -14.24
CA PRO H 280 52.50 -0.35 -14.87
C PRO H 280 52.06 -1.40 -13.86
N VAL H 281 50.86 -1.91 -14.09
CA VAL H 281 50.31 -2.87 -13.15
C VAL H 281 51.00 -4.23 -13.32
N ARG H 282 50.87 -5.04 -12.29
CA ARG H 282 51.60 -6.31 -12.28
CA ARG H 282 51.59 -6.32 -12.26
C ARG H 282 50.89 -7.39 -13.09
N TRP H 283 49.56 -7.41 -13.09
CA TRP H 283 48.83 -8.48 -13.76
C TRP H 283 47.94 -7.94 -14.86
N GLU H 284 47.56 -8.83 -15.77
CA GLU H 284 46.67 -8.52 -16.87
C GLU H 284 45.55 -9.54 -16.95
N GLY H 285 44.41 -9.08 -17.46
CA GLY H 285 43.23 -9.89 -17.65
C GLY H 285 42.19 -9.10 -18.40
N PRO H 286 41.15 -9.76 -18.90
CA PRO H 286 40.13 -9.03 -19.65
C PRO H 286 39.21 -8.25 -18.73
N LYS H 287 38.64 -7.22 -19.29
CA LYS H 287 37.65 -6.48 -18.55
C LYS H 287 36.40 -7.34 -18.31
N ALA H 288 35.75 -7.09 -17.18
CA ALA H 288 34.46 -7.66 -16.90
C ALA H 288 33.44 -7.15 -17.92
N SER H 289 32.38 -7.93 -18.15
CA SER H 289 31.40 -7.61 -19.16
C SER H 289 30.01 -8.06 -18.75
N TYR H 290 29.02 -7.59 -19.48
CA TYR H 290 27.65 -7.99 -19.22
C TYR H 290 27.50 -9.49 -19.45
N HIS H 291 26.98 -10.19 -18.45
CA HIS H 291 26.87 -11.65 -18.42
C HIS H 291 28.19 -12.32 -18.75
N GLY H 292 29.30 -11.69 -18.36
CA GLY H 292 30.61 -12.28 -18.60
C GLY H 292 30.79 -13.62 -17.90
N ASN H 293 30.15 -13.80 -16.75
CA ASN H 293 30.32 -15.03 -15.98
C ASN H 293 29.54 -16.16 -16.60
N ILE H 294 28.58 -15.84 -17.47
CA ILE H 294 27.71 -16.81 -18.15
C ILE H 294 28.20 -17.11 -19.56
N ASP H 295 28.42 -16.06 -20.35
CA ASP H 295 28.72 -16.22 -21.77
C ASP H 295 30.21 -16.32 -22.07
N LYS H 296 31.07 -16.15 -21.08
CA LYS H 296 32.54 -16.27 -21.27
C LYS H 296 33.12 -17.24 -20.25
N PRO H 297 34.15 -18.00 -20.65
CA PRO H 297 34.75 -18.98 -19.73
C PRO H 297 35.45 -18.28 -18.58
N PRO H 298 35.83 -19.00 -17.51
CA PRO H 298 36.55 -18.38 -16.40
C PRO H 298 37.94 -17.95 -16.82
N VAL H 299 38.45 -16.94 -16.12
CA VAL H 299 39.67 -16.24 -16.47
C VAL H 299 40.78 -16.65 -15.52
N THR H 300 41.98 -16.83 -16.08
CA THR H 300 43.22 -16.91 -15.30
C THR H 300 44.04 -15.65 -15.56
N CYS H 301 44.32 -14.91 -14.49
CA CYS H 301 45.16 -13.71 -14.58
C CYS H 301 46.57 -14.09 -15.05
N THR H 302 47.20 -13.18 -15.77
CA THR H 302 48.57 -13.37 -16.22
C THR H 302 49.41 -12.13 -15.89
N PRO H 303 50.73 -12.31 -15.75
CA PRO H 303 51.60 -11.14 -15.55
C PRO H 303 51.45 -10.17 -16.70
N ASN H 304 51.63 -8.91 -16.38
CA ASN H 304 51.52 -7.86 -17.42
C ASN H 304 52.75 -7.95 -18.30
N PRO H 305 52.59 -8.32 -19.57
CA PRO H 305 53.76 -8.49 -20.44
C PRO H 305 54.44 -7.17 -20.79
N LYS H 306 53.75 -6.06 -20.69
CA LYS H 306 54.39 -4.77 -21.00
C LYS H 306 55.31 -4.30 -19.87
N ARG H 307 55.18 -4.87 -18.67
CA ARG H 307 55.96 -4.42 -17.53
C ARG H 307 57.40 -4.91 -17.61
N ASP H 308 58.35 -3.98 -17.60
CA ASP H 308 59.75 -4.35 -17.72
C ASP H 308 60.32 -4.74 -16.36
N ALA H 309 61.30 -5.64 -16.40
CA ALA H 309 61.91 -6.09 -15.15
C ALA H 309 62.76 -5.02 -14.47
N SER H 310 63.13 -3.94 -15.19
CA SER H 310 63.89 -2.83 -14.59
C SER H 310 63.03 -1.95 -13.69
N VAL H 311 61.70 -2.00 -13.82
CA VAL H 311 60.79 -1.25 -12.97
C VAL H 311 60.73 -1.84 -11.56
N PRO H 312 61.07 -1.09 -10.51
CA PRO H 312 61.00 -1.68 -9.17
C PRO H 312 59.57 -2.02 -8.79
N THR H 313 59.42 -3.04 -7.95
CA THR H 313 58.10 -3.36 -7.42
C THR H 313 57.84 -2.52 -6.18
N LEU H 314 56.56 -2.48 -5.80
CA LEU H 314 56.18 -1.77 -4.57
C LEU H 314 56.97 -2.31 -3.40
N ALA H 315 57.12 -3.63 -3.32
CA ALA H 315 57.90 -4.20 -2.23
C ALA H 315 59.36 -3.74 -2.29
N GLN H 316 59.93 -3.61 -3.49
CA GLN H 316 61.33 -3.15 -3.60
C GLN H 316 61.45 -1.67 -3.22
N MET H 317 60.53 -0.83 -3.67
CA MET H 317 60.60 0.57 -3.24
C MET H 317 60.37 0.67 -1.73
N THR H 318 59.46 -0.15 -1.18
CA THR H 318 59.17 -0.10 0.25
C THR H 318 60.39 -0.49 1.08
N GLU H 319 61.06 -1.59 0.70
CA GLU H 319 62.18 -2.08 1.47
C GLU H 319 63.34 -1.09 1.41
N LYS H 320 63.55 -0.50 0.25
CA LYS H 320 64.62 0.47 0.09
C LYS H 320 64.37 1.73 0.92
N ALA H 321 63.13 2.23 0.88
CA ALA H 321 62.72 3.36 1.71
C ALA H 321 62.98 3.08 3.18
N ILE H 322 62.63 1.90 3.66
CA ILE H 322 62.83 1.60 5.06
C ILE H 322 64.31 1.58 5.39
N ASP H 323 65.12 0.97 4.52
CA ASP H 323 66.55 0.90 4.80
C ASP H 323 67.16 2.29 4.92
N LEU H 324 66.79 3.20 4.00
CA LEU H 324 67.37 4.53 4.02
C LEU H 324 66.81 5.36 5.16
N LEU H 325 65.49 5.30 5.37
CA LEU H 325 64.88 6.15 6.40
C LEU H 325 65.31 5.74 7.79
N SER H 326 65.53 4.45 8.01
CA SER H 326 65.81 3.95 9.35
C SER H 326 67.19 4.32 9.84
N ARG H 327 68.04 4.86 8.96
CA ARG H 327 69.34 5.35 9.41
C ARG H 327 69.22 6.59 10.28
N ASN H 328 68.10 7.31 10.19
CA ASN H 328 67.85 8.44 11.07
C ASN H 328 67.53 7.95 12.48
N GLU H 329 68.41 8.27 13.43
CA GLU H 329 68.24 7.73 14.77
C GLU H 329 67.01 8.31 15.45
N LYS H 330 66.53 9.45 14.97
CA LYS H 330 65.37 10.08 15.59
C LYS H 330 64.10 9.33 15.26
N GLY H 331 64.06 8.67 14.11
CA GLY H 331 62.93 7.88 13.64
C GLY H 331 62.41 8.39 12.30
N PHE H 332 61.41 7.68 11.77
CA PHE H 332 60.87 8.13 10.49
C PHE H 332 59.36 7.94 10.40
N PHE H 333 58.78 8.67 9.47
CA PHE H 333 57.41 8.46 8.98
C PHE H 333 57.48 8.06 7.52
N LEU H 334 56.74 7.02 7.14
CA LEU H 334 56.68 6.56 5.76
C LEU H 334 55.25 6.16 5.40
N GLN H 335 54.74 6.70 4.29
CA GLN H 335 53.49 6.26 3.67
C GLN H 335 53.79 5.53 2.36
N VAL H 336 53.18 4.35 2.20
CA VAL H 336 53.28 3.53 1.01
C VAL H 336 51.87 3.33 0.45
N GLU H 337 51.67 3.58 -0.84
CA GLU H 337 50.36 3.37 -1.47
C GLU H 337 50.46 2.29 -2.55
N GLY H 338 49.63 1.27 -2.43
CA GLY H 338 49.30 0.44 -3.58
C GLY H 338 48.16 1.10 -4.31
N ALA H 339 48.49 1.90 -5.34
CA ALA H 339 47.53 2.86 -5.88
C ALA H 339 46.59 2.26 -6.90
N SER H 340 46.99 1.21 -7.60
CA SER H 340 46.23 0.78 -8.75
C SER H 340 45.16 -0.26 -8.43
N ILE H 341 44.98 -0.64 -7.14
CA ILE H 341 43.80 -1.42 -6.80
C ILE H 341 42.56 -0.65 -7.23
N ASP H 342 42.50 0.63 -6.83
CA ASP H 342 41.39 1.52 -7.17
C ASP H 342 41.24 1.65 -8.69
N LYS H 343 42.34 1.95 -9.37
CA LYS H 343 42.28 2.30 -10.79
C LYS H 343 41.79 1.12 -11.62
N GLN H 344 42.19 -0.08 -11.27
CA GLN H 344 41.73 -1.29 -11.96
C GLN H 344 40.30 -1.64 -11.58
N ASP H 345 39.90 -1.31 -10.35
CA ASP H 345 38.51 -1.46 -9.92
C ASP H 345 37.59 -0.53 -10.72
N HIS H 346 37.99 0.74 -10.88
CA HIS H 346 37.28 1.65 -11.78
C HIS H 346 37.10 1.08 -13.18
N ALA H 347 38.14 0.42 -13.70
CA ALA H 347 38.11 -0.15 -15.04
C ALA H 347 37.44 -1.52 -15.07
N ALA H 348 36.82 -1.95 -13.97
CA ALA H 348 36.14 -3.24 -13.85
C ALA H 348 37.05 -4.34 -14.39
N ASN H 349 38.26 -4.38 -13.85
CA ASN H 349 39.26 -5.35 -14.27
C ASN H 349 39.71 -6.18 -13.08
N PRO H 350 39.02 -7.29 -12.81
CA PRO H 350 39.42 -8.10 -11.65
C PRO H 350 40.90 -8.45 -11.62
N CYS H 351 41.52 -8.85 -12.73
CA CYS H 351 42.91 -9.30 -12.65
C CYS H 351 43.85 -8.15 -12.27
N GLY H 352 43.69 -6.97 -12.88
CA GLY H 352 44.51 -5.86 -12.48
C GLY H 352 44.32 -5.53 -11.02
N GLN H 353 43.06 -5.52 -10.57
CA GLN H 353 42.77 -5.16 -9.19
C GLN H 353 43.39 -6.13 -8.19
N ILE H 354 43.17 -7.43 -8.41
CA ILE H 354 43.73 -8.44 -7.51
C ILE H 354 45.25 -8.38 -7.51
N GLY H 355 45.85 -8.21 -8.68
CA GLY H 355 47.31 -8.19 -8.73
C GLY H 355 47.93 -7.06 -7.92
N GLU H 356 47.31 -5.90 -7.93
CA GLU H 356 47.80 -4.78 -7.11
C GLU H 356 47.52 -4.99 -5.63
N THR H 357 46.55 -5.83 -5.26
CA THR H 357 46.38 -6.15 -3.84
C THR H 357 47.46 -7.12 -3.40
N VAL H 358 47.73 -8.14 -4.25
CA VAL H 358 48.86 -9.04 -4.00
C VAL H 358 50.13 -8.22 -3.91
N ASP H 359 50.28 -7.25 -4.81
CA ASP H 359 51.46 -6.41 -4.77
C ASP H 359 51.56 -5.66 -3.45
N LEU H 360 50.45 -5.11 -2.97
CA LEU H 360 50.47 -4.41 -1.68
C LEU H 360 50.82 -5.36 -0.53
N ASP H 361 50.37 -6.62 -0.58
CA ASP H 361 50.66 -7.57 0.48
C ASP H 361 52.17 -7.81 0.60
N GLU H 362 52.87 -7.87 -0.53
CA GLU H 362 54.31 -8.05 -0.44
C GLU H 362 54.95 -6.86 0.28
N ALA H 363 54.53 -5.64 -0.03
CA ALA H 363 55.08 -4.48 0.65
C ALA H 363 54.74 -4.49 2.14
N VAL H 364 53.50 -4.85 2.50
CA VAL H 364 53.16 -4.96 3.92
C VAL H 364 54.10 -5.96 4.60
N GLN H 365 54.41 -7.07 3.94
CA GLN H 365 55.35 -8.07 4.51
C GLN H 365 56.69 -7.39 4.83
N LYS H 366 57.22 -6.61 3.89
CA LYS H 366 58.46 -5.88 4.16
C LYS H 366 58.33 -5.00 5.39
N ALA H 367 57.22 -4.26 5.50
CA ALA H 367 57.07 -3.37 6.65
C ALA H 367 56.99 -4.15 7.97
N LEU H 368 56.19 -5.22 8.02
CA LEU H 368 56.08 -6.04 9.23
C LEU H 368 57.40 -6.76 9.59
N GLU H 369 58.17 -7.21 8.59
CA GLU H 369 59.46 -7.83 8.89
C GLU H 369 60.38 -6.85 9.61
N PHE H 370 60.44 -5.60 9.12
CA PHE H 370 61.23 -4.58 9.81
C PHE H 370 60.66 -4.30 11.18
N ALA H 371 59.34 -4.12 11.25
CA ALA H 371 58.75 -3.68 12.51
C ALA H 371 58.90 -4.73 13.59
N ARG H 372 58.77 -6.00 13.23
CA ARG H 372 58.92 -7.07 14.20
C ARG H 372 60.31 -7.08 14.81
N LYS H 373 61.34 -6.91 13.98
CA LYS H 373 62.70 -6.90 14.48
C LYS H 373 62.98 -5.63 15.25
N ASP H 374 62.45 -4.50 14.76
CA ASP H 374 62.75 -3.21 15.37
C ASP H 374 62.11 -3.09 16.74
N GLY H 375 60.82 -3.40 16.87
CA GLY H 375 60.13 -3.34 18.15
C GLY H 375 59.63 -1.97 18.54
N ASN H 376 59.90 -0.95 17.74
CA ASN H 376 59.47 0.41 18.05
C ASN H 376 58.71 1.02 16.89
N THR H 377 58.09 0.19 16.05
CA THR H 377 57.49 0.66 14.81
C THR H 377 55.98 0.35 14.81
N LEU H 378 55.18 1.37 14.56
CA LEU H 378 53.75 1.22 14.32
C LEU H 378 53.53 1.03 12.83
N VAL H 379 52.87 -0.05 12.45
CA VAL H 379 52.50 -0.34 11.07
C VAL H 379 50.98 -0.33 11.00
N ILE H 380 50.42 0.40 10.03
CA ILE H 380 48.98 0.48 9.81
C ILE H 380 48.67 0.16 8.36
N VAL H 381 47.63 -0.64 8.14
CA VAL H 381 47.19 -1.04 6.80
C VAL H 381 45.70 -0.77 6.68
N THR H 382 45.30 0.02 5.68
CA THR H 382 43.90 0.38 5.48
C THR H 382 43.71 0.87 4.04
N ALA H 383 42.56 1.50 3.77
CA ALA H 383 42.25 2.06 2.48
C ALA H 383 41.64 3.43 2.64
N ASP H 384 41.65 4.19 1.55
CA ASP H 384 41.11 5.53 1.60
C ASP H 384 39.59 5.52 1.51
N HIS H 385 39.03 4.57 0.77
CA HIS H 385 37.60 4.38 0.70
C HIS H 385 37.33 3.02 0.08
N ALA H 386 36.06 2.66 0.02
CA ALA H 386 35.73 1.36 -0.52
C ALA H 386 35.48 1.51 -2.01
N HIS H 387 35.31 0.38 -2.68
CA HIS H 387 35.13 0.44 -4.13
C HIS H 387 33.98 -0.47 -4.57
N ALA H 388 33.88 -0.69 -5.89
CA ALA H 388 32.63 -1.24 -6.43
C ALA H 388 32.57 -2.76 -6.39
N SER H 389 33.71 -3.46 -6.45
CA SER H 389 33.66 -4.89 -6.76
C SER H 389 32.95 -5.69 -5.66
N GLN H 390 32.21 -6.71 -6.09
CA GLN H 390 31.49 -7.61 -5.19
C GLN H 390 31.72 -9.06 -5.63
N ILE H 391 31.75 -9.95 -4.65
CA ILE H 391 31.82 -11.39 -4.86
C ILE H 391 30.39 -11.92 -4.86
N ILE H 392 29.97 -12.52 -5.98
CA ILE H 392 28.59 -12.97 -6.08
C ILE H 392 28.53 -14.43 -6.53
N PRO H 393 27.38 -15.10 -6.41
CA PRO H 393 27.32 -16.53 -6.76
C PRO H 393 27.67 -16.76 -8.21
N ALA H 394 28.29 -17.92 -8.48
CA ALA H 394 28.87 -18.21 -9.79
C ALA H 394 27.84 -18.17 -10.90
N ASP H 395 26.57 -18.45 -10.62
CA ASP H 395 25.53 -18.52 -11.64
C ASP H 395 24.70 -17.24 -11.72
N SER H 396 25.19 -16.16 -11.11
CA SER H 396 24.43 -14.92 -11.09
C SER H 396 24.23 -14.38 -12.50
N LYS H 397 23.04 -13.80 -12.72
CA LYS H 397 22.70 -12.96 -13.87
C LYS H 397 22.52 -11.52 -13.36
N ALA H 398 23.55 -10.72 -13.56
CA ALA H 398 23.58 -9.37 -13.02
C ALA H 398 23.52 -8.32 -14.10
N PRO H 399 23.10 -7.09 -13.76
CA PRO H 399 22.94 -6.04 -14.76
C PRO H 399 24.19 -5.26 -15.09
N GLY H 400 25.26 -5.42 -14.32
CA GLY H 400 26.50 -4.71 -14.56
C GLY H 400 27.52 -5.53 -15.32
N LEU H 401 28.79 -5.37 -14.94
CA LEU H 401 29.89 -6.08 -15.55
C LEU H 401 30.32 -7.19 -14.59
N THR H 402 30.43 -8.41 -15.11
CA THR H 402 30.77 -9.57 -14.30
C THR H 402 31.90 -10.35 -14.96
N GLN H 403 32.56 -11.18 -14.16
CA GLN H 403 33.62 -12.03 -14.68
C GLN H 403 33.75 -13.28 -13.81
N ALA H 404 34.04 -14.42 -14.44
CA ALA H 404 34.34 -15.64 -13.70
C ALA H 404 35.85 -15.89 -13.69
N LEU H 405 36.37 -16.27 -12.51
CA LEU H 405 37.80 -16.48 -12.29
C LEU H 405 38.13 -17.86 -11.72
N ASN H 406 39.26 -18.43 -12.17
CA ASN H 406 39.80 -19.67 -11.62
C ASN H 406 40.72 -19.35 -10.46
N THR H 407 40.36 -19.78 -9.25
CA THR H 407 41.11 -19.42 -8.05
C THR H 407 42.20 -20.43 -7.69
N HIS H 408 42.98 -20.06 -6.66
CA HIS H 408 43.96 -20.97 -6.04
C HIS H 408 43.32 -22.27 -5.58
N ASP H 409 42.01 -22.28 -5.25
CA ASP H 409 41.35 -23.46 -4.73
C ASP H 409 40.88 -24.43 -5.82
N GLY H 410 41.00 -24.07 -7.10
CA GLY H 410 40.38 -24.86 -8.14
C GLY H 410 38.88 -24.69 -8.24
N ALA H 411 38.35 -23.60 -7.69
CA ALA H 411 36.94 -23.27 -7.81
C ALA H 411 36.80 -21.99 -8.61
N VAL H 412 35.57 -21.69 -9.03
CA VAL H 412 35.28 -20.47 -9.77
C VAL H 412 34.70 -19.43 -8.83
N MET H 413 35.26 -18.23 -8.85
CA MET H 413 34.70 -17.06 -8.18
C MET H 413 34.15 -16.08 -9.22
N VAL H 414 33.01 -15.45 -8.93
CA VAL H 414 32.50 -14.40 -9.80
C VAL H 414 32.56 -13.05 -9.08
N MET H 415 33.17 -12.07 -9.75
CA MET H 415 33.12 -10.68 -9.34
C MET H 415 32.33 -9.80 -10.31
N SER H 416 31.72 -8.80 -9.70
CA SER H 416 30.65 -7.99 -10.27
C SER H 416 30.90 -6.52 -9.95
N TYR H 417 30.72 -5.68 -10.95
CA TYR H 417 30.85 -4.21 -10.86
C TYR H 417 29.51 -3.66 -11.29
N GLY H 418 28.68 -3.25 -10.34
CA GLY H 418 27.28 -3.01 -10.64
C GLY H 418 26.77 -1.64 -10.30
N ASN H 419 27.67 -0.67 -10.13
CA ASN H 419 27.22 0.62 -9.59
C ASN H 419 27.42 1.79 -10.53
N SER H 420 27.66 1.55 -11.82
CA SER H 420 27.74 2.66 -12.75
C SER H 420 27.62 2.21 -14.20
N GLU H 421 26.87 2.99 -14.97
CA GLU H 421 26.80 2.79 -16.41
C GLU H 421 27.86 3.60 -17.15
N GLU H 422 28.63 4.43 -16.45
CA GLU H 422 29.65 5.25 -17.07
C GLU H 422 30.91 4.42 -17.27
N GLU H 423 31.95 5.04 -17.82
CA GLU H 423 33.16 4.28 -18.11
C GLU H 423 33.84 3.84 -16.81
N SER H 424 33.68 4.62 -15.74
CA SER H 424 34.39 4.39 -14.49
C SER H 424 33.43 3.95 -13.40
N MET H 425 33.76 2.84 -12.71
CA MET H 425 32.90 2.42 -11.60
C MET H 425 33.01 3.40 -10.42
N GLU H 426 31.97 3.44 -9.60
CA GLU H 426 31.94 4.39 -8.49
C GLU H 426 32.59 3.81 -7.24
N HIS H 427 33.19 4.69 -6.44
CA HIS H 427 33.51 4.38 -5.06
C HIS H 427 32.25 3.99 -4.30
N THR H 428 32.42 3.34 -3.15
CA THR H 428 31.29 3.15 -2.25
C THR H 428 31.62 3.63 -0.84
N GLY H 429 30.59 3.90 -0.05
CA GLY H 429 30.71 4.52 1.25
C GLY H 429 30.80 3.61 2.48
N THR H 430 30.80 2.29 2.33
CA THR H 430 30.87 1.42 3.51
C THR H 430 32.12 1.67 4.32
N GLN H 431 31.97 1.65 5.65
CA GLN H 431 33.14 1.55 6.54
C GLN H 431 33.99 0.39 6.10
N LEU H 432 35.27 0.37 6.49
CA LEU H 432 36.16 -0.69 6.02
C LEU H 432 37.29 -0.93 7.02
N ARG H 433 38.02 -2.02 6.79
CA ARG H 433 39.01 -2.51 7.73
C ARG H 433 40.18 -1.55 7.86
N ILE H 434 40.60 -1.29 9.10
CA ILE H 434 41.90 -0.73 9.43
C ILE H 434 42.56 -1.68 10.41
N ALA H 435 43.83 -2.02 10.16
CA ALA H 435 44.56 -2.94 11.01
C ALA H 435 45.96 -2.38 11.31
N ALA H 436 46.54 -2.81 12.43
CA ALA H 436 47.80 -2.24 12.88
C ALA H 436 48.56 -3.21 13.75
N TYR H 437 49.86 -2.92 13.88
CA TYR H 437 50.83 -3.69 14.65
C TYR H 437 51.75 -2.68 15.33
N GLY H 438 52.06 -2.91 16.59
CA GLY H 438 53.09 -2.16 17.28
C GLY H 438 52.55 -1.12 18.24
N PRO H 439 53.42 -0.22 18.72
CA PRO H 439 52.97 0.79 19.68
C PRO H 439 51.86 1.67 19.13
N HIS H 440 50.86 1.91 19.99
CA HIS H 440 49.66 2.69 19.76
C HIS H 440 48.66 2.02 18.81
N ALA H 441 48.93 0.78 18.38
CA ALA H 441 48.03 0.08 17.48
C ALA H 441 46.67 -0.15 18.09
N ALA H 442 46.54 -0.07 19.41
CA ALA H 442 45.22 -0.25 20.02
C ALA H 442 44.25 0.78 19.52
N ASN H 443 44.75 1.91 19.02
CA ASN H 443 43.86 2.99 18.65
C ASN H 443 43.15 2.78 17.31
N VAL H 444 43.32 1.64 16.62
CA VAL H 444 42.51 1.34 15.43
C VAL H 444 41.35 0.39 15.70
N VAL H 445 41.26 -0.17 16.90
CA VAL H 445 40.25 -1.16 17.25
C VAL H 445 38.90 -0.48 17.47
N GLY H 446 37.83 -1.23 17.20
CA GLY H 446 36.50 -0.69 17.32
C GLY H 446 36.17 0.21 16.14
N LEU H 447 35.11 1.01 16.31
CA LEU H 447 34.73 1.98 15.28
C LEU H 447 35.54 3.26 15.49
N THR H 448 36.23 3.70 14.42
CA THR H 448 36.89 4.99 14.46
C THR H 448 36.59 5.73 13.18
N ASP H 449 37.13 6.94 13.08
CA ASP H 449 37.00 7.73 11.88
C ASP H 449 38.37 7.85 11.23
N GLN H 450 38.34 8.11 9.93
CA GLN H 450 39.58 8.38 9.20
C GLN H 450 40.39 9.53 9.82
N THR H 451 39.70 10.57 10.32
CA THR H 451 40.46 11.65 10.94
C THR H 451 41.08 11.26 12.27
N ASP H 452 40.59 10.19 12.92
CA ASP H 452 41.28 9.67 14.10
C ASP H 452 42.65 9.11 13.72
N LEU H 453 42.77 8.56 12.52
CA LEU H 453 44.07 8.01 12.11
C LEU H 453 45.15 9.08 12.14
N PHE H 454 44.82 10.31 11.72
CA PHE H 454 45.79 11.39 11.85
C PHE H 454 46.25 11.54 13.28
N THR H 455 45.28 11.68 14.20
CA THR H 455 45.57 11.85 15.63
C THR H 455 46.37 10.68 16.18
N THR H 456 46.04 9.45 15.75
CA THR H 456 46.74 8.27 16.23
C THR H 456 48.22 8.30 15.84
N MET H 457 48.52 8.71 14.62
CA MET H 457 49.92 8.69 14.18
C MET H 457 50.69 9.82 14.85
N LYS H 458 50.06 10.98 14.98
CA LYS H 458 50.67 12.11 15.66
C LYS H 458 50.98 11.77 17.11
N ALA H 459 50.02 11.21 17.84
CA ALA H 459 50.29 10.86 19.23
C ALA H 459 51.33 9.76 19.35
N ALA H 460 51.33 8.78 18.41
CA ALA H 460 52.34 7.72 18.48
C ALA H 460 53.75 8.24 18.30
N LEU H 461 53.90 9.29 17.51
CA LEU H 461 55.18 9.92 17.27
C LEU H 461 55.47 11.07 18.25
N SER H 462 54.66 11.23 19.29
CA SER H 462 54.82 12.29 20.28
C SER H 462 54.81 13.68 19.65
N LEU H 463 54.11 13.83 18.55
CA LEU H 463 54.07 15.13 17.90
C LEU H 463 53.01 16.00 18.56
N LYS H 464 53.22 17.32 18.52
CA LYS H 464 52.33 18.23 19.21
C LYS H 464 51.47 19.00 18.26
#